data_3J95
#
_entry.id   3J95
#
_cell.length_a   1.000
_cell.length_b   1.000
_cell.length_c   1.000
_cell.angle_alpha   90.00
_cell.angle_beta   90.00
_cell.angle_gamma   90.00
#
_symmetry.space_group_name_H-M   'P 1'
#
loop_
_entity.id
_entity.type
_entity.pdbx_description
1 polymer 'Vesicle-fusing ATPase'
2 non-polymer "ADENOSINE-5'-DIPHOSPHATE"
#
_entity_poly.entity_id   1
_entity_poly.type   'polypeptide(L)'
_entity_poly.pdbx_seq_one_letter_code
;GAHMAGRSMQAARCPTDELSLSNCAVVSEKDYQSGQHVIVRTSPNHKYIFTLRTHPSVVPGSVAFSLPQRKWAGLSIGQE
IEVALYSFDKAKQCIGTMTIEIDFLQKKNIDSNPYDTDKMAAEFIQQFNNQAFSVGQQLVFSFNDKLFGLLVKDIEAMDP
SILKGEPASGKRQKIEVGLVVGNSQVAFEKAENSSLNLIGKAKTKENRQSIINPDWNFEKMGIGGLDKEFSDIFRRAFAS
RVFPPEIVEQMGCKHVKGILLYGPPGCGKTLLARQIGKMLNAREPKVVNGPEILNKYVGESEANIRKLFADAEEEQRRLG
ANSGLHIIIFDEIDAICKQRGSMAGSTGVHDTVVNQLLSKIDGVEQLNNILVIGMTNRPDLIDEALLRPGRLEVKMEIGL
PDEKGRLQILHIHTARMRGHQLLSADVDIKELAVETKNFSGAELEGLVRAAQSTAMNRHIKASTKVEVDMEKAESLQVTR
GDFLASLENDIKPAFGTNQEDYASYIMNGIIKWGDPVTRVLDDGELLVQQTKNSDRTPLVSVLLEGPPHSGKTALAAKIA
EESNFPFIKICSPDKMIGFSETAKCQAMKKIFDDAYKSQLSCVVVDDIERLLDYVPIGPRFSNLVLQALLVLLKKAPPQG
RKLLIIGTTSRKDVLQEMEMLNAFSTTIHVPNIATGEQLLEALELLGNFKDKERTTIAQQVKGKKVWIGIKKLLMLIEMS
LQMDPEYRVRKFLALLREEGASPLDFD
;
_entity_poly.pdbx_strand_id   A,B,C,D,E,F
#
loop_
_chem_comp.id
_chem_comp.type
_chem_comp.name
_chem_comp.formula
ADP non-polymer ADENOSINE-5'-DIPHOSPHATE 'C10 H15 N5 O10 P2'
#
# COMPACT_ATOMS: atom_id res chain seq x y z
N PHE A 218 -7.46 44.61 -40.32
CA PHE A 218 -8.45 45.15 -41.28
C PHE A 218 -8.14 44.61 -42.69
N GLU A 219 -7.25 43.62 -42.78
CA GLU A 219 -7.05 43.14 -44.13
C GLU A 219 -8.18 42.14 -44.10
N LYS A 220 -9.41 42.63 -44.08
CA LYS A 220 -10.58 41.78 -43.97
C LYS A 220 -10.85 40.89 -45.16
N MET A 221 -10.61 41.43 -46.35
CA MET A 221 -11.03 40.75 -47.56
C MET A 221 -10.38 39.41 -47.86
N GLY A 222 -9.07 39.30 -47.69
CA GLY A 222 -8.41 38.02 -47.91
C GLY A 222 -8.32 37.13 -46.69
N ILE A 223 -9.45 36.76 -46.08
CA ILE A 223 -9.48 35.90 -44.90
C ILE A 223 -10.85 35.25 -44.74
N GLY A 224 -10.94 34.20 -43.93
CA GLY A 224 -12.22 33.61 -43.60
C GLY A 224 -12.55 33.88 -42.14
N GLY A 225 -13.71 34.47 -41.91
CA GLY A 225 -14.21 34.84 -40.59
C GLY A 225 -13.22 35.46 -39.65
N LEU A 226 -13.22 35.01 -38.40
CA LEU A 226 -12.26 35.48 -37.39
C LEU A 226 -11.81 36.94 -37.52
N ASP A 227 -12.61 37.75 -38.20
CA ASP A 227 -12.35 39.17 -38.50
C ASP A 227 -12.20 40.08 -37.29
N LYS A 228 -12.98 39.87 -36.26
CA LYS A 228 -12.76 40.61 -35.01
C LYS A 228 -11.52 40.14 -34.24
N GLU A 229 -11.36 38.83 -34.06
CA GLU A 229 -10.17 38.31 -33.40
C GLU A 229 -8.95 38.60 -34.26
N PHE A 230 -9.12 38.39 -35.56
CA PHE A 230 -8.04 38.65 -36.51
C PHE A 230 -7.72 40.09 -36.34
N SER A 231 -8.74 40.93 -36.23
CA SER A 231 -8.53 42.36 -36.17
C SER A 231 -7.68 42.66 -34.95
N ASP A 232 -7.96 42.07 -33.79
CA ASP A 232 -7.13 42.39 -32.64
C ASP A 232 -5.66 41.92 -32.82
N ILE A 233 -5.44 40.71 -33.34
CA ILE A 233 -4.07 40.21 -33.56
C ILE A 233 -3.37 41.11 -34.58
N PHE A 234 -4.18 41.47 -35.61
CA PHE A 234 -3.76 42.21 -36.83
C PHE A 234 -3.25 43.50 -36.25
N ARG A 235 -4.05 43.96 -35.30
CA ARG A 235 -3.86 45.23 -34.69
C ARG A 235 -2.58 45.25 -33.92
N ARG A 236 -2.32 44.22 -33.13
CA ARG A 236 -1.09 44.17 -32.38
C ARG A 236 0.18 44.17 -33.25
N ALA A 237 0.25 43.24 -34.21
CA ALA A 237 1.49 43.13 -34.97
C ALA A 237 1.84 44.39 -35.77
N PHE A 238 0.79 44.91 -36.39
CA PHE A 238 0.83 45.98 -37.38
C PHE A 238 1.23 47.10 -36.62
N ALA A 239 0.62 47.12 -35.46
CA ALA A 239 0.82 48.19 -34.57
C ALA A 239 2.30 48.20 -34.37
N SER A 240 2.88 47.06 -34.02
CA SER A 240 4.27 47.05 -33.66
C SER A 240 5.13 47.61 -34.82
N ARG A 241 4.84 47.19 -36.04
CA ARG A 241 5.62 47.66 -37.19
C ARG A 241 5.42 49.10 -37.66
N VAL A 242 4.17 49.50 -37.74
CA VAL A 242 3.79 50.71 -38.46
C VAL A 242 4.15 52.11 -37.93
N PHE A 243 4.13 52.42 -36.61
CA PHE A 243 4.22 53.84 -36.29
C PHE A 243 5.34 54.54 -36.94
N PRO A 244 4.97 55.65 -37.62
CA PRO A 244 5.97 56.33 -38.40
C PRO A 244 6.36 57.74 -37.99
N PRO A 245 7.68 57.97 -37.93
CA PRO A 245 8.43 56.79 -37.56
C PRO A 245 9.03 56.87 -36.11
N GLU A 246 9.14 58.04 -35.47
CA GLU A 246 9.88 58.17 -34.18
C GLU A 246 9.20 57.50 -32.99
N ILE A 247 7.87 57.40 -33.06
CA ILE A 247 7.08 56.87 -31.98
C ILE A 247 7.43 55.41 -31.66
N VAL A 248 7.67 54.60 -32.67
CA VAL A 248 8.04 53.19 -32.41
C VAL A 248 9.48 53.10 -31.75
N GLU A 249 10.45 53.93 -32.16
CA GLU A 249 11.77 53.94 -31.47
C GLU A 249 11.54 54.42 -30.05
N GLN A 250 10.61 55.35 -29.89
CA GLN A 250 10.24 55.84 -28.55
C GLN A 250 9.77 54.62 -27.77
N MET A 251 9.01 53.73 -28.40
CA MET A 251 8.65 52.44 -27.79
C MET A 251 9.96 51.68 -27.49
N GLY A 252 10.91 51.76 -28.43
CA GLY A 252 12.23 51.16 -28.27
C GLY A 252 12.09 49.72 -27.84
N CYS A 253 11.04 49.11 -28.39
CA CYS A 253 10.72 47.72 -28.22
C CYS A 253 10.69 47.08 -29.59
N LYS A 254 11.40 45.96 -29.72
CA LYS A 254 11.48 45.23 -30.98
C LYS A 254 10.10 44.68 -31.28
N HIS A 255 9.83 44.55 -32.56
CA HIS A 255 8.58 43.99 -33.04
C HIS A 255 8.58 42.58 -32.50
N VAL A 256 7.42 42.05 -32.10
CA VAL A 256 7.45 40.75 -31.44
C VAL A 256 8.13 39.77 -32.38
N LYS A 257 9.05 38.98 -31.84
CA LYS A 257 9.80 38.05 -32.67
C LYS A 257 8.90 37.01 -33.27
N GLY A 258 7.97 36.51 -32.45
CA GLY A 258 7.11 35.45 -32.91
C GLY A 258 5.65 35.47 -32.49
N ILE A 259 4.81 34.85 -33.31
CA ILE A 259 3.41 34.68 -32.94
C ILE A 259 3.09 33.19 -33.02
N LEU A 260 2.42 32.68 -32.00
CA LEU A 260 2.04 31.27 -31.93
C LEU A 260 0.59 31.17 -32.19
N LEU A 261 0.20 30.42 -33.19
CA LEU A 261 -1.21 30.26 -33.38
C LEU A 261 -1.59 28.79 -33.36
N TYR A 262 -2.58 28.38 -32.56
CA TYR A 262 -2.89 26.97 -32.66
C TYR A 262 -4.33 26.56 -33.04
N GLY A 263 -4.45 25.74 -34.09
CA GLY A 263 -5.76 25.25 -34.49
C GLY A 263 -5.80 23.75 -34.88
N PRO A 264 -7.00 23.09 -34.73
CA PRO A 264 -7.34 21.69 -35.09
C PRO A 264 -7.11 21.48 -36.56
N PRO A 265 -6.41 20.43 -37.00
CA PRO A 265 -6.33 19.75 -38.29
C PRO A 265 -7.47 18.92 -38.81
N GLY A 266 -8.06 19.28 -39.92
CA GLY A 266 -7.76 20.53 -40.60
C GLY A 266 -8.37 21.75 -39.89
N CYS A 267 -7.88 22.98 -40.09
CA CYS A 267 -6.79 23.45 -40.99
C CYS A 267 -6.98 24.97 -41.00
N GLY A 268 -6.28 25.61 -41.93
CA GLY A 268 -6.47 26.99 -42.30
C GLY A 268 -5.70 28.06 -41.59
N LYS A 269 -4.89 27.64 -40.64
CA LYS A 269 -3.98 28.55 -40.00
C LYS A 269 -2.89 29.08 -40.92
N THR A 270 -2.35 28.20 -41.75
CA THR A 270 -1.19 28.50 -42.60
C THR A 270 -1.44 29.59 -43.66
N LEU A 271 -2.60 29.52 -44.29
CA LEU A 271 -2.99 30.48 -45.32
C LEU A 271 -3.08 31.83 -44.67
N LEU A 272 -3.65 31.84 -43.47
CA LEU A 272 -3.77 33.04 -42.68
C LEU A 272 -2.38 33.56 -42.37
N ALA A 273 -1.43 32.67 -42.10
CA ALA A 273 -0.06 33.10 -41.84
C ALA A 273 0.64 33.77 -43.04
N ARG A 274 0.52 33.18 -44.22
CA ARG A 274 1.13 33.79 -45.41
C ARG A 274 0.45 35.13 -45.68
N GLN A 275 -0.88 35.10 -45.67
CA GLN A 275 -1.70 36.28 -45.93
C GLN A 275 -1.40 37.36 -44.88
N ILE A 276 -1.19 36.93 -43.63
CA ILE A 276 -1.01 37.84 -42.50
C ILE A 276 0.28 38.53 -42.83
N GLY A 277 1.32 37.78 -43.13
CA GLY A 277 2.62 38.40 -43.37
C GLY A 277 2.54 39.38 -44.54
N LYS A 278 1.91 38.98 -45.64
CA LYS A 278 1.81 39.85 -46.82
C LYS A 278 1.08 41.15 -46.49
N MET A 279 -0.03 41.02 -45.78
CA MET A 279 -0.88 42.15 -45.40
C MET A 279 -0.04 43.05 -44.50
N LEU A 280 0.59 42.40 -43.53
CA LEU A 280 1.42 42.97 -42.48
C LEU A 280 2.71 43.62 -42.80
N ASN A 281 3.39 42.96 -43.71
CA ASN A 281 4.74 43.31 -44.03
C ASN A 281 4.93 43.32 -45.50
N ALA A 282 5.94 44.03 -45.92
CA ALA A 282 6.28 44.09 -47.32
C ALA A 282 7.77 43.90 -47.25
N ARG A 283 8.36 43.41 -48.34
CA ARG A 283 9.81 43.25 -48.48
C ARG A 283 10.25 41.93 -47.84
N GLU A 284 9.31 41.18 -47.27
CA GLU A 284 9.62 39.86 -46.71
C GLU A 284 8.77 38.75 -47.31
N PRO A 285 9.42 37.71 -47.88
CA PRO A 285 8.80 36.44 -48.26
C PRO A 285 8.84 35.31 -47.22
N LYS A 286 7.68 34.73 -46.92
CA LYS A 286 7.60 33.71 -45.88
C LYS A 286 8.21 32.37 -46.34
N VAL A 287 8.67 31.57 -45.39
CA VAL A 287 9.23 30.24 -45.68
C VAL A 287 8.41 29.16 -44.98
N VAL A 288 8.07 28.07 -45.68
CA VAL A 288 7.28 26.99 -45.10
C VAL A 288 8.10 25.75 -44.75
N ASN A 289 8.04 25.32 -43.49
CA ASN A 289 8.82 24.16 -43.06
C ASN A 289 7.98 23.01 -42.51
N GLY A 290 8.17 21.82 -43.09
CA GLY A 290 7.67 20.58 -42.51
C GLY A 290 8.65 20.14 -41.44
N PRO A 291 8.30 19.14 -40.63
CA PRO A 291 9.34 18.71 -39.69
C PRO A 291 10.36 17.79 -40.37
N GLU A 292 11.04 18.36 -41.35
CA GLU A 292 12.13 17.73 -42.09
C GLU A 292 13.37 17.46 -41.23
N ILE A 293 13.62 18.35 -40.29
CA ILE A 293 14.92 18.54 -39.67
C ILE A 293 15.49 17.34 -38.91
N LEU A 294 14.64 16.55 -38.28
CA LEU A 294 15.06 15.64 -37.22
C LEU A 294 16.09 14.61 -37.67
N ASN A 295 15.94 14.12 -38.90
CA ASN A 295 16.75 13.01 -39.41
C ASN A 295 18.23 13.36 -39.56
N LYS A 296 19.06 12.35 -39.26
CA LYS A 296 20.52 12.20 -39.47
C LYS A 296 21.24 11.77 -38.19
N TYR A 297 21.47 12.71 -37.25
CA TYR A 297 22.03 12.59 -35.86
C TYR A 297 22.71 13.88 -35.42
N VAL A 298 23.83 14.21 -36.06
CA VAL A 298 24.63 15.38 -35.73
C VAL A 298 24.80 16.28 -36.94
N GLY A 299 24.57 17.57 -36.79
CA GLY A 299 24.73 18.47 -37.91
C GLY A 299 23.40 18.94 -38.48
N GLU A 300 22.80 18.07 -39.30
CA GLU A 300 21.83 18.47 -40.30
C GLU A 300 20.60 19.18 -39.74
N SER A 301 20.05 18.69 -38.63
CA SER A 301 18.86 19.34 -38.08
C SER A 301 19.18 20.74 -37.59
N GLU A 302 20.26 20.83 -36.81
CA GLU A 302 20.69 22.09 -36.25
C GLU A 302 21.09 23.01 -37.39
N ALA A 303 21.80 22.47 -38.36
CA ALA A 303 22.27 23.23 -39.52
C ALA A 303 21.11 23.80 -40.32
N ASN A 304 20.09 22.97 -40.54
CA ASN A 304 18.94 23.40 -41.31
C ASN A 304 18.26 24.53 -40.56
N ILE A 305 18.15 24.37 -39.25
CA ILE A 305 17.55 25.39 -38.41
C ILE A 305 18.35 26.70 -38.50
N ARG A 306 19.68 26.59 -38.42
CA ARG A 306 20.51 27.79 -38.50
C ARG A 306 20.38 28.50 -39.85
N LYS A 307 20.28 27.78 -40.97
CA LYS A 307 20.42 28.44 -42.30
C LYS A 307 19.48 29.61 -42.67
N LEU A 308 18.19 29.47 -42.42
CA LEU A 308 17.23 30.56 -42.63
C LEU A 308 17.54 31.73 -41.68
N PHE A 309 17.81 31.39 -40.43
CA PHE A 309 18.17 32.37 -39.41
C PHE A 309 19.44 33.10 -39.86
N ALA A 310 20.31 32.35 -40.54
CA ALA A 310 21.62 32.76 -40.97
C ALA A 310 21.41 33.80 -42.05
N ASP A 311 20.52 33.50 -42.98
CA ASP A 311 20.23 34.46 -44.04
C ASP A 311 19.71 35.74 -43.39
N ALA A 312 18.80 35.59 -42.42
CA ALA A 312 18.23 36.75 -41.75
C ALA A 312 19.30 37.58 -41.02
N GLU A 313 20.21 36.88 -40.34
CA GLU A 313 21.27 37.49 -39.55
C GLU A 313 22.18 38.26 -40.50
N GLU A 314 22.45 37.66 -41.66
CA GLU A 314 23.29 38.28 -42.67
C GLU A 314 22.66 39.57 -43.14
N GLU A 315 21.36 39.52 -43.42
CA GLU A 315 20.65 40.71 -43.86
C GLU A 315 20.77 41.79 -42.79
N GLN A 316 20.58 41.39 -41.53
CA GLN A 316 20.64 42.35 -40.43
C GLN A 316 22.04 42.97 -40.31
N ARG A 317 23.04 42.12 -40.52
CA ARG A 317 24.44 42.53 -40.53
C ARG A 317 24.71 43.59 -41.57
N ARG A 318 24.16 43.38 -42.76
CA ARG A 318 24.39 44.32 -43.85
C ARG A 318 23.79 45.69 -43.54
N LEU A 319 22.58 45.72 -43.00
CA LEU A 319 21.85 46.96 -42.68
C LEU A 319 21.24 46.95 -41.28
N GLY A 320 22.08 47.11 -40.26
CA GLY A 320 21.62 47.01 -38.89
C GLY A 320 21.04 48.30 -38.38
N ALA A 321 19.70 48.38 -38.44
CA ALA A 321 18.86 49.53 -38.06
C ALA A 321 17.50 49.39 -38.73
N ASN A 322 17.50 49.50 -40.06
CA ASN A 322 16.28 49.30 -40.85
C ASN A 322 16.62 48.87 -42.28
N SER A 323 15.61 48.35 -42.98
CA SER A 323 15.57 48.08 -44.44
C SER A 323 15.34 46.60 -44.74
N GLY A 324 14.39 46.00 -44.04
CA GLY A 324 13.89 44.70 -44.43
C GLY A 324 13.33 43.85 -43.31
N LEU A 325 12.82 42.69 -43.69
CA LEU A 325 12.28 41.71 -42.75
C LEU A 325 12.31 40.30 -43.33
N HIS A 326 12.31 39.32 -42.42
CA HIS A 326 12.22 37.91 -42.81
C HIS A 326 11.06 37.27 -42.06
N ILE A 327 10.22 36.56 -42.81
CA ILE A 327 9.09 35.83 -42.23
C ILE A 327 9.30 34.34 -42.47
N ILE A 328 9.25 33.58 -41.40
CA ILE A 328 9.42 32.13 -41.46
C ILE A 328 8.14 31.50 -40.92
N ILE A 329 7.58 30.56 -41.67
CA ILE A 329 6.42 29.90 -41.14
C ILE A 329 6.73 28.38 -41.09
N PHE A 330 6.62 27.75 -39.93
CA PHE A 330 6.86 26.30 -39.89
C PHE A 330 5.78 25.57 -39.10
N ASP A 331 4.87 24.87 -39.77
CA ASP A 331 3.81 24.13 -39.08
C ASP A 331 4.35 22.87 -38.40
N GLU A 332 3.57 22.31 -37.47
CA GLU A 332 4.02 21.15 -36.69
C GLU A 332 5.27 21.54 -35.92
N ILE A 333 5.22 22.75 -35.35
CA ILE A 333 6.30 23.33 -34.56
C ILE A 333 6.50 22.34 -33.40
N ASP A 334 5.39 21.78 -32.90
CA ASP A 334 5.41 20.83 -31.79
C ASP A 334 6.18 19.53 -32.08
N ALA A 335 6.01 19.02 -33.29
CA ALA A 335 6.70 17.82 -33.74
C ALA A 335 8.21 18.01 -33.74
N ILE A 336 8.64 19.18 -34.19
CA ILE A 336 10.04 19.58 -34.12
C ILE A 336 10.45 19.82 -32.66
N CYS A 337 10.82 21.06 -32.34
CA CYS A 337 11.14 21.46 -30.99
C CYS A 337 10.18 20.88 -29.95
N HIS A 350 14.72 17.99 -27.80
CA HIS A 350 15.41 17.45 -28.98
C HIS A 350 16.63 16.57 -28.68
N ASP A 351 17.45 16.85 -27.67
CA ASP A 351 17.59 18.08 -26.92
C ASP A 351 18.08 19.31 -27.70
N THR A 352 19.07 19.09 -28.57
CA THR A 352 19.79 20.17 -29.21
C THR A 352 19.01 21.09 -30.16
N VAL A 353 18.07 20.54 -30.93
CA VAL A 353 17.31 21.38 -31.87
C VAL A 353 16.53 22.47 -31.14
N VAL A 354 15.95 22.12 -29.99
CA VAL A 354 15.24 23.10 -29.18
C VAL A 354 16.19 24.18 -28.71
N ASN A 355 17.42 23.79 -28.36
CA ASN A 355 18.38 24.73 -27.81
C ASN A 355 18.91 25.63 -28.91
N GLN A 356 19.15 25.07 -30.09
CA GLN A 356 19.67 25.83 -31.22
C GLN A 356 18.63 26.85 -31.64
N LEU A 357 17.38 26.42 -31.70
CA LEU A 357 16.32 27.35 -32.09
C LEU A 357 16.34 28.48 -31.07
N LEU A 358 16.42 28.11 -29.79
CA LEU A 358 16.47 29.11 -28.71
C LEU A 358 17.67 30.03 -28.93
N SER A 359 18.79 29.48 -29.36
CA SER A 359 20.00 30.27 -29.59
C SER A 359 19.80 31.26 -30.73
N LYS A 360 19.14 30.81 -31.79
CA LYS A 360 18.99 31.62 -32.99
C LYS A 360 17.89 32.70 -33.03
N ILE A 361 16.77 32.53 -32.34
CA ILE A 361 15.80 33.65 -32.26
C ILE A 361 16.33 34.79 -31.38
N ASP A 362 17.00 34.44 -30.28
CA ASP A 362 17.54 35.45 -29.39
C ASP A 362 19.04 35.32 -29.30
N GLY A 363 19.72 36.45 -29.48
CA GLY A 363 21.17 36.50 -29.51
C GLY A 363 21.77 37.52 -28.57
N VAL A 364 23.03 37.31 -28.22
CA VAL A 364 23.74 38.18 -27.30
C VAL A 364 23.74 39.60 -27.86
N GLU A 365 23.95 39.72 -29.16
CA GLU A 365 23.88 41.01 -29.84
C GLU A 365 22.83 40.97 -30.95
N GLN A 366 21.97 41.98 -30.97
CA GLN A 366 21.00 42.21 -32.04
C GLN A 366 20.08 41.00 -32.26
N LEU A 367 20.02 40.56 -33.53
CA LEU A 367 19.11 39.49 -34.02
C LEU A 367 17.71 40.03 -34.27
N ASN A 368 17.55 41.34 -34.14
CA ASN A 368 16.27 42.02 -34.34
C ASN A 368 15.81 42.03 -35.81
N ASN A 369 14.51 42.26 -36.01
CA ASN A 369 13.88 42.47 -37.32
C ASN A 369 13.42 41.22 -38.08
N ILE A 370 13.38 40.07 -37.41
CA ILE A 370 12.80 38.88 -38.06
C ILE A 370 11.59 38.32 -37.29
N LEU A 371 10.53 37.96 -38.01
CA LEU A 371 9.30 37.48 -37.37
C LEU A 371 8.98 36.01 -37.70
N VAL A 372 8.66 35.24 -36.67
CA VAL A 372 8.39 33.81 -36.78
C VAL A 372 6.95 33.45 -36.36
N ILE A 373 6.25 32.65 -37.16
CA ILE A 373 4.88 32.26 -36.82
C ILE A 373 4.83 30.75 -36.59
N GLY A 374 4.22 30.32 -35.49
CA GLY A 374 4.13 28.91 -35.21
C GLY A 374 2.70 28.39 -35.11
N MET A 375 2.46 27.28 -35.82
CA MET A 375 1.16 26.63 -35.81
C MET A 375 1.33 25.21 -35.28
N THR A 376 0.52 24.87 -34.28
CA THR A 376 0.57 23.54 -33.68
C THR A 376 -0.81 23.15 -33.18
N ASN A 377 -1.08 21.86 -33.17
CA ASN A 377 -2.36 21.38 -32.69
C ASN A 377 -2.65 21.60 -31.23
N ARG A 378 -1.60 21.36 -30.46
CA ARG A 378 -1.59 21.45 -29.02
C ARG A 378 -0.63 22.50 -28.49
N PRO A 379 -1.15 23.49 -27.75
CA PRO A 379 -0.26 24.48 -27.15
C PRO A 379 0.66 23.87 -26.09
N ASP A 380 0.12 22.95 -25.29
CA ASP A 380 0.77 22.51 -24.06
C ASP A 380 2.11 21.76 -24.20
N LEU A 381 2.26 20.95 -25.26
CA LEU A 381 3.49 20.16 -25.41
C LEU A 381 4.73 21.01 -25.55
N ILE A 382 4.56 22.15 -26.20
CA ILE A 382 5.69 23.03 -26.44
C ILE A 382 6.33 23.60 -25.20
N ASP A 383 7.64 23.80 -25.31
CA ASP A 383 8.47 24.21 -24.21
C ASP A 383 8.00 25.56 -23.71
N GLU A 384 8.09 25.72 -22.40
CA GLU A 384 7.61 26.91 -21.71
C GLU A 384 8.41 28.14 -22.14
N ALA A 385 9.71 27.96 -22.37
CA ALA A 385 10.60 29.06 -22.68
C ALA A 385 10.20 29.74 -24.00
N LEU A 386 9.81 28.96 -25.01
CA LEU A 386 9.42 29.58 -26.27
C LEU A 386 8.20 30.47 -26.07
N LEU A 387 7.24 29.96 -25.29
CA LEU A 387 6.00 30.68 -25.00
C LEU A 387 6.17 32.02 -24.28
N ARG A 388 7.12 32.10 -23.36
CA ARG A 388 7.28 33.29 -22.52
C ARG A 388 7.71 34.51 -23.35
N PRO A 389 7.33 35.73 -22.90
CA PRO A 389 7.52 36.98 -23.66
C PRO A 389 8.95 37.14 -24.14
N GLY A 390 9.12 37.59 -25.38
CA GLY A 390 10.42 37.48 -25.99
C GLY A 390 10.29 36.73 -27.30
N ARG A 391 10.75 35.50 -27.28
CA ARG A 391 10.87 34.66 -28.45
C ARG A 391 9.56 34.36 -29.14
N LEU A 392 8.53 34.05 -28.36
CA LEU A 392 7.19 33.91 -28.91
C LEU A 392 6.27 34.69 -27.98
N GLU A 393 6.29 36.01 -28.04
CA GLU A 393 5.60 36.84 -27.04
C GLU A 393 4.07 36.68 -27.01
N VAL A 394 3.45 36.55 -28.18
CA VAL A 394 1.99 36.46 -28.26
C VAL A 394 1.46 35.17 -28.91
N LYS A 395 0.47 34.57 -28.22
CA LYS A 395 -0.21 33.37 -28.67
C LYS A 395 -1.70 33.64 -28.95
N MET A 396 -2.11 33.25 -30.15
CA MET A 396 -3.46 33.41 -30.71
C MET A 396 -4.05 32.05 -31.12
N GLU A 397 -5.30 31.80 -30.73
CA GLU A 397 -5.86 30.49 -31.00
C GLU A 397 -7.19 30.54 -31.73
N ILE A 398 -7.28 29.78 -32.81
CA ILE A 398 -8.56 29.64 -33.48
C ILE A 398 -8.86 28.16 -33.56
N GLY A 399 -10.03 27.75 -33.10
CA GLY A 399 -10.30 26.33 -33.24
C GLY A 399 -11.43 26.05 -34.19
N LEU A 400 -11.07 25.29 -35.23
CA LEU A 400 -11.98 24.86 -36.27
C LEU A 400 -12.26 26.17 -37.04
N PRO A 401 -13.28 26.20 -37.91
CA PRO A 401 -13.62 27.51 -38.43
C PRO A 401 -14.89 27.93 -37.74
N ASP A 402 -14.84 29.11 -37.14
CA ASP A 402 -16.00 29.63 -36.46
C ASP A 402 -17.21 29.50 -37.39
N GLU A 403 -18.37 29.36 -36.79
CA GLU A 403 -19.61 29.22 -37.55
C GLU A 403 -19.77 30.45 -38.42
N LYS A 404 -19.52 31.61 -37.84
CA LYS A 404 -19.42 32.84 -38.62
C LYS A 404 -18.20 32.76 -39.54
N GLY A 405 -17.06 32.29 -39.03
CA GLY A 405 -15.89 32.15 -39.87
C GLY A 405 -15.95 31.15 -41.01
N ARG A 406 -16.51 29.98 -40.71
CA ARG A 406 -16.73 28.96 -41.72
C ARG A 406 -17.64 29.58 -42.74
N LEU A 407 -18.66 30.28 -42.25
CA LEU A 407 -19.63 30.91 -43.11
C LEU A 407 -18.91 31.87 -44.03
N GLN A 408 -17.95 32.61 -43.50
CA GLN A 408 -17.22 33.57 -44.30
C GLN A 408 -16.43 32.90 -45.43
N ILE A 409 -15.69 31.81 -45.14
CA ILE A 409 -14.93 31.17 -46.24
C ILE A 409 -15.85 30.58 -47.32
N LEU A 410 -16.89 29.90 -46.88
CA LEU A 410 -17.79 29.26 -47.83
C LEU A 410 -18.38 30.42 -48.66
N HIS A 411 -18.67 31.54 -47.98
CA HIS A 411 -19.32 32.70 -48.60
C HIS A 411 -18.43 33.31 -49.67
N ILE A 412 -17.14 33.44 -49.39
CA ILE A 412 -16.21 33.98 -50.39
C ILE A 412 -16.16 33.05 -51.60
N HIS A 413 -16.03 31.74 -51.41
CA HIS A 413 -15.96 30.87 -52.60
C HIS A 413 -17.23 30.91 -53.44
N THR A 414 -18.36 30.96 -52.75
CA THR A 414 -19.67 31.05 -53.41
C THR A 414 -19.82 32.35 -54.16
N ALA A 415 -19.26 33.42 -53.60
CA ALA A 415 -19.28 34.74 -54.22
C ALA A 415 -18.48 34.62 -55.50
N ARG A 416 -17.38 33.89 -55.43
CA ARG A 416 -16.59 33.63 -56.62
C ARG A 416 -17.46 32.90 -57.66
N MET A 417 -18.24 31.92 -57.20
CA MET A 417 -19.17 31.22 -58.09
C MET A 417 -20.25 32.15 -58.65
N ARG A 418 -20.70 33.07 -57.81
CA ARG A 418 -21.70 34.08 -58.14
C ARG A 418 -21.21 34.98 -59.25
N GLY A 419 -19.90 35.24 -59.24
CA GLY A 419 -19.27 36.13 -60.19
C GLY A 419 -19.52 35.57 -61.57
N HIS A 420 -19.49 34.25 -61.68
CA HIS A 420 -19.88 33.58 -62.91
C HIS A 420 -21.39 33.37 -62.84
N GLN A 421 -22.06 33.49 -63.97
CA GLN A 421 -23.51 33.24 -64.02
C GLN A 421 -23.91 31.92 -63.37
N LEU A 422 -23.11 30.88 -63.58
CA LEU A 422 -23.43 29.55 -63.06
C LEU A 422 -23.45 29.56 -61.54
N LEU A 423 -24.50 28.97 -60.98
CA LEU A 423 -24.65 28.80 -59.55
C LEU A 423 -25.69 27.74 -59.30
N SER A 424 -25.73 27.24 -58.07
CA SER A 424 -26.79 26.32 -57.71
C SER A 424 -27.79 27.11 -56.88
N ALA A 425 -29.01 27.20 -57.39
CA ALA A 425 -30.06 28.00 -56.75
C ALA A 425 -30.45 27.46 -55.38
N ASP A 426 -30.51 26.14 -55.31
CA ASP A 426 -30.94 25.44 -54.11
C ASP A 426 -29.96 25.71 -52.95
N VAL A 427 -28.66 25.73 -53.25
CA VAL A 427 -27.65 25.94 -52.21
C VAL A 427 -27.71 27.32 -51.57
N ASP A 428 -27.65 27.29 -50.25
CA ASP A 428 -27.57 28.46 -49.40
C ASP A 428 -26.41 28.49 -48.43
N ILE A 429 -25.75 29.63 -48.39
CA ILE A 429 -24.58 29.85 -47.56
C ILE A 429 -24.78 29.65 -46.08
N LYS A 430 -25.86 30.23 -45.61
CA LYS A 430 -26.21 30.17 -44.21
C LYS A 430 -26.45 28.71 -43.85
N GLU A 431 -27.15 28.02 -44.74
CA GLU A 431 -27.47 26.61 -44.53
C GLU A 431 -26.20 25.75 -44.45
N LEU A 432 -25.26 25.96 -45.36
CA LEU A 432 -24.03 25.16 -45.34
C LEU A 432 -23.30 25.42 -44.03
N ALA A 433 -23.26 26.69 -43.64
CA ALA A 433 -22.57 27.05 -42.41
C ALA A 433 -23.21 26.38 -41.19
N VAL A 434 -24.54 26.42 -41.11
CA VAL A 434 -25.24 25.83 -39.97
C VAL A 434 -24.99 24.31 -39.95
N GLU A 435 -24.96 23.68 -41.12
CA GLU A 435 -24.70 22.23 -41.17
C GLU A 435 -23.32 21.81 -40.68
N THR A 436 -22.27 22.56 -41.02
CA THR A 436 -20.93 22.15 -40.61
C THR A 436 -20.08 23.23 -39.95
N LYS A 437 -19.60 22.93 -38.75
CA LYS A 437 -18.61 23.76 -38.07
C LYS A 437 -17.33 22.95 -37.90
N ASN A 438 -17.44 21.63 -38.00
CA ASN A 438 -16.26 20.82 -37.79
C ASN A 438 -15.24 21.04 -38.90
N PHE A 439 -15.72 21.15 -40.13
CA PHE A 439 -14.82 21.20 -41.28
C PHE A 439 -13.95 22.45 -41.31
N SER A 440 -12.67 22.30 -41.63
CA SER A 440 -11.71 23.42 -41.85
C SER A 440 -11.90 24.19 -43.14
N GLY A 441 -11.49 25.46 -43.16
CA GLY A 441 -11.70 26.24 -44.35
C GLY A 441 -11.02 25.61 -45.55
N ALA A 442 -9.76 25.14 -45.46
CA ALA A 442 -9.14 24.47 -46.62
C ALA A 442 -9.89 23.19 -47.06
N GLU A 443 -10.32 22.36 -46.10
CA GLU A 443 -11.08 21.13 -46.41
C GLU A 443 -12.35 21.65 -47.10
N LEU A 444 -12.99 22.68 -46.54
CA LEU A 444 -14.24 23.16 -47.12
C LEU A 444 -13.99 23.57 -48.55
N GLU A 445 -12.87 24.24 -48.81
CA GLU A 445 -12.54 24.65 -50.17
C GLU A 445 -12.46 23.41 -51.05
N GLY A 446 -11.81 22.38 -50.53
CA GLY A 446 -11.72 21.14 -51.27
C GLY A 446 -13.10 20.59 -51.56
N LEU A 447 -14.01 20.74 -50.60
CA LEU A 447 -15.37 20.28 -50.79
C LEU A 447 -16.00 20.99 -51.97
N VAL A 448 -15.76 22.31 -52.07
CA VAL A 448 -16.34 23.05 -53.17
C VAL A 448 -15.86 22.48 -54.49
N ARG A 449 -14.57 22.19 -54.55
CA ARG A 449 -14.03 21.58 -55.75
C ARG A 449 -14.73 20.26 -56.08
N ALA A 450 -14.97 19.47 -55.03
CA ALA A 450 -15.67 18.20 -55.22
C ALA A 450 -17.05 18.41 -55.80
N ALA A 451 -17.74 19.46 -55.35
CA ALA A 451 -19.06 19.77 -55.88
C ALA A 451 -18.99 20.05 -57.37
N GLN A 452 -17.95 20.79 -57.76
CA GLN A 452 -17.76 21.03 -59.19
C GLN A 452 -17.60 19.74 -59.95
N SER A 453 -16.85 18.80 -59.37
CA SER A 453 -16.69 17.50 -60.00
C SER A 453 -18.02 16.75 -60.17
N THR A 454 -18.89 16.85 -59.16
CA THR A 454 -20.21 16.24 -59.25
C THR A 454 -21.05 16.81 -60.39
N ALA A 455 -21.02 18.15 -60.51
CA ALA A 455 -21.77 18.79 -61.60
C ALA A 455 -21.24 18.32 -62.96
N MET A 456 -19.91 18.24 -63.05
CA MET A 456 -19.28 17.82 -64.29
C MET A 456 -19.72 16.41 -64.65
N ASN A 457 -19.80 15.55 -63.64
CA ASN A 457 -20.26 14.19 -63.89
C ASN A 457 -21.71 14.17 -64.37
N ARG A 458 -22.55 15.03 -63.80
CA ARG A 458 -23.94 15.08 -64.27
C ARG A 458 -24.01 15.45 -65.75
N HIS A 459 -23.16 16.39 -66.15
CA HIS A 459 -23.06 16.72 -67.58
C HIS A 459 -22.62 15.53 -68.43
N ILE A 460 -21.69 14.74 -67.91
CA ILE A 460 -21.19 13.57 -68.61
C ILE A 460 -22.13 12.37 -68.46
N ASP A 482 -28.98 23.12 -52.54
CA ASP A 482 -28.76 21.71 -52.52
C ASP A 482 -28.16 21.21 -53.81
N PHE A 483 -28.98 20.68 -54.71
CA PHE A 483 -28.54 20.30 -56.05
C PHE A 483 -27.32 19.36 -55.92
N LEU A 484 -26.29 19.71 -56.68
CA LEU A 484 -25.04 18.96 -56.68
C LEU A 484 -24.41 19.04 -55.30
N ALA A 485 -24.46 20.22 -54.70
CA ALA A 485 -23.91 20.43 -53.36
C ALA A 485 -24.63 19.59 -52.31
N SER A 486 -25.97 19.51 -52.35
CA SER A 486 -26.70 18.65 -51.40
C SER A 486 -26.37 17.22 -51.56
N LEU A 487 -26.28 16.80 -52.81
CA LEU A 487 -25.94 15.43 -53.08
C LEU A 487 -24.56 15.22 -52.48
N GLU A 488 -23.72 16.23 -52.60
CA GLU A 488 -22.41 16.16 -52.01
C GLU A 488 -22.46 16.10 -50.48
N ASN A 489 -23.32 16.90 -49.86
CA ASN A 489 -23.52 16.92 -48.40
C ASN A 489 -24.04 15.61 -47.83
N ASP A 490 -24.98 15.03 -48.54
CA ASP A 490 -25.60 13.75 -48.21
C ASP A 490 -24.53 12.68 -48.36
N ILE A 491 -23.76 12.75 -49.43
CA ILE A 491 -22.59 11.88 -49.61
C ILE A 491 -21.17 12.31 -49.17
N LYS A 492 -20.94 13.59 -48.85
CA LYS A 492 -19.58 14.02 -48.51
C LYS A 492 -19.06 13.33 -47.23
N GLU A 500 -20.50 3.27 -36.28
CA GLU A 500 -20.28 1.84 -36.42
C GLU A 500 -20.92 1.02 -35.30
N ASP A 501 -20.85 1.57 -34.10
CA ASP A 501 -21.24 0.88 -32.89
C ASP A 501 -22.73 0.53 -32.81
N TYR A 502 -23.57 1.41 -33.34
CA TYR A 502 -25.02 1.28 -33.21
C TYR A 502 -25.47 -0.01 -33.85
N ALA A 503 -24.87 -0.30 -34.99
CA ALA A 503 -25.19 -1.52 -35.72
C ALA A 503 -24.81 -2.74 -34.90
N SER A 504 -23.66 -2.66 -34.24
CA SER A 504 -23.18 -3.78 -33.43
C SER A 504 -24.12 -4.07 -32.26
N TYR A 505 -24.62 -3.01 -31.64
CA TYR A 505 -25.44 -3.15 -30.44
C TYR A 505 -26.75 -3.89 -30.56
N ILE A 506 -27.41 -3.69 -31.69
CA ILE A 506 -28.75 -4.21 -31.88
C ILE A 506 -28.79 -5.76 -31.82
N MET A 507 -27.79 -6.41 -32.41
CA MET A 507 -27.67 -7.88 -32.39
C MET A 507 -28.80 -8.76 -32.99
N ASN A 508 -30.06 -8.40 -32.78
CA ASN A 508 -31.19 -9.15 -33.36
C ASN A 508 -32.16 -8.32 -34.22
N GLY A 509 -31.87 -7.03 -34.32
CA GLY A 509 -32.67 -6.03 -34.99
C GLY A 509 -33.78 -5.56 -34.06
N ILE A 510 -34.53 -4.56 -34.49
CA ILE A 510 -35.67 -4.06 -33.73
C ILE A 510 -36.97 -4.15 -34.51
N ILE A 511 -37.97 -4.71 -33.85
CA ILE A 511 -39.31 -4.82 -34.37
C ILE A 511 -40.34 -4.21 -33.42
N LYS A 512 -41.20 -3.34 -33.93
CA LYS A 512 -42.10 -2.67 -33.00
C LYS A 512 -43.25 -3.61 -32.85
N TRP A 513 -43.12 -4.46 -31.85
CA TRP A 513 -44.13 -5.42 -31.50
C TRP A 513 -45.43 -4.76 -31.05
N GLY A 514 -45.25 -3.70 -30.28
CA GLY A 514 -46.32 -2.97 -29.64
C GLY A 514 -46.06 -1.52 -29.92
N ASP A 515 -47.10 -0.69 -29.82
CA ASP A 515 -46.89 0.72 -30.07
C ASP A 515 -45.91 1.35 -29.05
N PRO A 516 -45.80 0.82 -27.81
CA PRO A 516 -44.94 1.57 -26.90
C PRO A 516 -43.50 1.74 -27.38
N VAL A 517 -42.90 0.74 -28.01
CA VAL A 517 -41.51 0.83 -28.45
C VAL A 517 -41.39 1.97 -29.46
N THR A 518 -42.35 2.06 -30.37
CA THR A 518 -42.37 3.08 -31.40
C THR A 518 -42.43 4.43 -30.69
N ARG A 519 -43.25 4.47 -29.64
CA ARG A 519 -43.42 5.68 -28.84
C ARG A 519 -42.10 6.07 -28.18
N VAL A 520 -41.35 5.09 -27.68
CA VAL A 520 -40.04 5.37 -27.10
C VAL A 520 -39.11 5.98 -28.12
N LEU A 521 -39.09 5.43 -29.33
CA LEU A 521 -38.25 6.00 -30.37
C LEU A 521 -38.66 7.42 -30.72
N ASP A 522 -39.96 7.67 -30.74
CA ASP A 522 -40.44 9.02 -31.01
C ASP A 522 -39.98 9.97 -29.91
N ASP A 523 -40.02 9.52 -28.66
CA ASP A 523 -39.56 10.34 -27.55
C ASP A 523 -38.10 10.69 -27.76
N GLY A 524 -37.34 9.66 -28.12
CA GLY A 524 -35.91 9.80 -28.34
C GLY A 524 -35.63 10.79 -29.46
N GLU A 525 -36.39 10.67 -30.54
CA GLU A 525 -36.24 11.53 -31.72
C GLU A 525 -36.52 12.96 -31.31
N LEU A 526 -37.54 13.16 -30.48
CA LEU A 526 -37.88 14.50 -30.00
C LEU A 526 -36.69 15.07 -29.22
N LEU A 527 -36.07 14.23 -28.39
CA LEU A 527 -34.92 14.68 -27.59
C LEU A 527 -33.86 15.13 -28.58
N VAL A 528 -33.64 14.32 -29.62
CA VAL A 528 -32.62 14.62 -30.62
C VAL A 528 -32.83 15.94 -31.31
N GLN A 529 -34.08 16.14 -31.70
CA GLN A 529 -34.47 17.31 -32.44
C GLN A 529 -34.18 18.49 -31.54
N GLN A 530 -34.50 18.33 -30.26
CA GLN A 530 -34.30 19.42 -29.32
C GLN A 530 -32.83 19.77 -29.19
N THR A 531 -31.98 18.75 -29.12
CA THR A 531 -30.55 19.01 -29.00
C THR A 531 -30.00 19.78 -30.18
N LYS A 532 -30.42 19.40 -31.38
CA LYS A 532 -30.10 20.19 -32.56
C LYS A 532 -30.69 21.61 -32.60
N ASN A 533 -31.95 21.72 -32.17
CA ASN A 533 -32.75 22.94 -32.28
C ASN A 533 -32.89 23.88 -31.07
N SER A 534 -32.31 23.54 -29.93
CA SER A 534 -32.52 24.36 -28.73
C SER A 534 -31.27 25.10 -28.30
N ASP A 535 -31.37 26.42 -28.28
CA ASP A 535 -30.33 27.29 -27.73
C ASP A 535 -30.18 27.19 -26.22
N ARG A 536 -31.30 27.14 -25.51
CA ARG A 536 -31.31 27.31 -24.05
C ARG A 536 -30.63 26.20 -23.25
N THR A 537 -30.81 24.95 -23.67
CA THR A 537 -30.14 23.85 -22.96
C THR A 537 -29.01 23.22 -23.74
N PRO A 538 -27.78 23.29 -23.20
CA PRO A 538 -26.61 22.81 -23.94
C PRO A 538 -26.67 21.31 -24.09
N LEU A 539 -27.07 20.63 -23.01
CA LEU A 539 -27.04 19.18 -23.02
C LEU A 539 -28.34 18.58 -22.52
N VAL A 540 -28.69 17.44 -23.08
CA VAL A 540 -29.88 16.70 -22.73
C VAL A 540 -29.50 15.35 -22.13
N SER A 541 -30.08 15.03 -20.99
CA SER A 541 -29.81 13.75 -20.34
C SER A 541 -31.10 12.96 -20.18
N VAL A 542 -31.03 11.68 -20.55
CA VAL A 542 -32.20 10.84 -20.48
C VAL A 542 -31.82 9.52 -19.85
N LEU A 543 -32.79 8.89 -19.18
CA LEU A 543 -32.54 7.57 -18.63
C LEU A 543 -33.64 6.63 -19.12
N LEU A 544 -33.26 5.43 -19.54
CA LEU A 544 -34.24 4.43 -19.95
C LEU A 544 -34.33 3.39 -18.86
N GLU A 545 -35.53 3.20 -18.29
CA GLU A 545 -35.64 2.18 -17.27
C GLU A 545 -36.40 0.99 -17.82
N GLY A 546 -35.86 -0.19 -17.65
CA GLY A 546 -36.59 -1.36 -18.07
C GLY A 546 -36.25 -2.43 -17.06
N PRO A 547 -37.22 -3.29 -16.74
CA PRO A 547 -37.01 -4.57 -16.07
C PRO A 547 -35.88 -5.32 -16.75
N PRO A 548 -34.98 -6.00 -15.99
CA PRO A 548 -33.84 -6.59 -16.68
C PRO A 548 -34.43 -7.55 -17.68
N HIS A 549 -33.82 -7.64 -18.86
CA HIS A 549 -34.41 -8.34 -19.99
C HIS A 549 -35.37 -7.39 -20.73
N SER A 550 -35.39 -6.11 -20.38
CA SER A 550 -36.26 -5.16 -21.12
C SER A 550 -35.83 -4.94 -22.58
N GLY A 551 -34.53 -4.94 -22.87
CA GLY A 551 -34.08 -4.62 -24.21
C GLY A 551 -33.82 -3.14 -24.45
N LYS A 552 -33.85 -2.39 -23.36
CA LYS A 552 -33.64 -0.94 -23.36
C LYS A 552 -32.26 -0.66 -23.94
N THR A 553 -31.31 -1.52 -23.58
CA THR A 553 -29.91 -1.39 -23.96
C THR A 553 -29.68 -1.58 -25.45
N ALA A 554 -30.31 -2.59 -26.03
CA ALA A 554 -30.25 -2.79 -27.47
C ALA A 554 -30.96 -1.66 -28.22
N LEU A 555 -32.08 -1.22 -27.64
CA LEU A 555 -32.95 -0.17 -28.21
C LEU A 555 -32.25 1.20 -28.25
N ALA A 556 -31.48 1.49 -27.20
CA ALA A 556 -30.88 2.80 -27.00
C ALA A 556 -29.96 3.16 -28.16
N ALA A 557 -29.20 2.18 -28.63
CA ALA A 557 -28.29 2.39 -29.74
C ALA A 557 -29.10 2.76 -30.98
N LYS A 558 -30.24 2.09 -31.13
CA LYS A 558 -31.10 2.34 -32.29
C LYS A 558 -31.58 3.77 -32.27
N ILE A 559 -31.97 4.27 -31.11
CA ILE A 559 -32.44 5.66 -31.06
C ILE A 559 -31.36 6.62 -31.57
N ALA A 560 -30.11 6.36 -31.20
CA ALA A 560 -29.02 7.26 -31.54
C ALA A 560 -28.75 7.34 -33.06
N GLU A 561 -28.81 6.21 -33.74
CA GLU A 561 -28.37 6.16 -35.14
C GLU A 561 -29.20 7.05 -36.08
N GLU A 562 -30.52 7.00 -35.92
CA GLU A 562 -31.46 7.77 -36.74
C GLU A 562 -31.21 9.26 -36.51
N SER A 563 -30.91 9.58 -35.27
CA SER A 563 -30.57 10.92 -34.82
C SER A 563 -29.37 11.41 -35.62
N ASN A 564 -28.48 10.47 -35.89
CA ASN A 564 -27.23 10.59 -36.69
C ASN A 564 -26.44 11.82 -36.30
N PHE A 565 -26.27 12.02 -35.00
CA PHE A 565 -25.45 13.13 -34.59
C PHE A 565 -24.02 12.76 -35.05
N PRO A 566 -23.12 13.74 -35.29
CA PRO A 566 -21.86 13.32 -35.92
C PRO A 566 -21.08 12.31 -35.05
N PHE A 567 -21.02 12.52 -33.73
CA PHE A 567 -20.28 11.59 -32.89
C PHE A 567 -21.23 10.97 -31.85
N ILE A 568 -21.35 9.64 -31.88
CA ILE A 568 -22.04 8.93 -30.80
C ILE A 568 -21.16 7.78 -30.31
N LYS A 569 -20.85 7.75 -29.01
CA LYS A 569 -20.08 6.63 -28.48
C LYS A 569 -20.82 6.07 -27.30
N ILE A 570 -20.89 4.75 -27.27
CA ILE A 570 -21.61 4.05 -26.22
C ILE A 570 -20.63 3.45 -25.22
N CYS A 571 -20.73 3.89 -23.96
CA CYS A 571 -19.83 3.40 -22.94
C CYS A 571 -20.07 1.93 -22.66
N SER A 572 -18.98 1.18 -22.56
CA SER A 572 -19.04 -0.27 -22.44
C SER A 572 -18.64 -0.84 -21.08
N PRO A 573 -19.54 -1.59 -20.42
CA PRO A 573 -19.10 -2.31 -19.22
C PRO A 573 -18.03 -3.33 -19.57
N ASP A 574 -18.24 -4.07 -20.66
CA ASP A 574 -17.37 -5.18 -21.01
C ASP A 574 -15.95 -4.67 -21.26
N LYS A 575 -15.84 -3.54 -21.96
CA LYS A 575 -14.52 -2.96 -22.22
C LYS A 575 -13.91 -2.64 -20.86
N MET A 576 -14.74 -2.07 -19.98
CA MET A 576 -14.28 -1.67 -18.66
C MET A 576 -14.01 -2.81 -17.67
N ILE A 577 -14.43 -4.04 -17.97
CA ILE A 577 -14.34 -5.11 -16.97
C ILE A 577 -12.92 -5.36 -16.46
N GLY A 578 -12.82 -5.55 -15.15
CA GLY A 578 -11.55 -5.81 -14.50
C GLY A 578 -10.78 -4.54 -14.19
N PHE A 579 -11.34 -3.41 -14.60
CA PHE A 579 -10.69 -2.12 -14.33
C PHE A 579 -10.80 -1.76 -12.87
N SER A 580 -9.79 -1.04 -12.38
CA SER A 580 -9.84 -0.44 -11.07
C SER A 580 -10.84 0.70 -11.18
N GLU A 581 -11.40 1.15 -10.05
CA GLU A 581 -12.35 2.25 -10.07
C GLU A 581 -11.70 3.49 -10.67
N THR A 582 -10.43 3.73 -10.34
CA THR A 582 -9.70 4.85 -10.91
C THR A 582 -9.60 4.69 -12.43
N ALA A 583 -9.32 3.46 -12.86
CA ALA A 583 -9.19 3.15 -14.28
C ALA A 583 -10.50 3.42 -15.02
N LYS A 584 -11.61 3.01 -14.39
CA LYS A 584 -12.91 3.21 -15.00
C LYS A 584 -13.14 4.69 -15.17
N CYS A 585 -12.79 5.44 -14.13
CA CYS A 585 -13.00 6.88 -14.13
C CYS A 585 -12.27 7.49 -15.32
N GLN A 586 -11.01 7.14 -15.47
CA GLN A 586 -10.22 7.72 -16.54
C GLN A 586 -10.78 7.35 -17.90
N ALA A 587 -11.23 6.11 -18.07
CA ALA A 587 -11.82 5.72 -19.36
C ALA A 587 -13.10 6.51 -19.69
N MET A 588 -13.93 6.69 -18.67
CA MET A 588 -15.18 7.43 -18.82
C MET A 588 -14.87 8.86 -19.21
N LYS A 589 -13.84 9.38 -18.55
CA LYS A 589 -13.39 10.75 -18.75
C LYS A 589 -12.99 10.88 -20.20
N LYS A 590 -12.22 9.90 -20.69
CA LYS A 590 -11.75 9.95 -22.07
C LYS A 590 -12.92 9.98 -23.05
N ILE A 591 -13.90 9.10 -22.84
CA ILE A 591 -15.03 9.04 -23.77
C ILE A 591 -15.75 10.40 -23.82
N PHE A 592 -16.07 10.93 -22.64
CA PHE A 592 -16.86 12.14 -22.59
C PHE A 592 -16.04 13.29 -23.18
N ASP A 593 -14.74 13.26 -22.90
CA ASP A 593 -13.81 14.27 -23.40
C ASP A 593 -13.79 14.27 -24.92
N ASP A 594 -13.89 13.08 -25.49
CA ASP A 594 -14.00 12.99 -26.94
C ASP A 594 -15.28 13.66 -27.38
N ALA A 595 -16.35 13.42 -26.63
CA ALA A 595 -17.61 14.07 -26.97
C ALA A 595 -17.55 15.60 -26.95
N TYR A 596 -16.84 16.17 -25.99
CA TYR A 596 -16.77 17.63 -25.92
C TYR A 596 -16.12 18.31 -27.15
N LYS A 597 -15.11 17.67 -27.73
CA LYS A 597 -14.42 18.18 -28.93
C LYS A 597 -15.27 18.25 -30.20
N SER A 598 -16.08 17.23 -30.42
CA SER A 598 -16.89 17.11 -31.64
C SER A 598 -17.89 18.24 -31.71
N GLN A 599 -18.20 18.70 -32.91
CA GLN A 599 -19.13 19.81 -33.06
C GLN A 599 -20.47 19.59 -32.48
N LEU A 600 -21.01 18.43 -32.75
CA LEU A 600 -22.19 18.04 -32.09
C LEU A 600 -21.95 16.63 -31.49
N SER A 601 -22.24 16.45 -30.21
CA SER A 601 -21.95 15.18 -29.55
C SER A 601 -23.06 14.42 -28.82
N CYS A 602 -23.14 13.11 -29.08
CA CYS A 602 -24.00 12.21 -28.30
C CYS A 602 -23.28 11.04 -27.64
N VAL A 603 -23.54 10.82 -26.36
CA VAL A 603 -22.92 9.71 -25.64
C VAL A 603 -23.96 8.84 -24.94
N VAL A 604 -23.73 7.53 -24.95
CA VAL A 604 -24.63 6.62 -24.26
C VAL A 604 -23.93 6.03 -23.05
N VAL A 605 -24.52 6.26 -21.89
CA VAL A 605 -24.09 5.65 -20.64
C VAL A 605 -24.82 4.31 -20.50
N ASP A 606 -24.38 3.37 -21.31
CA ASP A 606 -24.93 2.03 -21.37
C ASP A 606 -24.80 1.28 -20.04
N ASP A 607 -25.84 0.55 -19.66
CA ASP A 607 -25.79 -0.33 -18.48
C ASP A 607 -25.25 0.40 -17.24
N ILE A 608 -25.94 1.45 -16.81
CA ILE A 608 -25.46 2.31 -15.74
C ILE A 608 -25.24 1.55 -14.43
N GLU A 609 -26.12 0.61 -14.14
CA GLU A 609 -26.05 -0.11 -12.86
C GLU A 609 -24.74 -0.86 -12.68
N ARG A 610 -24.34 -1.59 -13.73
CA ARG A 610 -23.08 -2.33 -13.73
C ARG A 610 -21.91 -1.36 -13.68
N LEU A 611 -22.03 -0.28 -14.44
CA LEU A 611 -21.01 0.75 -14.53
C LEU A 611 -20.72 1.22 -13.11
N LEU A 612 -21.78 1.41 -12.34
CA LEU A 612 -21.72 1.76 -10.94
C LEU A 612 -21.07 0.63 -10.14
N ASP A 613 -21.38 -0.61 -10.53
CA ASP A 613 -20.92 -1.85 -9.89
C ASP A 613 -21.76 -2.07 -8.63
N TYR A 614 -22.89 -1.36 -8.52
CA TYR A 614 -23.75 -1.54 -7.36
C TYR A 614 -24.27 -2.98 -7.29
N VAL A 615 -24.18 -3.59 -6.11
CA VAL A 615 -24.78 -4.91 -5.85
C VAL A 615 -25.69 -4.83 -4.61
N PRO A 616 -26.91 -5.40 -4.69
CA PRO A 616 -27.85 -5.21 -3.58
C PRO A 616 -27.32 -5.80 -2.26
N ILE A 617 -26.66 -6.96 -2.32
CA ILE A 617 -26.26 -7.63 -1.08
C ILE A 617 -24.98 -7.01 -0.50
N GLY A 618 -25.18 -6.09 0.45
CA GLY A 618 -24.11 -5.28 1.01
C GLY A 618 -24.66 -4.05 1.72
N PRO A 619 -25.23 -3.12 0.93
CA PRO A 619 -25.06 -3.14 -0.53
C PRO A 619 -23.73 -2.52 -0.95
N ARG A 620 -23.17 -2.98 -2.07
CA ARG A 620 -21.85 -2.51 -2.47
C ARG A 620 -21.91 -1.76 -3.80
N PHE A 621 -21.38 -0.54 -3.83
CA PHE A 621 -21.25 0.19 -5.09
C PHE A 621 -19.95 0.99 -5.08
N SER A 622 -19.46 1.38 -6.25
CA SER A 622 -18.27 2.20 -6.27
C SER A 622 -18.74 3.63 -6.39
N ASN A 623 -18.41 4.41 -5.38
CA ASN A 623 -18.83 5.79 -5.30
C ASN A 623 -18.18 6.70 -6.34
N LEU A 624 -16.90 6.42 -6.58
CA LEU A 624 -16.02 7.30 -7.36
C LEU A 624 -16.62 7.48 -8.75
N VAL A 625 -16.99 6.35 -9.35
CA VAL A 625 -17.58 6.33 -10.68
C VAL A 625 -18.90 7.09 -10.69
N LEU A 626 -19.69 6.97 -9.63
CA LEU A 626 -21.00 7.61 -9.59
C LEU A 626 -20.91 9.12 -9.64
N GLN A 627 -20.01 9.63 -8.81
CA GLN A 627 -19.73 11.04 -8.79
C GLN A 627 -19.13 11.57 -10.08
N ALA A 628 -18.16 10.84 -10.64
CA ALA A 628 -17.52 11.30 -11.87
C ALA A 628 -18.67 11.45 -12.83
N LEU A 629 -19.56 10.46 -12.80
CA LEU A 629 -20.71 10.36 -13.68
C LEU A 629 -21.70 11.53 -13.56
N LEU A 630 -22.03 11.89 -12.32
CA LEU A 630 -22.95 12.99 -12.03
C LEU A 630 -22.32 14.28 -12.54
N VAL A 631 -21.04 14.44 -12.28
CA VAL A 631 -20.34 15.64 -12.72
C VAL A 631 -20.42 15.69 -14.24
N LEU A 632 -20.29 14.53 -14.88
CA LEU A 632 -20.33 14.42 -16.34
C LEU A 632 -21.69 14.88 -16.85
N LEU A 633 -22.74 14.40 -16.20
CA LEU A 633 -24.10 14.65 -16.65
C LEU A 633 -24.43 16.13 -16.53
N LYS A 634 -23.99 16.78 -15.47
CA LYS A 634 -24.29 18.20 -15.33
C LYS A 634 -23.22 19.16 -15.87
N LYS A 635 -22.17 18.63 -16.49
CA LYS A 635 -21.09 19.47 -17.02
C LYS A 635 -21.32 19.82 -18.50
N ALA A 636 -21.54 21.09 -18.81
CA ALA A 636 -21.83 21.50 -20.18
C ALA A 636 -20.61 21.34 -21.08
N PRO A 637 -20.83 20.93 -22.35
CA PRO A 637 -19.83 20.97 -23.42
C PRO A 637 -19.22 22.35 -23.66
N PRO A 638 -18.03 22.40 -24.30
CA PRO A 638 -17.35 23.68 -24.53
C PRO A 638 -18.22 24.59 -25.37
N GLN A 639 -18.31 25.86 -25.02
CA GLN A 639 -19.16 26.79 -25.77
C GLN A 639 -18.59 26.96 -27.18
N GLY A 640 -19.46 26.86 -28.19
CA GLY A 640 -20.82 26.40 -27.95
C GLY A 640 -21.03 25.08 -28.65
N ARG A 641 -21.27 24.06 -27.82
CA ARG A 641 -21.53 22.72 -28.30
C ARG A 641 -22.72 22.13 -27.56
N LYS A 642 -23.49 21.31 -28.27
CA LYS A 642 -24.61 20.62 -27.64
C LYS A 642 -24.53 19.10 -27.66
N LEU A 643 -24.76 18.49 -26.50
CA LEU A 643 -24.62 17.05 -26.34
C LEU A 643 -25.80 16.35 -25.70
N LEU A 644 -26.03 15.10 -26.07
CA LEU A 644 -27.14 14.38 -25.42
C LEU A 644 -26.61 13.12 -24.77
N ILE A 645 -26.99 12.89 -23.52
CA ILE A 645 -26.58 11.68 -22.82
C ILE A 645 -27.77 10.73 -22.74
N ILE A 646 -27.61 9.51 -23.25
CA ILE A 646 -28.66 8.49 -23.11
C ILE A 646 -28.14 7.38 -22.23
N GLY A 647 -28.82 7.08 -21.13
CA GLY A 647 -28.32 6.06 -20.22
C GLY A 647 -29.30 4.93 -19.95
N THR A 648 -28.82 3.69 -19.97
CA THR A 648 -29.73 2.57 -19.74
C THR A 648 -29.54 1.89 -18.36
N THR A 649 -30.56 1.94 -17.52
CA THR A 649 -30.56 1.27 -16.21
C THR A 649 -31.75 0.32 -16.03
N SER A 650 -31.51 -0.89 -15.56
CA SER A 650 -32.62 -1.82 -15.35
C SER A 650 -33.16 -1.80 -13.94
N ARG A 651 -32.60 -0.93 -13.10
CA ARG A 651 -33.06 -0.81 -11.72
C ARG A 651 -33.32 0.64 -11.29
N LYS A 652 -34.45 1.21 -11.73
CA LYS A 652 -34.71 2.64 -11.60
C LYS A 652 -34.81 3.16 -10.17
N ASP A 653 -35.47 2.40 -9.30
CA ASP A 653 -35.68 2.83 -7.92
C ASP A 653 -34.35 3.01 -7.20
N VAL A 654 -33.46 2.04 -7.35
CA VAL A 654 -32.22 2.04 -6.58
C VAL A 654 -31.45 3.31 -6.91
N LEU A 655 -31.48 3.65 -8.19
CA LEU A 655 -30.85 4.88 -8.65
C LEU A 655 -31.56 6.10 -8.08
N GLN A 656 -32.88 6.03 -7.95
CA GLN A 656 -33.61 7.16 -7.37
C GLN A 656 -33.16 7.41 -5.93
N GLU A 657 -32.89 6.34 -5.18
CA GLU A 657 -32.46 6.50 -3.79
C GLU A 657 -31.12 7.24 -3.75
N MET A 658 -30.27 6.94 -4.74
CA MET A 658 -28.96 7.58 -4.88
C MET A 658 -29.09 9.08 -5.08
N GLU A 659 -30.24 9.49 -5.60
CA GLU A 659 -30.59 10.87 -5.98
C GLU A 659 -29.93 11.06 -7.34
N MET A 660 -29.52 9.94 -7.91
CA MET A 660 -29.12 9.87 -9.29
C MET A 660 -30.23 10.25 -10.24
N LEU A 661 -31.44 9.78 -9.94
CA LEU A 661 -32.58 9.93 -10.84
C LEU A 661 -32.88 11.40 -11.09
N ASN A 662 -32.67 12.19 -10.04
CA ASN A 662 -32.90 13.64 -10.10
C ASN A 662 -32.03 14.27 -11.17
N ALA A 663 -30.81 13.76 -11.32
CA ALA A 663 -29.82 14.37 -12.20
C ALA A 663 -30.24 14.28 -13.66
N PHE A 664 -30.83 13.16 -14.06
CA PHE A 664 -31.26 12.99 -15.44
C PHE A 664 -32.37 13.95 -15.78
N SER A 665 -32.27 14.57 -16.94
CA SER A 665 -33.26 15.54 -17.37
C SER A 665 -34.61 14.86 -17.59
N THR A 666 -34.61 13.67 -18.16
CA THR A 666 -35.87 13.01 -18.49
C THR A 666 -35.84 11.50 -18.21
N THR A 667 -37.04 10.94 -18.04
CA THR A 667 -37.20 9.51 -17.87
C THR A 667 -38.05 8.90 -18.98
N ILE A 668 -37.50 7.85 -19.58
CA ILE A 668 -38.16 7.09 -20.63
C ILE A 668 -38.35 5.65 -20.18
N HIS A 669 -39.57 5.15 -20.36
CA HIS A 669 -39.92 3.83 -19.88
C HIS A 669 -40.03 2.77 -20.97
N VAL A 670 -39.36 1.63 -20.75
CA VAL A 670 -39.56 0.43 -21.54
C VAL A 670 -40.59 -0.41 -20.80
N PRO A 671 -41.69 -0.76 -21.46
CA PRO A 671 -42.82 -1.44 -20.82
C PRO A 671 -42.95 -2.93 -21.11
N ASN A 672 -43.07 -3.69 -20.02
CA ASN A 672 -43.34 -5.11 -20.09
C ASN A 672 -44.72 -5.36 -20.62
N ILE A 673 -44.89 -6.45 -21.36
CA ILE A 673 -46.17 -6.77 -21.94
C ILE A 673 -47.15 -7.06 -20.81
N ALA A 674 -48.41 -6.65 -20.95
CA ALA A 674 -49.40 -6.92 -19.91
C ALA A 674 -50.57 -7.78 -20.36
N THR A 675 -51.06 -7.57 -21.58
CA THR A 675 -52.16 -8.35 -22.12
C THR A 675 -51.56 -9.28 -23.16
N GLY A 676 -52.23 -10.38 -23.47
CA GLY A 676 -51.72 -11.32 -24.44
C GLY A 676 -51.64 -10.72 -25.84
N GLU A 677 -52.51 -9.77 -26.15
CA GLU A 677 -52.53 -9.14 -27.48
C GLU A 677 -51.18 -8.50 -27.87
N GLN A 678 -50.58 -7.75 -26.94
CA GLN A 678 -49.25 -7.19 -27.18
C GLN A 678 -48.33 -8.36 -27.44
N LEU A 679 -48.48 -9.44 -26.66
CA LEU A 679 -47.55 -10.56 -26.78
C LEU A 679 -47.62 -11.13 -28.19
N LEU A 680 -48.80 -11.34 -28.73
CA LEU A 680 -48.93 -11.93 -30.07
C LEU A 680 -48.36 -11.05 -31.14
N GLU A 681 -48.65 -9.77 -31.02
CA GLU A 681 -48.14 -8.83 -31.98
C GLU A 681 -46.63 -8.96 -31.89
N ALA A 682 -46.14 -9.06 -30.66
CA ALA A 682 -44.72 -9.18 -30.46
C ALA A 682 -44.11 -10.38 -31.14
N LEU A 683 -44.77 -11.53 -31.05
CA LEU A 683 -44.27 -12.71 -31.71
C LEU A 683 -44.28 -12.52 -33.23
N GLU A 684 -45.35 -11.93 -33.78
CA GLU A 684 -45.42 -11.80 -35.24
C GLU A 684 -44.34 -10.92 -35.84
N LEU A 685 -44.01 -9.78 -35.23
CA LEU A 685 -42.97 -8.99 -35.89
C LEU A 685 -41.58 -9.65 -36.02
N LEU A 686 -41.10 -10.37 -35.02
CA LEU A 686 -39.82 -11.08 -35.21
C LEU A 686 -39.94 -12.16 -36.27
N GLY A 687 -41.08 -12.86 -36.27
CA GLY A 687 -41.30 -13.91 -37.24
C GLY A 687 -40.64 -15.20 -36.80
N ASN A 688 -40.03 -15.21 -35.62
CA ASN A 688 -39.33 -16.39 -35.13
C ASN A 688 -40.35 -17.50 -34.89
N PHE A 689 -41.56 -17.13 -34.46
CA PHE A 689 -42.55 -18.15 -34.22
C PHE A 689 -43.54 -18.24 -35.35
N LYS A 690 -43.77 -19.48 -35.78
CA LYS A 690 -44.61 -19.74 -36.93
C LYS A 690 -46.03 -19.29 -36.67
N ASP A 691 -46.68 -18.86 -37.74
CA ASP A 691 -48.04 -18.33 -37.64
C ASP A 691 -49.01 -19.38 -37.12
N LYS A 692 -48.85 -20.65 -37.49
CA LYS A 692 -49.74 -21.68 -36.96
C LYS A 692 -49.56 -21.77 -35.44
N GLU A 693 -48.30 -21.70 -35.02
CA GLU A 693 -48.01 -21.55 -33.60
C GLU A 693 -48.56 -20.25 -33.07
N ARG A 694 -48.46 -19.15 -33.81
CA ARG A 694 -48.96 -17.83 -33.37
C ARG A 694 -50.48 -17.82 -33.16
N THR A 695 -51.16 -18.55 -34.04
CA THR A 695 -52.59 -18.82 -34.04
C THR A 695 -52.90 -19.51 -32.71
N THR A 696 -52.05 -20.48 -32.34
CA THR A 696 -52.29 -21.30 -31.16
C THR A 696 -51.88 -20.53 -29.89
N ILE A 697 -50.81 -19.75 -29.95
CA ILE A 697 -50.12 -19.10 -28.83
C ILE A 697 -51.08 -18.00 -28.46
N ALA A 698 -51.62 -17.32 -29.45
CA ALA A 698 -52.57 -16.27 -29.17
C ALA A 698 -53.68 -16.87 -28.35
N GLN A 699 -54.12 -18.06 -28.70
CA GLN A 699 -55.13 -18.70 -27.88
C GLN A 699 -54.64 -19.08 -26.45
N GLN A 700 -53.44 -19.67 -26.27
CA GLN A 700 -53.10 -20.07 -24.88
C GLN A 700 -52.83 -18.89 -23.95
N VAL A 701 -52.20 -17.84 -24.46
CA VAL A 701 -51.75 -16.75 -23.59
C VAL A 701 -52.88 -16.03 -22.82
N LYS A 702 -54.04 -15.87 -23.45
CA LYS A 702 -55.10 -15.11 -22.77
C LYS A 702 -55.87 -16.03 -21.82
N GLY A 703 -55.15 -16.59 -20.85
CA GLY A 703 -55.78 -17.26 -19.73
C GLY A 703 -55.54 -16.49 -18.44
N LYS A 704 -54.53 -15.63 -18.46
CA LYS A 704 -54.18 -14.82 -17.30
C LYS A 704 -53.44 -13.56 -17.75
N LYS A 705 -53.38 -12.56 -16.87
CA LYS A 705 -52.63 -11.34 -17.17
C LYS A 705 -51.15 -11.70 -17.26
N VAL A 706 -50.41 -11.06 -18.16
CA VAL A 706 -48.99 -11.41 -18.36
C VAL A 706 -48.06 -10.25 -17.99
N TRP A 707 -46.94 -10.54 -17.31
CA TRP A 707 -46.00 -9.47 -16.96
C TRP A 707 -44.61 -9.87 -17.44
N ILE A 708 -44.42 -9.84 -18.75
CA ILE A 708 -43.14 -10.26 -19.33
C ILE A 708 -42.38 -9.17 -20.14
N GLY A 709 -41.09 -9.00 -19.88
CA GLY A 709 -40.24 -8.09 -20.67
C GLY A 709 -39.93 -8.48 -22.10
N ILE A 710 -39.87 -7.47 -22.97
CA ILE A 710 -39.56 -7.75 -24.38
C ILE A 710 -38.15 -8.32 -24.67
N LYS A 711 -37.05 -7.87 -24.06
CA LYS A 711 -35.73 -8.54 -24.30
C LYS A 711 -35.98 -9.95 -23.82
N LYS A 712 -36.68 -10.07 -22.69
CA LYS A 712 -37.08 -11.38 -22.13
C LYS A 712 -37.94 -12.07 -23.15
N LEU A 713 -38.78 -11.34 -23.85
CA LEU A 713 -39.59 -11.97 -24.85
C LEU A 713 -38.65 -12.57 -25.86
N LEU A 714 -37.62 -11.80 -26.24
CA LEU A 714 -36.63 -12.21 -27.22
C LEU A 714 -35.86 -13.44 -26.77
N MET A 715 -35.46 -13.45 -25.50
CA MET A 715 -34.72 -14.54 -24.89
C MET A 715 -35.58 -15.78 -24.99
N LEU A 716 -36.85 -15.58 -24.69
CA LEU A 716 -37.84 -16.64 -24.66
C LEU A 716 -37.97 -17.24 -26.04
N ILE A 717 -37.99 -16.34 -27.00
CA ILE A 717 -38.10 -16.66 -28.40
C ILE A 717 -36.91 -17.46 -28.91
N GLU A 718 -35.72 -17.02 -28.53
CA GLU A 718 -34.50 -17.70 -28.93
C GLU A 718 -34.46 -19.09 -28.36
N MET A 719 -34.84 -19.21 -27.09
CA MET A 719 -34.87 -20.50 -26.41
C MET A 719 -35.80 -21.45 -27.13
N SER A 720 -36.96 -20.93 -27.50
CA SER A 720 -37.97 -21.72 -28.18
C SER A 720 -37.50 -22.21 -29.54
N LEU A 721 -36.74 -21.38 -30.25
CA LEU A 721 -36.37 -21.67 -31.64
C LEU A 721 -35.54 -22.96 -31.80
N GLN A 722 -34.67 -23.26 -30.84
CA GLN A 722 -33.71 -24.38 -30.96
C GLN A 722 -34.29 -25.75 -31.33
N MET A 723 -35.46 -26.05 -30.76
CA MET A 723 -36.23 -27.27 -30.99
C MET A 723 -36.90 -27.41 -32.35
N ASP A 724 -37.31 -28.64 -32.66
CA ASP A 724 -38.00 -28.95 -33.90
C ASP A 724 -39.38 -28.29 -33.81
N PRO A 725 -40.10 -28.16 -34.94
CA PRO A 725 -41.31 -27.31 -34.96
C PRO A 725 -42.41 -27.67 -33.98
N GLU A 726 -42.69 -28.95 -33.81
CA GLU A 726 -43.71 -29.42 -32.87
C GLU A 726 -43.34 -29.09 -31.44
N TYR A 727 -42.06 -29.29 -31.13
CA TYR A 727 -41.48 -29.04 -29.81
C TYR A 727 -41.35 -27.55 -29.43
N ARG A 728 -41.00 -26.70 -30.39
CA ARG A 728 -40.65 -25.30 -30.11
C ARG A 728 -41.78 -24.62 -29.37
N VAL A 729 -42.99 -24.89 -29.83
CA VAL A 729 -44.17 -24.29 -29.25
C VAL A 729 -44.30 -24.70 -27.80
N ARG A 730 -44.09 -25.98 -27.53
CA ARG A 730 -44.24 -26.45 -26.16
C ARG A 730 -43.24 -25.77 -25.23
N LYS A 731 -41.98 -25.69 -25.65
CA LYS A 731 -41.01 -25.04 -24.76
C LYS A 731 -41.41 -23.60 -24.52
N PHE A 732 -41.82 -22.92 -25.58
CA PHE A 732 -42.16 -21.52 -25.44
C PHE A 732 -43.29 -21.37 -24.44
N LEU A 733 -44.33 -22.20 -24.55
CA LEU A 733 -45.46 -22.07 -23.65
C LEU A 733 -45.05 -22.38 -22.20
N ALA A 734 -44.24 -23.42 -21.99
CA ALA A 734 -43.82 -23.75 -20.62
C ALA A 734 -43.01 -22.60 -20.01
N LEU A 735 -42.11 -22.06 -20.80
CA LEU A 735 -41.27 -20.94 -20.38
C LEU A 735 -42.13 -19.72 -20.06
N LEU A 736 -43.15 -19.50 -20.89
CA LEU A 736 -44.08 -18.38 -20.76
C LEU A 736 -44.77 -18.51 -19.43
N ARG A 737 -45.16 -19.73 -19.08
CA ARG A 737 -45.77 -19.98 -17.78
C ARG A 737 -44.76 -19.70 -16.67
N GLU A 738 -43.52 -20.13 -16.87
CA GLU A 738 -42.48 -19.90 -15.87
C GLU A 738 -42.16 -18.42 -15.68
N GLU A 739 -42.12 -17.67 -16.79
CA GLU A 739 -41.76 -16.26 -16.75
C GLU A 739 -42.98 -15.35 -16.65
N GLY A 740 -43.90 -15.69 -15.75
CA GLY A 740 -45.11 -14.90 -15.56
C GLY A 740 -45.28 -14.42 -14.14
N LYS B 220 18.76 54.63 -8.45
CA LYS B 220 17.57 54.39 -7.64
C LYS B 220 16.41 53.91 -8.51
N MET B 221 16.73 53.47 -9.72
CA MET B 221 15.71 52.98 -10.63
C MET B 221 16.19 51.74 -11.42
N GLY B 222 15.24 50.92 -11.89
CA GLY B 222 13.84 51.15 -11.63
C GLY B 222 13.15 49.91 -11.07
N ILE B 223 12.42 50.10 -9.98
CA ILE B 223 11.67 49.04 -9.32
C ILE B 223 10.58 49.70 -8.53
N GLY B 224 9.35 49.48 -8.92
CA GLY B 224 8.24 50.16 -8.29
C GLY B 224 7.83 49.54 -6.98
N GLY B 225 7.80 50.36 -5.94
CA GLY B 225 7.52 49.85 -4.63
C GLY B 225 8.71 49.09 -4.15
N LEU B 226 8.51 48.28 -3.12
CA LEU B 226 9.57 47.45 -2.58
C LEU B 226 10.74 48.38 -2.41
N ASP B 227 10.57 49.37 -1.54
CA ASP B 227 11.66 50.26 -1.23
C ASP B 227 12.16 50.11 0.19
N LYS B 228 11.26 49.95 1.17
CA LYS B 228 11.72 49.72 2.53
C LYS B 228 12.37 48.34 2.69
N GLU B 229 11.65 47.31 2.24
CA GLU B 229 12.12 45.94 2.38
C GLU B 229 13.39 45.80 1.53
N PHE B 230 13.29 46.27 0.29
CA PHE B 230 14.39 46.14 -0.66
C PHE B 230 15.56 46.88 -0.01
N SER B 231 15.30 48.07 0.54
CA SER B 231 16.39 48.91 1.04
C SER B 231 17.11 48.16 2.13
N ASP B 232 16.35 47.60 3.08
CA ASP B 232 17.00 46.93 4.21
C ASP B 232 17.82 45.76 3.67
N ILE B 233 17.22 44.94 2.81
CA ILE B 233 17.91 43.73 2.33
C ILE B 233 19.19 44.12 1.57
N PHE B 234 19.04 45.17 0.76
CA PHE B 234 20.04 45.67 -0.16
C PHE B 234 21.17 46.04 0.76
N ARG B 235 20.81 46.80 1.80
CA ARG B 235 21.78 47.31 2.72
C ARG B 235 22.51 46.14 3.37
N ARG B 236 21.77 45.16 3.87
CA ARG B 236 22.43 44.12 4.64
C ARG B 236 23.45 43.31 3.81
N ALA B 237 23.08 42.93 2.59
CA ALA B 237 24.04 42.22 1.74
C ALA B 237 25.19 43.09 1.19
N PHE B 238 24.83 44.22 0.60
CA PHE B 238 25.77 45.19 -0.01
C PHE B 238 26.58 46.09 0.90
N ALA B 239 25.97 46.67 1.93
CA ALA B 239 26.64 47.52 2.92
C ALA B 239 27.76 46.77 3.64
N SER B 240 27.51 45.54 4.09
CA SER B 240 28.54 44.80 4.78
C SER B 240 29.75 44.63 3.86
N ARG B 241 29.50 44.32 2.59
CA ARG B 241 30.56 44.31 1.58
C ARG B 241 31.19 45.69 1.31
N VAL B 242 30.37 46.74 1.38
CA VAL B 242 30.67 48.08 0.82
C VAL B 242 31.70 48.81 1.66
N PHE B 243 31.60 48.64 2.97
CA PHE B 243 32.43 49.42 3.87
C PHE B 243 33.88 49.13 3.56
N PRO B 244 34.66 50.20 3.38
CA PRO B 244 36.06 50.08 2.97
C PRO B 244 37.20 50.56 3.89
N PRO B 245 38.20 49.70 4.06
CA PRO B 245 37.98 48.25 3.99
C PRO B 245 38.11 47.55 5.36
N GLU B 246 38.66 48.27 6.34
CA GLU B 246 38.97 47.74 7.66
C GLU B 246 37.73 47.48 8.45
N ILE B 247 36.65 48.15 8.07
CA ILE B 247 35.47 48.13 8.91
C ILE B 247 34.98 46.70 9.06
N VAL B 248 34.99 45.92 8.00
CA VAL B 248 34.48 44.55 8.09
C VAL B 248 35.29 43.77 9.13
N GLU B 249 36.62 43.88 9.13
CA GLU B 249 37.44 43.17 10.12
C GLU B 249 37.03 43.69 11.50
N GLN B 250 36.81 45.00 11.59
CA GLN B 250 36.37 45.65 12.84
C GLN B 250 35.04 45.04 13.30
N MET B 251 34.18 44.83 12.32
CA MET B 251 32.95 44.05 12.35
C MET B 251 33.27 42.58 12.64
N GLY B 252 34.33 42.10 12.00
CA GLY B 252 34.79 40.72 12.13
C GLY B 252 33.79 39.66 11.71
N CYS B 253 33.03 39.94 10.66
CA CYS B 253 32.03 39.01 10.18
C CYS B 253 32.29 38.58 8.75
N LYS B 254 32.24 37.27 8.53
CA LYS B 254 32.40 36.71 7.18
C LYS B 254 31.24 37.18 6.32
N HIS B 255 31.51 37.45 5.05
CA HIS B 255 30.48 37.96 4.14
C HIS B 255 29.36 36.93 3.91
N VAL B 256 28.13 37.43 3.77
CA VAL B 256 26.97 36.57 3.53
C VAL B 256 27.09 35.83 2.20
N LYS B 257 26.65 34.57 2.17
CA LYS B 257 26.79 33.75 0.97
C LYS B 257 25.75 34.02 -0.13
N GLY B 258 24.48 34.17 0.24
CA GLY B 258 23.43 34.32 -0.76
C GLY B 258 22.17 34.98 -0.24
N ILE B 259 21.34 35.49 -1.14
CA ILE B 259 20.03 36.04 -0.77
C ILE B 259 18.97 35.35 -1.65
N LEU B 260 17.85 34.90 -1.06
CA LEU B 260 16.78 34.24 -1.85
C LEU B 260 15.42 34.89 -1.75
N LEU B 261 14.75 35.08 -2.88
CA LEU B 261 13.42 35.70 -2.90
C LEU B 261 12.31 34.80 -3.45
N TYR B 262 11.23 34.73 -2.68
CA TYR B 262 10.04 33.97 -3.07
C TYR B 262 8.84 34.90 -3.15
N GLY B 263 8.11 34.83 -4.25
CA GLY B 263 7.01 35.75 -4.51
C GLY B 263 5.83 35.08 -5.17
N PRO B 264 4.65 35.72 -5.10
CA PRO B 264 3.51 35.19 -5.84
C PRO B 264 3.75 35.33 -7.33
N PRO B 265 3.13 34.48 -8.16
CA PRO B 265 3.50 34.61 -9.57
C PRO B 265 3.03 35.94 -10.09
N GLY B 266 3.77 36.54 -11.00
CA GLY B 266 3.33 37.81 -11.51
C GLY B 266 3.80 38.92 -10.59
N CYS B 267 4.59 38.59 -9.57
CA CYS B 267 5.10 39.63 -8.66
C CYS B 267 6.34 40.40 -9.19
N GLY B 268 6.75 40.12 -10.43
CA GLY B 268 7.91 40.77 -11.05
C GLY B 268 9.27 40.61 -10.38
N LYS B 269 9.53 39.40 -9.89
CA LYS B 269 10.77 39.06 -9.20
C LYS B 269 12.07 39.20 -10.02
N THR B 270 12.00 38.75 -11.28
CA THR B 270 13.19 38.61 -12.09
C THR B 270 13.87 39.94 -12.32
N LEU B 271 13.07 40.96 -12.64
CA LEU B 271 13.59 42.27 -12.96
C LEU B 271 14.34 42.82 -11.75
N LEU B 272 13.76 42.61 -10.57
CA LEU B 272 14.38 43.10 -9.36
C LEU B 272 15.73 42.43 -9.23
N ALA B 273 15.78 41.13 -9.46
CA ALA B 273 17.06 40.44 -9.35
C ALA B 273 18.15 40.88 -10.34
N ARG B 274 17.77 41.07 -11.60
CA ARG B 274 18.76 41.50 -12.59
C ARG B 274 19.29 42.85 -12.12
N GLN B 275 18.36 43.71 -11.70
CA GLN B 275 18.71 45.07 -11.29
C GLN B 275 19.64 45.05 -10.09
N ILE B 276 19.35 44.19 -9.12
CA ILE B 276 20.12 44.13 -7.89
C ILE B 276 21.54 43.72 -8.26
N GLY B 277 21.65 42.71 -9.14
CA GLY B 277 22.96 42.23 -9.56
C GLY B 277 23.73 43.35 -10.25
N LYS B 278 23.06 44.08 -11.13
CA LYS B 278 23.71 45.16 -11.87
C LYS B 278 24.23 46.21 -10.90
N MET B 279 23.38 46.58 -9.94
CA MET B 279 23.67 47.61 -8.96
C MET B 279 24.88 47.23 -8.12
N LEU B 280 24.95 45.94 -7.77
CA LEU B 280 26.00 45.41 -6.91
C LEU B 280 27.44 45.53 -7.44
N ASN B 281 27.62 45.25 -8.72
CA ASN B 281 28.95 45.27 -9.31
C ASN B 281 28.98 46.08 -10.59
N ALA B 282 30.14 46.65 -10.91
CA ALA B 282 30.28 47.32 -12.21
C ALA B 282 29.95 46.29 -13.29
N ARG B 283 30.61 45.14 -13.22
CA ARG B 283 30.18 43.97 -13.96
C ARG B 283 30.45 42.70 -13.16
N GLU B 284 29.44 41.90 -12.90
CA GLU B 284 29.68 40.61 -12.26
C GLU B 284 30.54 39.71 -13.19
N PRO B 285 30.16 39.58 -14.48
CA PRO B 285 28.93 40.05 -15.12
C PRO B 285 27.88 38.95 -15.29
N LYS B 286 26.76 39.14 -14.59
CA LYS B 286 25.57 38.27 -14.54
C LYS B 286 25.65 36.84 -15.09
N VAL B 287 25.19 35.87 -14.31
CA VAL B 287 25.13 34.49 -14.79
C VAL B 287 23.70 34.02 -14.75
N VAL B 288 23.25 33.42 -15.84
CA VAL B 288 21.87 33.00 -15.97
C VAL B 288 21.80 31.48 -16.02
N ASN B 289 20.87 30.91 -15.26
CA ASN B 289 20.71 29.48 -15.24
C ASN B 289 19.41 29.03 -15.88
N GLY B 290 19.53 28.07 -16.79
CA GLY B 290 18.40 27.53 -17.51
C GLY B 290 17.48 26.76 -16.58
N PRO B 291 16.21 26.64 -16.97
CA PRO B 291 15.17 26.02 -16.13
C PRO B 291 15.54 24.57 -15.90
N GLU B 292 16.00 23.90 -16.95
CA GLU B 292 16.40 22.52 -16.86
C GLU B 292 17.56 22.37 -15.90
N ILE B 293 18.57 23.25 -16.03
CA ILE B 293 19.69 23.26 -15.08
C ILE B 293 20.51 22.00 -15.30
N LEU B 294 19.80 20.87 -15.20
CA LEU B 294 20.34 19.54 -15.15
C LEU B 294 20.31 18.83 -16.50
N ASN B 295 20.13 19.59 -17.59
CA ASN B 295 20.02 18.95 -18.91
C ASN B 295 21.33 18.20 -19.23
N LYS B 296 21.19 17.03 -19.87
CA LYS B 296 22.25 16.01 -20.15
C LYS B 296 22.32 14.94 -19.07
N TYR B 297 21.66 13.80 -19.31
CA TYR B 297 21.58 12.73 -18.31
C TYR B 297 22.84 11.92 -17.98
N VAL B 298 23.68 11.63 -18.97
CA VAL B 298 24.69 10.55 -18.83
C VAL B 298 25.66 10.63 -17.65
N GLY B 299 26.21 11.81 -17.39
CA GLY B 299 27.16 11.99 -16.31
C GLY B 299 26.64 12.90 -15.22
N GLU B 300 26.73 14.24 -15.34
CA GLU B 300 27.12 15.09 -16.49
C GLU B 300 26.58 16.50 -16.26
N SER B 301 25.26 16.59 -16.24
CA SER B 301 24.55 17.82 -15.95
C SER B 301 24.86 18.33 -14.58
N GLU B 302 24.93 17.37 -13.68
CA GLU B 302 25.20 17.63 -12.28
C GLU B 302 26.52 18.34 -12.25
N ALA B 303 27.40 17.84 -13.12
CA ALA B 303 28.71 18.41 -13.21
C ALA B 303 28.56 19.85 -13.68
N ASN B 304 27.61 20.14 -14.57
CA ASN B 304 27.41 21.51 -15.09
C ASN B 304 27.01 22.50 -14.01
N ILE B 305 26.08 22.06 -13.15
CA ILE B 305 25.66 22.84 -11.99
C ILE B 305 26.87 23.08 -11.10
N ARG B 306 27.72 22.09 -10.94
CA ARG B 306 28.99 22.31 -10.24
C ARG B 306 29.96 23.28 -11.00
N LYS B 307 29.95 23.19 -12.33
CA LYS B 307 30.94 23.82 -13.20
C LYS B 307 30.76 25.33 -13.29
N LEU B 308 29.54 25.84 -13.42
CA LEU B 308 29.43 27.30 -13.49
C LEU B 308 30.00 27.88 -12.18
N PHE B 309 29.75 27.20 -11.05
CA PHE B 309 30.35 27.62 -9.79
C PHE B 309 31.87 27.60 -9.93
N ALA B 310 32.35 26.57 -10.64
CA ALA B 310 33.78 26.31 -10.73
C ALA B 310 34.59 27.50 -11.28
N ASP B 311 34.08 28.21 -12.27
CA ASP B 311 34.84 29.34 -12.81
C ASP B 311 35.05 30.41 -11.75
N ALA B 312 33.98 30.73 -11.03
CA ALA B 312 34.06 31.73 -9.98
C ALA B 312 35.02 31.31 -8.88
N GLU B 313 34.95 30.05 -8.46
CA GLU B 313 35.87 29.61 -7.41
C GLU B 313 37.31 29.71 -7.91
N GLU B 314 37.53 29.37 -9.19
CA GLU B 314 38.88 29.42 -9.78
C GLU B 314 39.42 30.85 -9.77
N GLU B 315 38.58 31.81 -10.16
CA GLU B 315 39.04 33.20 -10.17
C GLU B 315 39.40 33.58 -8.75
N GLN B 316 38.52 33.21 -7.81
CA GLN B 316 38.76 33.55 -6.42
C GLN B 316 40.06 32.93 -5.90
N ARG B 317 40.37 31.67 -6.22
CA ARG B 317 41.63 31.09 -5.73
C ARG B 317 42.81 31.83 -6.33
N ARG B 318 42.71 32.19 -7.61
CA ARG B 318 43.80 32.87 -8.30
C ARG B 318 44.08 34.22 -7.62
N LEU B 319 43.03 34.94 -7.24
CA LEU B 319 43.19 36.25 -6.60
C LEU B 319 42.71 36.35 -5.13
N GLY B 320 42.50 35.22 -4.46
CA GLY B 320 41.78 35.24 -3.19
C GLY B 320 42.37 36.01 -2.03
N ALA B 321 41.52 36.91 -1.55
CA ALA B 321 41.74 37.81 -0.42
C ALA B 321 40.76 38.95 -0.66
N ASN B 322 41.09 39.69 -1.72
CA ASN B 322 40.26 40.75 -2.31
C ASN B 322 40.70 40.94 -3.76
N SER B 323 39.85 41.52 -4.61
CA SER B 323 38.46 41.87 -4.31
C SER B 323 37.53 41.46 -5.45
N GLY B 324 37.29 40.16 -5.60
CA GLY B 324 36.49 39.69 -6.72
C GLY B 324 35.16 39.10 -6.31
N LEU B 325 34.10 39.60 -6.93
CA LEU B 325 32.74 39.12 -6.67
C LEU B 325 32.07 38.59 -7.93
N HIS B 326 31.50 37.40 -7.85
CA HIS B 326 30.75 36.82 -8.97
C HIS B 326 29.31 36.58 -8.55
N ILE B 327 28.37 37.00 -9.38
CA ILE B 327 26.94 36.83 -9.06
C ILE B 327 26.35 35.77 -9.99
N ILE B 328 25.73 34.77 -9.39
CA ILE B 328 25.09 33.66 -10.07
C ILE B 328 23.64 33.59 -9.63
N ILE B 329 22.72 33.46 -10.58
CA ILE B 329 21.32 33.42 -10.19
C ILE B 329 20.61 32.17 -10.72
N PHE B 330 19.85 31.47 -9.87
CA PHE B 330 19.10 30.33 -10.37
C PHE B 330 17.60 30.63 -10.40
N ASP B 331 17.02 30.61 -11.59
CA ASP B 331 15.59 30.86 -11.76
C ASP B 331 14.82 29.54 -11.59
N GLU B 332 13.65 29.58 -10.95
CA GLU B 332 12.87 28.36 -10.71
C GLU B 332 13.62 27.26 -9.95
N ILE B 333 14.36 27.64 -8.92
CA ILE B 333 15.19 26.70 -8.16
C ILE B 333 14.35 25.61 -7.51
N HIS B 350 16.14 14.66 -7.36
CA HIS B 350 17.02 15.35 -6.42
C HIS B 350 18.42 14.73 -6.45
N ASP B 351 18.69 13.85 -5.49
CA ASP B 351 19.94 13.11 -5.44
C ASP B 351 21.18 14.01 -5.37
N THR B 352 22.10 13.80 -6.31
CA THR B 352 23.40 14.46 -6.32
C THR B 352 23.35 15.98 -6.44
N VAL B 353 22.44 16.53 -7.24
CA VAL B 353 22.42 17.98 -7.46
C VAL B 353 22.18 18.80 -6.18
N VAL B 354 21.28 18.33 -5.32
CA VAL B 354 21.04 18.93 -4.01
C VAL B 354 22.36 19.16 -3.27
N ASN B 355 23.04 18.04 -3.05
CA ASN B 355 24.32 18.00 -2.34
C ASN B 355 25.32 18.85 -3.06
N GLN B 356 25.29 18.83 -4.39
CA GLN B 356 26.35 19.43 -5.18
C GLN B 356 26.28 20.92 -5.00
N LEU B 357 25.07 21.45 -5.09
CA LEU B 357 24.90 22.87 -4.87
C LEU B 357 25.30 23.17 -3.43
N LEU B 358 24.84 22.35 -2.48
CA LEU B 358 25.15 22.64 -1.08
C LEU B 358 26.64 22.65 -0.75
N SER B 359 27.40 21.71 -1.31
CA SER B 359 28.83 21.62 -1.06
C SER B 359 29.58 22.83 -1.60
N LYS B 360 29.27 23.23 -2.83
CA LYS B 360 29.93 24.39 -3.43
C LYS B 360 29.59 25.70 -2.74
N ILE B 361 28.32 25.89 -2.42
CA ILE B 361 27.90 27.13 -1.75
C ILE B 361 28.54 27.25 -0.36
N ASP B 362 28.62 26.16 0.40
CA ASP B 362 29.29 26.21 1.69
C ASP B 362 30.29 25.06 1.85
N GLY B 363 31.51 25.40 2.23
CA GLY B 363 32.53 24.41 2.55
C GLY B 363 33.11 23.77 1.30
N VAL B 364 34.03 22.82 1.46
CA VAL B 364 34.67 22.48 2.73
C VAL B 364 35.50 23.65 3.24
N GLU B 365 36.22 24.29 2.32
CA GLU B 365 37.06 25.44 2.65
C GLU B 365 36.66 26.64 1.78
N GLN B 366 36.49 27.79 2.43
CA GLN B 366 36.19 29.05 1.75
C GLN B 366 34.91 28.96 0.92
N LEU B 367 35.02 29.31 -0.36
CA LEU B 367 33.91 29.39 -1.33
C LEU B 367 33.18 30.73 -1.20
N ASN B 368 33.70 31.60 -0.35
CA ASN B 368 33.17 32.96 -0.19
C ASN B 368 33.70 33.88 -1.29
N ASN B 369 33.24 35.12 -1.29
CA ASN B 369 33.55 36.14 -2.30
C ASN B 369 32.64 36.01 -3.51
N ILE B 370 31.61 35.18 -3.39
CA ILE B 370 30.53 35.16 -4.38
C ILE B 370 29.15 35.10 -3.71
N LEU B 371 28.15 35.58 -4.44
CA LEU B 371 26.77 35.56 -3.95
C LEU B 371 25.83 35.03 -5.02
N VAL B 372 24.80 34.33 -4.55
CA VAL B 372 23.81 33.72 -5.43
C VAL B 372 22.37 34.00 -5.01
N ILE B 373 21.55 34.43 -5.97
CA ILE B 373 20.18 34.72 -5.62
C ILE B 373 19.21 33.74 -6.30
N GLY B 374 18.30 33.15 -5.54
CA GLY B 374 17.35 32.23 -6.14
C GLY B 374 15.93 32.78 -6.18
N MET B 375 15.29 32.73 -7.35
CA MET B 375 13.93 33.25 -7.46
C MET B 375 12.90 32.16 -7.71
N THR B 376 11.87 32.09 -6.87
CA THR B 376 10.89 31.01 -7.00
C THR B 376 9.50 31.43 -6.53
N ASN B 377 8.47 30.86 -7.17
CA ASN B 377 7.08 31.20 -6.87
C ASN B 377 6.59 30.76 -5.48
N ARG B 378 7.00 29.57 -5.04
CA ARG B 378 6.54 29.07 -3.74
C ARG B 378 7.68 28.71 -2.79
N PRO B 379 7.58 29.18 -1.53
CA PRO B 379 8.58 28.86 -0.50
C PRO B 379 8.60 27.39 -0.12
N ASP B 380 7.43 26.78 0.00
CA ASP B 380 7.28 25.45 0.60
C ASP B 380 7.95 24.34 -0.20
N LEU B 381 7.93 24.48 -1.52
CA LEU B 381 8.56 23.52 -2.43
C LEU B 381 10.05 23.30 -2.19
N ILE B 382 10.76 24.40 -1.91
CA ILE B 382 12.21 24.36 -1.82
C ILE B 382 12.72 23.60 -0.58
N ASP B 383 13.96 23.12 -0.67
CA ASP B 383 14.62 22.33 0.37
C ASP B 383 14.88 23.15 1.64
N GLU B 384 14.76 22.49 2.80
CA GLU B 384 15.06 23.09 4.10
C GLU B 384 16.53 23.44 4.36
N ALA B 385 17.46 22.61 3.88
CA ALA B 385 18.88 22.72 4.23
C ALA B 385 19.50 24.01 3.74
N LEU B 386 19.09 24.45 2.56
CA LEU B 386 19.62 25.69 2.00
C LEU B 386 19.25 26.89 2.87
N LEU B 387 18.04 26.85 3.43
CA LEU B 387 17.45 28.01 4.11
C LEU B 387 18.23 28.53 5.32
N ARG B 388 18.85 27.63 6.08
CA ARG B 388 19.48 28.00 7.36
C ARG B 388 20.57 29.03 7.12
N PRO B 389 20.77 29.95 8.09
CA PRO B 389 21.73 31.04 7.89
C PRO B 389 23.13 30.49 7.60
N GLY B 390 23.85 31.14 6.70
CA GLY B 390 25.01 30.52 6.11
C GLY B 390 24.85 30.53 4.61
N ARG B 391 24.60 29.35 4.04
CA ARG B 391 24.54 29.21 2.59
C ARG B 391 23.47 30.09 1.94
N LEU B 392 22.29 30.13 2.57
CA LEU B 392 21.23 31.05 2.18
C LEU B 392 20.69 31.72 3.44
N GLU B 393 21.49 32.62 4.02
CA GLU B 393 21.10 33.22 5.28
C GLU B 393 19.82 34.03 5.24
N VAL B 394 19.63 34.81 4.18
CA VAL B 394 18.47 35.68 4.12
C VAL B 394 17.43 35.29 3.07
N LYS B 395 16.18 35.18 3.55
CA LYS B 395 15.06 34.87 2.68
C LYS B 395 14.10 36.07 2.71
N MET B 396 13.74 36.53 1.52
CA MET B 396 12.91 37.70 1.33
C MET B 396 11.66 37.37 0.53
N GLU B 397 10.52 37.85 1.00
CA GLU B 397 9.30 37.66 0.26
C GLU B 397 8.98 39.00 -0.39
N ILE B 398 8.75 38.95 -1.69
CA ILE B 398 8.44 40.14 -2.45
C ILE B 398 7.11 40.70 -1.98
N GLY B 399 7.07 42.01 -1.79
CA GLY B 399 5.86 42.70 -1.38
C GLY B 399 4.84 42.80 -2.51
N LEU B 400 3.57 42.94 -2.13
CA LEU B 400 2.53 43.17 -3.12
C LEU B 400 2.89 44.44 -3.84
N PRO B 401 2.66 44.48 -5.17
CA PRO B 401 3.17 45.66 -5.85
C PRO B 401 2.57 46.93 -5.28
N ASP B 402 3.43 47.89 -4.98
CA ASP B 402 3.02 49.17 -4.42
C ASP B 402 2.24 50.01 -5.42
N GLU B 403 1.24 50.71 -4.91
CA GLU B 403 0.43 51.62 -5.71
C GLU B 403 1.32 52.78 -6.14
N LYS B 404 2.09 53.27 -5.20
CA LYS B 404 3.05 54.34 -5.47
C LYS B 404 4.07 53.79 -6.43
N GLY B 405 4.51 52.57 -6.15
CA GLY B 405 5.45 51.88 -6.99
C GLY B 405 4.93 51.62 -8.39
N ARG B 406 3.66 51.20 -8.46
CA ARG B 406 3.05 50.88 -9.74
C ARG B 406 3.13 52.15 -10.56
N LEU B 407 2.85 53.26 -9.87
CA LEU B 407 2.97 54.54 -10.51
C LEU B 407 4.41 54.73 -10.94
N GLN B 408 5.40 54.26 -10.18
CA GLN B 408 6.80 54.41 -10.64
C GLN B 408 7.19 53.63 -11.93
N ILE B 409 6.82 52.35 -12.05
CA ILE B 409 7.17 51.58 -13.27
C ILE B 409 6.45 52.10 -14.49
N LEU B 410 5.16 52.36 -14.32
CA LEU B 410 4.38 52.91 -15.41
C LEU B 410 5.00 54.28 -15.72
N HIS B 411 5.44 55.01 -14.70
CA HIS B 411 5.85 56.41 -14.83
C HIS B 411 7.08 56.46 -15.70
N ILE B 412 8.03 55.54 -15.52
CA ILE B 412 9.21 55.61 -16.36
C ILE B 412 8.88 55.42 -17.87
N HIS B 413 8.12 54.37 -18.24
CA HIS B 413 7.81 54.13 -19.64
C HIS B 413 6.98 55.28 -20.24
N THR B 414 5.97 55.68 -19.48
CA THR B 414 5.07 56.76 -19.84
C THR B 414 5.87 58.03 -20.02
N ALA B 415 6.85 58.25 -19.15
CA ALA B 415 7.66 59.46 -19.11
C ALA B 415 8.54 59.50 -20.34
N ARG B 416 9.08 58.36 -20.71
CA ARG B 416 9.95 58.29 -21.87
C ARG B 416 9.03 58.66 -23.08
N MET B 417 7.79 58.14 -23.12
CA MET B 417 6.82 58.61 -24.14
C MET B 417 6.49 60.12 -24.01
N ARG B 418 6.47 60.59 -22.77
CA ARG B 418 6.18 61.99 -22.39
C ARG B 418 7.21 62.95 -22.92
N GLY B 419 8.46 62.50 -22.90
CA GLY B 419 9.65 63.32 -23.10
C GLY B 419 9.58 63.62 -24.57
N HIS B 420 9.32 62.58 -25.36
CA HIS B 420 9.03 62.79 -26.76
C HIS B 420 7.66 63.45 -26.79
N GLN B 421 7.37 64.19 -27.86
CA GLN B 421 6.13 64.94 -27.96
C GLN B 421 4.87 64.09 -27.91
N LEU B 422 4.88 62.93 -28.56
CA LEU B 422 3.67 62.10 -28.61
C LEU B 422 3.25 61.61 -27.23
N LEU B 423 1.97 61.75 -26.93
CA LEU B 423 1.39 61.26 -25.69
C LEU B 423 -0.11 61.17 -25.84
N SER B 424 -0.75 60.47 -24.92
CA SER B 424 -2.20 60.45 -24.88
C SER B 424 -2.54 61.40 -23.73
N ALA B 425 -3.26 62.47 -24.04
CA ALA B 425 -3.58 63.53 -23.07
C ALA B 425 -4.46 63.07 -21.91
N ASP B 426 -5.39 62.24 -22.30
CA ASP B 426 -6.42 61.68 -21.44
C ASP B 426 -5.77 60.82 -20.32
N VAL B 427 -4.68 60.08 -20.64
CA VAL B 427 -4.05 59.21 -19.65
C VAL B 427 -3.47 59.95 -18.50
N ASP B 428 -3.77 59.38 -17.34
CA ASP B 428 -3.21 59.85 -16.09
C ASP B 428 -2.54 58.68 -15.39
N ILE B 429 -1.34 58.98 -14.94
CA ILE B 429 -0.47 58.03 -14.29
C ILE B 429 -1.12 57.46 -13.04
N LYS B 430 -1.69 58.39 -12.30
CA LYS B 430 -2.36 58.11 -11.04
C LYS B 430 -3.55 57.20 -11.27
N GLU B 431 -4.32 57.50 -12.33
CA GLU B 431 -5.50 56.72 -12.66
C GLU B 431 -5.14 55.27 -12.97
N LEU B 432 -4.10 55.07 -13.77
CA LEU B 432 -3.69 53.71 -14.13
C LEU B 432 -3.29 53.00 -12.85
N ALA B 433 -2.57 53.70 -11.98
CA ALA B 433 -2.13 53.09 -10.74
C ALA B 433 -3.33 52.66 -9.86
N VAL B 434 -4.31 53.55 -9.71
CA VAL B 434 -5.48 53.25 -8.86
C VAL B 434 -6.24 52.04 -9.44
N GLU B 435 -6.33 51.98 -10.77
CA GLU B 435 -7.03 50.89 -11.45
C GLU B 435 -6.41 49.50 -11.24
N THR B 436 -5.09 49.43 -11.19
CA THR B 436 -4.44 48.13 -11.06
C THR B 436 -3.74 47.90 -9.73
N LYS B 437 -4.05 46.77 -9.10
CA LYS B 437 -3.41 46.40 -7.84
C LYS B 437 -2.46 45.21 -7.95
N ASN B 438 -2.88 44.14 -8.60
CA ASN B 438 -2.17 42.86 -8.60
C ASN B 438 -0.78 42.82 -9.32
N PHE B 439 -0.68 43.55 -10.43
CA PHE B 439 0.35 43.40 -11.46
C PHE B 439 1.84 43.62 -11.12
N SER B 440 2.66 42.75 -11.70
CA SER B 440 4.14 42.89 -11.74
C SER B 440 4.65 43.98 -12.62
N GLY B 441 5.90 44.38 -12.35
CA GLY B 441 6.50 45.32 -13.24
C GLY B 441 6.35 45.00 -14.71
N ALA B 442 7.17 44.12 -15.30
CA ALA B 442 6.77 43.14 -16.34
C ALA B 442 5.33 43.25 -16.90
N GLU B 443 4.34 43.17 -16.02
CA GLU B 443 2.91 43.35 -16.36
C GLU B 443 2.61 44.70 -16.95
N LEU B 444 3.28 45.69 -16.36
CA LEU B 444 3.20 47.10 -16.69
C LEU B 444 3.81 47.37 -18.07
N GLU B 445 5.01 46.88 -18.31
CA GLU B 445 5.65 47.03 -19.61
C GLU B 445 4.73 46.33 -20.62
N GLY B 446 4.15 45.21 -20.21
CA GLY B 446 3.26 44.45 -21.07
C GLY B 446 2.02 45.26 -21.44
N LEU B 447 1.41 45.89 -20.44
CA LEU B 447 0.23 46.74 -20.63
C LEU B 447 0.56 47.90 -21.54
N VAL B 448 1.71 48.53 -21.31
CA VAL B 448 2.11 49.69 -22.09
C VAL B 448 2.31 49.23 -23.52
N ARG B 449 2.92 48.06 -23.68
CA ARG B 449 3.26 47.56 -25.01
C ARG B 449 1.97 47.35 -25.76
N ALA B 450 1.00 46.75 -25.08
CA ALA B 450 -0.32 46.56 -25.67
C ALA B 450 -0.96 47.90 -26.06
N ALA B 451 -0.84 48.92 -25.21
CA ALA B 451 -1.35 50.25 -25.53
C ALA B 451 -0.70 50.90 -26.76
N GLN B 452 0.62 50.72 -26.88
CA GLN B 452 1.36 51.26 -28.03
C GLN B 452 0.80 50.57 -29.23
N SER B 453 0.58 49.28 -29.08
CA SER B 453 0.01 48.51 -30.16
C SER B 453 -1.40 48.96 -30.57
N THR B 454 -2.25 49.28 -29.61
CA THR B 454 -3.58 49.72 -30.00
C THR B 454 -3.51 51.03 -30.81
N ALA B 455 -2.65 51.94 -30.35
CA ALA B 455 -2.49 53.19 -31.07
C ALA B 455 -1.94 53.08 -32.46
N MET B 456 -0.91 52.23 -32.55
CA MET B 456 -0.22 51.95 -33.80
C MET B 456 -1.30 51.38 -34.78
N ASN B 457 -2.17 50.52 -34.26
CA ASN B 457 -3.27 49.96 -35.05
C ASN B 457 -4.21 51.06 -35.54
N ARG B 458 -4.45 52.05 -34.68
CA ARG B 458 -5.32 53.16 -35.05
C ARG B 458 -4.88 53.93 -36.26
N HIS B 459 -3.59 54.19 -36.38
CA HIS B 459 -3.17 54.94 -37.58
C HIS B 459 -3.53 54.19 -38.91
N ILE B 460 -3.52 52.86 -38.99
CA ILE B 460 -3.99 52.23 -40.26
C ILE B 460 -5.32 51.52 -40.05
N ASP B 482 -5.68 58.58 -22.21
CA ASP B 482 -6.51 57.52 -21.77
C ASP B 482 -6.99 57.28 -23.14
N PHE B 483 -8.16 57.85 -23.50
CA PHE B 483 -8.56 57.76 -24.87
C PHE B 483 -8.45 56.30 -25.09
N LEU B 484 -7.71 55.97 -26.13
CA LEU B 484 -7.44 54.60 -26.50
C LEU B 484 -6.68 53.84 -25.41
N ALA B 485 -5.69 54.45 -24.73
CA ALA B 485 -4.98 53.73 -23.67
C ALA B 485 -5.96 53.35 -22.55
N SER B 486 -6.84 54.29 -22.18
CA SER B 486 -7.86 54.02 -21.16
C SER B 486 -8.78 52.95 -21.59
N LEU B 487 -9.15 53.02 -22.85
CA LEU B 487 -10.04 52.06 -23.44
C LEU B 487 -9.36 50.71 -23.36
N GLU B 488 -8.06 50.66 -23.58
CA GLU B 488 -7.35 49.42 -23.47
C GLU B 488 -7.38 48.93 -22.02
N ASN B 489 -7.20 49.82 -21.05
CA ASN B 489 -7.29 49.41 -19.65
C ASN B 489 -8.69 48.91 -19.31
N ASP B 490 -9.68 49.63 -19.83
CA ASP B 490 -11.10 49.35 -19.70
C ASP B 490 -11.46 48.02 -20.33
N ILE B 491 -10.83 47.72 -21.47
CA ILE B 491 -11.13 46.48 -22.17
C ILE B 491 -9.91 45.57 -22.27
N LYS B 492 -8.99 45.85 -23.21
CA LYS B 492 -7.80 45.01 -23.55
C LYS B 492 -7.46 43.78 -22.68
N PRO B 493 -7.48 43.92 -21.33
CA PRO B 493 -7.27 42.73 -20.54
C PRO B 493 -8.53 42.24 -19.77
N ALA B 494 -8.80 40.94 -19.62
CA ALA B 494 -8.08 39.77 -20.16
C ALA B 494 -6.73 39.59 -19.49
N PHE B 495 -6.52 40.36 -18.42
CA PHE B 495 -5.37 40.19 -17.55
C PHE B 495 -5.44 38.82 -16.89
N GLY B 496 -6.65 38.41 -16.52
CA GLY B 496 -6.84 37.16 -15.81
C GLY B 496 -6.82 37.33 -14.31
N GLU B 500 -13.09 35.71 -16.23
CA GLU B 500 -13.97 35.70 -17.40
C GLU B 500 -14.63 34.34 -17.57
N ASP B 501 -13.87 33.29 -17.28
CA ASP B 501 -14.34 31.91 -17.43
C ASP B 501 -15.54 31.79 -16.50
N TYR B 502 -15.42 32.41 -15.33
CA TYR B 502 -16.51 32.51 -14.38
C TYR B 502 -17.78 33.10 -14.97
N ALA B 503 -17.62 34.13 -15.81
CA ALA B 503 -18.78 34.77 -16.44
C ALA B 503 -19.53 33.77 -17.31
N SER B 504 -18.78 32.94 -18.03
CA SER B 504 -19.36 31.95 -18.93
C SER B 504 -20.26 30.89 -18.29
N TYR B 505 -19.87 30.40 -17.12
CA TYR B 505 -20.62 29.38 -16.37
C TYR B 505 -22.16 29.40 -16.56
N ILE B 506 -22.74 30.60 -16.68
CA ILE B 506 -24.18 30.69 -16.78
C ILE B 506 -24.57 30.83 -18.25
N MET B 507 -25.09 29.75 -18.84
CA MET B 507 -25.41 29.79 -20.24
C MET B 507 -26.59 30.70 -20.62
N ASN B 508 -27.64 30.72 -19.82
CA ASN B 508 -28.86 31.41 -20.22
C ASN B 508 -29.10 32.71 -19.48
N GLY B 509 -28.09 33.19 -18.77
CA GLY B 509 -28.22 34.43 -18.03
C GLY B 509 -29.13 34.31 -16.83
N ILE B 510 -29.38 35.44 -16.18
CA ILE B 510 -30.25 35.44 -15.02
C ILE B 510 -31.58 36.08 -15.41
N ILE B 511 -32.64 35.33 -15.12
CA ILE B 511 -34.01 35.71 -15.38
C ILE B 511 -34.66 36.02 -14.05
N LYS B 512 -35.23 37.19 -13.92
CA LYS B 512 -35.94 37.53 -12.71
C LYS B 512 -37.29 36.81 -12.63
N TRP B 513 -37.27 35.48 -12.70
CA TRP B 513 -38.51 34.70 -12.60
C TRP B 513 -39.40 35.02 -11.40
N GLY B 514 -38.90 35.80 -10.45
CA GLY B 514 -39.67 36.16 -9.27
C GLY B 514 -38.89 37.08 -8.36
N ASP B 515 -39.58 37.63 -7.35
CA ASP B 515 -38.98 38.58 -6.42
C ASP B 515 -37.78 37.93 -5.70
N PRO B 516 -37.85 36.61 -5.38
CA PRO B 516 -36.75 35.99 -4.63
C PRO B 516 -35.43 36.18 -5.36
N VAL B 517 -35.38 36.17 -6.70
CA VAL B 517 -34.09 36.32 -7.37
C VAL B 517 -33.45 37.62 -6.99
N THR B 518 -34.26 38.67 -7.03
CA THR B 518 -33.79 40.00 -6.73
C THR B 518 -33.32 40.00 -5.30
N ARG B 519 -34.10 39.37 -4.41
CA ARG B 519 -33.73 39.30 -3.00
C ARG B 519 -32.41 38.52 -2.81
N VAL B 520 -32.21 37.46 -3.60
CA VAL B 520 -30.97 36.73 -3.48
C VAL B 520 -29.85 37.69 -3.87
N LEU B 521 -30.02 38.44 -4.96
CA LEU B 521 -29.00 39.39 -5.37
C LEU B 521 -28.73 40.57 -4.42
N ASP B 522 -29.77 41.18 -3.82
CA ASP B 522 -29.54 42.29 -2.88
C ASP B 522 -28.78 41.68 -1.70
N ASP B 523 -29.15 40.44 -1.35
CA ASP B 523 -28.45 39.70 -0.29
C ASP B 523 -26.97 39.52 -0.65
N GLY B 524 -26.71 39.17 -1.92
CA GLY B 524 -25.37 38.95 -2.42
C GLY B 524 -24.62 40.26 -2.29
N GLU B 525 -25.34 41.34 -2.59
CA GLU B 525 -24.82 42.71 -2.59
C GLU B 525 -24.41 43.05 -1.17
N LEU B 526 -25.26 42.69 -0.22
CA LEU B 526 -25.01 42.95 1.19
C LEU B 526 -23.75 42.19 1.60
N LEU B 527 -23.62 40.97 1.11
CA LEU B 527 -22.41 40.21 1.40
C LEU B 527 -21.17 40.91 0.85
N VAL B 528 -21.28 41.39 -0.39
CA VAL B 528 -20.16 42.06 -1.06
C VAL B 528 -19.75 43.32 -0.30
N GLN B 529 -20.75 44.09 0.12
CA GLN B 529 -20.52 45.36 0.82
C GLN B 529 -19.74 44.97 2.08
N GLN B 530 -20.23 43.91 2.74
CA GLN B 530 -19.62 43.46 3.99
C GLN B 530 -18.16 43.07 3.77
N THR B 531 -17.86 42.32 2.72
CA THR B 531 -16.47 41.94 2.51
C THR B 531 -15.59 43.10 2.07
N LYS B 532 -16.12 44.00 1.25
CA LYS B 532 -15.39 45.19 0.86
C LYS B 532 -15.01 46.15 2.02
N ASN B 533 -15.91 46.34 2.99
CA ASN B 533 -15.66 47.31 4.06
C ASN B 533 -14.46 47.12 5.01
N SER B 534 -14.16 45.87 5.38
CA SER B 534 -12.92 45.47 6.08
C SER B 534 -12.81 45.60 7.60
N ASP B 535 -13.87 46.00 8.29
CA ASP B 535 -13.76 45.99 9.75
C ASP B 535 -13.87 44.58 10.32
N ARG B 536 -13.31 44.39 11.52
CA ARG B 536 -13.46 43.17 12.29
C ARG B 536 -12.93 41.98 11.45
N THR B 537 -13.77 40.95 11.32
CA THR B 537 -13.53 39.76 10.53
C THR B 537 -13.47 40.11 9.05
N PRO B 538 -12.47 39.57 8.35
CA PRO B 538 -12.35 39.84 6.93
C PRO B 538 -12.90 38.72 6.05
N LEU B 539 -13.42 37.66 6.67
CA LEU B 539 -13.88 36.48 5.95
C LEU B 539 -15.36 36.16 6.20
N VAL B 540 -16.12 36.01 5.13
CA VAL B 540 -17.54 35.69 5.26
C VAL B 540 -17.83 34.51 4.35
N SER B 541 -18.61 33.56 4.85
CA SER B 541 -18.93 32.36 4.09
C SER B 541 -20.44 32.23 3.95
N VAL B 542 -20.89 32.05 2.72
CA VAL B 542 -22.30 31.87 2.40
C VAL B 542 -22.70 30.61 1.61
N LEU B 543 -23.73 29.91 2.09
CA LEU B 543 -24.27 28.75 1.38
C LEU B 543 -25.75 28.88 1.07
N LEU B 544 -26.11 28.56 -0.17
CA LEU B 544 -27.49 28.71 -0.61
C LEU B 544 -28.23 27.39 -0.94
N GLU B 545 -29.35 27.09 -0.24
CA GLU B 545 -30.08 25.83 -0.46
C GLU B 545 -31.32 26.04 -1.31
N GLY B 546 -31.46 25.23 -2.34
CA GLY B 546 -32.57 25.42 -3.24
C GLY B 546 -32.99 24.00 -3.53
N PRO B 547 -34.18 23.83 -4.13
CA PRO B 547 -34.59 22.51 -4.58
C PRO B 547 -33.57 22.08 -5.62
N PRO B 548 -33.25 20.78 -5.72
CA PRO B 548 -32.35 20.31 -6.78
C PRO B 548 -32.75 20.93 -8.11
N HIS B 549 -31.76 21.46 -8.86
CA HIS B 549 -31.96 22.31 -10.04
C HIS B 549 -32.20 23.73 -9.54
N SER B 550 -32.47 24.66 -10.44
CA SER B 550 -32.50 26.13 -10.21
C SER B 550 -31.10 26.72 -10.23
N GLY B 551 -31.01 28.04 -10.11
CA GLY B 551 -29.71 28.70 -10.20
C GLY B 551 -28.88 28.79 -8.95
N LYS B 552 -28.40 27.69 -8.41
CA LYS B 552 -27.47 27.77 -7.31
C LYS B 552 -26.16 28.37 -7.80
N THR B 553 -25.64 27.71 -8.83
CA THR B 553 -24.38 28.07 -9.44
C THR B 553 -24.52 29.39 -10.17
N ALA B 554 -25.66 29.57 -10.83
CA ALA B 554 -25.91 30.78 -11.59
C ALA B 554 -25.95 32.00 -10.71
N LEU B 555 -26.66 31.87 -9.60
CA LEU B 555 -26.79 32.97 -8.67
C LEU B 555 -25.42 33.29 -8.10
N ALA B 556 -24.68 32.24 -7.73
CA ALA B 556 -23.34 32.46 -7.20
C ALA B 556 -22.46 33.20 -8.20
N ALA B 557 -22.55 32.80 -9.47
CA ALA B 557 -21.76 33.41 -10.53
C ALA B 557 -22.12 34.88 -10.71
N LYS B 558 -23.41 35.20 -10.66
CA LYS B 558 -23.82 36.59 -10.76
C LYS B 558 -23.35 37.42 -9.56
N ILE B 559 -23.40 36.85 -8.37
CA ILE B 559 -22.90 37.57 -7.20
C ILE B 559 -21.43 37.89 -7.40
N ALA B 560 -20.70 36.89 -7.90
CA ALA B 560 -19.28 37.06 -8.15
C ALA B 560 -19.08 38.18 -9.18
N GLU B 561 -19.95 38.20 -10.19
CA GLU B 561 -19.87 39.24 -11.21
C GLU B 561 -20.07 40.63 -10.61
N GLU B 562 -21.08 40.74 -9.74
CA GLU B 562 -21.48 42.02 -9.15
C GLU B 562 -20.33 42.55 -8.35
N SER B 563 -19.66 41.64 -7.66
CA SER B 563 -18.54 41.99 -6.81
C SER B 563 -17.38 42.75 -7.46
N ASN B 564 -17.01 42.37 -8.68
CA ASN B 564 -15.86 43.01 -9.40
C ASN B 564 -14.53 42.95 -8.62
N PHE B 565 -14.32 41.88 -7.85
CA PHE B 565 -13.03 41.71 -7.17
C PHE B 565 -11.94 41.36 -8.15
N PRO B 566 -10.71 41.83 -7.88
CA PRO B 566 -9.50 41.45 -8.61
C PRO B 566 -9.39 39.95 -8.85
N PHE B 567 -9.59 39.13 -7.81
CA PHE B 567 -9.42 37.69 -7.99
C PHE B 567 -10.72 36.91 -7.81
N ILE B 568 -11.22 36.31 -8.89
CA ILE B 568 -12.35 35.38 -8.74
C ILE B 568 -11.98 34.02 -9.29
N LYS B 569 -11.91 33.02 -8.43
CA LYS B 569 -11.64 31.66 -8.89
C LYS B 569 -12.70 30.72 -8.35
N ILE B 570 -13.31 29.96 -9.24
CA ILE B 570 -14.40 29.05 -8.92
C ILE B 570 -13.92 27.62 -8.73
N CYS B 571 -14.17 27.11 -7.53
CA CYS B 571 -13.80 25.76 -7.15
C CYS B 571 -15.01 24.90 -7.44
N SER B 572 -14.85 24.01 -8.40
CA SER B 572 -15.93 23.12 -8.76
C SER B 572 -15.52 21.66 -8.96
N PRO B 573 -16.46 20.72 -8.77
CA PRO B 573 -16.08 19.32 -8.81
C PRO B 573 -15.56 18.94 -10.19
N ASP B 574 -16.15 19.57 -11.20
CA ASP B 574 -15.95 19.15 -12.59
C ASP B 574 -14.48 19.24 -12.99
N LYS B 575 -13.82 20.29 -12.49
CA LYS B 575 -12.40 20.46 -12.76
C LYS B 575 -11.61 19.30 -12.15
N MET B 576 -12.08 18.85 -10.98
CA MET B 576 -11.35 17.92 -10.12
C MET B 576 -11.66 16.42 -10.34
N ILE B 577 -12.29 16.06 -11.45
CA ILE B 577 -12.91 14.73 -11.58
C ILE B 577 -11.98 13.54 -11.32
N GLY B 578 -12.44 12.57 -10.52
CA GLY B 578 -11.75 11.32 -10.33
C GLY B 578 -10.60 11.34 -9.33
N PHE B 579 -10.38 12.49 -8.70
CA PHE B 579 -9.25 12.65 -7.80
C PHE B 579 -9.41 11.93 -6.47
N SER B 580 -8.27 11.52 -5.91
CA SER B 580 -8.21 10.94 -4.59
C SER B 580 -8.57 12.06 -3.62
N GLU B 581 -8.95 11.71 -2.39
CA GLU B 581 -9.28 12.73 -1.40
C GLU B 581 -8.15 13.75 -1.29
N THR B 582 -6.93 13.23 -1.28
CA THR B 582 -5.74 14.05 -1.17
C THR B 582 -5.55 14.98 -2.36
N ALA B 583 -5.77 14.49 -3.58
CA ALA B 583 -5.59 15.31 -4.78
C ALA B 583 -6.58 16.48 -4.89
N LYS B 584 -7.84 16.19 -4.58
CA LYS B 584 -8.88 17.21 -4.57
C LYS B 584 -8.48 18.23 -3.53
N CYS B 585 -8.00 17.71 -2.42
CA CYS B 585 -7.57 18.56 -1.34
C CYS B 585 -6.44 19.50 -1.75
N GLN B 586 -5.49 18.96 -2.50
CA GLN B 586 -4.36 19.75 -2.98
C GLN B 586 -4.83 20.86 -3.88
N ALA B 587 -5.73 20.53 -4.80
CA ALA B 587 -6.26 21.53 -5.72
C ALA B 587 -6.94 22.66 -4.95
N MET B 588 -7.73 22.28 -3.95
CA MET B 588 -8.45 23.25 -3.14
C MET B 588 -7.49 24.18 -2.39
N LYS B 589 -6.45 23.58 -1.81
CA LYS B 589 -5.48 24.34 -1.03
C LYS B 589 -4.83 25.33 -1.96
N LYS B 590 -4.53 24.86 -3.17
CA LYS B 590 -3.86 25.67 -4.17
C LYS B 590 -4.71 26.89 -4.49
N ILE B 591 -5.99 26.67 -4.73
CA ILE B 591 -6.88 27.76 -5.03
C ILE B 591 -7.00 28.77 -3.89
N PHE B 592 -7.12 28.28 -2.67
CA PHE B 592 -7.21 29.22 -1.56
C PHE B 592 -5.92 30.02 -1.39
N ASP B 593 -4.78 29.39 -1.63
CA ASP B 593 -3.49 30.08 -1.53
C ASP B 593 -3.51 31.21 -2.56
N ASP B 594 -3.91 30.85 -3.78
CA ASP B 594 -3.95 31.81 -4.88
C ASP B 594 -4.84 32.98 -4.47
N ALA B 595 -5.96 32.67 -3.80
CA ALA B 595 -6.86 33.71 -3.35
C ALA B 595 -6.18 34.58 -2.31
N TYR B 596 -5.39 33.96 -1.45
CA TYR B 596 -4.65 34.70 -0.46
C TYR B 596 -3.74 35.69 -1.14
N LYS B 597 -3.16 35.33 -2.28
CA LYS B 597 -2.27 36.31 -2.92
C LYS B 597 -2.87 37.69 -3.27
N SER B 598 -4.12 37.73 -3.76
CA SER B 598 -4.82 38.99 -4.12
C SER B 598 -5.25 39.88 -2.95
N GLN B 599 -5.27 41.20 -3.14
CA GLN B 599 -5.76 42.08 -2.07
C GLN B 599 -7.22 41.78 -1.75
N LEU B 600 -8.03 41.61 -2.79
CA LEU B 600 -9.41 41.26 -2.60
C LEU B 600 -9.54 39.91 -3.27
N SER B 601 -10.06 38.94 -2.53
CA SER B 601 -10.17 37.61 -3.09
C SER B 601 -11.59 37.07 -3.06
N CYS B 602 -12.06 36.56 -4.20
CA CYS B 602 -13.36 35.93 -4.28
C CYS B 602 -13.24 34.46 -4.68
N VAL B 603 -13.89 33.60 -3.91
CA VAL B 603 -13.88 32.18 -4.22
C VAL B 603 -15.29 31.62 -4.12
N VAL B 604 -15.55 30.61 -4.94
CA VAL B 604 -16.83 29.93 -4.97
C VAL B 604 -16.58 28.43 -4.90
N VAL B 605 -17.39 27.74 -4.12
CA VAL B 605 -17.33 26.31 -4.10
C VAL B 605 -18.62 25.81 -4.71
N ASP B 606 -18.44 24.89 -5.64
CA ASP B 606 -19.49 24.38 -6.50
C ASP B 606 -20.04 23.08 -5.97
N ASP B 607 -21.33 23.05 -5.69
CA ASP B 607 -21.96 21.83 -5.21
C ASP B 607 -21.12 21.15 -4.12
N ILE B 608 -21.10 21.78 -2.95
CA ILE B 608 -20.26 21.35 -1.82
C ILE B 608 -20.50 19.88 -1.49
N GLU B 609 -21.75 19.45 -1.60
CA GLU B 609 -22.09 18.05 -1.40
C GLU B 609 -21.35 17.20 -2.44
N ARG B 610 -21.25 17.69 -3.68
CA ARG B 610 -20.56 16.95 -4.73
C ARG B 610 -19.08 16.77 -4.41
N LEU B 611 -18.46 17.82 -3.88
CA LEU B 611 -17.01 17.83 -3.63
C LEU B 611 -16.61 16.73 -2.68
N LEU B 612 -17.43 16.57 -1.64
CA LEU B 612 -17.20 15.58 -0.60
C LEU B 612 -17.44 14.19 -1.07
N ASP B 613 -18.05 14.14 -2.23
CA ASP B 613 -18.53 12.96 -2.86
C ASP B 613 -19.55 12.20 -1.99
N TYR B 614 -20.37 13.00 -1.29
CA TYR B 614 -21.39 12.42 -0.44
C TYR B 614 -22.39 11.56 -1.22
N VAL B 615 -22.72 10.41 -0.67
CA VAL B 615 -23.71 9.53 -1.26
C VAL B 615 -24.82 9.28 -0.22
N PRO B 616 -26.09 9.49 -0.58
CA PRO B 616 -27.13 9.33 0.45
C PRO B 616 -27.14 7.92 1.03
N ILE B 617 -26.98 6.90 0.20
CA ILE B 617 -26.87 5.52 0.65
C ILE B 617 -25.63 5.48 1.54
N GLY B 618 -25.63 4.66 2.58
CA GLY B 618 -24.43 4.58 3.38
C GLY B 618 -24.62 5.18 4.75
N PRO B 619 -24.10 6.40 4.95
CA PRO B 619 -23.53 7.25 3.91
C PRO B 619 -22.01 7.32 3.85
N ARG B 620 -21.45 7.25 2.64
CA ARG B 620 -20.01 7.34 2.49
C ARG B 620 -19.64 8.65 1.80
N PHE B 621 -18.75 9.39 2.45
CA PHE B 621 -18.22 10.63 1.91
C PHE B 621 -16.75 10.72 2.23
N SER B 622 -16.02 11.49 1.45
CA SER B 622 -14.60 11.64 1.68
C SER B 622 -14.39 12.63 2.81
N ASN B 623 -13.96 12.12 3.96
CA ASN B 623 -13.80 12.94 5.15
C ASN B 623 -12.73 14.01 5.04
N LEU B 624 -11.64 13.66 4.35
CA LEU B 624 -10.49 14.54 4.28
C LEU B 624 -10.80 15.90 3.63
N VAL B 625 -11.55 15.85 2.53
CA VAL B 625 -11.94 17.06 1.82
C VAL B 625 -12.80 17.92 2.74
N LEU B 626 -13.69 17.27 3.50
CA LEU B 626 -14.56 18.00 4.42
C LEU B 626 -13.79 18.71 5.50
N GLN B 627 -12.80 18.02 6.06
CA GLN B 627 -11.98 18.63 7.07
C GLN B 627 -11.23 19.80 6.48
N ALA B 628 -10.71 19.62 5.26
CA ALA B 628 -10.00 20.70 4.62
C ALA B 628 -10.91 21.91 4.48
N LEU B 629 -12.13 21.68 4.00
CA LEU B 629 -13.08 22.77 3.77
C LEU B 629 -13.44 23.51 5.06
N LEU B 630 -13.67 22.76 6.13
CA LEU B 630 -14.05 23.31 7.42
C LEU B 630 -12.91 24.16 7.97
N VAL B 631 -11.68 23.67 7.78
CA VAL B 631 -10.50 24.43 8.15
C VAL B 631 -10.43 25.73 7.36
N LEU B 632 -10.76 25.62 6.08
CA LEU B 632 -10.75 26.75 5.16
C LEU B 632 -11.76 27.84 5.49
N LEU B 633 -12.98 27.44 5.85
CA LEU B 633 -14.03 28.37 6.27
C LEU B 633 -13.66 29.04 7.58
N LYS B 634 -13.11 28.24 8.49
CA LYS B 634 -12.56 28.77 9.72
C LYS B 634 -11.37 29.70 9.49
N LYS B 635 -10.56 29.36 8.49
CA LYS B 635 -9.30 30.06 8.23
C LYS B 635 -9.53 31.53 7.90
N ALA B 636 -8.62 32.40 8.32
CA ALA B 636 -8.74 33.83 8.08
C ALA B 636 -7.60 34.29 7.19
N PRO B 637 -7.90 35.07 6.15
CA PRO B 637 -6.86 35.50 5.21
C PRO B 637 -5.79 36.32 5.92
N PRO B 638 -4.52 36.15 5.52
CA PRO B 638 -3.41 37.06 5.81
C PRO B 638 -3.74 38.54 5.57
N GLN B 639 -3.09 39.39 6.36
CA GLN B 639 -3.49 40.80 6.57
C GLN B 639 -3.46 41.67 5.31
N GLY B 640 -4.40 42.62 5.24
CA GLY B 640 -4.50 43.49 4.09
C GLY B 640 -5.41 42.88 3.04
N ARG B 641 -5.87 41.67 3.32
CA ARG B 641 -6.77 41.00 2.40
C ARG B 641 -8.10 40.51 2.91
N LYS B 642 -9.13 40.74 2.10
CA LYS B 642 -10.47 40.26 2.39
C LYS B 642 -10.98 39.18 1.43
N LEU B 643 -11.39 38.05 2.00
CA LEU B 643 -11.75 36.90 1.18
C LEU B 643 -13.24 36.55 1.31
N LEU B 644 -13.91 36.36 0.18
CA LEU B 644 -15.32 35.99 0.15
C LEU B 644 -15.54 34.57 -0.32
N ILE B 645 -16.18 33.74 0.50
CA ILE B 645 -16.36 32.34 0.15
C ILE B 645 -17.84 32.10 -0.05
N ILE B 646 -18.20 31.63 -1.23
CA ILE B 646 -19.58 31.32 -1.50
C ILE B 646 -19.62 29.84 -1.74
N GLY B 647 -20.39 29.08 -0.97
CA GLY B 647 -20.45 27.65 -1.18
C GLY B 647 -21.87 27.23 -1.52
N THR B 648 -22.07 26.45 -2.57
CA THR B 648 -23.45 26.11 -2.91
C THR B 648 -23.73 24.62 -2.73
N THR B 649 -24.75 24.31 -1.93
CA THR B 649 -25.12 22.93 -1.60
C THR B 649 -26.52 22.57 -2.07
N SER B 650 -26.65 21.44 -2.75
CA SER B 650 -27.99 21.08 -3.23
C SER B 650 -28.95 20.85 -2.05
N ARG B 651 -28.51 20.06 -1.06
CA ARG B 651 -29.33 19.84 0.13
C ARG B 651 -28.55 20.11 1.44
N LYS B 652 -29.12 20.98 2.29
CA LYS B 652 -28.54 21.34 3.61
C LYS B 652 -28.55 20.14 4.56
N ASP B 653 -29.54 19.25 4.42
CA ASP B 653 -29.79 18.25 5.45
C ASP B 653 -28.52 17.44 5.61
N VAL B 654 -27.81 17.15 4.52
CA VAL B 654 -26.55 16.44 4.71
C VAL B 654 -25.57 17.25 5.51
N LEU B 655 -25.49 18.53 5.19
CA LEU B 655 -24.53 19.42 5.81
C LEU B 655 -24.77 19.68 7.28
N GLN B 656 -26.04 19.78 7.68
CA GLN B 656 -26.32 20.08 9.07
C GLN B 656 -25.84 18.95 9.93
N GLU B 657 -25.98 17.71 9.46
CA GLU B 657 -25.43 16.64 10.25
C GLU B 657 -23.94 16.85 10.35
N MET B 658 -23.32 17.22 9.23
CA MET B 658 -21.88 17.43 9.18
C MET B 658 -21.39 18.53 10.11
N GLU B 659 -22.23 19.56 10.30
CA GLU B 659 -21.93 20.78 11.07
C GLU B 659 -21.15 21.77 10.25
N MET B 660 -21.07 21.47 8.97
CA MET B 660 -20.47 22.33 7.98
C MET B 660 -21.20 23.66 7.98
N LEU B 661 -22.52 23.54 8.11
CA LEU B 661 -23.44 24.63 7.96
C LEU B 661 -23.20 25.72 9.00
N ASN B 662 -22.88 25.29 10.21
CA ASN B 662 -22.59 26.18 11.32
C ASN B 662 -21.40 27.08 11.01
N ALA B 663 -20.39 26.50 10.35
CA ALA B 663 -19.17 27.23 10.04
C ALA B 663 -19.46 28.44 9.15
N PHE B 664 -20.36 28.24 8.19
CA PHE B 664 -20.73 29.27 7.23
C PHE B 664 -21.41 30.42 7.98
N SER B 665 -20.99 31.63 7.66
CA SER B 665 -21.52 32.83 8.28
C SER B 665 -22.99 33.17 7.99
N THR B 666 -23.38 33.04 6.73
CA THR B 666 -24.75 33.35 6.34
C THR B 666 -25.27 32.38 5.29
N THR B 667 -26.55 32.05 5.34
CA THR B 667 -27.11 31.14 4.36
C THR B 667 -28.36 31.71 3.70
N ILE B 668 -28.42 31.62 2.37
CA ILE B 668 -29.51 32.20 1.59
C ILE B 668 -30.33 31.11 0.94
N HIS B 669 -31.63 31.07 1.17
CA HIS B 669 -32.42 30.10 0.44
C HIS B 669 -32.65 30.56 -0.98
N VAL B 670 -32.78 29.60 -1.88
CA VAL B 670 -32.99 29.92 -3.28
C VAL B 670 -34.11 29.01 -3.71
N PRO B 671 -35.30 29.28 -3.18
CA PRO B 671 -36.41 28.44 -3.62
C PRO B 671 -37.32 29.15 -4.59
N ASN B 672 -37.51 28.49 -5.72
CA ASN B 672 -38.43 28.98 -6.71
C ASN B 672 -39.82 28.96 -6.14
N ILE B 673 -40.53 30.02 -6.49
CA ILE B 673 -41.86 30.30 -5.99
C ILE B 673 -42.94 29.25 -6.34
N ALA B 674 -43.76 28.91 -5.34
CA ALA B 674 -44.82 27.95 -5.53
C ALA B 674 -46.13 28.58 -6.09
N THR B 675 -46.24 29.91 -6.13
CA THR B 675 -47.45 30.57 -6.61
C THR B 675 -47.59 30.61 -8.13
N GLY B 676 -48.83 30.61 -8.63
CA GLY B 676 -49.06 30.69 -10.06
C GLY B 676 -48.57 31.98 -10.73
N GLU B 677 -48.62 33.06 -9.96
CA GLU B 677 -48.22 34.39 -10.46
C GLU B 677 -46.78 34.51 -10.87
N GLN B 678 -45.91 34.12 -9.95
CA GLN B 678 -44.47 34.13 -10.14
C GLN B 678 -44.09 33.17 -11.30
N LEU B 679 -44.93 32.13 -11.48
CA LEU B 679 -44.75 31.13 -12.55
C LEU B 679 -44.90 31.86 -13.87
N LEU B 680 -46.08 32.47 -14.06
CA LEU B 680 -46.32 33.23 -15.29
C LEU B 680 -45.29 34.34 -15.42
N GLU B 681 -44.92 34.96 -14.31
CA GLU B 681 -43.93 36.04 -14.31
C GLU B 681 -42.65 35.55 -14.98
N ALA B 682 -42.31 34.30 -14.68
CA ALA B 682 -41.13 33.67 -15.29
C ALA B 682 -41.36 33.40 -16.76
N LEU B 683 -42.50 32.82 -17.12
CA LEU B 683 -42.78 32.54 -18.52
C LEU B 683 -42.76 33.82 -19.37
N GLU B 684 -43.27 34.90 -18.79
CA GLU B 684 -43.37 36.21 -19.43
C GLU B 684 -42.00 36.80 -19.66
N LEU B 685 -41.20 36.88 -18.59
CA LEU B 685 -39.85 37.42 -18.74
C LEU B 685 -39.01 36.58 -19.71
N LEU B 686 -39.28 35.28 -19.76
CA LEU B 686 -38.53 34.39 -20.66
C LEU B 686 -38.94 34.54 -22.11
N GLY B 687 -40.20 34.93 -22.33
CA GLY B 687 -40.74 35.10 -23.66
C GLY B 687 -40.58 33.88 -24.55
N ASN B 688 -41.30 32.82 -24.22
CA ASN B 688 -41.25 31.57 -24.99
C ASN B 688 -42.60 31.28 -25.62
N PHE B 689 -43.63 31.22 -24.78
CA PHE B 689 -44.98 30.94 -25.23
C PHE B 689 -45.62 32.20 -25.80
N LYS B 690 -46.60 32.00 -26.68
CA LYS B 690 -47.32 33.11 -27.30
C LYS B 690 -48.24 33.74 -26.28
N ASP B 691 -48.74 34.94 -26.57
CA ASP B 691 -49.65 35.66 -25.68
C ASP B 691 -50.86 34.79 -25.33
N LYS B 692 -51.35 34.07 -26.33
CA LYS B 692 -52.52 33.22 -26.19
C LYS B 692 -52.21 32.02 -25.31
N GLU B 693 -51.07 31.41 -25.58
CA GLU B 693 -50.64 30.23 -24.84
C GLU B 693 -50.49 30.58 -23.37
N ARG B 694 -49.81 31.69 -23.09
CA ARG B 694 -49.62 32.09 -21.71
C ARG B 694 -50.95 32.44 -21.05
N THR B 695 -51.87 33.04 -21.81
CA THR B 695 -53.18 33.31 -21.22
C THR B 695 -53.87 32.01 -20.81
N THR B 696 -53.69 30.96 -21.60
CA THR B 696 -54.30 29.67 -21.28
C THR B 696 -53.66 29.06 -20.05
N ILE B 697 -52.32 29.06 -20.02
CA ILE B 697 -51.58 28.50 -18.90
C ILE B 697 -52.04 29.20 -17.64
N ALA B 698 -52.12 30.53 -17.71
CA ALA B 698 -52.56 31.33 -16.59
C ALA B 698 -53.95 30.89 -16.14
N GLN B 699 -54.85 30.63 -17.09
CA GLN B 699 -56.16 30.10 -16.72
C GLN B 699 -56.09 28.66 -16.17
N GLN B 700 -54.90 28.04 -16.24
CA GLN B 700 -54.76 26.69 -15.71
C GLN B 700 -53.89 26.58 -14.45
N VAL B 701 -53.44 27.71 -13.92
CA VAL B 701 -52.56 27.71 -12.74
C VAL B 701 -52.96 28.73 -11.69
N LYS B 702 -53.36 29.93 -12.11
CA LYS B 702 -53.75 30.99 -11.18
C LYS B 702 -54.76 30.50 -10.17
N GLY B 703 -54.37 30.54 -8.90
CA GLY B 703 -55.21 30.10 -7.80
C GLY B 703 -54.74 28.75 -7.28
N LYS B 704 -53.80 28.14 -8.00
CA LYS B 704 -53.29 26.82 -7.62
C LYS B 704 -51.82 26.91 -7.18
N LYS B 705 -51.35 25.88 -6.47
CA LYS B 705 -49.97 25.82 -5.99
C LYS B 705 -49.07 25.01 -6.95
N VAL B 706 -47.79 25.37 -7.05
CA VAL B 706 -46.82 24.66 -7.92
C VAL B 706 -45.53 24.51 -7.12
N TRP B 707 -44.59 23.67 -7.55
CA TRP B 707 -43.34 23.48 -6.80
C TRP B 707 -42.29 22.98 -7.78
N ILE B 708 -41.69 23.91 -8.51
CA ILE B 708 -40.69 23.59 -9.53
C ILE B 708 -39.56 24.60 -9.74
N GLY B 709 -38.32 24.12 -9.90
CA GLY B 709 -37.23 25.05 -10.11
C GLY B 709 -37.28 25.91 -11.37
N ILE B 710 -36.20 26.66 -11.62
CA ILE B 710 -36.14 27.52 -12.80
C ILE B 710 -35.45 26.79 -13.93
N LYS B 711 -34.32 26.18 -13.61
CA LYS B 711 -33.58 25.42 -14.60
C LYS B 711 -34.49 24.31 -15.01
N LYS B 712 -35.15 23.72 -14.02
CA LYS B 712 -36.05 22.63 -14.29
C LYS B 712 -37.16 23.21 -15.16
N LEU B 713 -37.55 24.45 -14.88
CA LEU B 713 -38.61 25.09 -15.64
C LEU B 713 -38.13 25.31 -17.06
N LEU B 714 -36.93 25.85 -17.20
CA LEU B 714 -36.35 26.11 -18.51
C LEU B 714 -36.35 24.84 -19.34
N MET B 715 -36.09 23.74 -18.64
CA MET B 715 -36.06 22.44 -19.26
C MET B 715 -37.44 22.04 -19.74
N LEU B 716 -38.43 22.01 -18.85
CA LEU B 716 -39.78 21.66 -19.28
C LEU B 716 -40.25 22.52 -20.45
N ILE B 717 -39.87 23.81 -20.42
CA ILE B 717 -40.24 24.73 -21.48
C ILE B 717 -39.67 24.28 -22.80
N GLU B 718 -38.35 24.06 -22.84
CA GLU B 718 -37.72 23.58 -24.06
C GLU B 718 -38.31 22.26 -24.53
N MET B 719 -38.67 21.39 -23.57
CA MET B 719 -39.24 20.08 -23.87
C MET B 719 -40.64 20.20 -24.44
N SER B 720 -41.29 21.32 -24.14
CA SER B 720 -42.65 21.57 -24.60
C SER B 720 -42.63 22.26 -25.96
N LEU B 721 -41.58 23.04 -26.21
CA LEU B 721 -41.45 23.75 -27.48
C LEU B 721 -41.17 22.79 -28.63
N GLN B 722 -40.73 21.57 -28.29
CA GLN B 722 -40.43 20.58 -29.30
C GLN B 722 -41.70 20.01 -29.91
N MET B 723 -42.72 19.83 -29.08
CA MET B 723 -44.01 19.33 -29.54
C MET B 723 -44.59 20.33 -30.53
N ASP B 724 -45.44 19.86 -31.44
CA ASP B 724 -46.08 20.74 -32.42
C ASP B 724 -46.67 21.98 -31.74
N PRO B 725 -46.75 23.10 -32.48
CA PRO B 725 -47.33 24.36 -31.98
C PRO B 725 -48.76 24.23 -31.43
N GLU B 726 -49.35 23.05 -31.57
CA GLU B 726 -50.70 22.79 -31.10
C GLU B 726 -50.65 21.89 -29.86
N TYR B 727 -49.49 21.29 -29.64
CA TYR B 727 -49.30 20.37 -28.52
C TYR B 727 -48.37 20.94 -27.45
N ARG B 728 -47.81 22.12 -27.72
CA ARG B 728 -46.88 22.76 -26.78
C ARG B 728 -47.52 23.06 -25.42
N VAL B 729 -48.63 23.79 -25.43
CA VAL B 729 -49.33 24.17 -24.21
C VAL B 729 -49.72 22.96 -23.35
N ARG B 730 -50.37 22.01 -24.00
CA ARG B 730 -50.84 20.81 -23.31
C ARG B 730 -49.66 20.05 -22.75
N LYS B 731 -48.56 20.02 -23.50
CA LYS B 731 -47.36 19.31 -23.07
C LYS B 731 -46.81 19.97 -21.82
N PHE B 732 -46.72 21.31 -21.86
CA PHE B 732 -46.21 22.07 -20.73
C PHE B 732 -47.01 21.73 -19.49
N LEU B 733 -48.33 21.83 -19.58
CA LEU B 733 -49.16 21.49 -18.43
C LEU B 733 -49.04 20.02 -18.05
N ALA B 734 -48.62 19.18 -18.99
CA ALA B 734 -48.43 17.76 -18.73
C ALA B 734 -47.15 17.46 -17.96
N LEU B 735 -46.14 18.30 -18.16
CA LEU B 735 -44.85 18.15 -17.50
C LEU B 735 -44.87 18.72 -16.08
N LEU B 736 -45.36 19.95 -15.96
CA LEU B 736 -45.46 20.63 -14.67
C LEU B 736 -46.36 19.84 -13.73
N ARG B 737 -47.20 18.99 -14.30
CA ARG B 737 -48.13 18.17 -13.54
C ARG B 737 -47.37 17.01 -12.90
N GLU B 738 -46.32 16.57 -13.60
CA GLU B 738 -45.50 15.45 -13.14
C GLU B 738 -44.39 15.96 -12.22
N GLU B 739 -43.97 17.20 -12.44
CA GLU B 739 -42.91 17.79 -11.65
C GLU B 739 -43.46 18.63 -10.51
N GLY B 740 -44.37 18.04 -9.74
CA GLY B 740 -45.00 18.74 -8.62
C GLY B 740 -44.56 18.19 -7.28
N LYS C 220 41.32 26.78 25.10
CA LYS C 220 40.15 26.65 25.97
C LYS C 220 38.96 27.40 25.39
N MET C 221 39.03 27.74 24.11
CA MET C 221 37.94 28.45 23.45
C MET C 221 37.72 27.93 22.03
N GLY C 222 36.51 28.12 21.49
CA GLY C 222 35.41 28.73 22.23
C GLY C 222 34.15 27.89 22.19
N ILE C 223 33.56 27.66 23.36
CA ILE C 223 32.33 26.89 23.50
C ILE C 223 31.66 27.28 24.81
N GLY C 224 30.48 27.89 24.70
CA GLY C 224 29.79 28.42 25.86
C GLY C 224 29.04 27.35 26.61
N GLY C 225 29.34 27.24 27.91
CA GLY C 225 28.76 26.20 28.73
C GLY C 225 29.45 24.92 28.33
N LEU C 226 28.89 23.78 28.72
CA LEU C 226 29.45 22.49 28.34
C LEU C 226 30.95 22.45 28.60
N ASP C 227 31.35 22.57 29.88
CA ASP C 227 32.75 22.46 30.24
C ASP C 227 33.07 21.16 30.97
N LYS C 228 32.28 20.85 32.00
CA LYS C 228 32.48 19.61 32.75
C LYS C 228 32.20 18.41 31.83
N GLU C 229 31.09 18.50 31.11
CA GLU C 229 30.70 17.46 30.17
C GLU C 229 31.78 17.41 29.10
N PHE C 230 32.24 18.60 28.71
CA PHE C 230 33.21 18.70 27.64
C PHE C 230 34.46 18.00 28.10
N SER C 231 34.77 18.15 29.38
CA SER C 231 35.93 17.47 29.95
C SER C 231 35.78 15.95 29.96
N ASP C 232 34.61 15.42 30.32
CA ASP C 232 34.41 13.97 30.29
C ASP C 232 34.46 13.32 28.87
N ILE C 233 33.80 13.98 27.92
CA ILE C 233 33.79 13.64 26.49
C ILE C 233 35.23 13.72 25.94
N PHE C 234 35.94 14.74 26.42
CA PHE C 234 37.31 15.10 26.08
C PHE C 234 38.11 13.92 26.58
N ARG C 235 37.74 13.43 27.75
CA ARG C 235 38.61 12.65 28.60
C ARG C 235 38.64 11.22 28.09
N ARG C 236 37.49 10.65 27.78
CA ARG C 236 37.55 9.26 27.37
C ARG C 236 38.32 9.00 26.06
N ALA C 237 38.09 9.81 25.03
CA ALA C 237 38.91 9.69 23.82
C ALA C 237 40.36 10.20 23.91
N PHE C 238 40.52 11.41 24.44
CA PHE C 238 41.82 12.07 24.53
C PHE C 238 42.79 11.52 25.59
N ALA C 239 42.28 11.16 26.75
CA ALA C 239 43.12 10.68 27.86
C ALA C 239 43.86 9.41 27.46
N SER C 240 43.16 8.50 26.80
CA SER C 240 43.76 7.25 26.37
C SER C 240 44.91 7.55 25.41
N ARG C 241 44.72 8.53 24.52
CA ARG C 241 45.67 8.74 23.44
C ARG C 241 46.85 9.60 23.89
N VAL C 242 46.56 10.60 24.73
CA VAL C 242 47.52 11.63 25.12
C VAL C 242 48.71 11.17 25.95
N PHE C 243 48.50 10.24 26.88
CA PHE C 243 49.58 9.84 27.77
C PHE C 243 50.69 9.24 26.91
N PRO C 244 51.94 9.73 27.10
CA PRO C 244 53.06 9.30 26.27
C PRO C 244 54.26 8.54 26.86
N PRO C 245 54.65 7.44 26.21
CA PRO C 245 53.76 6.61 25.41
C PRO C 245 53.47 5.23 26.06
N GLU C 246 54.23 4.88 27.08
CA GLU C 246 54.17 3.57 27.73
C GLU C 246 52.88 3.42 28.53
N ILE C 247 52.31 4.55 28.90
CA ILE C 247 51.19 4.53 29.84
C ILE C 247 50.05 3.69 29.29
N VAL C 248 49.76 3.83 28.01
CA VAL C 248 48.66 3.10 27.41
C VAL C 248 48.91 1.60 27.55
N GLU C 249 50.13 1.13 27.28
CA GLU C 249 50.42 -0.29 27.40
C GLU C 249 50.23 -0.67 28.88
N GLN C 250 50.64 0.20 29.80
CA GLN C 250 50.44 -0.06 31.23
C GLN C 250 48.95 -0.25 31.54
N MET C 251 48.14 0.63 30.95
CA MET C 251 46.69 0.49 30.91
C MET C 251 46.35 -0.77 30.14
N GLY C 252 47.09 -0.99 29.05
CA GLY C 252 46.90 -2.13 28.17
C GLY C 252 45.52 -2.16 27.56
N CYS C 253 45.02 -0.99 27.21
CA CYS C 253 43.69 -0.86 26.63
C CYS C 253 43.75 -0.23 25.24
N LYS C 254 43.08 -0.88 24.30
CA LYS C 254 42.99 -0.41 22.92
C LYS C 254 42.21 0.90 22.85
N HIS C 255 42.69 1.83 22.02
CA HIS C 255 42.05 3.14 21.90
C HIS C 255 40.65 3.04 21.28
N VAL C 256 39.73 3.86 21.79
CA VAL C 256 38.36 3.90 21.29
C VAL C 256 38.30 4.48 19.87
N LYS C 257 37.37 3.97 19.09
CA LYS C 257 37.21 4.36 17.69
C LYS C 257 36.46 5.67 17.46
N GLY C 258 35.39 5.93 18.18
CA GLY C 258 34.59 7.11 17.90
C GLY C 258 33.75 7.67 19.03
N ILE C 259 33.36 8.94 18.92
CA ILE C 259 32.49 9.53 19.93
C ILE C 259 31.22 10.07 19.24
N LEU C 260 30.04 9.79 19.80
CA LEU C 260 28.80 10.28 19.19
C LEU C 260 28.08 11.21 20.13
N LEU C 261 27.68 12.37 19.62
CA LEU C 261 26.95 13.31 20.42
C LEU C 261 25.59 13.59 19.80
N TYR C 262 24.55 13.51 20.61
CA TYR C 262 23.21 13.76 20.11
C TYR C 262 22.65 14.92 20.91
N GLY C 263 22.08 15.88 20.22
CA GLY C 263 21.64 17.07 20.89
C GLY C 263 20.36 17.55 20.26
N PRO C 264 19.59 18.36 20.97
CA PRO C 264 18.43 18.98 20.31
C PRO C 264 18.90 19.98 19.27
N PRO C 265 18.12 20.23 18.22
CA PRO C 265 18.66 21.11 17.19
C PRO C 265 18.78 22.56 17.72
N GLY C 266 19.79 23.28 17.25
CA GLY C 266 20.01 24.65 17.68
C GLY C 266 20.85 24.57 18.93
N CYS C 267 21.26 23.36 19.30
CA CYS C 267 22.12 23.27 20.48
C CYS C 267 23.60 23.59 20.13
N GLY C 268 23.82 23.99 18.87
CA GLY C 268 25.14 24.32 18.36
C GLY C 268 26.14 23.17 18.44
N LYS C 269 25.68 21.96 18.14
CA LYS C 269 26.48 20.75 18.22
C LYS C 269 27.68 20.79 17.26
N THR C 270 27.43 21.34 16.08
CA THR C 270 28.39 21.37 14.98
C THR C 270 29.64 22.14 15.35
N LEU C 271 29.46 23.25 16.07
CA LEU C 271 30.58 24.07 16.51
C LEU C 271 31.47 23.26 17.45
N LEU C 272 30.83 22.49 18.34
CA LEU C 272 31.57 21.65 19.27
C LEU C 272 32.39 20.66 18.48
N ALA C 273 31.78 20.09 17.44
CA ALA C 273 32.48 19.13 16.60
C ALA C 273 33.69 19.75 15.89
N ARG C 274 33.51 20.96 15.37
CA ARG C 274 34.61 21.64 14.69
C ARG C 274 35.75 21.89 15.69
N GLN C 275 35.38 22.29 16.90
CA GLN C 275 36.36 22.56 17.94
C GLN C 275 37.14 21.30 18.33
N ILE C 276 36.45 20.18 18.47
CA ILE C 276 37.13 18.93 18.84
C ILE C 276 38.10 18.59 17.71
N GLY C 277 37.65 18.78 16.47
CA GLY C 277 38.49 18.49 15.32
C GLY C 277 39.76 19.35 15.31
N LYS C 278 39.59 20.63 15.66
CA LYS C 278 40.72 21.55 15.74
C LYS C 278 41.68 21.16 16.86
N MET C 279 41.12 20.67 17.96
CA MET C 279 41.87 20.56 19.20
C MET C 279 42.63 19.24 19.30
N LEU C 280 42.03 18.16 18.80
CA LEU C 280 42.65 16.84 18.87
C LEU C 280 43.97 16.67 18.12
N ASN C 281 44.08 17.26 16.95
CA ASN C 281 45.28 17.11 16.13
C ASN C 281 45.86 18.41 15.60
N ALA C 282 47.17 18.44 15.37
CA ALA C 282 47.78 19.57 14.68
C ALA C 282 47.14 19.61 13.29
N ARG C 283 47.08 18.45 12.65
CA ARG C 283 46.20 18.25 11.51
C ARG C 283 45.56 16.89 11.69
N GLU C 284 44.25 16.81 11.64
CA GLU C 284 43.55 15.53 11.75
C GLU C 284 43.93 14.57 10.60
N PRO C 285 43.82 15.01 9.30
CA PRO C 285 43.24 16.27 8.85
C PRO C 285 41.71 16.02 8.89
N LYS C 286 40.94 17.05 9.22
CA LYS C 286 39.51 16.86 9.43
C LYS C 286 38.80 16.37 8.17
N VAL C 287 37.87 15.44 8.33
CA VAL C 287 37.09 14.96 7.20
C VAL C 287 35.63 15.20 7.52
N VAL C 288 34.92 15.77 6.55
CA VAL C 288 33.51 16.12 6.68
C VAL C 288 32.66 15.32 5.72
N ASN C 289 31.55 14.79 6.22
CA ASN C 289 30.66 13.96 5.39
C ASN C 289 29.29 14.56 5.18
N GLY C 290 28.85 14.60 3.92
CA GLY C 290 27.54 15.15 3.59
C GLY C 290 26.48 14.24 4.16
N PRO C 291 25.31 14.81 4.52
CA PRO C 291 24.26 13.96 5.12
C PRO C 291 23.79 12.86 4.17
N GLU C 292 23.65 13.20 2.89
CA GLU C 292 23.04 12.30 1.92
C GLU C 292 23.82 11.01 1.78
N ILE C 293 25.15 11.13 1.67
CA ILE C 293 26.04 9.99 1.78
C ILE C 293 25.87 9.06 0.58
N LEU C 294 24.62 8.65 0.35
CA LEU C 294 24.30 7.58 -0.58
C LEU C 294 24.06 8.06 -2.01
N ASN C 295 24.31 9.35 -2.26
CA ASN C 295 24.11 9.92 -3.60
C ASN C 295 24.98 9.18 -4.62
N LYS C 296 24.41 8.95 -5.81
CA LYS C 296 24.97 8.25 -6.97
C LYS C 296 24.43 6.81 -6.97
N TYR C 297 23.47 6.57 -7.86
CA TYR C 297 22.88 5.26 -8.08
C TYR C 297 23.78 4.22 -8.76
N VAL C 298 24.65 4.68 -9.66
CA VAL C 298 25.30 3.80 -10.63
C VAL C 298 26.17 2.67 -10.06
N GLY C 299 26.93 2.98 -9.01
CA GLY C 299 27.84 2.05 -8.38
C GLY C 299 27.48 1.59 -6.98
N GLU C 300 27.99 2.26 -5.92
CA GLU C 300 28.64 3.59 -5.91
C GLU C 300 28.75 4.09 -4.49
N SER C 301 27.60 4.34 -3.87
CA SER C 301 27.54 4.88 -2.53
C SER C 301 28.22 3.92 -1.58
N GLU C 302 28.00 2.63 -1.74
CA GLU C 302 28.67 1.65 -0.90
C GLU C 302 30.17 1.67 -1.05
N ALA C 303 30.56 1.67 -2.32
CA ALA C 303 31.96 1.73 -2.69
C ALA C 303 32.55 3.01 -2.18
N ASN C 304 31.82 4.12 -2.33
CA ASN C 304 32.32 5.41 -1.89
C ASN C 304 32.49 5.45 -0.38
N ILE C 305 31.53 4.85 0.35
CA ILE C 305 31.58 4.87 1.79
C ILE C 305 32.81 4.13 2.26
N ARG C 306 33.02 2.96 1.67
CA ARG C 306 34.24 2.22 1.95
C ARG C 306 35.48 3.02 1.57
N LYS C 307 35.41 3.75 0.47
CA LYS C 307 36.56 4.54 0.02
C LYS C 307 36.98 5.64 0.99
N LEU C 308 35.99 6.36 1.50
CA LEU C 308 36.23 7.41 2.47
C LEU C 308 36.79 6.81 3.75
N PHE C 309 36.22 5.67 4.15
CA PHE C 309 36.74 4.95 5.32
C PHE C 309 38.20 4.46 5.15
N ALA C 310 38.54 4.03 3.94
CA ALA C 310 39.68 3.14 3.72
C ALA C 310 41.06 3.78 3.86
N ASP C 311 41.19 5.03 3.39
CA ASP C 311 42.50 5.65 3.26
C ASP C 311 43.24 5.77 4.58
N ALA C 312 42.52 6.18 5.62
CA ALA C 312 43.14 6.34 6.94
C ALA C 312 43.69 5.02 7.41
N GLU C 313 42.90 3.97 7.22
CA GLU C 313 43.29 2.64 7.66
C GLU C 313 44.54 2.24 6.89
N GLU C 314 44.58 2.50 5.58
CA GLU C 314 45.76 2.16 4.78
C GLU C 314 47.05 2.91 5.17
N GLU C 315 46.92 4.20 5.47
CA GLU C 315 48.11 4.95 5.90
C GLU C 315 48.59 4.25 7.16
N GLN C 316 47.63 3.97 8.03
CA GLN C 316 47.96 3.33 9.28
C GLN C 316 48.61 1.96 9.12
N ARG C 317 48.12 1.14 8.19
CA ARG C 317 48.70 -0.18 7.99
C ARG C 317 50.14 -0.01 7.54
N ARG C 318 50.39 0.97 6.69
CA ARG C 318 51.75 1.20 6.25
C ARG C 318 52.64 1.57 7.45
N LEU C 319 52.12 2.38 8.37
CA LEU C 319 52.93 2.78 9.54
C LEU C 319 52.40 2.37 10.93
N GLY C 320 51.34 1.54 10.98
CA GLY C 320 50.68 1.21 12.24
C GLY C 320 51.51 0.82 13.44
N ALA C 321 51.32 1.62 14.47
CA ALA C 321 51.95 1.55 15.78
C ALA C 321 51.86 2.96 16.35
N ASN C 322 52.62 3.86 15.71
CA ASN C 322 52.55 5.31 15.95
C ASN C 322 53.12 6.05 14.73
N SER C 323 52.81 7.34 14.57
CA SER C 323 51.85 8.07 15.40
C SER C 323 50.87 8.90 14.57
N GLY C 324 49.96 8.24 13.85
CA GLY C 324 49.01 8.99 13.04
C GLY C 324 47.60 8.65 13.45
N LEU C 325 46.79 9.66 13.72
CA LEU C 325 45.40 9.43 14.04
C LEU C 325 44.59 10.24 13.02
N HIS C 326 43.58 9.61 12.41
CA HIS C 326 42.76 10.29 11.40
C HIS C 326 41.30 10.46 11.83
N ILE C 327 40.77 11.67 11.69
CA ILE C 327 39.43 11.98 12.18
C ILE C 327 38.45 12.25 11.03
N ILE C 328 37.33 11.53 11.06
CA ILE C 328 36.25 11.70 10.10
C ILE C 328 35.01 12.13 10.88
N ILE C 329 34.33 13.16 10.41
CA ILE C 329 33.19 13.69 11.16
C ILE C 329 31.88 13.45 10.41
N PHE C 330 30.89 12.98 11.15
CA PHE C 330 29.58 12.69 10.60
C PHE C 330 28.48 13.63 11.12
N ASP C 331 27.73 14.23 10.21
CA ASP C 331 26.61 15.13 10.53
C ASP C 331 25.30 14.60 9.95
N GLU C 332 24.18 14.76 10.65
CA GLU C 332 22.91 14.20 10.17
C GLU C 332 23.04 12.69 9.99
N ILE C 333 23.36 12.02 11.09
CA ILE C 333 23.58 10.59 11.12
C ILE C 333 22.30 9.85 10.77
N ASP C 334 21.15 10.41 11.13
CA ASP C 334 19.91 9.70 10.89
C ASP C 334 19.75 9.37 9.41
N ALA C 335 20.15 10.29 8.55
CA ALA C 335 20.16 10.02 7.12
C ALA C 335 21.13 8.89 6.78
N ILE C 336 22.28 8.91 7.44
CA ILE C 336 23.34 7.91 7.25
C ILE C 336 22.91 6.52 7.67
N CYS C 337 22.19 6.45 8.78
CA CYS C 337 21.74 5.17 9.32
C CYS C 337 20.44 5.30 10.12
N HIS C 350 18.58 3.65 2.47
CA HIS C 350 19.40 3.06 3.52
C HIS C 350 19.91 1.68 3.12
N ASP C 351 19.31 0.65 3.71
CA ASP C 351 19.67 -0.73 3.42
C ASP C 351 21.13 -1.00 3.74
N THR C 352 21.85 -1.51 2.75
CA THR C 352 23.23 -1.94 2.89
C THR C 352 24.20 -0.81 3.25
N VAL C 353 24.00 0.39 2.72
CA VAL C 353 24.95 1.50 2.89
C VAL C 353 25.14 1.77 4.38
N VAL C 354 24.04 1.65 5.13
CA VAL C 354 24.06 1.74 6.57
C VAL C 354 24.95 0.65 7.16
N ASN C 355 24.88 -0.54 6.58
CA ASN C 355 25.67 -1.68 7.00
C ASN C 355 27.17 -1.45 6.79
N GLN C 356 27.53 -0.73 5.73
CA GLN C 356 28.94 -0.63 5.33
C GLN C 356 29.74 0.11 6.40
N LEU C 357 29.14 1.13 6.99
CA LEU C 357 29.83 1.93 7.99
C LEU C 357 30.20 1.02 9.16
N LEU C 358 29.30 0.09 9.48
CA LEU C 358 29.45 -0.78 10.65
C LEU C 358 30.68 -1.67 10.54
N SER C 359 30.93 -2.16 9.33
CA SER C 359 32.03 -3.08 9.08
C SER C 359 33.44 -2.53 9.33
N LYS C 360 33.69 -1.27 8.95
CA LYS C 360 35.03 -0.69 9.12
C LYS C 360 35.55 -0.52 10.55
N ILE C 361 34.70 -0.06 11.46
CA ILE C 361 35.01 0.04 12.91
C ILE C 361 35.21 -1.32 13.57
N ASP C 362 34.39 -2.31 13.20
CA ASP C 362 34.43 -3.63 13.84
C ASP C 362 35.19 -4.60 12.95
N GLY C 363 35.92 -4.01 12.01
CA GLY C 363 36.62 -4.75 10.99
C GLY C 363 37.58 -5.66 11.71
N VAL C 364 37.79 -6.85 11.15
CA VAL C 364 38.50 -7.92 11.82
C VAL C 364 39.93 -7.54 12.13
N GLU C 365 40.57 -6.83 11.22
CA GLU C 365 41.95 -6.44 11.45
C GLU C 365 42.09 -4.93 11.60
N GLN C 366 42.64 -4.55 12.76
CA GLN C 366 43.01 -3.18 13.10
C GLN C 366 41.84 -2.20 12.97
N LEU C 367 42.08 -1.10 12.25
CA LEU C 367 41.14 0.00 12.03
C LEU C 367 41.13 0.95 13.23
N ASN C 368 42.01 0.70 14.19
CA ASN C 368 42.16 1.56 15.36
C ASN C 368 42.88 2.80 14.93
N ASN C 369 42.82 3.87 15.73
CA ASN C 369 43.51 5.14 15.42
C ASN C 369 42.74 6.03 14.44
N ILE C 370 41.52 5.63 14.11
CA ILE C 370 40.64 6.45 13.28
C ILE C 370 39.50 6.88 14.19
N LEU C 371 39.24 8.18 14.25
CA LEU C 371 38.21 8.69 15.16
C LEU C 371 37.05 9.29 14.37
N VAL C 372 35.84 8.82 14.72
CA VAL C 372 34.61 9.28 14.09
C VAL C 372 33.61 9.91 15.05
N ILE C 373 33.14 11.10 14.67
CA ILE C 373 32.15 11.79 15.50
C ILE C 373 30.87 11.95 14.68
N GLY C 374 29.75 11.57 15.28
CA GLY C 374 28.48 11.70 14.58
C GLY C 374 27.55 12.61 15.34
N MET C 375 26.96 13.57 14.64
CA MET C 375 26.00 14.45 15.28
C MET C 375 24.59 14.13 14.79
N THR C 376 23.73 13.68 15.69
CA THR C 376 22.36 13.32 15.34
C THR C 376 21.35 13.99 16.27
N ASN C 377 20.30 14.60 15.72
CA ASN C 377 19.29 15.20 16.58
C ASN C 377 18.57 14.15 17.42
N ARG C 378 18.25 13.01 16.81
CA ARG C 378 17.57 11.91 17.52
C ARG C 378 18.44 10.66 17.59
N PRO C 379 18.73 10.20 18.81
CA PRO C 379 19.49 8.95 19.00
C PRO C 379 18.73 7.71 18.51
N ASP C 380 17.43 7.67 18.76
CA ASP C 380 16.63 6.44 18.61
C ASP C 380 16.60 5.92 17.18
N LEU C 381 16.50 6.82 16.21
CA LEU C 381 16.43 6.43 14.79
C LEU C 381 17.69 5.71 14.37
N ILE C 382 18.82 6.16 14.90
CA ILE C 382 20.08 5.52 14.59
C ILE C 382 20.11 4.10 15.08
N ASP C 383 20.80 3.26 14.32
CA ASP C 383 20.85 1.83 14.56
C ASP C 383 21.50 1.56 15.91
N GLU C 384 21.05 0.49 16.57
CA GLU C 384 21.55 0.13 17.90
C GLU C 384 23.02 -0.26 17.92
N ALA C 385 23.49 -0.93 16.86
CA ALA C 385 24.84 -1.47 16.82
C ALA C 385 25.88 -0.38 16.93
N LEU C 386 25.64 0.75 16.28
CA LEU C 386 26.56 1.88 16.39
C LEU C 386 26.62 2.35 17.84
N LEU C 387 25.48 2.37 18.52
CA LEU C 387 25.41 2.84 19.90
C LEU C 387 26.25 2.01 20.88
N ARG C 388 26.25 0.70 20.67
CA ARG C 388 26.87 -0.23 21.62
C ARG C 388 28.38 -0.04 21.63
N PRO C 389 29.04 -0.26 22.80
CA PRO C 389 30.47 0.07 22.89
C PRO C 389 31.29 -0.66 21.85
N GLY C 390 32.34 0.00 21.36
CA GLY C 390 33.02 -0.48 20.17
C GLY C 390 33.01 0.72 19.25
N ARG C 391 32.19 0.67 18.20
CA ARG C 391 32.21 1.70 17.18
C ARG C 391 31.92 3.09 17.63
N LEU C 392 30.93 3.22 18.48
CA LEU C 392 30.62 4.48 19.10
C LEU C 392 30.39 4.16 20.57
N GLU C 393 31.46 3.81 21.29
CA GLU C 393 31.32 3.44 22.69
C GLU C 393 30.75 4.56 23.55
N VAL C 394 31.20 5.76 23.28
CA VAL C 394 30.77 6.90 24.06
C VAL C 394 29.61 7.66 23.40
N LYS C 395 28.57 7.86 24.20
CA LYS C 395 27.39 8.62 23.81
C LYS C 395 27.30 9.87 24.68
N MET C 396 27.13 11.01 24.03
CA MET C 396 27.01 12.29 24.69
C MET C 396 25.65 12.90 24.43
N GLU C 397 24.98 13.32 25.49
CA GLU C 397 23.70 14.01 25.34
C GLU C 397 23.97 15.48 25.56
N ILE C 398 23.53 16.33 24.65
CA ILE C 398 23.90 17.73 24.78
C ILE C 398 22.74 18.54 25.36
N GLY C 399 23.03 19.24 26.45
CA GLY C 399 22.08 20.11 27.11
C GLY C 399 21.88 21.38 26.31
N LEU C 400 20.78 22.08 26.54
CA LEU C 400 20.49 23.34 25.86
C LEU C 400 21.52 24.39 26.13
N PRO C 401 21.75 25.28 25.14
CA PRO C 401 22.85 26.22 25.31
C PRO C 401 22.62 27.02 26.58
N ASP C 402 23.71 27.18 27.32
CA ASP C 402 23.68 27.83 28.62
C ASP C 402 23.62 29.34 28.53
N GLU C 403 22.86 29.95 29.44
CA GLU C 403 22.76 31.40 29.52
C GLU C 403 24.15 31.95 29.77
N LYS C 404 24.86 31.32 30.70
CA LYS C 404 26.26 31.66 30.95
C LYS C 404 27.03 31.40 29.67
N GLY C 405 26.73 30.26 29.06
CA GLY C 405 27.37 29.90 27.80
C GLY C 405 27.04 30.89 26.71
N ARG C 406 25.78 31.31 26.67
CA ARG C 406 25.32 32.24 25.65
C ARG C 406 26.14 33.49 25.79
N LEU C 407 26.35 33.87 27.05
CA LEU C 407 27.18 35.02 27.34
C LEU C 407 28.58 34.72 26.81
N GLN C 408 29.08 33.49 26.92
CA GLN C 408 30.41 33.20 26.38
C GLN C 408 30.56 33.34 24.85
N ILE C 409 29.59 32.79 24.07
CA ILE C 409 29.65 32.89 22.61
C ILE C 409 29.50 34.31 22.11
N LEU C 410 28.54 35.02 22.67
CA LEU C 410 28.35 36.42 22.30
C LEU C 410 29.62 37.17 22.76
N HIS C 411 30.19 36.77 23.91
CA HIS C 411 31.25 37.52 24.59
C HIS C 411 32.50 37.49 23.74
N ILE C 412 32.82 36.35 23.12
CA ILE C 412 34.03 36.35 22.30
C ILE C 412 33.93 37.33 21.10
N HIS C 413 32.84 37.29 20.33
CA HIS C 413 32.70 38.18 19.17
C HIS C 413 32.67 39.64 19.60
N THR C 414 31.87 39.90 20.63
CA THR C 414 31.71 41.22 21.22
C THR C 414 33.04 41.72 21.73
N ALA C 415 33.84 40.83 22.31
CA ALA C 415 35.12 41.16 22.95
C ALA C 415 36.09 41.56 21.87
N ARG C 416 36.03 40.84 20.76
CA ARG C 416 36.90 41.11 19.63
C ARG C 416 36.55 42.51 19.14
N MET C 417 35.25 42.78 19.11
CA MET C 417 34.73 44.12 18.80
C MET C 417 35.16 45.17 19.83
N ARG C 418 35.25 44.73 21.07
CA ARG C 418 35.63 45.50 22.27
C ARG C 418 37.06 45.96 22.19
N GLY C 419 37.89 45.09 21.64
CA GLY C 419 39.33 45.13 21.69
C GLY C 419 39.65 46.27 20.74
N HIS C 420 38.99 46.25 19.59
CA HIS C 420 39.06 47.40 18.70
C HIS C 420 38.28 48.49 19.42
N GLN C 421 38.58 49.75 19.11
CA GLN C 421 37.94 50.87 19.80
C GLN C 421 36.43 50.93 19.59
N LEU C 422 35.98 50.62 18.38
CA LEU C 422 34.55 50.71 18.06
C LEU C 422 33.74 49.72 18.90
N LEU C 423 32.65 50.21 19.45
CA LEU C 423 31.72 49.38 20.21
C LEU C 423 30.39 50.12 20.32
N SER C 424 29.36 49.39 20.70
CA SER C 424 28.09 50.03 20.98
C SER C 424 27.90 50.12 22.49
N ALA C 425 27.80 51.34 22.99
CA ALA C 425 27.68 51.58 24.43
C ALA C 425 26.40 51.00 25.00
N ASP C 426 25.32 51.17 24.24
CA ASP C 426 24.00 50.75 24.67
C ASP C 426 23.91 49.24 24.86
N VAL C 427 24.53 48.47 23.95
CA VAL C 427 24.48 47.01 24.03
C VAL C 427 25.23 46.50 25.25
N ASP C 428 24.59 45.56 25.95
CA ASP C 428 25.16 44.87 27.09
C ASP C 428 25.14 43.35 26.95
N ILE C 429 26.28 42.75 27.26
CA ILE C 429 26.45 41.31 27.14
C ILE C 429 25.46 40.49 27.94
N LYS C 430 25.30 40.90 29.19
CA LYS C 430 24.42 40.23 30.11
C LYS C 430 22.99 40.32 29.63
N GLU C 431 22.63 41.52 29.16
CA GLU C 431 21.29 41.80 28.65
C GLU C 431 20.97 40.91 27.45
N LEU C 432 21.91 40.80 26.51
CA LEU C 432 21.67 39.98 25.33
C LEU C 432 21.46 38.55 25.79
N ALA C 433 22.26 38.11 26.75
CA ALA C 433 22.13 36.74 27.23
C ALA C 433 20.75 36.50 27.88
N VAL C 434 20.30 37.42 28.73
CA VAL C 434 19.02 37.26 29.41
C VAL C 434 17.88 37.24 28.38
N GLU C 435 18.00 38.07 27.35
CA GLU C 435 16.98 38.13 26.29
C GLU C 435 16.82 36.84 25.50
N THR C 436 17.92 36.15 25.23
CA THR C 436 17.79 34.95 24.41
C THR C 436 18.06 33.64 25.14
N LYS C 437 17.13 32.69 25.02
CA LYS C 437 17.28 31.37 25.63
C LYS C 437 17.50 30.20 24.65
N ASN C 438 16.67 30.14 23.60
CA ASN C 438 16.60 28.98 22.72
C ASN C 438 17.86 28.76 21.87
N PHE C 439 18.45 29.85 21.44
CA PHE C 439 19.40 29.89 20.32
C PHE C 439 20.73 29.12 20.42
N SER C 440 21.12 28.50 19.29
CA SER C 440 22.47 27.95 19.13
C SER C 440 23.53 29.02 19.16
N GLY C 441 24.71 28.63 19.63
CA GLY C 441 25.80 29.58 19.71
C GLY C 441 26.09 30.12 18.32
N ALA C 442 26.07 29.25 17.31
CA ALA C 442 26.24 29.69 15.93
C ALA C 442 25.16 30.67 15.44
N GLU C 443 23.91 30.35 15.77
CA GLU C 443 22.78 31.21 15.46
C GLU C 443 23.03 32.51 16.22
N LEU C 444 23.52 32.38 17.45
CA LEU C 444 23.76 33.53 18.31
C LEU C 444 24.75 34.41 17.60
N GLU C 445 25.74 33.79 16.96
CA GLU C 445 26.72 34.55 16.23
C GLU C 445 25.96 35.30 15.15
N GLY C 446 24.98 34.63 14.54
CA GLY C 446 24.24 35.23 13.45
C GLY C 446 23.53 36.57 13.70
N LEU C 447 23.02 36.80 14.92
CA LEU C 447 22.41 38.09 15.24
C LEU C 447 23.49 39.17 15.22
N VAL C 448 24.67 38.81 15.72
CA VAL C 448 25.81 39.70 15.79
C VAL C 448 26.24 40.05 14.37
N ARG C 449 26.24 39.02 13.51
CA ARG C 449 26.50 39.15 12.08
C ARG C 449 25.51 40.08 11.41
N ALA C 450 24.26 40.00 11.82
CA ALA C 450 23.18 40.83 11.29
C ALA C 450 23.50 42.26 11.69
N ALA C 451 23.99 42.39 12.92
CA ALA C 451 24.06 43.65 13.62
C ALA C 451 25.16 44.50 12.98
N GLN C 452 26.33 43.92 12.70
CA GLN C 452 27.36 44.79 12.12
C GLN C 452 26.79 45.33 10.83
N SER C 453 26.08 44.47 10.09
CA SER C 453 25.50 44.87 8.82
C SER C 453 24.56 46.06 9.01
N THR C 454 23.75 46.03 10.05
CA THR C 454 22.87 47.16 10.33
C THR C 454 23.69 48.42 10.57
N ALA C 455 24.80 48.27 11.28
CA ALA C 455 25.71 49.38 11.51
C ALA C 455 26.27 49.93 10.20
N MET C 456 26.57 48.99 9.30
CA MET C 456 27.14 49.28 8.00
C MET C 456 26.16 50.17 7.27
N ASN C 457 24.90 49.79 7.40
CA ASN C 457 23.81 50.56 6.80
C ASN C 457 23.68 51.95 7.39
N ARG C 458 23.85 52.06 8.71
CA ARG C 458 23.77 53.37 9.34
C ARG C 458 24.81 54.35 8.88
N HIS C 459 26.07 53.90 8.74
CA HIS C 459 27.13 54.81 8.29
C HIS C 459 26.81 55.30 6.87
N ILE C 460 26.32 54.40 6.00
CA ILE C 460 25.91 54.77 4.63
C ILE C 460 24.38 54.71 4.50
N ASP C 482 21.66 48.53 23.11
CA ASP C 482 20.69 48.51 22.04
C ASP C 482 21.29 48.89 20.69
N PHE C 483 21.17 50.15 20.28
CA PHE C 483 21.73 50.61 19.00
C PHE C 483 21.14 49.75 17.89
N LEU C 484 22.02 49.22 17.04
CA LEU C 484 21.63 48.36 15.94
C LEU C 484 21.01 47.10 16.50
N ALA C 485 21.60 46.64 17.60
CA ALA C 485 21.22 45.39 18.23
C ALA C 485 19.78 45.41 18.70
N SER C 486 19.30 46.54 19.22
CA SER C 486 17.90 46.60 19.67
C SER C 486 16.92 46.33 18.53
N LEU C 487 17.19 46.92 17.38
CA LEU C 487 16.40 46.69 16.18
C LEU C 487 16.52 45.22 15.80
N GLU C 488 17.76 44.75 15.90
CA GLU C 488 18.07 43.38 15.52
C GLU C 488 17.23 42.46 16.40
N ASN C 489 17.11 42.76 17.69
CA ASN C 489 16.34 41.90 18.56
C ASN C 489 14.91 41.86 18.06
N ASP C 490 14.43 43.01 17.61
CA ASP C 490 13.07 43.15 17.09
C ASP C 490 12.76 42.33 15.84
N ILE C 491 13.67 42.28 14.86
CA ILE C 491 13.31 41.50 13.67
C ILE C 491 14.30 40.46 13.14
N LYS C 492 15.34 40.16 13.91
CA LYS C 492 16.32 39.15 13.55
C LYS C 492 15.74 37.74 13.66
N PRO C 493 14.97 37.48 14.72
CA PRO C 493 14.45 36.12 14.77
C PRO C 493 12.94 35.89 14.53
N ALA C 494 12.50 34.71 14.04
CA ALA C 494 13.30 33.55 13.59
C ALA C 494 13.94 32.80 14.76
N PHE C 495 13.40 33.07 15.94
CA PHE C 495 13.87 32.45 17.17
C PHE C 495 13.66 30.94 17.10
N GLY C 496 12.54 30.52 16.55
CA GLY C 496 12.25 29.10 16.40
C GLY C 496 11.66 28.47 17.63
N GLU C 500 6.49 34.73 17.13
CA GLU C 500 5.56 35.79 17.51
C GLU C 500 4.23 35.52 16.82
N ASP C 501 4.10 35.92 15.56
CA ASP C 501 2.89 35.69 14.76
C ASP C 501 1.51 35.79 15.47
N TYR C 502 1.39 35.39 16.74
CA TYR C 502 0.12 35.35 17.50
C TYR C 502 -0.95 36.36 17.06
N ALA C 503 -0.50 37.57 16.71
CA ALA C 503 -1.40 38.64 16.26
C ALA C 503 -2.16 38.17 15.02
N SER C 504 -1.47 37.45 14.16
CA SER C 504 -2.08 36.87 12.97
C SER C 504 -3.16 35.88 13.41
N TYR C 505 -2.89 35.15 14.48
CA TYR C 505 -3.89 34.21 14.97
C TYR C 505 -4.98 34.98 15.73
N ILE C 506 -4.56 35.92 16.58
CA ILE C 506 -5.48 36.82 17.26
C ILE C 506 -5.76 38.06 16.37
N MET C 507 -6.54 37.89 15.30
CA MET C 507 -6.73 38.97 14.32
C MET C 507 -7.45 40.22 14.82
N ASN C 508 -8.53 40.03 15.56
CA ASN C 508 -9.36 41.13 16.03
C ASN C 508 -9.13 41.55 17.46
N GLY C 509 -8.19 40.89 18.11
CA GLY C 509 -7.90 41.15 19.51
C GLY C 509 -8.77 40.37 20.47
N ILE C 510 -8.62 40.68 21.74
CA ILE C 510 -9.28 39.97 22.86
C ILE C 510 -10.01 40.96 23.66
N ILE C 511 -11.21 41.22 23.23
CA ILE C 511 -11.94 42.23 24.00
C ILE C 511 -12.51 41.79 25.36
N LYS C 512 -12.78 42.79 26.22
CA LYS C 512 -13.33 42.50 27.55
C LYS C 512 -14.81 42.77 27.43
N TRP C 513 -15.46 41.93 26.65
CA TRP C 513 -16.89 42.05 26.42
C TRP C 513 -17.75 41.74 27.65
N GLY C 514 -17.12 41.14 28.64
CA GLY C 514 -17.80 40.57 29.78
C GLY C 514 -17.03 40.52 31.09
N ASP C 515 -17.76 40.30 32.17
CA ASP C 515 -17.11 40.01 33.44
C ASP C 515 -16.28 38.69 33.21
N PRO C 516 -16.77 37.71 32.38
CA PRO C 516 -16.17 36.38 32.44
C PRO C 516 -14.79 36.44 31.78
N VAL C 517 -14.64 37.21 30.72
CA VAL C 517 -13.40 37.13 29.96
C VAL C 517 -12.24 37.46 30.90
N THR C 518 -12.40 38.46 31.75
CA THR C 518 -11.33 38.76 32.68
C THR C 518 -11.05 37.53 33.56
N ARG C 519 -12.09 36.87 34.06
CA ARG C 519 -11.90 35.73 34.98
C ARG C 519 -11.10 34.65 34.26
N VAL C 520 -11.48 34.35 33.01
CA VAL C 520 -10.81 33.28 32.27
C VAL C 520 -9.34 33.65 32.05
N LEU C 521 -9.06 34.88 31.66
CA LEU C 521 -7.67 35.26 31.42
C LEU C 521 -6.85 35.13 32.70
N ASP C 522 -7.43 35.60 33.81
CA ASP C 522 -6.75 35.57 35.10
C ASP C 522 -6.48 34.12 35.48
N ASP C 523 -7.46 33.26 35.24
CA ASP C 523 -7.36 31.84 35.58
C ASP C 523 -6.21 31.23 34.81
N GLY C 524 -6.14 31.55 33.52
CA GLY C 524 -5.11 31.01 32.67
C GLY C 524 -3.74 31.45 33.17
N GLU C 525 -3.63 32.73 33.52
CA GLU C 525 -2.36 33.27 33.99
C GLU C 525 -1.94 32.61 35.31
N LEU C 526 -2.93 32.38 36.18
CA LEU C 526 -2.70 31.73 37.46
C LEU C 526 -2.18 30.31 37.24
N LEU C 527 -2.77 29.62 36.28
CA LEU C 527 -2.33 28.26 35.97
C LEU C 527 -0.90 28.31 35.42
N VAL C 528 -0.61 29.35 34.65
CA VAL C 528 0.75 29.54 34.13
C VAL C 528 1.75 29.66 35.26
N GLN C 529 1.40 30.50 36.23
CA GLN C 529 2.25 30.72 37.38
C GLN C 529 2.44 29.41 38.13
N GLN C 530 1.33 28.67 38.24
CA GLN C 530 1.33 27.39 38.92
C GLN C 530 2.32 26.45 38.24
N THR C 531 2.34 26.50 36.91
CA THR C 531 3.31 25.70 36.18
C THR C 531 4.70 26.14 36.60
N LYS C 532 4.84 27.45 36.78
CA LYS C 532 6.16 28.05 36.95
C LYS C 532 6.79 27.86 38.33
N ASN C 533 5.97 27.64 39.35
CA ASN C 533 6.49 27.44 40.70
C ASN C 533 6.33 26.04 41.28
N SER C 534 5.40 25.27 40.74
CA SER C 534 5.17 23.91 41.24
C SER C 534 6.20 22.91 40.78
N ASP C 535 6.84 22.23 41.73
CA ASP C 535 7.85 21.24 41.38
C ASP C 535 7.29 19.83 41.37
N ARG C 536 6.19 19.62 42.09
CA ARG C 536 5.59 18.30 42.18
C ARG C 536 5.04 17.83 40.84
N THR C 537 4.37 18.72 40.09
CA THR C 537 3.81 18.31 38.81
C THR C 537 4.52 18.91 37.61
N PRO C 538 5.17 18.05 36.82
CA PRO C 538 5.90 18.53 35.64
C PRO C 538 4.97 19.12 34.56
N LEU C 539 3.84 18.48 34.31
CA LEU C 539 3.01 18.88 33.18
C LEU C 539 1.62 19.36 33.59
N VAL C 540 1.20 20.47 33.01
CA VAL C 540 -0.11 21.07 33.30
C VAL C 540 -0.99 21.10 32.05
N SER C 541 -2.23 20.65 32.16
CA SER C 541 -3.13 20.60 31.01
C SER C 541 -4.46 21.35 31.20
N VAL C 542 -4.82 22.12 30.18
CA VAL C 542 -6.07 22.88 30.21
C VAL C 542 -6.86 22.83 28.89
N LEU C 543 -8.18 22.75 29.02
CA LEU C 543 -9.10 22.64 27.88
C LEU C 543 -10.19 23.70 27.96
N LEU C 544 -10.47 24.39 26.87
CA LEU C 544 -11.46 25.46 26.86
C LEU C 544 -12.72 25.01 26.13
N GLU C 545 -13.88 25.13 26.79
CA GLU C 545 -15.11 24.64 26.17
C GLU C 545 -16.14 25.73 25.91
N GLY C 546 -16.63 25.73 24.69
CA GLY C 546 -17.58 26.74 24.29
C GLY C 546 -18.43 26.31 23.12
N PRO C 547 -19.57 26.98 22.94
CA PRO C 547 -20.46 26.91 21.79
C PRO C 547 -19.67 27.37 20.57
N PRO C 548 -20.03 26.91 19.34
CA PRO C 548 -19.18 27.32 18.22
C PRO C 548 -19.21 28.84 18.16
N HIS C 549 -18.09 29.44 17.72
CA HIS C 549 -17.95 30.89 17.74
C HIS C 549 -17.64 31.45 19.14
N SER C 550 -17.20 30.60 20.07
CA SER C 550 -16.91 31.04 21.46
C SER C 550 -15.78 32.06 21.59
N GLY C 551 -14.74 31.96 20.76
CA GLY C 551 -13.57 32.79 20.95
C GLY C 551 -12.44 32.10 21.66
N LYS C 552 -12.55 30.78 21.71
CA LYS C 552 -11.62 29.89 22.42
C LYS C 552 -10.19 29.90 21.90
N THR C 553 -10.06 29.93 20.59
CA THR C 553 -8.75 29.93 19.92
C THR C 553 -8.01 31.22 20.29
N ALA C 554 -8.72 32.34 20.22
CA ALA C 554 -8.07 33.61 20.55
C ALA C 554 -7.63 33.64 21.99
N LEU C 555 -8.50 33.19 22.88
CA LEU C 555 -8.20 33.18 24.30
C LEU C 555 -7.00 32.29 24.64
N ALA C 556 -6.93 31.10 24.03
CA ALA C 556 -5.82 30.20 24.29
C ALA C 556 -4.52 30.88 23.85
N ALA C 557 -4.58 31.50 22.68
CA ALA C 557 -3.40 32.17 22.16
C ALA C 557 -3.00 33.29 23.11
N LYS C 558 -4.00 34.00 23.62
CA LYS C 558 -3.81 35.14 24.53
C LYS C 558 -3.11 34.71 25.81
N ILE C 559 -3.50 33.55 26.32
CA ILE C 559 -2.91 33.02 27.53
C ILE C 559 -1.44 32.80 27.20
N ALA C 560 -1.18 32.20 26.03
CA ALA C 560 0.21 31.95 25.66
C ALA C 560 1.07 33.23 25.58
N GLU C 561 0.56 34.36 25.05
CA GLU C 561 1.39 35.58 25.07
C GLU C 561 1.63 36.01 26.51
N GLU C 562 0.60 35.83 27.35
CA GLU C 562 0.69 36.26 28.74
C GLU C 562 1.81 35.56 29.47
N SER C 563 2.01 34.28 29.18
CA SER C 563 3.05 33.51 29.85
C SER C 563 4.50 34.04 29.70
N ASN C 564 4.83 34.57 28.52
CA ASN C 564 6.20 34.94 28.13
C ASN C 564 7.20 33.79 28.14
N PHE C 565 6.76 32.59 27.75
CA PHE C 565 7.62 31.41 27.78
C PHE C 565 8.71 31.45 26.70
N PRO C 566 9.83 30.75 26.92
CA PRO C 566 10.91 30.79 25.94
C PRO C 566 10.48 30.19 24.58
N PHE C 567 9.76 29.07 24.58
CA PHE C 567 9.31 28.49 23.31
C PHE C 567 7.79 28.39 23.32
N ILE C 568 7.16 29.03 22.35
CA ILE C 568 5.70 28.97 22.20
C ILE C 568 5.32 28.52 20.79
N LYS C 569 4.47 27.49 20.70
CA LYS C 569 4.01 27.05 19.39
C LYS C 569 2.56 26.60 19.49
N ILE C 570 1.85 26.72 18.38
CA ILE C 570 0.44 26.36 18.31
C ILE C 570 0.23 25.18 17.40
N CYS C 571 -0.45 24.16 17.88
CA CYS C 571 -0.73 22.99 17.06
C CYS C 571 -2.05 23.21 16.35
N SER C 572 -1.97 23.24 15.03
CA SER C 572 -3.06 23.72 14.22
C SER C 572 -3.58 22.68 13.24
N PRO C 573 -4.90 22.60 13.11
CA PRO C 573 -5.51 21.84 12.02
C PRO C 573 -5.06 22.45 10.71
N ASP C 574 -4.94 23.77 10.70
CA ASP C 574 -4.77 24.51 9.46
C ASP C 574 -3.49 24.07 8.77
N LYS C 575 -2.44 23.86 9.57
CA LYS C 575 -1.15 23.42 9.08
C LYS C 575 -1.18 22.06 8.41
N MET C 576 -1.94 21.13 9.00
CA MET C 576 -1.95 19.77 8.50
C MET C 576 -3.24 19.52 7.75
N ILE C 577 -3.13 19.30 6.45
CA ILE C 577 -4.29 18.89 5.69
C ILE C 577 -3.88 17.74 4.76
N GLY C 578 -4.72 16.72 4.65
CA GLY C 578 -4.48 15.60 3.75
C GLY C 578 -3.51 14.55 4.27
N PHE C 579 -3.16 14.66 5.53
CA PHE C 579 -2.22 13.71 6.10
C PHE C 579 -2.92 12.40 6.47
N SER C 580 -2.12 11.42 6.85
CA SER C 580 -2.60 10.13 7.30
C SER C 580 -2.18 9.97 8.75
N GLU C 581 -3.14 9.63 9.62
CA GLU C 581 -2.92 9.44 11.07
C GLU C 581 -1.46 9.42 11.54
N THR C 582 -0.63 8.66 10.85
CA THR C 582 0.78 8.53 11.21
C THR C 582 1.51 9.84 10.90
N ALA C 583 1.18 10.50 9.79
CA ALA C 583 1.78 11.80 9.46
C ALA C 583 1.39 12.89 10.46
N LYS C 584 0.11 12.94 10.83
CA LYS C 584 -0.38 13.91 11.80
C LYS C 584 0.38 13.67 13.09
N CYS C 585 0.51 12.39 13.45
CA CYS C 585 1.21 11.99 14.66
C CYS C 585 2.67 12.45 14.60
N GLN C 586 3.32 12.27 13.45
CA GLN C 586 4.72 12.67 13.34
C GLN C 586 4.84 14.16 13.57
N ALA C 587 3.96 14.94 12.94
CA ALA C 587 4.05 16.39 13.09
C ALA C 587 3.89 16.76 14.57
N MET C 588 2.87 16.17 15.19
CA MET C 588 2.53 16.49 16.58
C MET C 588 3.72 16.14 17.45
N LYS C 589 4.31 14.99 17.13
CA LYS C 589 5.41 14.42 17.88
C LYS C 589 6.58 15.38 17.83
N LYS C 590 6.89 15.86 16.63
CA LYS C 590 8.02 16.76 16.49
C LYS C 590 7.77 18.04 17.28
N ILE C 591 6.55 18.58 17.21
CA ILE C 591 6.27 19.83 17.93
C ILE C 591 6.43 19.66 19.45
N PHE C 592 5.86 18.58 19.97
CA PHE C 592 5.92 18.32 21.41
C PHE C 592 7.38 18.05 21.80
N ASP C 593 8.11 17.41 20.90
CA ASP C 593 9.54 17.16 21.09
C ASP C 593 10.24 18.49 21.22
N ASP C 594 9.81 19.46 20.41
CA ASP C 594 10.40 20.78 20.43
C ASP C 594 10.16 21.36 21.82
N ALA C 595 8.96 21.13 22.34
CA ALA C 595 8.66 21.53 23.73
C ALA C 595 9.54 20.86 24.80
N TYR C 596 9.83 19.58 24.60
CA TYR C 596 10.72 18.83 25.51
C TYR C 596 12.09 19.44 25.48
N LYS C 597 12.44 19.90 24.29
CA LYS C 597 13.74 20.48 24.00
C LYS C 597 14.09 21.70 24.80
N SER C 598 13.13 22.61 24.91
CA SER C 598 13.27 23.81 25.72
C SER C 598 13.17 23.48 27.18
N GLN C 599 13.80 24.29 28.03
CA GLN C 599 13.78 24.03 29.45
C GLN C 599 12.34 24.07 29.95
N LEU C 600 11.57 25.08 29.53
CA LEU C 600 10.15 25.09 29.88
C LEU C 600 9.40 25.69 28.68
N SER C 601 8.25 25.13 28.33
CA SER C 601 7.51 25.68 27.20
C SER C 601 6.01 25.46 27.15
N CYS C 602 5.34 26.24 26.30
CA CYS C 602 3.90 26.08 26.14
C CYS C 602 3.47 25.67 24.73
N VAL C 603 2.70 24.60 24.65
CA VAL C 603 2.21 24.16 23.35
C VAL C 603 0.68 24.19 23.29
N VAL C 604 0.15 24.82 22.26
CA VAL C 604 -1.30 24.99 22.17
C VAL C 604 -1.84 24.09 21.07
N VAL C 605 -2.85 23.29 21.42
CA VAL C 605 -3.53 22.45 20.46
C VAL C 605 -4.81 23.19 20.09
N ASP C 606 -5.04 23.32 18.80
CA ASP C 606 -6.12 24.14 18.32
C ASP C 606 -7.15 23.25 17.66
N ASP C 607 -8.41 23.44 18.04
CA ASP C 607 -9.50 22.64 17.50
C ASP C 607 -9.26 21.13 17.55
N ILE C 608 -9.13 20.60 18.76
CA ILE C 608 -8.82 19.19 18.96
C ILE C 608 -9.83 18.32 18.21
N GLU C 609 -11.11 18.68 18.33
CA GLU C 609 -12.19 17.90 17.76
C GLU C 609 -11.95 17.78 16.25
N ARG C 610 -11.52 18.90 15.66
CA ARG C 610 -11.09 18.96 14.27
C ARG C 610 -9.80 18.21 14.00
N LEU C 611 -8.89 18.30 14.96
CA LEU C 611 -7.55 17.72 14.81
C LEU C 611 -7.65 16.21 14.65
N LEU C 612 -8.52 15.59 15.43
CA LEU C 612 -8.72 14.15 15.35
C LEU C 612 -9.22 13.71 13.97
N ASP C 613 -9.99 14.60 13.33
CA ASP C 613 -10.70 14.39 12.05
C ASP C 613 -12.16 14.04 12.32
N TYR C 614 -12.57 14.16 13.57
CA TYR C 614 -13.88 13.67 13.97
C TYR C 614 -15.05 14.35 13.25
N VAL C 615 -16.05 13.55 12.90
CA VAL C 615 -17.27 14.06 12.25
C VAL C 615 -18.41 13.47 13.08
N PRO C 616 -19.54 14.18 13.22
CA PRO C 616 -20.57 13.70 14.15
C PRO C 616 -21.15 12.32 13.80
N ILE C 617 -21.38 12.04 12.52
CA ILE C 617 -22.00 10.77 12.13
C ILE C 617 -21.04 9.64 12.47
N GLY C 618 -21.57 8.56 13.06
CA GLY C 618 -20.86 7.31 13.27
C GLY C 618 -20.68 6.96 14.75
N PRO C 619 -19.99 7.84 15.51
CA PRO C 619 -19.22 8.93 14.94
C PRO C 619 -17.92 8.46 14.27
N ARG C 620 -17.39 9.23 13.33
CA ARG C 620 -16.16 8.84 12.62
C ARG C 620 -14.93 9.67 13.02
N PHE C 621 -13.87 9.02 13.47
CA PHE C 621 -12.65 9.74 13.84
C PHE C 621 -11.46 8.86 13.46
N SER C 622 -10.28 9.47 13.34
CA SER C 622 -9.09 8.70 13.05
C SER C 622 -8.37 8.40 14.37
N ASN C 623 -8.29 7.11 14.74
CA ASN C 623 -7.79 6.67 16.04
C ASN C 623 -6.34 6.94 16.44
N LEU C 624 -5.42 6.76 15.50
CA LEU C 624 -3.99 6.84 15.81
C LEU C 624 -3.67 8.22 16.37
N VAL C 625 -4.25 9.25 15.77
CA VAL C 625 -4.01 10.62 16.22
C VAL C 625 -4.48 10.80 17.66
N LEU C 626 -5.66 10.25 17.96
CA LEU C 626 -6.26 10.43 19.28
C LEU C 626 -5.37 9.77 20.31
N GLN C 627 -4.91 8.57 19.99
CA GLN C 627 -4.02 7.85 20.88
C GLN C 627 -2.75 8.64 21.11
N ALA C 628 -2.21 9.20 20.03
CA ALA C 628 -0.97 9.96 20.11
C ALA C 628 -1.20 11.08 21.11
N LEU C 629 -2.33 11.75 20.96
CA LEU C 629 -2.66 12.90 21.79
C LEU C 629 -2.69 12.47 23.26
N LEU C 630 -3.38 11.36 23.56
CA LEU C 630 -3.50 10.92 24.95
C LEU C 630 -2.13 10.60 25.57
N VAL C 631 -1.31 9.86 24.83
CA VAL C 631 -0.02 9.44 25.37
C VAL C 631 0.85 10.66 25.62
N LEU C 632 0.79 11.59 24.66
CA LEU C 632 1.57 12.82 24.72
C LEU C 632 1.13 13.61 25.96
N LEU C 633 -0.17 13.64 26.20
CA LEU C 633 -0.75 14.30 27.37
C LEU C 633 -0.34 13.72 28.73
N LYS C 634 -0.29 12.39 28.80
CA LYS C 634 0.15 11.74 30.02
C LYS C 634 1.60 12.09 30.24
N LYS C 635 2.33 12.19 29.14
CA LYS C 635 3.78 12.19 29.16
C LYS C 635 4.50 13.34 29.84
N ALA C 636 5.64 12.96 30.42
CA ALA C 636 6.44 13.83 31.24
C ALA C 636 7.71 14.28 30.52
N PRO C 637 7.91 15.60 30.44
CA PRO C 637 9.12 16.24 29.92
C PRO C 637 10.38 15.75 30.62
N PRO C 638 11.56 15.88 29.99
CA PRO C 638 12.84 15.50 30.58
C PRO C 638 13.05 16.27 31.87
N GLN C 639 13.66 15.70 32.90
CA GLN C 639 13.59 16.33 34.24
C GLN C 639 14.15 17.75 34.32
N GLY C 640 13.48 18.56 35.13
CA GLY C 640 13.76 19.97 35.18
C GLY C 640 13.03 20.75 34.10
N ARG C 641 12.16 20.06 33.37
CA ARG C 641 11.45 20.70 32.26
C ARG C 641 9.95 20.75 32.53
N LYS C 642 9.37 21.91 32.29
CA LYS C 642 7.94 22.11 32.51
C LYS C 642 7.19 22.54 31.25
N LEU C 643 6.07 21.89 30.96
CA LEU C 643 5.27 22.22 29.78
C LEU C 643 3.82 22.58 30.09
N LEU C 644 3.35 23.68 29.52
CA LEU C 644 1.97 24.12 29.65
C LEU C 644 1.29 23.86 28.34
N ILE C 645 0.24 23.04 28.36
CA ILE C 645 -0.41 22.71 27.11
C ILE C 645 -1.87 23.13 27.17
N ILE C 646 -2.32 23.83 26.13
CA ILE C 646 -3.69 24.30 26.09
C ILE C 646 -4.45 23.57 25.01
N GLY C 647 -5.64 23.06 25.32
CA GLY C 647 -6.42 22.34 24.33
C GLY C 647 -7.72 23.05 24.01
N THR C 648 -8.02 23.24 22.72
CA THR C 648 -9.23 23.98 22.37
C THR C 648 -10.29 23.08 21.74
N THR C 649 -11.50 23.11 22.29
CA THR C 649 -12.58 22.25 21.78
C THR C 649 -13.93 22.93 21.92
N SER C 650 -14.88 22.55 21.08
CA SER C 650 -16.26 22.94 21.29
C SER C 650 -17.11 21.70 21.53
N ARG C 651 -16.62 20.55 21.07
CA ARG C 651 -17.25 19.26 21.31
C ARG C 651 -16.88 18.62 22.62
N LYS C 652 -17.16 19.30 23.73
CA LYS C 652 -16.82 18.77 25.05
C LYS C 652 -17.47 17.44 25.35
N ASP C 653 -18.72 17.32 24.91
CA ASP C 653 -19.52 16.15 25.14
C ASP C 653 -18.80 14.93 24.59
N VAL C 654 -18.36 15.06 23.34
CA VAL C 654 -17.67 13.97 22.67
C VAL C 654 -16.37 13.61 23.35
N LEU C 655 -15.61 14.61 23.77
CA LEU C 655 -14.34 14.34 24.43
C LEU C 655 -14.58 13.59 25.75
N GLN C 656 -15.61 14.02 26.47
CA GLN C 656 -15.97 13.41 27.74
C GLN C 656 -16.38 11.96 27.57
N GLU C 657 -17.16 11.70 26.51
CA GLU C 657 -17.55 10.33 26.23
C GLU C 657 -16.32 9.53 25.80
N MET C 658 -15.45 10.17 25.05
CA MET C 658 -14.21 9.59 24.54
C MET C 658 -13.21 9.18 25.62
N GLU C 659 -13.23 9.92 26.74
CA GLU C 659 -12.27 9.87 27.86
C GLU C 659 -11.09 10.79 27.55
N MET C 660 -11.19 11.54 26.46
CA MET C 660 -10.21 12.60 26.18
C MET C 660 -10.26 13.62 27.30
N LEU C 661 -11.48 13.96 27.73
CA LEU C 661 -11.69 15.02 28.70
C LEU C 661 -11.05 14.77 30.06
N ASN C 662 -11.06 13.52 30.48
CA ASN C 662 -10.54 13.17 31.79
C ASN C 662 -9.06 13.51 31.91
N ALA C 663 -8.32 13.34 30.82
CA ALA C 663 -6.87 13.52 30.85
C ALA C 663 -6.45 14.96 31.20
N PHE C 664 -7.19 15.94 30.69
CA PHE C 664 -6.89 17.35 30.97
C PHE C 664 -7.02 17.67 32.47
N SER C 665 -6.06 18.40 32.99
CA SER C 665 -6.09 18.79 34.40
C SER C 665 -7.29 19.67 34.72
N THR C 666 -7.57 20.64 33.88
CA THR C 666 -8.69 21.53 34.13
C THR C 666 -9.36 22.00 32.86
N THR C 667 -10.66 22.30 32.95
CA THR C 667 -11.35 22.89 31.81
C THR C 667 -12.06 24.20 32.14
N ILE C 668 -11.87 25.20 31.28
CA ILE C 668 -12.53 26.48 31.48
C ILE C 668 -13.60 26.69 30.44
N HIS C 669 -14.82 26.81 30.94
CA HIS C 669 -15.98 27.06 30.10
C HIS C 669 -15.83 28.51 29.66
N VAL C 670 -16.21 28.80 28.43
CA VAL C 670 -16.25 30.15 27.92
C VAL C 670 -17.63 30.21 27.35
N PRO C 671 -18.63 30.16 28.25
CA PRO C 671 -19.97 30.24 27.69
C PRO C 671 -20.29 31.65 27.31
N ASN C 672 -21.15 31.72 26.32
CA ASN C 672 -21.71 32.96 25.90
C ASN C 672 -22.56 33.53 27.00
N ILE C 673 -22.49 34.84 27.17
CA ILE C 673 -23.25 35.47 28.26
C ILE C 673 -24.76 35.33 28.14
N ALA C 674 -25.41 35.01 29.25
CA ALA C 674 -26.84 34.80 29.21
C ALA C 674 -27.63 36.10 29.45
N THR C 675 -26.96 37.21 29.75
CA THR C 675 -27.64 38.48 30.03
C THR C 675 -27.54 39.50 28.91
N GLY C 676 -28.66 40.09 28.51
CA GLY C 676 -28.63 41.05 27.43
C GLY C 676 -27.80 42.30 27.68
N GLU C 677 -27.85 42.83 28.90
CA GLU C 677 -27.05 44.00 29.30
C GLU C 677 -25.54 43.83 29.20
N GLN C 678 -25.07 42.68 29.63
CA GLN C 678 -23.67 42.34 29.58
C GLN C 678 -23.27 42.32 28.07
N LEU C 679 -24.15 41.80 27.21
CA LEU C 679 -23.92 41.75 25.75
C LEU C 679 -23.73 43.19 25.28
N LEU C 680 -24.53 44.09 25.82
CA LEU C 680 -24.38 45.50 25.50
C LEU C 680 -23.05 46.03 25.90
N GLU C 681 -22.62 45.59 27.07
CA GLU C 681 -21.35 46.00 27.65
C GLU C 681 -20.30 45.58 26.64
N ALA C 682 -20.49 44.41 26.07
CA ALA C 682 -19.58 43.95 25.05
C ALA C 682 -19.59 44.94 23.90
N LEU C 683 -20.78 45.35 23.49
CA LEU C 683 -20.87 46.31 22.39
C LEU C 683 -20.16 47.66 22.68
N GLU C 684 -20.35 48.26 23.87
CA GLU C 684 -19.69 49.56 24.12
C GLU C 684 -18.17 49.39 24.12
N LEU C 685 -17.68 48.33 24.74
CA LEU C 685 -16.22 48.14 24.74
C LEU C 685 -15.72 48.00 23.30
N LEU C 686 -16.47 47.28 22.47
CA LEU C 686 -16.02 47.18 21.08
C LEU C 686 -16.14 48.51 20.36
N GLY C 687 -17.15 49.30 20.73
CA GLY C 687 -17.36 50.58 20.11
C GLY C 687 -17.47 50.48 18.61
N ASN C 688 -18.59 49.97 18.14
CA ASN C 688 -18.85 49.79 16.72
C ASN C 688 -20.01 50.72 16.45
N PHE C 689 -21.03 50.57 17.28
CA PHE C 689 -22.22 51.39 17.13
C PHE C 689 -22.05 52.77 17.79
N LYS C 690 -22.94 53.69 17.41
CA LYS C 690 -23.06 55.07 17.88
C LYS C 690 -23.77 55.05 19.21
N ASP C 691 -23.84 56.16 19.93
CA ASP C 691 -24.52 56.16 21.23
C ASP C 691 -26.02 55.78 21.28
N LYS C 692 -26.83 56.38 20.39
CA LYS C 692 -28.28 56.15 20.44
C LYS C 692 -28.80 54.76 20.20
N GLU C 693 -28.27 54.09 19.19
CA GLU C 693 -28.67 52.75 18.87
C GLU C 693 -28.29 51.83 20.01
N ARG C 694 -27.10 52.04 20.59
CA ARG C 694 -26.67 51.17 21.68
C ARG C 694 -27.75 51.35 22.72
N THR C 695 -28.21 52.58 22.92
CA THR C 695 -29.28 52.77 23.89
C THR C 695 -30.51 51.93 23.43
N THR C 696 -30.83 51.94 22.13
CA THR C 696 -31.97 51.17 21.60
C THR C 696 -31.86 49.66 21.79
N ILE C 697 -30.68 49.10 21.54
CA ILE C 697 -30.42 47.68 21.68
C ILE C 697 -30.65 47.40 23.14
N ALA C 698 -30.16 48.33 23.97
CA ALA C 698 -30.27 48.18 25.39
C ALA C 698 -31.73 48.13 25.80
N GLN C 699 -32.55 48.99 25.21
CA GLN C 699 -33.96 48.97 25.55
C GLN C 699 -34.60 47.64 25.15
N GLN C 700 -34.23 47.13 23.99
CA GLN C 700 -34.77 45.85 23.54
C GLN C 700 -34.41 44.66 24.43
N VAL C 701 -33.16 44.63 24.90
CA VAL C 701 -32.61 43.44 25.55
C VAL C 701 -32.60 43.47 27.09
N LYS C 702 -32.29 44.63 27.67
CA LYS C 702 -32.23 44.78 29.12
C LYS C 702 -33.46 44.17 29.77
N GLY C 703 -33.21 43.29 30.74
CA GLY C 703 -34.26 42.61 31.46
C GLY C 703 -34.52 41.25 30.81
N LYS C 704 -34.11 41.10 29.54
CA LYS C 704 -34.32 39.85 28.82
C LYS C 704 -33.05 38.99 28.82
N LYS C 705 -33.20 37.71 28.49
CA LYS C 705 -32.08 36.77 28.44
C LYS C 705 -31.59 36.54 27.00
N VAL C 706 -30.28 36.44 26.80
CA VAL C 706 -29.72 36.24 25.44
C VAL C 706 -28.60 35.20 25.45
N TRP C 707 -28.38 34.54 24.31
CA TRP C 707 -27.34 33.51 24.15
C TRP C 707 -26.51 33.77 22.89
N ILE C 708 -25.59 34.71 22.97
CA ILE C 708 -24.74 35.09 21.85
C ILE C 708 -23.20 34.82 22.01
N GLY C 709 -22.58 34.12 21.05
CA GLY C 709 -21.15 34.00 21.16
C GLY C 709 -20.32 35.24 20.87
N ILE C 710 -19.13 35.40 21.49
CA ILE C 710 -18.45 36.63 21.20
C ILE C 710 -17.97 36.83 19.78
N LYS C 711 -17.26 35.88 19.17
CA LYS C 711 -16.86 36.04 17.76
C LYS C 711 -18.20 36.06 17.01
N LYS C 712 -19.13 35.22 17.45
CA LYS C 712 -20.46 35.15 16.85
C LYS C 712 -21.10 36.53 17.01
N LEU C 713 -20.94 37.16 18.16
CA LEU C 713 -21.48 38.51 18.37
C LEU C 713 -20.85 39.49 17.42
N LEU C 714 -19.53 39.37 17.26
CA LEU C 714 -18.79 40.22 16.34
C LEU C 714 -19.32 40.03 14.94
N MET C 715 -19.53 38.79 14.53
CA MET C 715 -20.01 38.49 13.19
C MET C 715 -21.37 39.17 13.04
N LEU C 716 -22.22 39.08 14.06
CA LEU C 716 -23.54 39.72 13.99
C LEU C 716 -23.38 41.23 13.86
N ILE C 717 -22.43 41.79 14.59
CA ILE C 717 -22.21 43.22 14.50
C ILE C 717 -21.85 43.58 13.07
N GLU C 718 -20.95 42.81 12.47
CA GLU C 718 -20.50 43.06 11.10
C GLU C 718 -21.63 42.97 10.12
N MET C 719 -22.45 41.93 10.27
CA MET C 719 -23.58 41.74 9.38
C MET C 719 -24.45 42.97 9.52
N SER C 720 -24.62 43.43 10.77
CA SER C 720 -25.45 44.58 11.08
C SER C 720 -24.94 45.89 10.49
N LEU C 721 -23.63 46.10 10.51
CA LEU C 721 -23.06 47.36 10.05
C LEU C 721 -23.40 47.62 8.60
N GLN C 722 -23.38 46.55 7.82
CA GLN C 722 -23.45 46.67 6.37
C GLN C 722 -24.68 47.40 5.89
N MET C 723 -25.79 47.23 6.58
CA MET C 723 -27.02 47.87 6.22
C MET C 723 -26.88 49.38 6.41
N ASP C 724 -27.79 50.15 5.83
CA ASP C 724 -27.79 51.61 5.95
C ASP C 724 -27.83 52.01 7.42
N PRO C 725 -27.37 53.22 7.75
CA PRO C 725 -27.37 53.72 9.14
C PRO C 725 -28.68 53.53 9.91
N GLU C 726 -29.82 53.62 9.23
CA GLU C 726 -31.12 53.45 9.87
C GLU C 726 -31.58 52.02 9.63
N TYR C 727 -30.65 51.19 9.19
CA TYR C 727 -30.97 49.80 8.88
C TYR C 727 -29.95 48.86 9.50
N ARG C 728 -29.13 49.40 10.39
CA ARG C 728 -28.05 48.67 11.04
C ARG C 728 -28.55 47.89 12.24
N VAL C 729 -29.10 48.63 13.18
CA VAL C 729 -29.62 48.10 14.44
C VAL C 729 -30.81 47.16 14.35
N ARG C 730 -31.79 47.53 13.53
CA ARG C 730 -32.98 46.72 13.38
C ARG C 730 -32.51 45.38 12.81
N LYS C 731 -31.60 45.47 11.83
CA LYS C 731 -31.01 44.31 11.18
C LYS C 731 -30.37 43.42 12.23
N PHE C 732 -29.62 44.02 13.15
CA PHE C 732 -28.89 43.26 14.17
C PHE C 732 -29.91 42.48 14.98
N LEU C 733 -30.98 43.18 15.35
CA LEU C 733 -32.00 42.58 16.17
C LEU C 733 -32.61 41.40 15.43
N ALA C 734 -32.88 41.59 14.14
CA ALA C 734 -33.47 40.53 13.30
C ALA C 734 -32.58 39.30 13.23
N LEU C 735 -31.28 39.52 13.05
CA LEU C 735 -30.33 38.42 12.98
C LEU C 735 -30.35 37.66 14.28
N LEU C 736 -30.34 38.40 15.38
CA LEU C 736 -30.31 37.78 16.69
C LEU C 736 -31.55 36.91 16.87
N ARG C 737 -32.70 37.43 16.47
CA ARG C 737 -33.96 36.69 16.61
C ARG C 737 -33.97 35.44 15.75
N GLU C 738 -33.50 35.55 14.51
CA GLU C 738 -33.43 34.41 13.61
C GLU C 738 -32.51 33.33 14.18
N GLU C 739 -31.40 33.79 14.75
CA GLU C 739 -30.39 32.92 15.33
C GLU C 739 -30.96 32.17 16.53
N GLY C 740 -31.81 32.85 17.29
CA GLY C 740 -32.47 32.30 18.46
C GLY C 740 -32.98 30.87 18.32
N LYS D 220 44.61 -22.44 26.79
CA LYS D 220 43.17 -22.33 26.65
C LYS D 220 42.64 -21.05 27.28
N MET D 221 43.16 -19.92 26.84
CA MET D 221 42.73 -18.62 27.34
C MET D 221 42.62 -17.61 26.19
N GLY D 222 41.77 -16.59 26.36
CA GLY D 222 40.95 -16.42 27.54
C GLY D 222 39.46 -16.34 27.20
N ILE D 223 38.67 -17.18 27.85
CA ILE D 223 37.22 -17.18 27.68
C ILE D 223 36.58 -17.36 29.06
N GLY D 224 35.42 -16.77 29.27
CA GLY D 224 34.71 -16.94 30.53
C GLY D 224 33.37 -17.64 30.38
N GLY D 225 33.22 -18.76 31.07
CA GLY D 225 31.96 -19.49 31.09
C GLY D 225 31.81 -20.35 29.86
N LEU D 226 30.76 -21.18 29.85
CA LEU D 226 30.35 -21.94 28.67
C LEU D 226 31.35 -23.08 28.40
N ASP D 227 32.24 -23.32 29.36
CA ASP D 227 33.38 -24.19 29.15
C ASP D 227 33.00 -25.62 28.79
N LYS D 228 31.95 -26.15 29.42
CA LYS D 228 31.42 -27.46 29.01
C LYS D 228 30.93 -27.39 27.56
N GLU D 229 30.19 -26.32 27.25
CA GLU D 229 29.65 -26.09 25.93
C GLU D 229 30.78 -25.93 24.92
N PHE D 230 31.83 -25.21 25.33
CA PHE D 230 33.01 -24.97 24.49
C PHE D 230 33.62 -26.35 24.24
N SER D 231 33.65 -27.19 25.27
CA SER D 231 34.23 -28.51 25.12
C SER D 231 33.44 -29.30 24.08
N ASP D 232 32.12 -29.21 24.13
CA ASP D 232 31.26 -29.91 23.17
C ASP D 232 31.48 -29.45 21.72
N ILE D 233 31.52 -28.13 21.54
CA ILE D 233 31.71 -27.54 20.22
C ILE D 233 33.08 -28.00 19.72
N PHE D 234 34.06 -28.06 20.62
CA PHE D 234 35.38 -28.53 20.27
C PHE D 234 35.25 -29.98 19.81
N ARG D 235 34.40 -30.71 20.52
CA ARG D 235 34.29 -32.15 20.33
C ARG D 235 33.77 -32.52 18.96
N ARG D 236 32.77 -31.80 18.46
CA ARG D 236 32.25 -32.17 17.15
C ARG D 236 33.05 -31.73 15.91
N ALA D 237 33.51 -30.48 15.87
CA ALA D 237 34.35 -30.03 14.74
C ALA D 237 35.78 -30.55 14.73
N PHE D 238 36.43 -30.47 15.88
CA PHE D 238 37.85 -30.78 16.03
C PHE D 238 38.23 -32.26 15.95
N ALA D 239 37.35 -33.16 16.38
CA ALA D 239 37.71 -34.57 16.51
C ALA D 239 38.16 -35.15 15.16
N SER D 240 37.50 -34.80 14.08
CA SER D 240 37.91 -35.29 12.76
C SER D 240 39.32 -34.82 12.38
N ARG D 241 39.60 -33.54 12.58
CA ARG D 241 40.93 -32.96 12.34
C ARG D 241 42.08 -33.39 13.27
N VAL D 242 41.78 -33.56 14.55
CA VAL D 242 42.81 -33.59 15.60
C VAL D 242 43.69 -34.83 15.51
N PHE D 243 43.10 -36.00 15.26
CA PHE D 243 43.88 -37.23 15.29
C PHE D 243 44.62 -37.36 13.96
N PRO D 244 45.94 -37.52 14.02
CA PRO D 244 46.83 -37.69 12.88
C PRO D 244 47.52 -39.04 12.64
N PRO D 245 47.35 -39.57 11.41
CA PRO D 245 46.22 -39.23 10.54
C PRO D 245 45.29 -40.40 10.19
N GLU D 246 45.68 -41.63 10.53
CA GLU D 246 44.93 -42.81 10.15
C GLU D 246 43.65 -42.92 10.94
N ILE D 247 43.62 -42.26 12.09
CA ILE D 247 42.51 -42.45 13.01
C ILE D 247 41.21 -42.08 12.33
N VAL D 248 41.20 -40.98 11.58
CA VAL D 248 39.97 -40.53 10.93
C VAL D 248 39.47 -41.61 9.97
N GLU D 249 40.36 -42.20 9.17
CA GLU D 249 39.94 -43.25 8.24
C GLU D 249 39.38 -44.39 9.10
N GLN D 250 40.03 -44.69 10.22
CA GLN D 250 39.53 -45.72 11.13
C GLN D 250 38.10 -45.39 11.60
N MET D 251 37.89 -44.12 11.95
CA MET D 251 36.59 -43.51 12.18
C MET D 251 35.78 -43.54 10.89
N GLY D 252 36.45 -43.25 9.78
CA GLY D 252 35.82 -43.23 8.47
C GLY D 252 34.68 -42.27 8.28
N CYS D 253 34.78 -41.10 8.89
CA CYS D 253 33.72 -40.12 8.77
C CYS D 253 34.27 -38.89 8.10
N LYS D 254 33.54 -38.40 7.11
CA LYS D 254 33.91 -37.19 6.41
C LYS D 254 33.86 -36.06 7.41
N HIS D 255 34.78 -35.11 7.29
CA HIS D 255 34.87 -34.01 8.24
C HIS D 255 33.62 -33.15 8.20
N VAL D 256 33.24 -32.65 9.37
CA VAL D 256 32.05 -31.80 9.51
C VAL D 256 32.26 -30.51 8.70
N LYS D 257 31.18 -30.04 8.08
CA LYS D 257 31.19 -28.87 7.21
C LYS D 257 31.15 -27.50 7.91
N GLY D 258 30.28 -27.32 8.89
CA GLY D 258 30.16 -26.03 9.54
C GLY D 258 29.44 -26.15 10.86
N ILE D 259 29.63 -25.16 11.74
CA ILE D 259 28.91 -25.23 13.01
C ILE D 259 28.23 -23.87 13.22
N LEU D 260 27.03 -23.83 13.80
CA LEU D 260 26.37 -22.52 14.01
C LEU D 260 25.98 -22.28 15.46
N LEU D 261 26.26 -21.10 15.98
CA LEU D 261 25.93 -20.77 17.36
C LEU D 261 24.96 -19.58 17.46
N TYR D 262 23.88 -19.75 18.23
CA TYR D 262 22.92 -18.65 18.41
C TYR D 262 22.85 -18.35 19.90
N GLY D 263 22.93 -17.06 20.18
CA GLY D 263 22.94 -16.49 21.52
C GLY D 263 22.15 -15.23 21.77
N PRO D 264 21.77 -15.02 23.04
CA PRO D 264 21.07 -13.81 23.42
C PRO D 264 21.92 -12.57 23.17
N PRO D 265 21.28 -11.42 22.83
CA PRO D 265 22.18 -10.41 22.27
C PRO D 265 23.14 -10.02 23.37
N GLY D 266 24.39 -9.72 23.04
CA GLY D 266 25.28 -9.34 24.11
C GLY D 266 25.91 -10.54 24.82
N CYS D 267 25.68 -11.77 24.36
CA CYS D 267 26.33 -12.87 25.10
C CYS D 267 27.80 -13.01 24.69
N GLY D 268 28.29 -12.06 23.90
CA GLY D 268 29.66 -12.10 23.43
C GLY D 268 30.07 -13.28 22.59
N LYS D 269 29.15 -13.66 21.71
CA LYS D 269 29.31 -14.76 20.79
C LYS D 269 30.52 -14.51 19.89
N THR D 270 30.63 -13.27 19.44
CA THR D 270 31.59 -12.90 18.39
C THR D 270 32.99 -13.19 18.90
N LEU D 271 33.26 -12.80 20.14
CA LEU D 271 34.59 -12.95 20.70
C LEU D 271 34.98 -14.43 20.77
N LEU D 272 34.02 -15.28 21.15
CA LEU D 272 34.29 -16.72 21.20
C LEU D 272 34.64 -17.23 19.81
N ALA D 273 33.89 -16.80 18.81
CA ALA D 273 34.19 -17.19 17.42
C ALA D 273 35.56 -16.74 16.91
N ARG D 274 35.93 -15.51 17.23
CA ARG D 274 37.22 -14.98 16.79
C ARG D 274 38.31 -15.80 17.47
N GLN D 275 38.12 -16.06 18.77
CA GLN D 275 39.13 -16.73 19.57
C GLN D 275 39.34 -18.15 19.03
N ILE D 276 38.23 -18.86 18.84
CA ILE D 276 38.30 -20.24 18.37
C ILE D 276 38.94 -20.25 16.98
N GLY D 277 38.53 -19.31 16.13
CA GLY D 277 39.02 -19.31 14.77
C GLY D 277 40.52 -19.12 14.72
N LYS D 278 41.03 -18.18 15.52
CA LYS D 278 42.47 -18.02 15.56
C LYS D 278 43.18 -19.24 16.14
N MET D 279 42.63 -19.82 17.21
CA MET D 279 43.28 -20.97 17.84
C MET D 279 43.31 -22.28 17.03
N LEU D 280 42.26 -22.55 16.27
CA LEU D 280 42.14 -23.83 15.56
C LEU D 280 43.22 -24.09 14.50
N ASN D 281 43.53 -23.06 13.74
CA ASN D 281 44.55 -23.14 12.69
C ASN D 281 45.61 -22.08 12.93
N ALA D 282 46.89 -22.46 12.83
CA ALA D 282 47.99 -21.51 13.03
C ALA D 282 47.61 -20.20 12.36
N ARG D 283 47.20 -20.30 11.09
CA ARG D 283 46.51 -19.22 10.43
C ARG D 283 45.47 -19.76 9.45
N GLU D 284 44.20 -19.37 9.62
CA GLU D 284 43.16 -19.73 8.66
C GLU D 284 43.49 -19.04 7.30
N PRO D 285 43.91 -17.76 7.33
CA PRO D 285 43.69 -16.75 8.37
C PRO D 285 42.32 -16.05 8.31
N LYS D 286 41.50 -16.28 9.34
CA LYS D 286 40.12 -15.79 9.52
C LYS D 286 39.38 -15.14 8.34
N VAL D 287 38.16 -15.57 8.05
CA VAL D 287 37.39 -14.95 6.98
C VAL D 287 36.14 -14.32 7.59
N VAL D 288 35.89 -13.06 7.25
CA VAL D 288 34.79 -12.28 7.81
C VAL D 288 33.74 -11.86 6.79
N ASN D 289 32.48 -12.11 7.13
CA ASN D 289 31.36 -11.72 6.27
C ASN D 289 30.54 -10.54 6.77
N GLY D 290 30.42 -9.52 5.92
CA GLY D 290 29.60 -8.37 6.23
C GLY D 290 28.19 -8.95 6.30
N PRO D 291 27.35 -8.43 7.21
CA PRO D 291 25.99 -8.96 7.32
C PRO D 291 25.17 -8.83 6.02
N GLU D 292 25.28 -7.72 5.29
CA GLU D 292 24.51 -7.56 4.05
C GLU D 292 25.02 -8.59 3.05
N ILE D 293 26.34 -8.73 3.00
CA ILE D 293 26.99 -9.80 2.24
C ILE D 293 26.87 -9.57 0.75
N LEU D 294 25.64 -9.40 0.26
CA LEU D 294 25.38 -9.40 -1.17
C LEU D 294 25.51 -8.04 -1.84
N ASN D 295 25.83 -7.00 -1.07
CA ASN D 295 25.84 -5.60 -1.55
C ASN D 295 26.39 -5.45 -2.97
N LYS D 296 25.77 -4.54 -3.73
CA LYS D 296 25.97 -4.33 -5.18
C LYS D 296 24.89 -5.18 -5.83
N TYR D 297 23.77 -4.55 -6.17
CA TYR D 297 22.59 -5.20 -6.75
C TYR D 297 22.73 -5.87 -8.12
N VAL D 298 23.68 -5.46 -8.95
CA VAL D 298 24.08 -6.28 -10.08
C VAL D 298 24.37 -7.74 -9.68
N GLY D 299 23.83 -8.67 -10.46
CA GLY D 299 23.92 -10.11 -10.20
C GLY D 299 25.31 -10.69 -10.19
N GLU D 300 26.16 -10.17 -11.06
CA GLU D 300 27.56 -10.59 -11.11
C GLU D 300 28.24 -10.33 -9.77
N SER D 301 27.96 -9.19 -9.16
CA SER D 301 28.53 -8.85 -7.86
C SER D 301 28.11 -9.89 -6.84
N GLU D 302 26.84 -10.26 -6.87
CA GLU D 302 26.33 -11.21 -5.90
C GLU D 302 27.13 -12.50 -6.12
N ALA D 303 27.34 -12.83 -7.39
CA ALA D 303 28.13 -14.00 -7.70
C ALA D 303 29.50 -13.84 -7.05
N ASN D 304 30.03 -12.62 -7.03
CA ASN D 304 31.31 -12.34 -6.35
C ASN D 304 31.28 -12.66 -4.86
N ILE D 305 30.17 -12.30 -4.21
CA ILE D 305 29.96 -12.61 -2.80
C ILE D 305 30.07 -14.11 -2.68
N ARG D 306 29.52 -14.84 -3.64
CA ARG D 306 29.75 -16.28 -3.67
C ARG D 306 31.19 -16.69 -3.91
N LYS D 307 31.87 -15.91 -4.73
CA LYS D 307 33.21 -16.27 -5.15
C LYS D 307 34.16 -16.32 -3.99
N LEU D 308 34.01 -15.40 -3.04
CA LEU D 308 34.96 -15.41 -1.91
C LEU D 308 34.92 -16.81 -1.24
N PHE D 309 33.73 -17.39 -1.12
CA PHE D 309 33.56 -18.79 -0.74
C PHE D 309 34.18 -19.72 -1.77
N ALA D 310 34.01 -19.36 -3.04
CA ALA D 310 34.44 -20.22 -4.15
C ALA D 310 35.94 -20.50 -4.16
N ASP D 311 36.74 -19.47 -3.88
CA ASP D 311 38.17 -19.68 -3.83
C ASP D 311 38.46 -20.73 -2.77
N ALA D 312 37.76 -20.58 -1.63
CA ALA D 312 37.95 -21.49 -0.52
C ALA D 312 37.70 -22.92 -0.99
N GLU D 313 36.64 -23.14 -1.75
CA GLU D 313 36.31 -24.46 -2.23
C GLU D 313 37.46 -24.94 -3.08
N GLU D 314 38.05 -24.03 -3.85
CA GLU D 314 39.13 -24.40 -4.77
C GLU D 314 40.47 -24.86 -4.12
N GLU D 315 40.88 -24.26 -3.01
CA GLU D 315 42.19 -24.59 -2.45
C GLU D 315 42.52 -26.11 -2.14
N GLN D 316 41.57 -26.78 -1.48
CA GLN D 316 41.37 -28.20 -1.33
C GLN D 316 41.44 -28.89 -2.68
N ARG D 317 40.84 -28.26 -3.68
CA ARG D 317 40.60 -28.92 -4.95
C ARG D 317 41.92 -29.14 -5.66
N ARG D 318 42.80 -28.16 -5.63
CA ARG D 318 44.09 -28.37 -6.30
C ARG D 318 44.93 -29.49 -5.66
N LEU D 319 44.97 -29.55 -4.33
CA LEU D 319 45.82 -30.50 -3.61
C LEU D 319 45.09 -31.53 -2.74
N GLY D 320 43.83 -31.82 -3.04
CA GLY D 320 42.98 -32.51 -2.07
C GLY D 320 43.40 -33.87 -1.55
N ALA D 321 43.36 -33.94 -0.23
CA ALA D 321 43.68 -35.09 0.63
C ALA D 321 44.03 -34.53 2.00
N ASN D 322 45.16 -33.85 2.07
CA ASN D 322 45.61 -33.09 3.23
C ASN D 322 46.64 -32.01 2.85
N SER D 323 46.80 -30.96 3.65
CA SER D 323 45.91 -30.63 4.76
C SER D 323 45.62 -29.13 4.85
N GLY D 324 44.84 -28.55 3.93
CA GLY D 324 44.60 -27.12 4.04
C GLY D 324 43.23 -26.77 4.57
N LEU D 325 43.19 -25.95 5.62
CA LEU D 325 41.92 -25.55 6.20
C LEU D 325 41.67 -24.03 6.24
N HIS D 326 40.52 -23.65 5.70
CA HIS D 326 39.99 -22.29 5.75
C HIS D 326 38.67 -22.20 6.49
N ILE D 327 38.65 -21.27 7.43
CA ILE D 327 37.51 -21.02 8.27
C ILE D 327 36.95 -19.66 7.88
N ILE D 328 35.67 -19.68 7.53
CA ILE D 328 34.91 -18.51 7.15
C ILE D 328 33.88 -18.40 8.23
N ILE D 329 33.80 -17.23 8.82
CA ILE D 329 32.81 -17.05 9.86
C ILE D 329 31.87 -15.97 9.38
N PHE D 330 30.58 -16.25 9.46
CA PHE D 330 29.66 -15.25 8.97
C PHE D 330 29.01 -14.55 10.16
N ASP D 331 29.26 -13.26 10.35
CA ASP D 331 28.50 -12.48 11.33
C ASP D 331 27.08 -12.23 10.83
N GLU D 332 26.11 -12.15 11.73
CA GLU D 332 24.74 -11.82 11.31
C GLU D 332 24.23 -12.76 10.22
N ILE D 333 24.39 -14.06 10.40
CA ILE D 333 24.00 -15.03 9.39
C ILE D 333 22.51 -14.83 9.12
N ASP D 334 21.72 -14.52 10.14
CA ASP D 334 20.32 -14.24 9.86
C ASP D 334 20.20 -13.02 8.95
N ALA D 335 19.26 -13.14 8.01
CA ALA D 335 18.95 -12.19 6.94
C ALA D 335 19.86 -12.55 5.76
N ILE D 336 20.57 -13.66 5.91
CA ILE D 336 21.45 -14.23 4.88
C ILE D 336 22.30 -13.18 4.16
N ASP D 351 16.51 -15.78 -1.16
CA ASP D 351 16.23 -15.97 -2.58
C ASP D 351 17.42 -16.65 -3.26
N THR D 352 17.87 -16.08 -4.37
CA THR D 352 18.96 -16.65 -5.15
C THR D 352 20.21 -16.70 -4.28
N VAL D 353 20.39 -15.67 -3.48
CA VAL D 353 21.54 -15.57 -2.61
C VAL D 353 21.61 -16.71 -1.59
N VAL D 354 20.48 -16.99 -0.94
CA VAL D 354 20.45 -18.04 0.07
C VAL D 354 20.71 -19.43 -0.50
N ASN D 355 20.08 -19.70 -1.64
CA ASN D 355 20.23 -20.98 -2.30
C ASN D 355 21.67 -21.20 -2.72
N GLN D 356 22.22 -20.12 -3.25
CA GLN D 356 23.56 -20.07 -3.74
C GLN D 356 24.56 -20.32 -2.61
N LEU D 357 24.31 -19.71 -1.45
CA LEU D 357 25.13 -19.87 -0.24
C LEU D 357 25.10 -21.36 0.11
N LEU D 358 23.90 -21.93 0.00
CA LEU D 358 23.65 -23.33 0.32
C LEU D 358 24.53 -24.21 -0.58
N SER D 359 24.67 -23.87 -1.86
CA SER D 359 25.53 -24.71 -2.71
C SER D 359 27.01 -24.70 -2.28
N LYS D 360 27.54 -23.54 -1.89
CA LYS D 360 28.95 -23.43 -1.54
C LYS D 360 29.34 -23.96 -0.18
N ILE D 361 28.53 -24.87 0.34
CA ILE D 361 28.79 -25.51 1.62
C ILE D 361 28.69 -27.02 1.42
N ASP D 362 27.69 -27.47 0.67
CA ASP D 362 27.55 -28.90 0.38
C ASP D 362 27.36 -29.15 -1.12
N GLY D 363 28.17 -30.06 -1.65
CA GLY D 363 28.06 -30.53 -3.01
C GLY D 363 28.57 -29.48 -3.99
N VAL D 364 28.49 -29.76 -5.29
CA VAL D 364 28.11 -31.06 -5.84
C VAL D 364 29.11 -32.17 -5.52
N GLU D 365 30.39 -31.82 -5.64
CA GLU D 365 31.48 -32.73 -5.36
C GLU D 365 32.38 -32.09 -4.33
N GLN D 366 32.71 -32.87 -3.30
CA GLN D 366 33.63 -32.45 -2.25
C GLN D 366 33.13 -31.18 -1.55
N LEU D 367 34.01 -30.19 -1.50
CA LEU D 367 33.83 -28.90 -0.82
C LEU D 367 34.15 -29.03 0.68
N ASN D 368 34.61 -30.21 1.10
CA ASN D 368 35.05 -30.41 2.47
C ASN D 368 36.47 -29.91 2.68
N ASN D 369 36.96 -29.93 3.93
CA ASN D 369 38.29 -29.39 4.31
C ASN D 369 38.20 -27.89 4.61
N ILE D 370 36.98 -27.36 4.67
CA ILE D 370 36.77 -26.00 5.19
C ILE D 370 35.56 -26.03 6.13
N LEU D 371 35.53 -25.07 7.06
CA LEU D 371 34.43 -24.97 8.02
C LEU D 371 33.91 -23.53 8.17
N VAL D 372 32.61 -23.38 8.42
CA VAL D 372 31.99 -22.08 8.56
C VAL D 372 31.14 -21.98 9.82
N ILE D 373 31.33 -20.91 10.61
CA ILE D 373 30.53 -20.78 11.82
C ILE D 373 29.63 -19.55 11.67
N GLY D 374 28.34 -19.70 11.97
CA GLY D 374 27.43 -18.58 11.88
C GLY D 374 26.93 -18.04 13.21
N MET D 375 27.02 -16.73 13.41
CA MET D 375 26.58 -16.15 14.69
C MET D 375 25.33 -15.27 14.57
N THR D 376 24.30 -15.59 15.37
CA THR D 376 23.04 -14.86 15.28
C THR D 376 22.26 -14.77 16.59
N ASN D 377 21.54 -13.68 16.75
CA ASN D 377 20.77 -13.47 17.97
C ASN D 377 19.58 -14.44 18.14
N ARG D 378 18.89 -14.74 17.04
CA ARG D 378 17.73 -15.64 17.10
C ARG D 378 17.76 -16.86 16.18
N PRO D 379 17.46 -18.05 16.72
CA PRO D 379 17.41 -19.31 15.96
C PRO D 379 16.27 -19.35 14.92
N ASP D 380 15.10 -18.85 15.30
CA ASP D 380 13.85 -19.03 14.54
C ASP D 380 13.89 -18.37 13.17
N LEU D 381 14.57 -17.24 13.10
CA LEU D 381 14.74 -16.47 11.86
C LEU D 381 15.38 -17.30 10.75
N ILE D 382 16.35 -18.13 11.10
CA ILE D 382 17.14 -18.84 10.10
C ILE D 382 16.40 -19.94 9.32
N ASP D 383 16.94 -20.21 8.13
CA ASP D 383 16.41 -21.17 7.19
C ASP D 383 16.53 -22.58 7.77
N GLU D 384 15.53 -23.42 7.51
CA GLU D 384 15.56 -24.82 7.92
C GLU D 384 16.61 -25.70 7.23
N ALA D 385 16.86 -25.46 5.95
CA ALA D 385 17.68 -26.35 5.12
C ALA D 385 19.13 -26.42 5.58
N LEU D 386 19.66 -25.28 6.03
CA LEU D 386 21.05 -25.25 6.49
C LEU D 386 21.23 -26.12 7.73
N LEU D 387 20.22 -26.15 8.59
CA LEU D 387 20.32 -26.77 9.92
C LEU D 387 20.63 -28.26 9.91
N ARG D 388 20.09 -28.99 8.94
CA ARG D 388 20.17 -30.45 8.93
C ARG D 388 21.62 -30.91 8.89
N PRO D 389 21.93 -32.05 9.54
CA PRO D 389 23.32 -32.50 9.63
C PRO D 389 23.94 -32.67 8.25
N GLY D 390 25.20 -32.29 8.12
CA GLY D 390 25.77 -32.07 6.81
C GLY D 390 26.32 -30.67 6.77
N ARG D 391 25.64 -29.81 6.03
CA ARG D 391 26.12 -28.45 5.80
C ARG D 391 26.30 -27.64 7.09
N LEU D 392 25.35 -27.76 8.00
CA LEU D 392 25.48 -27.18 9.35
C LEU D 392 25.06 -28.24 10.35
N GLU D 393 25.87 -29.27 10.55
CA GLU D 393 25.46 -30.37 11.42
C GLU D 393 25.22 -30.05 12.89
N VAL D 394 26.08 -29.24 13.49
CA VAL D 394 25.95 -28.98 14.92
C VAL D 394 25.52 -27.52 15.16
N LYS D 395 24.46 -27.38 15.94
CA LYS D 395 23.97 -26.06 16.33
C LYS D 395 24.15 -25.96 17.84
N MET D 396 24.75 -24.85 18.25
CA MET D 396 25.08 -24.60 19.64
C MET D 396 24.27 -23.43 20.14
N GLU D 397 23.70 -23.61 21.33
CA GLU D 397 22.88 -22.57 21.90
C GLU D 397 23.54 -22.03 23.15
N ILE D 398 23.67 -20.71 23.18
CA ILE D 398 24.27 -20.00 24.29
C ILE D 398 23.33 -19.96 25.50
N GLY D 399 23.93 -19.76 26.67
CA GLY D 399 23.24 -19.65 27.93
C GLY D 399 23.69 -18.34 28.57
N LEU D 400 22.92 -17.80 29.52
CA LEU D 400 23.24 -16.51 30.12
C LEU D 400 24.65 -16.57 30.69
N PRO D 401 25.44 -15.50 30.49
CA PRO D 401 26.85 -15.64 30.84
C PRO D 401 27.03 -15.96 32.32
N ASP D 402 27.90 -16.91 32.61
CA ASP D 402 28.19 -17.33 33.96
C ASP D 402 28.86 -16.22 34.75
N GLU D 403 28.50 -16.12 36.03
CA GLU D 403 29.12 -15.15 36.92
C GLU D 403 30.60 -15.49 37.00
N LYS D 404 30.88 -16.78 37.05
CA LYS D 404 32.26 -17.24 37.20
C LYS D 404 33.02 -16.76 35.97
N GLY D 405 32.39 -16.96 34.81
CA GLY D 405 32.95 -16.55 33.53
C GLY D 405 33.17 -15.06 33.49
N ARG D 406 32.20 -14.33 34.05
CA ARG D 406 32.29 -12.89 34.06
C ARG D 406 33.56 -12.58 34.84
N LEU D 407 33.79 -13.31 35.92
CA LEU D 407 35.02 -13.13 36.69
C LEU D 407 36.30 -13.44 35.92
N GLN D 408 36.37 -14.49 35.10
CA GLN D 408 37.61 -14.65 34.28
C GLN D 408 37.79 -13.49 33.32
N ILE D 409 36.71 -13.02 32.70
CA ILE D 409 36.81 -11.91 31.74
C ILE D 409 37.28 -10.61 32.44
N LEU D 410 36.70 -10.30 33.60
CA LEU D 410 37.12 -9.13 34.39
C LEU D 410 38.57 -9.33 34.80
N HIS D 411 38.91 -10.56 35.18
CA HIS D 411 40.21 -10.87 35.74
C HIS D 411 41.28 -10.69 34.66
N ILE D 412 41.03 -11.19 33.46
CA ILE D 412 41.99 -11.07 32.37
C ILE D 412 42.11 -9.61 31.90
N HIS D 413 41.01 -8.88 31.72
CA HIS D 413 41.14 -7.47 31.34
C HIS D 413 41.88 -6.65 32.41
N THR D 414 41.58 -6.92 33.67
CA THR D 414 42.24 -6.28 34.80
C THR D 414 43.71 -6.67 34.82
N ALA D 415 44.02 -7.90 34.43
CA ALA D 415 45.28 -8.58 34.71
C ALA D 415 46.45 -7.87 34.04
N ARG D 416 46.23 -7.35 32.84
CA ARG D 416 47.26 -6.63 32.13
C ARG D 416 47.62 -5.38 32.98
N MET D 417 46.60 -4.71 33.53
CA MET D 417 46.73 -3.62 34.51
C MET D 417 47.38 -4.07 35.83
N ARG D 418 47.06 -5.30 36.22
CA ARG D 418 47.38 -5.95 37.49
C ARG D 418 48.87 -6.23 37.51
N GLY D 419 49.39 -6.58 36.34
CA GLY D 419 50.67 -7.22 36.16
C GLY D 419 51.58 -6.07 36.51
N HIS D 420 51.32 -4.89 35.97
CA HIS D 420 52.04 -3.71 36.42
C HIS D 420 51.59 -3.45 37.85
N GLN D 421 52.44 -2.76 38.62
CA GLN D 421 52.19 -2.57 40.04
C GLN D 421 50.89 -1.80 40.31
N LEU D 422 50.59 -0.80 39.49
CA LEU D 422 49.44 0.07 39.74
C LEU D 422 48.15 -0.74 39.83
N LEU D 423 47.36 -0.45 40.86
CA LEU D 423 46.07 -1.11 41.08
C LEU D 423 45.25 -0.30 42.06
N SER D 424 43.95 -0.58 42.12
CA SER D 424 43.11 -0.01 43.17
C SER D 424 42.75 -1.11 44.18
N ALA D 425 43.15 -0.90 45.43
CA ALA D 425 43.00 -1.91 46.49
C ALA D 425 41.55 -2.24 46.82
N ASP D 426 40.68 -1.23 46.85
CA ASP D 426 39.30 -1.40 47.26
C ASP D 426 38.55 -2.35 46.34
N VAL D 427 38.82 -2.21 45.05
CA VAL D 427 38.16 -2.99 44.02
C VAL D 427 38.46 -4.48 44.11
N ASP D 428 37.43 -5.26 43.85
CA ASP D 428 37.54 -6.70 43.90
C ASP D 428 36.85 -7.28 42.69
N ILE D 429 37.53 -8.17 41.99
CA ILE D 429 37.01 -8.78 40.77
C ILE D 429 35.70 -9.49 41.06
N LYS D 430 35.69 -10.23 42.17
CA LYS D 430 34.54 -11.01 42.59
C LYS D 430 33.37 -10.08 42.83
N GLU D 431 33.64 -8.95 43.47
CA GLU D 431 32.61 -7.96 43.76
C GLU D 431 32.01 -7.44 42.45
N LEU D 432 32.88 -7.18 41.47
CA LEU D 432 32.41 -6.69 40.19
C LEU D 432 31.51 -7.76 39.56
N ALA D 433 31.92 -9.02 39.65
CA ALA D 433 31.17 -10.12 39.08
C ALA D 433 29.77 -10.28 39.71
N VAL D 434 29.70 -10.26 41.05
CA VAL D 434 28.41 -10.37 41.74
C VAL D 434 27.56 -9.17 41.32
N GLU D 435 28.20 -8.01 41.20
CA GLU D 435 27.49 -6.76 40.90
C GLU D 435 26.82 -6.83 39.53
N THR D 436 27.53 -7.32 38.52
CA THR D 436 26.90 -7.53 37.21
C THR D 436 27.18 -8.92 36.66
N LYS D 437 26.10 -9.63 36.33
CA LYS D 437 26.19 -10.91 35.62
C LYS D 437 25.62 -10.73 34.22
N ASN D 438 24.86 -9.65 34.04
CA ASN D 438 24.19 -9.35 32.79
C ASN D 438 25.16 -9.01 31.65
N PHE D 439 26.26 -8.35 32.01
CA PHE D 439 27.17 -7.75 31.04
C PHE D 439 27.86 -8.70 30.09
N SER D 440 27.89 -8.20 28.86
CA SER D 440 28.58 -8.80 27.74
C SER D 440 30.11 -8.68 27.75
N GLY D 441 30.79 -9.62 27.09
CA GLY D 441 32.23 -9.61 27.07
C GLY D 441 32.59 -8.20 26.65
N ALA D 442 32.01 -7.81 25.50
CA ALA D 442 32.19 -6.48 24.91
C ALA D 442 32.06 -5.40 25.96
N GLU D 443 30.91 -5.43 26.62
CA GLU D 443 30.51 -4.45 27.64
C GLU D 443 31.38 -4.49 28.87
N LEU D 444 31.76 -5.69 29.30
CA LEU D 444 32.61 -5.86 30.47
C LEU D 444 33.99 -5.25 30.22
N GLU D 445 34.50 -5.52 29.02
CA GLU D 445 35.78 -5.02 28.52
C GLU D 445 35.69 -3.51 28.51
N GLY D 446 34.54 -3.03 28.03
CA GLY D 446 34.22 -1.61 27.99
C GLY D 446 34.25 -1.08 29.41
N LEU D 447 33.75 -1.87 30.35
CA LEU D 447 33.55 -1.44 31.73
C LEU D 447 34.94 -1.17 32.28
N VAL D 448 35.85 -2.10 32.02
CA VAL D 448 37.24 -1.91 32.41
C VAL D 448 37.82 -0.68 31.71
N ARG D 449 37.46 -0.49 30.44
CA ARG D 449 37.92 0.69 29.67
C ARG D 449 37.50 1.98 30.37
N ALA D 450 36.31 1.93 30.96
CA ALA D 450 35.71 3.04 31.69
C ALA D 450 36.63 3.40 32.84
N ALA D 451 37.24 2.37 33.44
CA ALA D 451 38.08 2.57 34.61
C ALA D 451 39.28 3.46 34.38
N GLN D 452 39.90 3.34 33.21
CA GLN D 452 41.11 4.10 32.92
C GLN D 452 40.85 5.61 32.91
N SER D 453 39.68 5.98 32.38
CA SER D 453 39.34 7.38 32.19
C SER D 453 39.26 8.19 33.48
N THR D 454 38.75 7.60 34.56
CA THR D 454 38.65 8.33 35.82
C THR D 454 40.04 8.70 36.38
N ALA D 455 40.96 7.75 36.28
CA ALA D 455 42.35 7.95 36.69
C ALA D 455 43.01 9.04 35.87
N MET D 456 42.78 8.95 34.56
CA MET D 456 43.28 9.94 33.62
C MET D 456 42.70 11.31 33.95
N ASN D 457 41.43 11.33 34.34
CA ASN D 457 40.67 12.54 34.60
C ASN D 457 41.26 13.21 35.81
N ARG D 458 41.55 12.42 36.83
CA ARG D 458 42.15 12.92 38.06
C ARG D 458 43.49 13.53 37.70
N HIS D 459 44.25 12.85 36.84
CA HIS D 459 45.55 13.37 36.42
C HIS D 459 45.41 14.74 35.75
N ILE D 460 44.38 14.91 34.94
CA ILE D 460 44.13 16.18 34.25
C ILE D 460 43.27 17.12 35.09
N PHE D 483 37.07 0.08 39.05
CA PHE D 483 37.55 0.87 40.19
C PHE D 483 36.57 1.97 40.56
N LEU D 484 37.11 3.18 40.71
CA LEU D 484 36.33 4.35 41.08
C LEU D 484 35.34 4.55 39.94
N ALA D 485 35.89 4.31 38.76
CA ALA D 485 35.25 4.50 37.47
C ALA D 485 34.05 3.61 37.27
N SER D 486 34.07 2.38 37.75
CA SER D 486 32.93 1.50 37.52
C SER D 486 31.73 2.16 38.21
N LEU D 487 31.96 2.65 39.42
CA LEU D 487 30.93 3.39 40.14
C LEU D 487 30.54 4.66 39.37
N GLU D 488 31.55 5.34 38.82
CA GLU D 488 31.30 6.53 38.00
C GLU D 488 30.46 6.17 36.79
N ASN D 489 30.72 4.98 36.25
CA ASN D 489 30.12 4.48 35.04
C ASN D 489 28.66 4.31 35.37
N ASP D 490 28.39 3.76 36.56
CA ASP D 490 27.03 3.61 37.05
C ASP D 490 26.39 5.00 37.11
N ILE D 491 27.17 6.00 37.50
CA ILE D 491 26.66 7.37 37.58
C ILE D 491 26.58 8.05 36.20
N LYS D 492 26.56 7.29 35.11
CA LYS D 492 26.39 7.86 33.76
C LYS D 492 26.05 6.97 32.54
N PRO D 493 25.56 5.72 32.74
CA PRO D 493 25.42 4.88 31.54
C PRO D 493 24.42 5.43 30.52
N GLU D 500 16.74 3.21 30.70
CA GLU D 500 15.47 3.37 31.40
C GLU D 500 15.69 3.91 32.81
N ASP D 501 14.88 4.89 33.18
CA ASP D 501 14.98 5.48 34.51
C ASP D 501 13.68 5.38 35.26
N TYR D 502 13.81 4.86 36.47
CA TYR D 502 12.70 4.69 37.41
C TYR D 502 12.23 6.02 37.99
N ALA D 503 13.17 6.91 38.34
CA ALA D 503 12.82 8.28 38.72
C ALA D 503 11.87 8.98 37.72
N SER D 504 11.71 8.37 36.55
CA SER D 504 10.86 8.87 35.48
C SER D 504 9.44 8.38 35.67
N TYR D 505 9.30 7.23 36.31
CA TYR D 505 7.99 6.65 36.55
C TYR D 505 7.60 6.98 37.97
N ILE D 506 8.58 7.40 38.77
CA ILE D 506 8.33 7.71 40.17
C ILE D 506 8.80 9.15 40.36
N MET D 507 8.22 10.05 39.58
CA MET D 507 8.61 11.45 39.62
C MET D 507 8.23 12.18 40.90
N ASN D 508 7.09 11.80 41.49
CA ASN D 508 6.69 12.43 42.73
C ASN D 508 6.70 11.53 43.93
N GLY D 509 7.19 10.31 43.77
CA GLY D 509 7.31 9.46 44.92
C GLY D 509 6.07 8.80 45.46
N ILE D 510 6.30 8.13 46.57
CA ILE D 510 5.18 7.53 47.22
C ILE D 510 5.03 8.09 48.63
N ILE D 511 3.81 8.50 48.89
CA ILE D 511 3.32 8.95 50.18
C ILE D 511 2.06 8.14 50.40
N LYS D 512 1.88 7.55 51.58
CA LYS D 512 0.75 6.65 51.68
C LYS D 512 -0.41 7.36 52.34
N TRP D 513 -1.46 7.60 51.60
CA TRP D 513 -2.66 8.14 52.21
C TRP D 513 -3.29 7.16 53.18
N GLY D 514 -3.19 5.88 52.88
CA GLY D 514 -3.76 4.89 53.78
C GLY D 514 -2.78 3.78 54.09
N ASP D 515 -2.97 3.16 55.26
CA ASP D 515 -2.17 2.02 55.67
C ASP D 515 -2.42 0.98 54.54
N PRO D 516 -3.69 0.90 54.03
CA PRO D 516 -3.95 -0.10 52.98
C PRO D 516 -3.05 0.12 51.75
N VAL D 517 -2.72 1.34 51.38
CA VAL D 517 -1.84 1.48 50.22
C VAL D 517 -0.47 0.81 50.53
N THR D 518 0.06 0.98 51.75
CA THR D 518 1.28 0.24 52.10
C THR D 518 1.09 -1.27 52.02
N ARG D 519 -0.05 -1.75 52.53
CA ARG D 519 -0.29 -3.20 52.50
C ARG D 519 -0.27 -3.63 51.03
N VAL D 520 -0.89 -2.84 50.14
CA VAL D 520 -0.91 -3.23 48.72
C VAL D 520 0.49 -3.30 48.15
N LEU D 521 1.35 -2.33 48.42
CA LEU D 521 2.72 -2.47 47.90
C LEU D 521 3.41 -3.69 48.45
N ASP D 522 3.25 -3.92 49.75
CA ASP D 522 3.89 -5.07 50.37
C ASP D 522 3.36 -6.36 49.76
N ASP D 523 2.08 -6.41 49.45
CA ASP D 523 1.45 -7.57 48.80
C ASP D 523 2.00 -7.79 47.40
N GLY D 524 2.22 -6.70 46.68
CA GLY D 524 2.81 -6.81 45.36
C GLY D 524 4.19 -7.40 45.53
N GLU D 525 4.93 -6.93 46.53
CA GLU D 525 6.27 -7.43 46.83
C GLU D 525 6.23 -8.91 47.14
N LEU D 526 5.19 -9.32 47.86
CA LEU D 526 4.97 -10.70 48.24
C LEU D 526 4.73 -11.57 47.02
N LEU D 527 3.98 -11.05 46.05
CA LEU D 527 3.76 -11.77 44.80
C LEU D 527 5.08 -11.89 44.03
N VAL D 528 5.89 -10.83 44.09
CA VAL D 528 7.23 -10.84 43.51
C VAL D 528 8.14 -11.90 44.14
N GLN D 529 8.05 -12.03 45.47
CA GLN D 529 8.79 -13.02 46.25
C GLN D 529 8.31 -14.37 45.86
N GLN D 530 7.04 -14.41 45.51
CA GLN D 530 6.47 -15.60 44.98
C GLN D 530 7.02 -16.07 43.66
N THR D 531 7.24 -15.09 42.82
CA THR D 531 7.87 -15.33 41.55
C THR D 531 9.26 -15.87 41.80
N LYS D 532 9.91 -15.26 42.78
CA LYS D 532 11.27 -15.64 43.18
C LYS D 532 11.44 -17.03 43.78
N ASN D 533 10.50 -17.45 44.61
CA ASN D 533 10.57 -18.76 45.25
C ASN D 533 10.07 -19.92 44.39
N SER D 534 8.99 -19.68 43.67
CA SER D 534 8.28 -20.76 42.96
C SER D 534 9.11 -21.38 41.84
N ASP D 535 9.09 -22.70 41.80
CA ASP D 535 9.68 -23.45 40.71
C ASP D 535 8.66 -24.01 39.73
N ARG D 536 7.59 -24.59 40.26
CA ARG D 536 6.54 -25.14 39.43
C ARG D 536 5.71 -24.06 38.71
N THR D 537 5.76 -22.82 39.20
CA THR D 537 5.03 -21.71 38.60
C THR D 537 5.98 -20.53 38.35
N PRO D 538 6.95 -20.70 37.45
CA PRO D 538 7.93 -19.63 37.22
C PRO D 538 7.31 -18.39 36.57
N LEU D 539 6.09 -18.50 36.06
CA LEU D 539 5.49 -17.37 35.36
C LEU D 539 4.38 -16.75 36.18
N VAL D 540 4.52 -15.45 36.44
CA VAL D 540 3.56 -14.68 37.21
C VAL D 540 3.01 -13.44 36.51
N SER D 541 1.69 -13.31 36.50
CA SER D 541 1.07 -12.07 36.05
C SER D 541 0.17 -11.44 37.11
N VAL D 542 0.48 -10.18 37.40
CA VAL D 542 -0.28 -9.38 38.34
C VAL D 542 -0.75 -8.09 37.67
N LEU D 543 -2.04 -7.81 37.83
CA LEU D 543 -2.72 -6.64 37.30
C LEU D 543 -3.18 -5.77 38.43
N LEU D 544 -2.80 -4.50 38.37
CA LEU D 544 -3.24 -3.54 39.36
C LEU D 544 -4.12 -2.51 38.67
N GLU D 545 -5.34 -2.34 39.17
CA GLU D 545 -6.30 -1.43 38.54
C GLU D 545 -6.83 -0.31 39.44
N GLY D 546 -6.80 0.93 38.95
CA GLY D 546 -7.31 2.07 39.68
C GLY D 546 -7.96 3.07 38.75
N PRO D 547 -8.88 3.90 39.26
CA PRO D 547 -9.50 4.98 38.47
C PRO D 547 -8.37 5.89 38.02
N PRO D 548 -8.41 6.44 36.79
CA PRO D 548 -7.24 7.14 36.24
C PRO D 548 -6.56 8.01 37.27
N HIS D 549 -5.26 8.24 37.17
CA HIS D 549 -4.62 9.11 38.15
C HIS D 549 -4.77 8.59 39.59
N SER D 550 -4.70 7.28 39.80
CA SER D 550 -4.85 6.69 41.13
C SER D 550 -3.49 6.36 41.72
N GLY D 551 -2.46 6.62 40.92
CA GLY D 551 -1.09 6.38 41.32
C GLY D 551 -0.55 4.97 41.17
N LYS D 552 -0.99 4.35 40.07
CA LYS D 552 -0.65 3.00 39.65
C LYS D 552 0.71 2.71 39.01
N THR D 553 1.10 3.51 38.02
CA THR D 553 2.40 3.25 37.36
C THR D 553 3.54 3.40 38.32
N ALA D 554 3.48 4.41 39.15
CA ALA D 554 4.51 4.67 40.14
C ALA D 554 4.56 3.47 41.09
N LEU D 555 3.39 2.94 41.45
CA LEU D 555 3.32 1.76 42.33
C LEU D 555 3.98 0.54 41.69
N ALA D 556 3.74 0.37 40.40
CA ALA D 556 4.31 -0.73 39.63
C ALA D 556 5.82 -0.62 39.62
N ALA D 557 6.27 0.62 39.44
CA ALA D 557 7.69 0.93 39.41
C ALA D 557 8.30 0.57 40.76
N LYS D 558 7.61 0.90 41.85
CA LYS D 558 8.08 0.61 43.21
C LYS D 558 8.22 -0.91 43.39
N ILE D 559 7.21 -1.63 42.91
CA ILE D 559 7.19 -3.08 43.01
C ILE D 559 8.42 -3.62 42.30
N ALA D 560 8.70 -3.04 41.15
CA ALA D 560 9.84 -3.43 40.36
C ALA D 560 11.11 -3.14 41.14
N GLU D 561 11.13 -2.01 41.83
CA GLU D 561 12.33 -1.55 42.54
C GLU D 561 12.76 -2.47 43.64
N GLU D 562 11.78 -2.95 44.39
CA GLU D 562 12.09 -3.69 45.60
C GLU D 562 12.32 -5.17 45.33
N SER D 563 12.32 -5.52 44.05
CA SER D 563 12.47 -6.91 43.65
C SER D 563 13.93 -7.36 43.56
N ASN D 564 14.82 -6.41 43.24
CA ASN D 564 16.25 -6.68 43.10
C ASN D 564 16.59 -7.70 42.02
N PHE D 565 15.64 -7.92 41.10
CA PHE D 565 15.79 -8.85 39.98
C PHE D 565 16.94 -8.42 39.08
N PRO D 566 17.69 -9.39 38.54
CA PRO D 566 18.82 -9.04 37.67
C PRO D 566 18.39 -8.36 36.36
N PHE D 567 17.15 -8.59 35.96
CA PHE D 567 16.61 -8.00 34.73
C PHE D 567 15.30 -7.29 35.05
N ILE D 568 15.28 -5.98 34.84
CA ILE D 568 14.07 -5.21 35.02
C ILE D 568 13.88 -4.33 33.80
N LYS D 569 12.68 -4.35 33.23
CA LYS D 569 12.37 -3.48 32.11
C LYS D 569 10.96 -3.00 32.30
N ILE D 570 10.66 -1.82 31.75
CA ILE D 570 9.34 -1.27 31.80
C ILE D 570 8.88 -0.90 30.39
N CYS D 571 7.66 -1.27 30.07
CA CYS D 571 7.12 -0.99 28.76
C CYS D 571 6.02 0.05 28.81
N SER D 572 6.20 1.07 27.97
CA SER D 572 5.30 2.19 27.91
C SER D 572 4.91 2.53 26.47
N PRO D 573 3.67 2.96 26.26
CA PRO D 573 3.16 3.49 24.99
C PRO D 573 4.02 4.68 24.57
N ASP D 574 4.60 5.36 25.55
CA ASP D 574 5.30 6.61 25.33
C ASP D 574 6.46 6.47 24.34
N LYS D 575 7.22 5.41 24.50
CA LYS D 575 8.21 4.99 23.54
C LYS D 575 7.55 4.62 22.23
N MET D 576 6.41 3.97 22.37
CA MET D 576 5.64 3.36 21.30
C MET D 576 4.92 4.34 20.36
N ILE D 577 4.84 5.60 20.75
CA ILE D 577 3.86 6.52 20.15
C ILE D 577 3.90 6.53 18.63
N GLY D 578 2.74 6.35 18.01
CA GLY D 578 2.62 6.45 16.57
C GLY D 578 2.99 5.17 15.84
N PHE D 579 3.35 4.12 16.58
CA PHE D 579 3.79 2.89 15.94
C PHE D 579 2.66 2.11 15.28
N SER D 580 3.00 1.46 14.17
CA SER D 580 2.08 0.63 13.42
C SER D 580 1.68 -0.56 14.27
N GLU D 581 0.42 -0.97 14.18
CA GLU D 581 -0.10 -2.03 15.03
C GLU D 581 0.85 -3.24 15.04
N THR D 582 1.39 -3.58 13.86
CA THR D 582 2.41 -4.63 13.75
C THR D 582 3.68 -4.24 14.51
N ALA D 583 4.06 -2.96 14.40
CA ALA D 583 5.28 -2.43 15.00
C ALA D 583 5.22 -2.59 16.50
N LYS D 584 4.03 -2.35 17.06
CA LYS D 584 3.83 -2.42 18.50
C LYS D 584 4.15 -3.84 18.95
N CYS D 585 3.70 -4.80 18.14
CA CYS D 585 3.98 -6.20 18.34
C CYS D 585 5.46 -6.51 18.24
N GLN D 586 6.15 -5.83 17.33
CA GLN D 586 7.61 -5.97 17.23
C GLN D 586 8.37 -5.47 18.45
N ALA D 587 7.97 -4.32 18.97
CA ALA D 587 8.61 -3.78 20.17
C ALA D 587 8.37 -4.76 21.30
N MET D 588 7.13 -5.26 21.37
CA MET D 588 6.79 -6.21 22.42
C MET D 588 7.68 -7.42 22.29
N LYS D 589 7.85 -7.89 21.05
CA LYS D 589 8.65 -9.09 20.83
C LYS D 589 10.06 -8.87 21.29
N LYS D 590 10.64 -7.70 21.04
CA LYS D 590 12.00 -7.45 21.49
C LYS D 590 12.16 -7.37 23.03
N ILE D 591 11.26 -6.60 23.67
CA ILE D 591 11.31 -6.45 25.14
C ILE D 591 11.06 -7.77 25.89
N PHE D 592 10.07 -8.54 25.44
CA PHE D 592 9.79 -9.85 25.99
C PHE D 592 10.96 -10.79 25.66
N ASP D 593 11.53 -10.63 24.46
CA ASP D 593 12.51 -11.58 23.93
C ASP D 593 13.70 -11.58 24.86
N ASP D 594 14.20 -10.40 25.23
CA ASP D 594 15.33 -10.40 26.15
C ASP D 594 15.00 -11.05 27.51
N ALA D 595 13.80 -10.78 28.01
CA ALA D 595 13.35 -11.26 29.32
C ALA D 595 13.55 -12.74 29.71
N TYR D 596 13.35 -13.63 28.74
CA TYR D 596 13.39 -15.07 28.98
C TYR D 596 14.71 -15.63 29.39
N LYS D 597 15.73 -15.03 28.80
CA LYS D 597 17.12 -15.39 28.99
C LYS D 597 17.59 -15.18 30.44
N SER D 598 17.17 -14.07 31.01
CA SER D 598 17.43 -13.75 32.40
C SER D 598 16.68 -14.70 33.34
N GLN D 599 17.37 -15.20 34.35
CA GLN D 599 16.77 -16.21 35.23
C GLN D 599 15.54 -15.78 35.94
N LEU D 600 15.59 -14.60 36.52
CA LEU D 600 14.42 -14.09 37.19
C LEU D 600 14.27 -12.67 36.66
N SER D 601 13.14 -12.35 36.02
CA SER D 601 12.97 -10.97 35.61
C SER D 601 11.54 -10.43 35.57
N CYS D 602 11.39 -9.14 35.78
CA CYS D 602 10.08 -8.49 35.67
C CYS D 602 9.89 -7.38 34.64
N VAL D 603 8.88 -7.56 33.81
CA VAL D 603 8.56 -6.62 32.75
C VAL D 603 7.24 -5.86 33.07
N VAL D 604 7.29 -4.53 32.99
CA VAL D 604 6.11 -3.74 33.36
C VAL D 604 5.50 -3.10 32.12
N VAL D 605 4.21 -3.34 31.92
CA VAL D 605 3.46 -2.74 30.83
C VAL D 605 2.57 -1.66 31.43
N ASP D 606 2.86 -0.41 31.07
CA ASP D 606 2.01 0.68 31.46
C ASP D 606 0.84 0.69 30.49
N ASP D 607 -0.31 1.17 30.94
CA ASP D 607 -1.41 1.40 30.00
C ASP D 607 -1.79 0.21 29.12
N ILE D 608 -2.05 -0.96 29.72
CA ILE D 608 -2.28 -2.18 28.93
C ILE D 608 -3.36 -1.92 27.90
N GLU D 609 -4.41 -1.23 28.34
CA GLU D 609 -5.45 -0.85 27.41
C GLU D 609 -4.86 0.02 26.30
N ARG D 610 -3.88 0.89 26.60
CA ARG D 610 -3.32 1.76 25.57
C ARG D 610 -2.76 0.94 24.45
N LEU D 611 -2.05 -0.14 24.82
CA LEU D 611 -1.52 -1.05 23.82
C LEU D 611 -2.64 -1.69 23.01
N LEU D 612 -3.70 -2.11 23.68
CA LEU D 612 -4.91 -2.48 22.94
C LEU D 612 -5.56 -1.23 22.25
N ASP D 613 -5.33 -0.05 22.84
CA ASP D 613 -5.87 1.31 22.55
C ASP D 613 -7.39 1.45 22.49
N TYR D 614 -8.06 0.92 23.51
CA TYR D 614 -9.52 1.00 23.57
C TYR D 614 -10.06 2.41 23.64
N VAL D 615 -11.09 2.63 22.84
CA VAL D 615 -11.77 3.90 22.79
C VAL D 615 -13.23 3.57 23.07
N PRO D 616 -13.83 4.27 24.04
CA PRO D 616 -15.15 3.82 24.53
C PRO D 616 -16.21 3.85 23.45
N ILE D 617 -16.26 4.92 22.66
CA ILE D 617 -17.18 4.96 21.54
C ILE D 617 -16.64 3.90 20.59
N GLY D 618 -17.49 3.24 19.82
CA GLY D 618 -16.97 2.23 18.92
C GLY D 618 -17.64 0.90 19.16
N PRO D 619 -16.93 -0.02 19.81
CA PRO D 619 -15.60 0.10 20.43
C PRO D 619 -14.42 -0.32 19.52
N ARG D 620 -13.39 0.52 19.38
CA ARG D 620 -12.28 0.14 18.52
C ARG D 620 -10.99 -0.22 19.27
N PHE D 621 -10.45 -1.40 19.02
CA PHE D 621 -9.18 -1.81 19.64
C PHE D 621 -8.45 -2.67 18.57
N SER D 622 -7.14 -2.84 18.73
CA SER D 622 -6.34 -3.62 17.78
C SER D 622 -6.05 -5.08 18.16
N ASN D 623 -6.49 -5.99 17.29
CA ASN D 623 -6.42 -7.42 17.53
C ASN D 623 -5.03 -7.94 17.77
N LEU D 624 -4.07 -7.50 16.96
CA LEU D 624 -2.72 -8.06 17.05
C LEU D 624 -2.08 -7.73 18.38
N VAL D 625 -2.21 -6.49 18.84
CA VAL D 625 -1.64 -6.14 20.13
C VAL D 625 -2.26 -7.02 21.21
N LEU D 626 -3.59 -7.17 21.17
CA LEU D 626 -4.29 -7.92 22.21
C LEU D 626 -3.83 -9.36 22.21
N GLN D 627 -3.69 -9.95 21.02
CA GLN D 627 -3.29 -11.34 20.88
C GLN D 627 -1.90 -11.46 21.45
N ALA D 628 -1.06 -10.48 21.12
CA ALA D 628 0.31 -10.49 21.58
C ALA D 628 0.32 -10.47 23.10
N LEU D 629 -0.48 -9.61 23.71
CA LEU D 629 -0.50 -9.54 25.17
C LEU D 629 -0.98 -10.84 25.83
N LEU D 630 -2.05 -11.41 25.28
CA LEU D 630 -2.62 -12.65 25.78
C LEU D 630 -1.59 -13.80 25.69
N VAL D 631 -0.97 -13.91 24.53
CA VAL D 631 0.05 -14.93 24.28
C VAL D 631 1.29 -14.76 25.15
N LEU D 632 1.72 -13.52 25.31
CA LEU D 632 2.93 -13.17 26.05
C LEU D 632 2.68 -13.50 27.51
N LEU D 633 1.49 -13.20 28.00
CA LEU D 633 1.15 -13.54 29.38
C LEU D 633 1.15 -15.05 29.51
N LYS D 634 0.59 -15.77 28.54
CA LYS D 634 0.60 -17.24 28.65
C LYS D 634 1.85 -17.90 28.08
N LYS D 635 2.75 -17.12 27.49
CA LYS D 635 4.03 -17.67 27.01
C LYS D 635 4.96 -18.00 28.16
N ALA D 636 5.75 -19.06 27.99
CA ALA D 636 6.66 -19.51 29.03
C ALA D 636 8.11 -19.42 28.56
N PRO D 637 9.00 -18.84 29.39
CA PRO D 637 10.41 -18.76 29.01
C PRO D 637 11.00 -20.16 29.06
N PRO D 638 12.14 -20.39 28.39
CA PRO D 638 12.63 -21.77 28.36
C PRO D 638 13.03 -22.28 29.74
N GLN D 639 13.09 -23.60 29.89
CA GLN D 639 13.15 -24.22 31.22
C GLN D 639 14.36 -23.77 32.02
N GLY D 640 14.17 -23.64 33.33
CA GLY D 640 15.19 -23.05 34.17
C GLY D 640 15.10 -21.54 34.26
N ARG D 641 14.04 -20.96 33.69
CA ARG D 641 13.91 -19.50 33.67
C ARG D 641 12.60 -18.93 34.23
N LYS D 642 12.63 -17.73 34.80
CA LYS D 642 11.39 -17.10 35.31
C LYS D 642 11.08 -15.70 34.77
N LEU D 643 9.82 -15.50 34.36
CA LEU D 643 9.33 -14.20 33.87
C LEU D 643 8.12 -13.75 34.71
N LEU D 644 8.18 -12.51 35.16
CA LEU D 644 7.13 -11.87 35.94
C LEU D 644 6.54 -10.69 35.12
N ILE D 645 5.22 -10.63 34.95
CA ILE D 645 4.56 -9.53 34.24
C ILE D 645 3.62 -8.61 35.07
N ILE D 646 3.81 -7.29 35.02
CA ILE D 646 2.89 -6.34 35.68
C ILE D 646 2.33 -5.35 34.70
N GLY D 647 1.02 -5.14 34.69
CA GLY D 647 0.48 -4.17 33.78
C GLY D 647 -0.48 -3.30 34.54
N THR D 648 -0.68 -2.07 34.10
CA THR D 648 -1.66 -1.23 34.80
C THR D 648 -2.77 -0.83 33.87
N THR D 649 -3.99 -1.14 34.25
CA THR D 649 -5.15 -0.72 33.48
C THR D 649 -6.12 0.07 34.35
N SER D 650 -6.46 1.26 33.87
CA SER D 650 -7.34 2.14 34.62
C SER D 650 -8.75 1.63 34.86
N ARG D 651 -9.30 0.99 33.84
CA ARG D 651 -10.65 0.44 33.87
C ARG D 651 -10.79 -1.08 33.66
N LYS D 652 -11.34 -1.73 34.68
CA LYS D 652 -11.60 -3.16 34.73
C LYS D 652 -12.50 -3.58 33.57
N ASP D 653 -13.41 -2.70 33.18
CA ASP D 653 -14.38 -3.03 32.15
C ASP D 653 -13.69 -3.37 30.83
N VAL D 654 -12.61 -2.69 30.46
CA VAL D 654 -11.92 -3.02 29.21
C VAL D 654 -11.36 -4.43 29.23
N LEU D 655 -10.71 -4.76 30.34
CA LEU D 655 -10.08 -6.06 30.45
C LEU D 655 -11.14 -7.15 30.44
N GLN D 656 -12.25 -6.93 31.15
CA GLN D 656 -13.34 -7.90 31.07
C GLN D 656 -13.88 -8.00 29.63
N GLU D 657 -13.98 -6.86 28.94
CA GLU D 657 -14.50 -6.83 27.58
C GLU D 657 -13.65 -7.70 26.66
N MET D 658 -12.34 -7.55 26.76
CA MET D 658 -11.39 -8.38 26.01
C MET D 658 -11.46 -9.85 26.40
N GLU D 659 -11.71 -10.11 27.68
CA GLU D 659 -11.60 -11.44 28.30
C GLU D 659 -10.13 -11.71 28.60
N MET D 660 -9.33 -10.67 28.42
CA MET D 660 -7.91 -10.72 28.78
C MET D 660 -7.77 -10.90 30.28
N LEU D 661 -8.67 -10.31 31.06
CA LEU D 661 -8.51 -10.23 32.51
C LEU D 661 -8.38 -11.64 33.09
N ASN D 662 -9.12 -12.57 32.48
CA ASN D 662 -9.12 -13.95 32.92
C ASN D 662 -7.72 -14.57 32.88
N ALA D 663 -6.93 -14.16 31.89
CA ALA D 663 -5.57 -14.67 31.73
C ALA D 663 -4.66 -14.36 32.92
N PHE D 664 -4.81 -13.17 33.50
CA PHE D 664 -3.95 -12.78 34.62
C PHE D 664 -4.10 -13.69 35.82
N SER D 665 -2.95 -13.99 36.43
CA SER D 665 -2.92 -14.76 37.66
C SER D 665 -3.60 -14.02 38.81
N THR D 666 -3.37 -12.71 38.94
CA THR D 666 -4.03 -12.00 40.04
C THR D 666 -4.37 -10.54 39.73
N THR D 667 -5.43 -10.03 40.36
CA THR D 667 -5.80 -8.63 40.26
C THR D 667 -5.83 -7.91 41.62
N ILE D 668 -5.17 -6.76 41.71
CA ILE D 668 -5.09 -5.95 42.91
C ILE D 668 -5.70 -4.56 42.73
N HIS D 669 -6.64 -4.25 43.61
CA HIS D 669 -7.39 -3.00 43.53
C HIS D 669 -6.55 -1.80 43.94
N VAL D 670 -6.87 -0.64 43.38
CA VAL D 670 -6.24 0.61 43.76
C VAL D 670 -7.38 1.57 44.01
N PRO D 671 -8.10 1.36 45.13
CA PRO D 671 -9.28 2.21 45.30
C PRO D 671 -8.91 3.66 45.52
N ASN D 672 -9.66 4.57 44.93
CA ASN D 672 -9.47 5.98 45.22
C ASN D 672 -9.98 6.31 46.60
N ILE D 673 -9.47 7.39 47.17
CA ILE D 673 -9.82 7.83 48.50
C ILE D 673 -11.32 8.15 48.56
N ALA D 674 -11.94 7.83 49.68
CA ALA D 674 -13.39 7.93 49.84
C ALA D 674 -13.76 8.54 51.18
N THR D 675 -12.84 8.48 52.14
CA THR D 675 -13.12 9.05 53.46
C THR D 675 -12.29 10.31 53.68
N GLY D 676 -12.79 11.18 54.57
CA GLY D 676 -12.12 12.42 54.94
C GLY D 676 -10.84 12.29 55.74
N GLU D 677 -10.84 11.39 56.72
CA GLU D 677 -9.71 11.22 57.64
C GLU D 677 -8.47 10.76 56.89
N GLN D 678 -8.69 9.82 56.00
CA GLN D 678 -7.65 9.25 55.19
C GLN D 678 -7.06 10.35 54.29
N LEU D 679 -7.93 11.20 53.75
CA LEU D 679 -7.53 12.32 52.88
C LEU D 679 -6.63 13.27 53.67
N LEU D 680 -7.03 13.51 54.91
CA LEU D 680 -6.30 14.39 55.81
C LEU D 680 -4.91 13.82 56.04
N GLU D 681 -4.86 12.50 56.22
CA GLU D 681 -3.61 11.78 56.46
C GLU D 681 -2.69 11.98 55.25
N ALA D 682 -3.28 11.90 54.05
CA ALA D 682 -2.51 12.07 52.82
C ALA D 682 -1.91 13.45 52.82
N LEU D 683 -2.72 14.41 53.24
CA LEU D 683 -2.28 15.80 53.32
C LEU D 683 -1.09 15.90 54.29
N GLU D 684 -1.15 15.21 55.43
CA GLU D 684 -0.03 15.28 56.37
C GLU D 684 1.26 14.73 55.76
N LEU D 685 1.12 13.62 55.05
CA LEU D 685 2.26 13.00 54.41
C LEU D 685 2.90 13.86 53.30
N LEU D 686 2.06 14.50 52.50
CA LEU D 686 2.58 15.37 51.44
C LEU D 686 3.20 16.63 52.01
N GLY D 687 2.69 17.07 53.15
CA GLY D 687 3.16 18.28 53.80
C GLY D 687 3.14 19.47 52.86
N ASN D 688 1.96 20.03 52.66
CA ASN D 688 1.78 21.17 51.78
C ASN D 688 1.13 22.32 52.51
N PHE D 689 0.01 22.03 53.17
CA PHE D 689 -0.71 23.05 53.90
C PHE D 689 -0.14 23.16 55.32
N LYS D 690 -0.29 24.34 55.92
CA LYS D 690 0.11 24.57 57.31
C LYS D 690 -0.82 23.79 58.24
N ASP D 691 -0.37 23.50 59.45
CA ASP D 691 -1.15 22.61 60.31
C ASP D 691 -2.53 23.15 60.64
N LYS D 692 -2.64 24.44 60.94
CA LYS D 692 -3.93 25.02 61.30
C LYS D 692 -4.96 24.97 60.17
N GLU D 693 -4.51 25.34 58.97
CA GLU D 693 -5.39 25.30 57.81
C GLU D 693 -5.79 23.86 57.52
N ARG D 694 -4.86 22.94 57.70
CA ARG D 694 -5.16 21.54 57.49
C ARG D 694 -6.25 21.08 58.45
N THR D 695 -6.15 21.52 59.71
CA THR D 695 -7.14 21.17 60.72
C THR D 695 -8.49 21.73 60.29
N THR D 696 -8.50 22.95 59.76
CA THR D 696 -9.73 23.55 59.26
C THR D 696 -10.33 22.70 58.15
N ILE D 697 -9.47 22.23 57.25
CA ILE D 697 -9.91 21.39 56.14
C ILE D 697 -10.51 20.11 56.68
N ALA D 698 -9.89 19.56 57.71
CA ALA D 698 -10.36 18.34 58.35
C ALA D 698 -11.73 18.57 58.96
N GLN D 699 -11.91 19.72 59.57
CA GLN D 699 -13.18 20.11 60.16
C GLN D 699 -14.22 20.12 59.06
N GLN D 700 -13.81 20.62 57.90
CA GLN D 700 -14.71 20.74 56.75
C GLN D 700 -14.94 19.39 56.05
N VAL D 701 -14.13 18.38 56.34
CA VAL D 701 -14.28 17.09 55.64
C VAL D 701 -14.49 15.88 56.56
N LYS D 702 -13.86 15.86 57.75
CA LYS D 702 -14.02 14.75 58.70
C LYS D 702 -15.47 14.36 58.88
N GLY D 703 -15.77 13.10 58.62
CA GLY D 703 -17.12 12.59 58.75
C GLY D 703 -17.81 12.54 57.40
N LYS D 704 -17.62 13.60 56.60
CA LYS D 704 -18.23 13.67 55.28
C LYS D 704 -17.57 12.69 54.30
N LYS D 705 -18.14 12.59 53.10
CA LYS D 705 -17.62 11.71 52.06
C LYS D 705 -16.90 12.46 50.95
N VAL D 706 -15.89 11.85 50.35
CA VAL D 706 -15.12 12.47 49.26
C VAL D 706 -14.87 11.46 48.14
N TRP D 707 -14.50 11.94 46.96
CA TRP D 707 -14.12 11.05 45.86
C TRP D 707 -13.00 11.63 44.98
N ILE D 708 -11.79 11.70 45.49
CA ILE D 708 -10.68 12.28 44.72
C ILE D 708 -9.51 11.29 44.47
N GLY D 709 -9.09 11.17 43.21
CA GLY D 709 -7.92 10.38 42.84
C GLY D 709 -6.68 11.07 43.39
N ILE D 710 -5.69 10.30 43.81
CA ILE D 710 -4.52 10.86 44.45
C ILE D 710 -3.76 11.81 43.52
N LYS D 711 -3.54 11.40 42.28
CA LYS D 711 -2.80 12.19 41.31
C LYS D 711 -3.54 13.50 41.11
N LYS D 712 -4.87 13.43 41.05
CA LYS D 712 -5.67 14.63 40.87
C LYS D 712 -5.43 15.48 42.10
N LEU D 713 -5.34 14.84 43.27
CA LEU D 713 -5.24 15.60 44.50
C LEU D 713 -3.97 16.45 44.49
N LEU D 714 -2.84 15.89 44.04
CA LEU D 714 -1.64 16.72 43.96
C LEU D 714 -1.79 17.95 43.07
N MET D 715 -2.47 17.78 41.93
CA MET D 715 -2.72 18.86 40.97
C MET D 715 -3.52 19.92 41.70
N LEU D 716 -4.51 19.45 42.43
CA LEU D 716 -5.39 20.31 43.19
C LEU D 716 -4.63 21.14 44.21
N ILE D 717 -3.71 20.48 44.92
CA ILE D 717 -2.96 21.16 45.95
C ILE D 717 -2.14 22.24 45.30
N GLU D 718 -1.54 21.91 44.16
CA GLU D 718 -0.73 22.88 43.46
C GLU D 718 -1.52 24.09 43.07
N MET D 719 -2.75 23.87 42.59
CA MET D 719 -3.58 24.99 42.22
C MET D 719 -3.83 25.87 43.44
N SER D 720 -4.05 25.24 44.58
CA SER D 720 -4.44 26.01 45.75
C SER D 720 -3.29 26.75 46.44
N LEU D 721 -2.06 26.25 46.28
CA LEU D 721 -0.90 26.91 46.87
C LEU D 721 -0.46 28.18 46.14
N GLN D 722 -1.17 28.52 45.06
CA GLN D 722 -0.84 29.68 44.25
C GLN D 722 -1.61 30.92 44.67
N MET D 723 -2.51 30.74 45.63
CA MET D 723 -3.34 31.84 46.10
C MET D 723 -2.73 32.44 47.38
N ASP D 724 -3.16 33.64 47.75
CA ASP D 724 -2.66 34.30 48.96
C ASP D 724 -2.91 33.46 50.21
N PRO D 725 -2.00 33.56 51.20
CA PRO D 725 -2.05 32.85 52.48
C PRO D 725 -3.39 32.93 53.21
N GLU D 726 -4.25 33.85 52.81
CA GLU D 726 -5.56 34.03 53.42
C GLU D 726 -6.54 33.01 52.87
N TYR D 727 -6.81 33.10 51.57
CA TYR D 727 -7.73 32.20 50.91
C TYR D 727 -7.07 31.05 50.12
N ARG D 728 -6.31 30.22 50.83
CA ARG D 728 -5.65 29.07 50.22
C ARG D 728 -6.51 27.84 50.48
N VAL D 729 -7.29 27.90 51.56
CA VAL D 729 -8.16 26.80 51.94
C VAL D 729 -9.48 26.90 51.19
N ARG D 730 -9.95 28.12 50.98
CA ARG D 730 -11.20 28.35 50.26
C ARG D 730 -11.09 27.79 48.84
N LYS D 731 -9.92 27.95 48.25
CA LYS D 731 -9.66 27.49 46.89
C LYS D 731 -9.60 25.97 46.86
N PHE D 732 -8.95 25.40 47.85
CA PHE D 732 -8.80 23.95 47.95
C PHE D 732 -10.18 23.31 48.09
N LEU D 733 -10.94 23.77 49.07
CA LEU D 733 -12.29 23.26 49.30
C LEU D 733 -13.21 23.50 48.11
N ALA D 734 -13.03 24.61 47.40
CA ALA D 734 -13.88 24.90 46.25
C ALA D 734 -13.63 23.91 45.12
N LEU D 735 -12.36 23.71 44.81
CA LEU D 735 -11.94 22.81 43.76
C LEU D 735 -12.27 21.35 44.13
N LEU D 736 -12.20 21.05 45.43
CA LEU D 736 -12.48 19.71 45.94
C LEU D 736 -13.98 19.49 45.82
N ARG D 737 -14.73 20.58 45.97
CA ARG D 737 -16.17 20.56 45.87
C ARG D 737 -16.55 20.40 44.41
N GLU D 738 -15.61 20.73 43.52
CA GLU D 738 -15.83 20.55 42.10
C GLU D 738 -15.42 19.14 41.66
N GLU D 739 -14.39 18.59 42.28
CA GLU D 739 -13.90 17.26 41.94
C GLU D 739 -14.47 16.18 42.85
N GLY D 740 -15.72 16.37 43.28
CA GLY D 740 -16.37 15.43 44.17
C GLY D 740 -17.36 14.53 43.44
N LYS E 220 24.84 -53.19 -6.49
CA LYS E 220 23.59 -53.27 -5.76
C LYS E 220 23.64 -52.44 -4.48
N MET E 221 24.62 -51.54 -4.41
CA MET E 221 24.77 -50.68 -3.24
C MET E 221 25.16 -49.24 -3.63
N GLY E 222 24.87 -48.27 -2.77
CA GLY E 222 24.13 -48.51 -1.54
C GLY E 222 22.94 -47.60 -1.37
N ILE E 223 21.79 -48.20 -1.05
CA ILE E 223 20.55 -47.48 -0.83
C ILE E 223 19.63 -48.34 0.02
N GLY E 224 19.35 -47.89 1.24
CA GLY E 224 18.59 -48.68 2.18
C GLY E 224 17.10 -48.58 1.92
N GLY E 225 16.47 -49.74 1.77
CA GLY E 225 15.06 -49.78 1.42
C GLY E 225 14.96 -49.40 -0.02
N LEU E 226 13.74 -49.06 -0.47
CA LEU E 226 13.52 -48.62 -1.84
C LEU E 226 14.20 -49.59 -2.78
N ASP E 227 13.74 -50.84 -2.78
CA ASP E 227 14.27 -51.82 -3.69
C ASP E 227 13.26 -52.28 -4.74
N LYS E 228 12.01 -52.49 -4.35
CA LYS E 228 10.99 -52.86 -5.34
C LYS E 228 10.67 -51.69 -6.28
N GLU E 229 10.36 -50.54 -5.68
CA GLU E 229 9.97 -49.37 -6.46
C GLU E 229 11.18 -48.96 -7.30
N PHE E 230 12.32 -48.87 -6.64
CA PHE E 230 13.55 -48.44 -7.29
C PHE E 230 13.77 -49.43 -8.43
N SER E 231 13.61 -50.73 -8.17
CA SER E 231 13.97 -51.73 -9.16
C SER E 231 13.11 -51.55 -10.41
N ASP E 232 11.80 -51.40 -10.20
CA ASP E 232 10.91 -51.29 -11.35
C ASP E 232 11.29 -50.05 -12.15
N ILE E 233 11.45 -48.92 -11.44
CA ILE E 233 11.70 -47.67 -12.14
C ILE E 233 13.01 -47.78 -12.90
N PHE E 234 14.01 -48.36 -12.22
CA PHE E 234 15.35 -48.42 -12.72
C PHE E 234 15.42 -49.23 -13.97
N ARG E 235 14.88 -50.44 -13.89
CA ARG E 235 14.89 -51.37 -15.00
C ARG E 235 14.12 -50.75 -16.16
N ARG E 236 13.02 -50.06 -15.85
CA ARG E 236 12.23 -49.49 -16.97
C ARG E 236 12.94 -48.34 -17.72
N ALA E 237 13.57 -47.43 -16.99
CA ALA E 237 14.31 -46.35 -17.64
C ALA E 237 15.61 -46.82 -18.34
N PHE E 238 16.43 -47.58 -17.61
CA PHE E 238 17.73 -48.13 -18.07
C PHE E 238 17.72 -49.31 -19.05
N ALA E 239 16.88 -50.30 -18.81
CA ALA E 239 16.65 -51.49 -19.62
C ALA E 239 16.21 -51.18 -21.03
N SER E 240 15.27 -50.25 -21.18
CA SER E 240 14.81 -49.91 -22.50
C SER E 240 16.06 -49.47 -23.25
N ARG E 241 16.91 -48.70 -22.60
CA ARG E 241 18.21 -48.42 -23.19
C ARG E 241 19.09 -49.69 -23.33
N VAL E 242 19.01 -50.61 -22.36
CA VAL E 242 20.04 -51.67 -22.18
C VAL E 242 19.97 -52.76 -23.24
N PHE E 243 18.76 -53.18 -23.62
CA PHE E 243 18.65 -54.30 -24.54
C PHE E 243 19.37 -53.89 -25.79
N PRO E 244 20.29 -54.74 -26.24
CA PRO E 244 21.20 -54.55 -27.36
C PRO E 244 21.13 -55.43 -28.61
N PRO E 245 21.13 -54.79 -29.78
CA PRO E 245 20.59 -53.43 -29.88
C PRO E 245 19.28 -53.38 -30.66
N GLU E 246 18.95 -54.48 -31.33
CA GLU E 246 17.81 -54.57 -32.20
C GLU E 246 16.55 -54.56 -31.39
N ILE E 247 16.66 -54.92 -30.11
CA ILE E 247 15.46 -55.11 -29.32
C ILE E 247 14.65 -53.84 -29.28
N VAL E 248 15.29 -52.69 -29.15
CA VAL E 248 14.54 -51.44 -29.07
C VAL E 248 13.74 -51.25 -30.38
N GLU E 249 14.35 -51.49 -31.55
CA GLU E 249 13.61 -51.34 -32.81
C GLU E 249 12.46 -52.37 -32.80
N GLN E 250 12.75 -53.58 -32.30
CA GLN E 250 11.78 -54.67 -32.18
C GLN E 250 10.63 -54.18 -31.32
N MET E 251 11.03 -53.48 -30.27
CA MET E 251 10.24 -52.63 -29.39
C MET E 251 9.65 -51.45 -30.15
N GLY E 252 10.46 -50.88 -31.06
CA GLY E 252 10.08 -49.72 -31.88
C GLY E 252 9.71 -48.52 -31.04
N CYS E 253 10.42 -48.37 -29.95
CA CYS E 253 10.15 -47.28 -29.05
C CYS E 253 11.24 -46.26 -28.78
N LYS E 254 10.88 -44.99 -28.87
CA LYS E 254 11.84 -43.93 -28.54
C LYS E 254 12.22 -44.00 -27.05
N HIS E 255 13.47 -43.72 -26.74
CA HIS E 255 13.96 -43.79 -25.37
C HIS E 255 13.29 -42.74 -24.42
N VAL E 256 13.08 -43.12 -23.16
CA VAL E 256 12.47 -42.20 -22.22
C VAL E 256 13.33 -40.93 -21.98
N LYS E 257 12.65 -39.78 -21.87
CA LYS E 257 13.34 -38.51 -21.75
C LYS E 257 13.87 -38.21 -20.35
N GLY E 258 13.08 -38.44 -19.30
CA GLY E 258 13.51 -38.08 -17.94
C GLY E 258 12.74 -38.84 -16.88
N ILE E 259 13.29 -38.89 -15.68
CA ILE E 259 12.60 -39.49 -14.52
C ILE E 259 12.61 -38.43 -13.38
N LEU E 260 11.48 -38.21 -12.70
CA LEU E 260 11.43 -37.21 -11.60
C LEU E 260 10.97 -37.80 -10.27
N LEU E 261 11.68 -37.47 -9.18
CA LEU E 261 11.33 -37.98 -7.86
C LEU E 261 10.98 -36.89 -6.85
N TYR E 262 9.84 -37.07 -6.18
CA TYR E 262 9.40 -36.14 -5.14
C TYR E 262 9.26 -36.91 -3.83
N GLY E 263 9.86 -36.35 -2.78
CA GLY E 263 9.96 -37.02 -1.48
C GLY E 263 9.78 -36.12 -0.28
N PRO E 264 9.48 -36.72 0.88
CA PRO E 264 9.46 -35.93 2.11
C PRO E 264 10.86 -35.45 2.41
N PRO E 265 11.00 -34.32 3.12
CA PRO E 265 12.39 -33.91 3.20
C PRO E 265 13.29 -34.83 3.98
N GLY E 266 14.54 -34.93 3.53
CA GLY E 266 15.50 -35.77 4.20
C GLY E 266 15.37 -37.21 3.75
N CYS E 267 14.53 -37.52 2.78
CA CYS E 267 14.39 -38.93 2.44
C CYS E 267 15.58 -39.45 1.64
N GLY E 268 16.61 -38.61 1.54
CA GLY E 268 17.82 -38.94 0.82
C GLY E 268 17.69 -39.22 -0.64
N LYS E 269 16.85 -38.39 -1.24
CA LYS E 269 16.56 -38.45 -2.65
C LYS E 269 17.88 -38.24 -3.40
N THR E 270 18.69 -37.29 -2.91
CA THR E 270 19.87 -36.86 -3.66
C THR E 270 20.85 -38.01 -3.84
N LEU E 271 21.08 -38.75 -2.77
CA LEU E 271 22.06 -39.84 -2.81
C LEU E 271 21.60 -40.87 -3.83
N LEU E 272 20.29 -41.14 -3.81
CA LEU E 272 19.75 -42.13 -4.71
C LEU E 272 19.99 -41.66 -6.14
N ALA E 273 19.74 -40.37 -6.39
CA ALA E 273 19.97 -39.84 -7.74
C ALA E 273 21.42 -39.89 -8.23
N ARG E 274 22.37 -39.53 -7.35
CA ARG E 274 23.76 -39.56 -7.77
C ARG E 274 24.07 -41.00 -8.13
N GLN E 275 23.62 -41.91 -7.27
CA GLN E 275 23.89 -43.33 -7.44
C GLN E 275 23.29 -43.87 -8.74
N ILE E 276 22.07 -43.46 -9.02
CA ILE E 276 21.34 -43.94 -10.19
C ILE E 276 22.12 -43.48 -11.41
N GLY E 277 22.55 -42.21 -11.41
CA GLY E 277 23.30 -41.67 -12.53
C GLY E 277 24.59 -42.44 -12.73
N LYS E 278 25.29 -42.73 -11.63
CA LYS E 278 26.56 -43.44 -11.70
C LYS E 278 26.35 -44.82 -12.31
N MET E 279 25.31 -45.49 -11.83
CA MET E 279 24.98 -46.85 -12.24
C MET E 279 24.66 -46.91 -13.72
N LEU E 280 23.97 -45.88 -14.19
CA LEU E 280 23.52 -45.80 -15.59
C LEU E 280 24.61 -45.75 -16.64
N ASN E 281 25.67 -44.99 -16.39
CA ASN E 281 26.74 -44.83 -17.36
C ASN E 281 28.11 -45.06 -16.73
N ALA E 282 29.07 -45.50 -17.53
CA ALA E 282 30.44 -45.59 -17.03
C ALA E 282 30.85 -44.21 -16.53
N ARG E 283 30.67 -43.21 -17.39
CA ARG E 283 30.70 -41.82 -16.99
C ARG E 283 29.71 -41.01 -17.81
N GLU E 284 28.77 -40.33 -17.18
CA GLU E 284 27.89 -39.41 -17.92
C GLU E 284 28.75 -38.28 -18.54
N PRO E 285 29.60 -37.59 -17.73
CA PRO E 285 29.75 -37.73 -16.28
C PRO E 285 29.03 -36.58 -15.54
N LYS E 286 28.03 -36.99 -14.77
CA LYS E 286 27.13 -36.18 -13.93
C LYS E 286 27.12 -34.66 -14.12
N VAL E 287 25.94 -34.07 -14.26
CA VAL E 287 25.85 -32.63 -14.34
C VAL E 287 24.98 -32.13 -13.20
N VAL E 288 25.48 -31.12 -12.49
CA VAL E 288 24.81 -30.61 -11.32
C VAL E 288 24.35 -29.20 -11.56
N ASN E 289 23.11 -28.91 -11.16
CA ASN E 289 22.57 -27.59 -11.36
C ASN E 289 22.37 -26.86 -10.05
N GLY E 290 22.88 -25.63 -10.00
CA GLY E 290 22.74 -24.86 -8.79
C GLY E 290 21.28 -24.52 -8.61
N PRO E 291 20.89 -24.28 -7.36
CA PRO E 291 19.55 -24.02 -6.85
C PRO E 291 19.06 -22.73 -7.48
N GLU E 292 19.95 -21.75 -7.54
CA GLU E 292 19.60 -20.47 -8.14
C GLU E 292 19.28 -20.75 -9.60
N ILE E 293 20.13 -21.54 -10.27
CA ILE E 293 19.83 -21.95 -11.65
C ILE E 293 19.96 -20.75 -12.56
N LEU E 294 19.20 -19.72 -12.20
CA LEU E 294 18.94 -18.55 -12.98
C LEU E 294 19.82 -17.36 -12.60
N ASN E 295 20.90 -17.60 -11.86
CA ASN E 295 21.72 -16.48 -11.40
C ASN E 295 22.30 -15.73 -12.62
N LYS E 296 22.36 -14.39 -12.52
CA LYS E 296 22.70 -13.40 -13.58
C LYS E 296 21.44 -12.88 -14.28
N TYR E 297 20.97 -11.71 -13.86
CA TYR E 297 19.73 -11.14 -14.38
C TYR E 297 19.72 -10.59 -15.83
N VAL E 298 20.80 -9.95 -16.26
CA VAL E 298 20.75 -9.08 -17.46
C VAL E 298 20.21 -9.69 -18.76
N GLY E 299 20.64 -10.90 -19.09
CA GLY E 299 20.23 -11.54 -20.33
C GLY E 299 19.40 -12.79 -20.07
N GLU E 300 20.01 -13.97 -19.82
CA GLU E 300 21.44 -14.29 -19.55
C GLU E 300 21.49 -15.63 -18.84
N SER E 301 20.94 -15.67 -17.64
CA SER E 301 20.82 -16.87 -16.83
C SER E 301 19.99 -17.92 -17.53
N GLU E 302 18.94 -17.42 -18.14
CA GLU E 302 17.98 -18.23 -18.86
C GLU E 302 18.78 -18.96 -19.91
N ALA E 303 19.71 -18.20 -20.48
CA ALA E 303 20.56 -18.74 -21.50
C ALA E 303 21.37 -19.85 -20.88
N ASN E 304 21.79 -19.71 -19.62
CA ASN E 304 22.62 -20.74 -18.95
C ASN E 304 21.89 -22.07 -18.78
N ILE E 305 20.63 -21.95 -18.37
CA ILE E 305 19.75 -23.12 -18.25
C ILE E 305 19.62 -23.77 -19.62
N ARG E 306 19.51 -22.97 -20.67
CA ARG E 306 19.55 -23.52 -22.03
C ARG E 306 20.94 -24.14 -22.40
N LYS E 307 22.01 -23.51 -21.91
CA LYS E 307 23.39 -23.78 -22.33
C LYS E 307 23.90 -25.12 -21.82
N LEU E 308 23.66 -25.47 -20.56
CA LEU E 308 24.19 -26.77 -20.11
C LEU E 308 23.53 -27.85 -20.99
N PHE E 309 22.25 -27.69 -21.34
CA PHE E 309 21.61 -28.61 -22.27
C PHE E 309 22.38 -28.60 -23.59
N ALA E 310 22.82 -27.40 -23.97
CA ALA E 310 23.42 -27.21 -25.28
C ALA E 310 24.63 -28.11 -25.55
N ASP E 311 25.50 -28.32 -24.56
CA ASP E 311 26.66 -29.17 -24.80
C ASP E 311 26.25 -30.59 -25.15
N ALA E 312 25.29 -31.12 -24.39
CA ALA E 312 24.80 -32.46 -24.63
C ALA E 312 24.17 -32.57 -26.02
N GLU E 313 23.34 -31.60 -26.38
CA GLU E 313 22.70 -31.66 -27.70
C GLU E 313 23.80 -31.63 -28.78
N GLU E 314 24.83 -30.80 -28.58
CA GLU E 314 25.91 -30.67 -29.56
C GLU E 314 26.63 -32.02 -29.73
N GLU E 315 26.94 -32.69 -28.63
CA GLU E 315 27.63 -33.97 -28.73
C GLU E 315 26.72 -34.92 -29.51
N GLN E 316 25.43 -34.91 -29.16
CA GLN E 316 24.50 -35.81 -29.82
C GLN E 316 24.41 -35.51 -31.32
N ARG E 317 24.39 -34.26 -31.75
CA ARG E 317 24.31 -33.98 -33.20
C ARG E 317 25.59 -34.47 -33.88
N ARG E 318 26.73 -34.27 -33.23
CA ARG E 318 28.01 -34.67 -33.80
C ARG E 318 28.04 -36.19 -34.01
N LEU E 319 27.52 -36.95 -33.05
CA LEU E 319 27.50 -38.41 -33.17
C LEU E 319 26.12 -39.08 -33.26
N GLY E 320 25.08 -38.31 -33.57
CA GLY E 320 23.72 -38.81 -33.39
C GLY E 320 23.27 -40.00 -34.20
N ALA E 321 22.81 -40.98 -33.42
CA ALA E 321 22.28 -42.27 -33.85
C ALA E 321 22.46 -43.17 -32.63
N ASN E 322 23.74 -43.44 -32.36
CA ASN E 322 24.23 -44.12 -31.17
C ASN E 322 25.70 -43.73 -30.97
N SER E 323 26.24 -43.86 -29.76
CA SER E 323 25.51 -44.25 -28.55
C SER E 323 25.92 -43.35 -27.37
N GLY E 324 25.49 -42.10 -27.37
CA GLY E 324 25.92 -41.18 -26.33
C GLY E 324 24.79 -40.73 -25.42
N LEU E 325 25.02 -40.89 -24.11
CA LEU E 325 24.05 -40.48 -23.10
C LEU E 325 24.63 -39.46 -22.13
N HIS E 326 23.89 -38.37 -21.91
CA HIS E 326 24.31 -37.36 -20.95
C HIS E 326 23.25 -37.22 -19.86
N ILE E 327 23.67 -37.23 -18.59
CA ILE E 327 22.74 -37.14 -17.48
C ILE E 327 22.89 -35.77 -16.83
N ILE E 328 21.76 -35.08 -16.71
CA ILE E 328 21.67 -33.75 -16.11
C ILE E 328 20.65 -33.79 -15.00
N ILE E 329 20.99 -33.23 -13.83
CA ILE E 329 20.06 -33.28 -12.73
C ILE E 329 19.75 -31.89 -12.16
N PHE E 330 18.48 -31.56 -11.95
CA PHE E 330 18.16 -30.28 -11.34
C PHE E 330 17.64 -30.48 -9.91
N ASP E 331 18.38 -29.95 -8.94
CA ASP E 331 17.99 -30.04 -7.54
C ASP E 331 17.06 -28.87 -7.19
N GLU E 332 16.04 -29.11 -6.38
CA GLU E 332 15.07 -28.05 -6.02
C GLU E 332 14.39 -27.39 -7.22
N ILE E 333 13.98 -28.20 -8.19
CA ILE E 333 13.38 -27.68 -9.42
C ILE E 333 12.09 -26.91 -9.16
N HIS E 350 8.95 -17.07 -13.15
CA HIS E 350 8.78 -18.11 -14.16
C HIS E 350 9.20 -17.60 -15.53
N ASP E 351 8.22 -17.17 -16.33
CA ASP E 351 8.46 -16.58 -17.64
C ASP E 351 9.25 -17.50 -18.58
N THR E 352 10.36 -16.98 -19.09
CA THR E 352 11.15 -17.65 -20.12
C THR E 352 11.74 -19.00 -19.71
N VAL E 353 12.22 -19.14 -18.48
CA VAL E 353 12.89 -20.38 -18.06
C VAL E 353 12.01 -21.64 -18.14
N VAL E 354 10.75 -21.53 -17.73
CA VAL E 354 9.74 -22.58 -17.85
C VAL E 354 9.77 -23.13 -19.27
N ASN E 355 9.50 -22.20 -20.18
CA ASN E 355 9.44 -22.47 -21.61
C ASN E 355 10.75 -23.01 -22.11
N GLN E 356 11.86 -22.50 -21.59
CA GLN E 356 13.17 -22.79 -22.12
C GLN E 356 13.52 -24.23 -21.85
N LEU E 357 13.27 -24.63 -20.61
CA LEU E 357 13.50 -26.00 -20.24
C LEU E 357 12.57 -26.87 -21.07
N LEU E 358 11.30 -26.48 -21.19
CA LEU E 358 10.36 -27.32 -21.93
C LEU E 358 10.75 -27.52 -23.41
N SER E 359 11.22 -26.46 -24.06
CA SER E 359 11.59 -26.57 -25.46
C SER E 359 12.79 -27.50 -25.68
N LYS E 360 13.82 -27.36 -24.86
CA LYS E 360 15.01 -28.21 -24.97
C LYS E 360 14.75 -29.67 -24.65
N ILE E 361 13.99 -29.92 -23.58
CA ILE E 361 13.69 -31.29 -23.18
C ILE E 361 12.86 -32.03 -24.24
N ASP E 362 11.88 -31.36 -24.85
CA ASP E 362 11.11 -31.98 -25.92
C ASP E 362 11.04 -31.06 -27.13
N GLY E 363 11.37 -31.60 -28.29
CA GLY E 363 11.23 -30.89 -29.54
C GLY E 363 12.34 -29.86 -29.68
N VAL E 364 12.33 -29.08 -30.76
CA VAL E 364 11.44 -29.27 -31.91
C VAL E 364 11.71 -30.58 -32.64
N GLU E 365 13.01 -30.87 -32.81
CA GLU E 365 13.46 -32.07 -33.47
C GLU E 365 14.40 -32.81 -32.53
N GLN E 366 14.17 -34.11 -32.36
CA GLN E 366 15.05 -34.96 -31.55
C GLN E 366 15.13 -34.45 -30.11
N LEU E 367 16.37 -34.25 -29.65
CA LEU E 367 16.73 -33.85 -28.28
C LEU E 367 16.76 -35.08 -27.37
N ASN E 368 16.58 -36.25 -27.97
CA ASN E 368 16.70 -37.53 -27.26
C ASN E 368 18.16 -37.94 -27.13
N ASN E 369 18.40 -39.05 -26.44
CA ASN E 369 19.74 -39.59 -26.13
C ASN E 369 20.30 -38.93 -24.87
N ILE E 370 19.46 -38.17 -24.17
CA ILE E 370 19.81 -37.70 -22.83
C ILE E 370 18.65 -37.84 -21.86
N LEU E 371 18.98 -37.93 -20.58
CA LEU E 371 17.98 -38.05 -19.52
C LEU E 371 18.27 -37.08 -18.39
N VAL E 372 17.19 -36.59 -17.79
CA VAL E 372 17.27 -35.62 -16.70
C VAL E 372 16.41 -35.99 -15.51
N ILE E 373 16.99 -35.94 -14.31
CA ILE E 373 16.21 -36.27 -13.15
C ILE E 373 16.01 -35.06 -12.23
N GLY E 374 14.78 -34.79 -11.83
CA GLY E 374 14.54 -33.67 -10.95
C GLY E 374 14.15 -34.07 -9.53
N MET E 375 14.83 -33.52 -8.54
CA MET E 375 14.53 -33.88 -7.16
C MET E 375 13.90 -32.74 -6.37
N THR E 376 12.73 -32.97 -5.77
CA THR E 376 12.04 -31.88 -5.07
C THR E 376 11.20 -32.39 -3.89
N ASN E 377 11.10 -31.56 -2.86
CA ASN E 377 10.36 -31.93 -1.65
C ASN E 377 8.84 -32.06 -1.82
N ARG E 378 8.23 -31.18 -2.62
CA ARG E 378 6.79 -31.22 -2.80
C ARG E 378 6.35 -31.33 -4.26
N PRO E 379 5.43 -32.26 -4.55
CA PRO E 379 4.90 -32.45 -5.91
C PRO E 379 4.07 -31.25 -6.39
N ASP E 380 3.25 -30.70 -5.51
CA ASP E 380 2.24 -29.72 -5.89
C ASP E 380 2.81 -28.41 -6.44
N LEU E 381 3.95 -28.00 -5.89
CA LEU E 381 4.63 -26.78 -6.32
C LEU E 381 5.02 -26.76 -7.80
N ILE E 382 5.46 -27.90 -8.30
CA ILE E 382 6.00 -27.99 -9.66
C ILE E 382 4.92 -27.82 -10.75
N ASP E 383 5.36 -27.40 -11.93
CA ASP E 383 4.52 -27.15 -13.09
C ASP E 383 3.86 -28.42 -13.63
N GLU E 384 2.61 -28.28 -14.10
CA GLU E 384 1.86 -29.37 -14.74
C GLU E 384 2.40 -29.88 -16.08
N ALA E 385 2.92 -28.96 -16.91
CA ALA E 385 3.28 -29.27 -18.30
C ALA E 385 4.40 -30.29 -18.39
N LEU E 386 5.37 -30.19 -17.48
CA LEU E 386 6.49 -31.12 -17.48
C LEU E 386 6.03 -32.54 -17.21
N LEU E 387 5.01 -32.69 -16.34
CA LEU E 387 4.60 -33.99 -15.82
C LEU E 387 4.11 -34.99 -16.87
N ARG E 388 3.43 -34.51 -17.90
CA ARG E 388 2.78 -35.39 -18.87
C ARG E 388 3.80 -36.30 -19.54
N PRO E 389 3.40 -37.53 -19.88
CA PRO E 389 4.37 -38.49 -20.44
C PRO E 389 5.02 -37.94 -21.71
N GLY E 390 6.30 -38.20 -21.86
CA GLY E 390 7.08 -37.45 -22.82
C GLY E 390 8.27 -36.84 -22.11
N ARG E 391 8.23 -35.53 -21.93
CA ARG E 391 9.35 -34.80 -21.36
C ARG E 391 9.73 -35.29 -19.96
N LEU E 392 8.72 -35.53 -19.14
CA LEU E 392 8.90 -36.16 -17.82
C LEU E 392 7.86 -37.26 -17.68
N GLU E 393 8.03 -38.35 -18.42
CA GLU E 393 7.01 -39.40 -18.43
C GLU E 393 6.78 -40.06 -17.08
N VAL E 394 7.86 -40.33 -16.35
CA VAL E 394 7.70 -41.05 -15.10
C VAL E 394 7.97 -40.21 -13.84
N LYS E 395 7.01 -40.24 -12.93
CA LYS E 395 7.13 -39.56 -11.65
C LYS E 395 7.10 -40.60 -10.55
N MET E 396 8.09 -40.51 -9.66
CA MET E 396 8.28 -41.45 -8.58
C MET E 396 8.11 -40.77 -7.23
N GLU E 397 7.37 -41.41 -6.36
CA GLU E 397 7.19 -40.88 -5.02
C GLU E 397 7.91 -41.79 -4.08
N ILE E 398 8.82 -41.22 -3.30
CA ILE E 398 9.64 -41.99 -2.39
C ILE E 398 8.80 -42.59 -1.27
N GLY E 399 9.08 -43.84 -0.95
CA GLY E 399 8.44 -44.54 0.15
C GLY E 399 8.95 -44.08 1.50
N LEU E 400 8.14 -44.31 2.54
CA LEU E 400 8.55 -44.02 3.91
C LEU E 400 9.77 -44.86 4.21
N PRO E 401 10.73 -44.31 4.98
CA PRO E 401 11.98 -45.04 5.12
C PRO E 401 11.74 -46.42 5.75
N ASP E 402 12.33 -47.44 5.14
CA ASP E 402 12.21 -48.80 5.62
C ASP E 402 13.02 -49.07 6.89
N GLU E 403 12.48 -49.92 7.74
CA GLU E 403 13.22 -50.39 8.91
C GLU E 403 14.40 -51.19 8.41
N LYS E 404 14.14 -52.01 7.40
CA LYS E 404 15.16 -52.85 6.78
C LYS E 404 16.20 -51.93 6.16
N GLY E 405 15.69 -50.90 5.49
CA GLY E 405 16.56 -49.91 4.88
C GLY E 405 17.39 -49.17 5.90
N ARG E 406 16.76 -48.82 7.01
CA ARG E 406 17.43 -48.07 8.05
C ARG E 406 18.60 -48.92 8.51
N LEU E 407 18.32 -50.22 8.63
CA LEU E 407 19.36 -51.15 8.97
C LEU E 407 20.43 -51.13 7.90
N GLN E 408 20.07 -51.00 6.62
CA GLN E 408 21.10 -50.94 5.57
C GLN E 408 22.05 -49.72 5.62
N ILE E 409 21.49 -48.51 5.78
CA ILE E 409 22.34 -47.29 5.86
C ILE E 409 23.22 -47.28 7.09
N LEU E 410 22.63 -47.62 8.23
CA LEU E 410 23.41 -47.68 9.47
C LEU E 410 24.45 -48.79 9.25
N HIS E 411 24.06 -49.87 8.56
CA HIS E 411 24.86 -51.10 8.46
C HIS E 411 26.12 -50.79 7.69
N ILE E 412 26.04 -49.99 6.64
CA ILE E 412 27.28 -49.71 5.92
C ILE E 412 28.31 -48.96 6.80
N HIS E 413 27.92 -47.87 7.47
CA HIS E 413 28.86 -47.13 8.30
C HIS E 413 29.41 -47.97 9.46
N THR E 414 28.48 -48.65 10.12
CA THR E 414 28.80 -49.52 11.24
C THR E 414 29.73 -50.63 10.80
N ALA E 415 29.49 -51.16 9.60
CA ALA E 415 30.22 -52.31 9.03
C ALA E 415 31.62 -51.88 8.71
N ARG E 416 31.74 -50.66 8.21
CA ARG E 416 33.03 -50.15 7.84
C ARG E 416 33.82 -50.09 9.14
N MET E 417 33.15 -49.61 10.20
CA MET E 417 33.74 -49.65 11.55
C MET E 417 34.01 -51.06 12.07
N ARG E 418 33.17 -52.01 11.69
CA ARG E 418 33.23 -53.43 12.04
C ARG E 418 34.49 -54.02 11.48
N GLY E 419 34.83 -53.57 10.28
CA GLY E 419 35.82 -54.15 9.40
C GLY E 419 37.12 -53.80 10.10
N HIS E 420 37.22 -52.56 10.53
CA HIS E 420 38.33 -52.18 11.39
C HIS E 420 38.05 -52.87 12.73
N GLN E 421 39.10 -53.12 13.51
CA GLN E 421 38.93 -53.85 14.77
C GLN E 421 38.02 -53.13 15.78
N LEU E 422 38.13 -51.81 15.88
CA LEU E 422 37.36 -51.05 16.87
C LEU E 422 35.86 -51.15 16.60
N LEU E 423 35.10 -51.40 17.65
CA LEU E 423 33.64 -51.44 17.57
C LEU E 423 33.06 -51.29 18.98
N SER E 424 31.78 -50.99 19.05
CA SER E 424 31.09 -50.97 20.33
C SER E 424 30.24 -52.24 20.47
N ALA E 425 30.55 -53.05 21.48
CA ALA E 425 29.86 -54.32 21.68
C ALA E 425 28.38 -54.11 22.01
N ASP E 426 28.10 -53.10 22.83
CA ASP E 426 26.74 -52.84 23.29
C ASP E 426 25.80 -52.48 22.15
N VAL E 427 26.28 -51.69 21.20
CA VAL E 427 25.46 -51.26 20.08
C VAL E 427 25.12 -52.45 19.19
N ASP E 428 23.86 -52.53 18.82
CA ASP E 428 23.34 -53.53 17.89
C ASP E 428 22.59 -52.90 16.72
N ILE E 429 22.90 -53.38 15.52
CA ILE E 429 22.32 -52.85 14.31
C ILE E 429 20.81 -52.94 14.26
N LYS E 430 20.32 -54.11 14.63
CA LYS E 430 18.89 -54.37 14.64
C LYS E 430 18.19 -53.47 15.64
N GLU E 431 18.81 -53.34 16.81
CA GLU E 431 18.29 -52.51 17.88
C GLU E 431 18.18 -51.05 17.45
N LEU E 432 19.22 -50.54 16.82
CA LEU E 432 19.20 -49.14 16.38
C LEU E 432 18.06 -48.97 15.39
N ALA E 433 17.92 -49.95 14.49
CA ALA E 433 16.86 -49.87 13.50
C ALA E 433 15.47 -49.85 14.16
N VAL E 434 15.23 -50.73 15.12
CA VAL E 434 13.93 -50.81 15.78
C VAL E 434 13.64 -49.50 16.53
N GLU E 435 14.67 -48.92 17.15
CA GLU E 435 14.51 -47.67 17.88
C GLU E 435 14.11 -46.48 17.00
N THR E 436 14.63 -46.41 15.78
CA THR E 436 14.30 -45.26 14.95
C THR E 436 13.43 -45.58 13.75
N LYS E 437 12.34 -44.84 13.59
CA LYS E 437 11.44 -44.98 12.45
C LYS E 437 11.50 -43.79 11.51
N ASN E 438 11.43 -42.60 12.09
CA ASN E 438 11.25 -41.34 11.35
C ASN E 438 12.43 -40.95 10.49
N PHE E 439 13.64 -41.22 10.96
CA PHE E 439 14.84 -40.58 10.44
C PHE E 439 15.15 -40.83 8.98
N SER E 440 15.58 -39.73 8.39
CA SER E 440 16.15 -39.61 7.07
C SER E 440 17.53 -40.24 6.97
N GLY E 441 17.96 -40.59 5.75
CA GLY E 441 19.31 -41.09 5.61
C GLY E 441 20.47 -40.35 6.25
N ALA E 442 21.02 -39.29 5.66
CA ALA E 442 21.52 -38.08 6.36
C ALA E 442 21.56 -38.12 7.89
N GLU E 443 20.39 -38.39 8.49
CA GLU E 443 20.21 -38.56 9.94
C GLU E 443 21.06 -39.64 10.55
N LEU E 444 21.18 -40.73 9.80
CA LEU E 444 21.93 -41.91 10.17
C LEU E 444 23.42 -41.61 10.23
N GLU E 445 23.96 -41.02 9.16
CA GLU E 445 25.37 -40.64 9.15
C GLU E 445 25.58 -39.65 10.29
N GLY E 446 24.60 -38.78 10.50
CA GLY E 446 24.67 -37.77 11.56
C GLY E 446 24.76 -38.38 12.95
N LEU E 447 23.88 -39.34 13.23
CA LEU E 447 23.83 -40.06 14.49
C LEU E 447 25.16 -40.76 14.72
N VAL E 448 25.64 -41.41 13.67
CA VAL E 448 26.88 -42.17 13.78
C VAL E 448 28.01 -41.21 14.06
N ARG E 449 28.00 -40.06 13.39
CA ARG E 449 29.08 -39.09 13.49
C ARG E 449 29.16 -38.54 14.90
N ALA E 450 27.99 -38.23 15.46
CA ALA E 450 27.90 -37.78 16.84
C ALA E 450 28.45 -38.85 17.78
N ALA E 451 28.11 -40.11 17.51
CA ALA E 451 28.66 -41.19 18.31
C ALA E 451 30.18 -41.24 18.23
N GLN E 452 30.71 -41.03 17.03
CA GLN E 452 32.15 -41.04 16.89
C GLN E 452 32.77 -39.91 17.72
N SER E 453 32.15 -38.72 17.67
CA SER E 453 32.66 -37.60 18.45
C SER E 453 32.63 -37.78 19.96
N THR E 454 31.55 -38.34 20.48
CA THR E 454 31.43 -38.59 21.91
C THR E 454 32.50 -39.62 22.30
N ALA E 455 32.69 -40.60 21.43
CA ALA E 455 33.71 -41.63 21.68
C ALA E 455 35.08 -40.98 21.76
N MET E 456 35.30 -40.03 20.86
CA MET E 456 36.55 -39.27 20.80
C MET E 456 36.72 -38.57 22.15
N ASN E 457 35.62 -38.03 22.64
CA ASN E 457 35.58 -37.33 23.93
C ASN E 457 35.93 -38.29 25.08
N ARG E 458 35.43 -39.52 25.01
CA ARG E 458 35.72 -40.53 26.01
C ARG E 458 37.21 -40.80 26.03
N HIS E 459 37.80 -40.89 24.84
CA HIS E 459 39.23 -41.15 24.71
C HIS E 459 40.04 -40.00 25.35
N ILE E 460 39.58 -38.76 25.14
CA ILE E 460 40.23 -37.59 25.72
C ILE E 460 39.38 -36.97 26.84
N ASP E 482 25.16 -48.44 23.85
CA ASP E 482 24.61 -47.10 23.99
C ASP E 482 25.73 -46.08 23.90
N PHE E 483 26.25 -45.67 25.06
CA PHE E 483 27.41 -44.80 25.07
C PHE E 483 27.21 -43.51 24.26
N LEU E 484 28.19 -43.30 23.38
CA LEU E 484 28.24 -42.14 22.50
C LEU E 484 27.04 -42.09 21.56
N ALA E 485 26.65 -43.24 21.03
CA ALA E 485 25.51 -43.33 20.13
C ALA E 485 24.25 -42.90 20.89
N SER E 486 24.15 -43.37 22.13
CA SER E 486 23.01 -43.03 22.99
C SER E 486 22.95 -41.55 23.27
N LEU E 487 24.11 -40.94 23.54
CA LEU E 487 24.16 -39.51 23.79
C LEU E 487 23.68 -38.79 22.54
N GLU E 488 24.08 -39.30 21.38
CA GLU E 488 23.66 -38.72 20.12
C GLU E 488 22.15 -38.83 19.88
N ASN E 489 21.57 -39.98 20.23
CA ASN E 489 20.14 -40.17 20.10
C ASN E 489 19.40 -39.21 21.03
N ASP E 490 19.97 -39.05 22.23
CA ASP E 490 19.45 -38.15 23.25
C ASP E 490 19.45 -36.69 22.83
N ILE E 491 20.50 -36.27 22.12
CA ILE E 491 20.59 -34.86 21.71
C ILE E 491 20.59 -34.70 20.19
N LYS E 492 21.74 -34.95 19.56
CA LYS E 492 22.01 -34.72 18.11
C LYS E 492 20.86 -34.29 17.16
N PRO E 493 19.68 -34.95 17.23
CA PRO E 493 18.59 -34.45 16.41
C PRO E 493 17.44 -33.78 17.21
N ALA E 494 16.78 -32.70 16.73
CA ALA E 494 17.06 -31.92 15.51
C ALA E 494 16.69 -32.71 14.26
N PHE E 495 15.99 -33.82 14.47
CA PHE E 495 15.55 -34.69 13.40
C PHE E 495 14.58 -33.96 12.49
N GLY E 496 13.70 -33.19 13.11
CA GLY E 496 12.65 -32.49 12.39
C GLY E 496 11.40 -33.33 12.26
N THR E 497 11.51 -34.60 12.64
CA THR E 497 10.35 -35.47 12.77
C THR E 497 10.19 -35.96 14.21
N GLU E 500 8.87 -32.06 19.36
CA GLU E 500 8.08 -33.03 20.11
C GLU E 500 8.35 -32.94 21.60
N ASP E 501 9.01 -31.88 22.05
CA ASP E 501 9.32 -31.70 23.47
C ASP E 501 8.03 -31.60 24.32
N TYR E 502 7.78 -32.59 25.17
CA TYR E 502 6.57 -32.55 25.99
C TYR E 502 6.84 -31.81 27.30
N ALA E 503 8.10 -31.75 27.68
CA ALA E 503 8.52 -31.10 28.92
C ALA E 503 8.21 -29.61 28.90
N SER E 504 7.82 -29.10 27.73
CA SER E 504 7.51 -27.69 27.58
C SER E 504 5.99 -27.50 27.68
N TYR E 505 5.27 -28.61 27.63
CA TYR E 505 3.81 -28.58 27.70
C TYR E 505 3.29 -29.30 28.95
N ILE E 506 4.17 -29.99 29.66
CA ILE E 506 3.78 -30.51 30.96
C ILE E 506 4.83 -30.00 31.95
N MET E 507 4.83 -28.69 32.13
CA MET E 507 5.69 -28.02 33.09
C MET E 507 5.29 -28.48 34.49
N ASN E 508 3.98 -28.57 34.67
CA ASN E 508 3.44 -29.02 35.94
C ASN E 508 2.83 -30.40 35.71
N GLY E 509 3.23 -31.36 36.56
CA GLY E 509 2.86 -32.76 36.37
C GLY E 509 1.38 -33.08 36.43
N ILE E 510 0.95 -33.95 35.52
CA ILE E 510 -0.41 -34.47 35.50
C ILE E 510 -0.69 -35.22 36.80
N ILE E 511 -0.83 -34.47 37.87
CA ILE E 511 -1.13 -35.03 39.18
C ILE E 511 -2.53 -35.64 39.14
N LYS E 512 -2.74 -36.75 39.83
CA LYS E 512 -4.07 -37.34 39.80
C LYS E 512 -4.83 -36.55 40.84
N TRP E 513 -5.01 -35.25 40.60
CA TRP E 513 -5.66 -34.40 41.57
C TRP E 513 -7.09 -34.82 41.87
N GLY E 514 -7.83 -35.24 40.85
CA GLY E 514 -9.24 -35.51 41.01
C GLY E 514 -9.54 -36.77 40.22
N ASP E 515 -10.67 -37.39 40.53
CA ASP E 515 -11.12 -38.59 39.85
C ASP E 515 -11.29 -38.20 38.37
N PRO E 516 -11.88 -37.01 38.10
CA PRO E 516 -11.97 -36.55 36.72
C PRO E 516 -10.63 -36.64 35.98
N VAL E 517 -9.51 -36.34 36.60
CA VAL E 517 -8.26 -36.39 35.84
C VAL E 517 -7.99 -37.78 35.28
N THR E 518 -8.13 -38.78 36.14
CA THR E 518 -7.87 -40.14 35.68
C THR E 518 -8.86 -40.42 34.55
N ARG E 519 -10.14 -40.08 34.73
CA ARG E 519 -11.12 -40.35 33.66
C ARG E 519 -10.76 -39.62 32.35
N VAL E 520 -10.31 -38.37 32.43
CA VAL E 520 -9.95 -37.74 31.17
C VAL E 520 -8.81 -38.53 30.54
N LEU E 521 -7.77 -38.87 31.30
CA LEU E 521 -6.71 -39.63 30.64
C LEU E 521 -7.14 -40.99 30.08
N ASP E 522 -7.96 -41.76 30.80
CA ASP E 522 -8.39 -43.09 30.32
C ASP E 522 -9.15 -42.86 29.02
N ASP E 523 -9.94 -41.79 28.99
CA ASP E 523 -10.69 -41.47 27.78
C ASP E 523 -9.70 -41.18 26.65
N GLY E 524 -8.57 -40.56 26.97
CA GLY E 524 -7.52 -40.36 26.00
C GLY E 524 -7.00 -41.73 25.53
N GLU E 525 -6.88 -42.66 26.47
CA GLU E 525 -6.47 -44.04 26.16
C GLU E 525 -7.43 -44.75 25.23
N LEU E 526 -8.70 -44.51 25.48
CA LEU E 526 -9.77 -45.03 24.67
C LEU E 526 -9.68 -44.50 23.27
N LEU E 527 -9.37 -43.21 23.16
CA LEU E 527 -9.20 -42.62 21.85
C LEU E 527 -8.01 -43.11 21.04
N VAL E 528 -6.88 -43.27 21.70
CA VAL E 528 -5.72 -43.82 21.00
C VAL E 528 -6.00 -45.25 20.55
N GLN E 529 -6.63 -45.99 21.44
CA GLN E 529 -6.99 -47.37 21.15
C GLN E 529 -7.92 -47.31 19.93
N GLN E 530 -8.80 -46.31 19.87
CA GLN E 530 -9.67 -46.17 18.71
C GLN E 530 -8.92 -45.98 17.44
N THR E 531 -7.87 -45.19 17.54
CA THR E 531 -7.02 -44.93 16.40
C THR E 531 -6.36 -46.17 15.88
N LYS E 532 -5.94 -47.05 16.78
CA LYS E 532 -4.88 -48.03 16.51
C LYS E 532 -5.16 -48.75 15.19
N ASN E 533 -6.42 -49.11 14.99
CA ASN E 533 -6.84 -49.74 13.75
C ASN E 533 -7.66 -48.78 12.91
N SER E 534 -8.94 -48.62 13.25
CA SER E 534 -9.77 -47.57 12.66
C SER E 534 -9.78 -47.60 11.15
N ASP E 535 -9.87 -48.77 10.55
CA ASP E 535 -9.87 -48.83 9.09
C ASP E 535 -11.10 -48.07 8.60
N ARG E 536 -12.23 -48.27 9.27
CA ARG E 536 -13.48 -47.64 8.86
C ARG E 536 -13.35 -46.12 8.94
N THR E 537 -12.73 -45.62 10.00
CA THR E 537 -12.45 -44.19 10.07
C THR E 537 -10.97 -43.84 10.12
N PRO E 538 -10.50 -43.13 9.09
CA PRO E 538 -9.07 -42.87 8.91
C PRO E 538 -8.60 -41.83 9.90
N LEU E 539 -9.42 -40.81 10.12
CA LEU E 539 -8.96 -39.64 10.83
C LEU E 539 -9.74 -39.53 12.11
N VAL E 540 -9.02 -39.29 13.19
CA VAL E 540 -9.63 -39.17 14.49
C VAL E 540 -9.53 -37.73 14.90
N SER E 541 -10.66 -37.13 15.22
CA SER E 541 -10.68 -35.77 15.73
C SER E 541 -11.24 -35.69 17.17
N VAL E 542 -10.43 -35.14 18.07
CA VAL E 542 -10.83 -34.96 19.47
C VAL E 542 -10.55 -33.60 20.03
N LEU E 543 -11.39 -33.17 20.97
CA LEU E 543 -11.16 -31.86 21.55
C LEU E 543 -11.34 -31.90 23.09
N LEU E 544 -10.69 -30.99 23.81
CA LEU E 544 -10.90 -30.79 25.25
C LEU E 544 -11.38 -29.37 25.49
N GLU E 545 -12.52 -29.27 26.16
CA GLU E 545 -13.11 -27.99 26.48
C GLU E 545 -13.10 -27.70 27.98
N GLY E 546 -12.54 -26.59 28.42
CA GLY E 546 -12.42 -26.36 29.84
C GLY E 546 -12.56 -24.90 30.24
N PRO E 547 -12.87 -24.64 31.52
CA PRO E 547 -12.85 -23.25 31.98
C PRO E 547 -11.42 -22.78 31.84
N PRO E 548 -11.17 -21.49 31.61
CA PRO E 548 -9.77 -21.10 31.44
C PRO E 548 -8.95 -21.51 32.66
N HIS E 549 -7.68 -21.92 32.47
CA HIS E 549 -6.86 -22.50 33.55
C HIS E 549 -7.31 -23.92 33.81
N SER E 550 -8.00 -24.47 32.82
CA SER E 550 -8.55 -25.82 32.81
C SER E 550 -7.60 -27.00 33.01
N GLY E 551 -6.39 -26.87 32.48
CA GLY E 551 -5.44 -27.97 32.42
C GLY E 551 -5.65 -28.94 31.27
N LYS E 552 -6.48 -28.54 30.32
CA LYS E 552 -6.82 -29.38 29.15
C LYS E 552 -5.62 -29.63 28.23
N THR E 553 -4.81 -28.59 27.99
CA THR E 553 -3.68 -28.72 27.08
C THR E 553 -2.49 -29.58 27.50
N ALA E 554 -2.18 -29.58 28.77
CA ALA E 554 -1.17 -30.46 29.31
C ALA E 554 -1.67 -31.84 29.10
N LEU E 555 -2.96 -31.99 29.33
CA LEU E 555 -3.60 -33.27 29.14
C LEU E 555 -3.48 -33.75 27.72
N ALA E 556 -3.68 -32.84 26.77
CA ALA E 556 -3.56 -33.22 25.37
C ALA E 556 -2.15 -33.67 25.04
N ALA E 557 -1.18 -32.93 25.58
CA ALA E 557 0.22 -33.29 25.39
C ALA E 557 0.56 -34.64 26.02
N LYS E 558 0.03 -34.89 27.22
CA LYS E 558 0.24 -36.14 27.94
C LYS E 558 -0.35 -37.30 27.14
N ILE E 559 -1.53 -37.10 26.57
CA ILE E 559 -2.18 -38.12 25.75
C ILE E 559 -1.27 -38.42 24.57
N ALA E 560 -0.68 -37.36 24.01
CA ALA E 560 0.25 -37.54 22.89
C ALA E 560 1.50 -38.32 23.28
N GLU E 561 2.06 -38.05 24.46
CA GLU E 561 3.21 -38.80 24.95
C GLU E 561 2.87 -40.23 25.17
N GLU E 562 1.68 -40.42 25.70
CA GLU E 562 1.17 -41.74 25.98
C GLU E 562 1.01 -42.58 24.73
N SER E 563 0.49 -41.91 23.71
CA SER E 563 0.25 -42.53 22.44
C SER E 563 1.54 -43.00 21.79
N ASN E 564 2.59 -42.17 21.84
CA ASN E 564 3.88 -42.52 21.24
C ASN E 564 3.70 -42.89 19.80
N PHE E 565 2.88 -42.14 19.09
CA PHE E 565 2.70 -42.55 17.73
C PHE E 565 4.02 -42.19 17.05
N PRO E 566 4.29 -42.73 15.87
CA PRO E 566 5.64 -42.57 15.28
C PRO E 566 5.92 -41.08 14.97
N PHE E 567 4.96 -40.32 14.44
CA PHE E 567 5.21 -38.89 14.26
C PHE E 567 4.22 -38.05 15.06
N ILE E 568 4.78 -37.26 15.97
CA ILE E 568 4.03 -36.28 16.75
C ILE E 568 4.67 -34.89 16.68
N LYS E 569 3.91 -33.90 16.24
CA LYS E 569 4.42 -32.53 16.27
C LYS E 569 3.46 -31.63 16.99
N ILE E 570 3.97 -30.95 18.01
CA ILE E 570 3.20 -30.01 18.77
C ILE E 570 2.89 -28.73 17.97
N CYS E 571 1.71 -28.16 18.19
CA CYS E 571 1.35 -26.88 17.58
C CYS E 571 1.19 -25.83 18.67
N SER E 572 1.78 -24.67 18.43
CA SER E 572 1.85 -23.63 19.44
C SER E 572 1.23 -22.35 18.92
N PRO E 573 0.41 -21.71 19.77
CA PRO E 573 -0.15 -20.40 19.45
C PRO E 573 1.01 -19.46 19.29
N ASP E 574 2.02 -19.67 20.13
CA ASP E 574 3.09 -18.72 20.34
C ASP E 574 3.89 -18.51 19.05
N LYS E 575 4.09 -19.58 18.29
CA LYS E 575 4.80 -19.50 17.01
C LYS E 575 4.04 -18.63 16.01
N MET E 576 2.73 -18.78 16.01
CA MET E 576 1.82 -18.01 15.17
C MET E 576 1.82 -16.50 15.41
N ILE E 577 2.24 -16.06 16.60
CA ILE E 577 2.13 -14.65 16.99
C ILE E 577 2.83 -13.70 16.02
N GLY E 578 2.10 -12.66 15.65
CA GLY E 578 2.64 -11.59 14.85
C GLY E 578 2.69 -11.98 13.39
N PHE E 579 2.18 -13.16 13.07
CA PHE E 579 2.15 -13.60 11.68
C PHE E 579 1.00 -13.01 10.91
N SER E 580 1.21 -12.88 9.60
CA SER E 580 0.16 -12.47 8.68
C SER E 580 -0.86 -13.59 8.66
N GLU E 581 -2.13 -13.26 8.43
CA GLU E 581 -3.18 -14.26 8.50
C GLU E 581 -2.88 -15.39 7.50
N THR E 582 -2.40 -15.00 6.32
CA THR E 582 -1.94 -15.95 5.33
C THR E 582 -0.74 -16.78 5.83
N ALA E 583 0.20 -16.13 6.51
CA ALA E 583 1.38 -16.81 7.05
C ALA E 583 0.94 -17.85 8.08
N LYS E 584 -0.03 -17.44 8.91
CA LYS E 584 -0.60 -18.30 9.91
C LYS E 584 -1.20 -19.51 9.24
N CYS E 585 -1.89 -19.30 8.13
CA CYS E 585 -2.43 -20.45 7.44
C CYS E 585 -1.28 -21.34 6.97
N GLN E 586 -0.24 -20.72 6.43
CA GLN E 586 0.84 -21.48 5.77
C GLN E 586 1.64 -22.40 6.67
N ALA E 587 2.05 -21.89 7.83
CA ALA E 587 2.82 -22.73 8.73
C ALA E 587 2.03 -23.95 9.17
N MET E 588 0.75 -23.66 9.42
CA MET E 588 -0.22 -24.60 9.91
C MET E 588 -0.29 -25.69 8.81
N LYS E 589 -0.30 -25.26 7.54
CA LYS E 589 -0.38 -26.16 6.37
C LYS E 589 0.79 -27.13 6.30
N LYS E 590 1.96 -26.54 6.55
CA LYS E 590 3.21 -27.28 6.53
C LYS E 590 3.16 -28.38 7.60
N ILE E 591 2.65 -28.07 8.79
CA ILE E 591 2.55 -29.10 9.84
C ILE E 591 1.63 -30.21 9.34
N PHE E 592 0.59 -29.81 8.64
CA PHE E 592 -0.41 -30.78 8.16
C PHE E 592 0.15 -31.80 7.22
N ASP E 593 0.95 -31.31 6.28
CA ASP E 593 1.60 -32.25 5.41
C ASP E 593 2.60 -33.09 6.21
N ASP E 594 3.26 -32.50 7.21
CA ASP E 594 4.23 -33.30 7.96
C ASP E 594 3.56 -34.47 8.65
N ALA E 595 2.35 -34.22 9.13
CA ALA E 595 1.57 -35.27 9.74
C ALA E 595 1.34 -36.40 8.77
N TYR E 596 1.32 -36.08 7.49
CA TYR E 596 1.04 -37.12 6.48
C TYR E 596 2.04 -38.25 6.44
N LYS E 597 3.29 -37.91 6.71
CA LYS E 597 4.34 -38.90 6.54
C LYS E 597 4.23 -40.14 7.41
N SER E 598 3.87 -40.02 8.68
CA SER E 598 3.73 -41.21 9.53
C SER E 598 2.53 -42.11 9.26
N GLN E 599 2.71 -43.42 9.36
CA GLN E 599 1.58 -44.34 9.16
C GLN E 599 0.47 -44.23 10.21
N LEU E 600 0.88 -44.09 11.46
CA LEU E 600 -0.04 -43.91 12.56
C LEU E 600 0.46 -42.61 13.19
N SER E 601 -0.39 -41.60 13.36
CA SER E 601 0.15 -40.31 13.76
C SER E 601 -0.76 -39.42 14.61
N CYS E 602 -0.16 -38.62 15.47
CA CYS E 602 -0.92 -37.69 16.30
C CYS E 602 -0.42 -36.25 16.19
N VAL E 603 -1.37 -35.32 16.06
CA VAL E 603 -1.09 -33.89 15.97
C VAL E 603 -1.96 -33.11 16.97
N VAL E 604 -1.41 -32.01 17.45
CA VAL E 604 -2.02 -31.18 18.46
C VAL E 604 -2.33 -29.80 17.89
N VAL E 605 -3.56 -29.35 18.10
CA VAL E 605 -4.01 -27.99 17.84
C VAL E 605 -4.36 -27.46 19.22
N ASP E 606 -3.73 -26.34 19.55
CA ASP E 606 -3.99 -25.79 20.84
C ASP E 606 -4.45 -24.36 20.97
N ASP E 607 -5.29 -24.10 21.98
CA ASP E 607 -5.90 -22.78 22.11
C ASP E 607 -6.50 -22.36 20.77
N ILE E 608 -7.35 -23.20 20.20
CA ILE E 608 -7.93 -22.88 18.89
C ILE E 608 -8.64 -21.50 18.90
N GLU E 609 -9.34 -21.11 19.97
CA GLU E 609 -9.93 -19.77 19.99
C GLU E 609 -8.82 -18.74 19.87
N ARG E 610 -7.74 -19.00 20.60
CA ARG E 610 -6.54 -18.22 20.46
C ARG E 610 -5.90 -18.41 19.11
N LEU E 611 -5.93 -19.63 18.58
CA LEU E 611 -5.24 -19.89 17.33
C LEU E 611 -5.89 -19.06 16.23
N LEU E 612 -7.23 -19.06 16.27
CA LEU E 612 -8.06 -18.36 15.28
C LEU E 612 -7.91 -16.85 15.29
N ASP E 613 -7.41 -16.32 16.42
CA ASP E 613 -7.36 -14.88 16.70
C ASP E 613 -8.76 -14.40 17.02
N TYR E 614 -9.63 -15.34 17.38
CA TYR E 614 -10.99 -15.01 17.71
C TYR E 614 -10.96 -14.05 18.89
N VAL E 615 -11.79 -13.00 18.82
CA VAL E 615 -11.81 -11.96 19.83
C VAL E 615 -13.25 -11.79 20.30
N PRO E 616 -13.47 -11.53 21.60
CA PRO E 616 -14.86 -11.51 22.04
C PRO E 616 -15.75 -10.43 21.42
N ILE E 617 -15.22 -9.22 21.30
CA ILE E 617 -15.96 -8.15 20.67
C ILE E 617 -16.06 -8.40 19.17
N GLY E 618 -17.27 -8.30 18.62
CA GLY E 618 -17.48 -8.45 17.20
C GLY E 618 -18.59 -9.46 16.98
N PRO E 619 -18.26 -10.76 17.10
CA PRO E 619 -16.87 -11.19 17.27
C PRO E 619 -16.05 -11.12 15.97
N ARG E 620 -14.74 -10.90 16.09
CA ARG E 620 -13.83 -10.80 14.92
C ARG E 620 -12.93 -12.02 14.87
N PHE E 621 -12.83 -12.64 13.72
CA PHE E 621 -12.06 -13.86 13.60
C PHE E 621 -11.53 -14.04 12.19
N SER E 622 -10.61 -14.98 12.04
CA SER E 622 -9.85 -15.10 10.80
C SER E 622 -10.47 -16.20 9.93
N ASN E 623 -11.06 -15.81 8.79
CA ASN E 623 -11.71 -16.75 7.90
C ASN E 623 -10.77 -17.77 7.27
N LEU E 624 -9.62 -17.29 6.81
CA LEU E 624 -8.67 -18.18 6.15
C LEU E 624 -8.14 -19.27 7.09
N VAL E 625 -7.80 -18.82 8.29
CA VAL E 625 -7.30 -19.70 9.33
C VAL E 625 -8.37 -20.73 9.63
N LEU E 626 -9.61 -20.24 9.70
CA LEU E 626 -10.73 -21.08 10.06
C LEU E 626 -10.87 -22.16 9.01
N GLN E 627 -10.69 -21.80 7.75
CA GLN E 627 -10.77 -22.75 6.63
C GLN E 627 -9.74 -23.83 6.63
N ALA E 628 -8.51 -23.44 6.92
CA ALA E 628 -7.47 -24.45 6.98
C ALA E 628 -7.87 -25.43 8.07
N LEU E 629 -8.31 -24.87 9.19
CA LEU E 629 -8.75 -25.69 10.32
C LEU E 629 -9.94 -26.60 9.99
N LEU E 630 -10.93 -26.04 9.31
CA LEU E 630 -12.18 -26.73 8.98
C LEU E 630 -12.02 -27.86 7.99
N VAL E 631 -11.24 -27.59 6.95
CA VAL E 631 -11.01 -28.58 5.93
C VAL E 631 -10.21 -29.72 6.51
N LEU E 632 -9.25 -29.41 7.35
CA LEU E 632 -8.35 -30.47 7.84
C LEU E 632 -8.96 -31.66 8.53
N LEU E 633 -9.92 -31.36 9.37
CA LEU E 633 -10.62 -32.39 10.11
C LEU E 633 -11.33 -33.25 9.08
N LYS E 634 -11.96 -32.57 8.12
CA LYS E 634 -12.56 -33.22 6.96
C LYS E 634 -11.52 -33.87 6.04
N LYS E 635 -10.38 -33.21 5.89
CA LYS E 635 -9.33 -33.61 4.94
C LYS E 635 -8.78 -34.99 5.23
N ALA E 636 -8.50 -35.79 4.19
CA ALA E 636 -8.08 -37.16 4.42
C ALA E 636 -6.59 -37.40 4.12
N PRO E 637 -5.87 -37.98 5.10
CA PRO E 637 -4.47 -38.40 4.97
C PRO E 637 -4.35 -39.44 3.86
N PRO E 638 -3.17 -39.56 3.24
CA PRO E 638 -2.99 -40.57 2.20
C PRO E 638 -3.27 -41.96 2.74
N GLN E 639 -3.78 -42.85 1.89
CA GLN E 639 -4.26 -44.16 2.33
C GLN E 639 -3.20 -44.98 3.03
N GLY E 640 -3.59 -45.70 4.08
CA GLY E 640 -2.57 -46.33 4.88
C GLY E 640 -2.40 -45.49 6.14
N ARG E 641 -1.59 -44.46 5.96
CA ARG E 641 -1.20 -43.54 7.00
C ARG E 641 -2.43 -42.80 7.53
N LYS E 642 -2.49 -42.66 8.87
CA LYS E 642 -3.61 -42.06 9.63
C LYS E 642 -3.22 -41.03 10.71
N LEU E 643 -4.17 -40.19 11.12
CA LEU E 643 -3.89 -39.13 12.08
C LEU E 643 -5.00 -38.80 13.11
N LEU E 644 -4.61 -38.46 14.33
CA LEU E 644 -5.58 -38.03 15.35
C LEU E 644 -5.26 -36.56 15.74
N ILE E 645 -6.27 -35.69 15.76
CA ILE E 645 -6.09 -34.28 16.04
C ILE E 645 -6.63 -33.91 17.43
N ILE E 646 -5.85 -33.28 18.31
CA ILE E 646 -6.42 -32.91 19.60
C ILE E 646 -6.49 -31.41 19.65
N GLY E 647 -7.64 -30.84 19.92
CA GLY E 647 -7.72 -29.40 19.96
C GLY E 647 -8.13 -29.05 21.36
N THR E 648 -7.48 -28.06 21.95
CA THR E 648 -7.88 -27.57 23.27
C THR E 648 -8.63 -26.27 23.10
N THR E 649 -9.87 -26.18 23.54
CA THR E 649 -10.56 -24.93 23.35
C THR E 649 -11.11 -24.43 24.69
N SER E 650 -10.82 -23.16 24.98
CA SER E 650 -11.30 -22.54 26.21
C SER E 650 -12.83 -22.40 26.27
N ARG E 651 -13.41 -21.96 25.15
CA ARG E 651 -14.83 -21.71 25.08
C ARG E 651 -15.56 -22.70 24.16
N LYS E 652 -16.41 -23.56 24.70
CA LYS E 652 -17.19 -24.47 23.85
C LYS E 652 -18.24 -23.88 22.89
N ASP E 653 -19.06 -22.93 23.34
CA ASP E 653 -20.22 -22.52 22.54
C ASP E 653 -19.84 -21.82 21.21
N VAL E 654 -18.85 -20.92 21.21
CA VAL E 654 -18.47 -20.22 19.97
C VAL E 654 -17.96 -21.22 18.93
N LEU E 655 -17.13 -22.15 19.38
CA LEU E 655 -16.60 -23.18 18.51
C LEU E 655 -17.78 -24.00 17.98
N GLN E 656 -18.75 -24.35 18.83
CA GLN E 656 -19.90 -25.07 18.34
C GLN E 656 -20.59 -24.25 17.25
N GLU E 657 -20.63 -22.95 17.52
CA GLU E 657 -21.30 -21.95 16.70
C GLU E 657 -20.70 -21.88 15.28
N MET E 658 -19.37 -22.02 15.12
CA MET E 658 -18.80 -21.93 13.76
C MET E 658 -18.72 -23.25 12.99
N GLU E 659 -19.41 -24.28 13.50
CA GLU E 659 -19.46 -25.65 12.94
C GLU E 659 -18.20 -26.43 13.29
N MET E 660 -17.34 -25.85 14.11
CA MET E 660 -16.13 -26.53 14.54
C MET E 660 -16.42 -27.76 15.40
N LEU E 661 -17.39 -27.67 16.31
CA LEU E 661 -17.74 -28.79 17.22
C LEU E 661 -18.23 -29.99 16.42
N ASN E 662 -18.96 -29.70 15.35
CA ASN E 662 -19.58 -30.70 14.51
C ASN E 662 -18.48 -31.59 13.93
N ALA E 663 -17.36 -30.97 13.59
CA ALA E 663 -16.26 -31.68 12.96
C ALA E 663 -15.71 -32.77 13.88
N PHE E 664 -15.59 -32.47 15.17
CA PHE E 664 -14.84 -33.38 16.03
C PHE E 664 -15.56 -34.70 16.27
N SER E 665 -14.78 -35.78 16.22
CA SER E 665 -15.29 -37.11 16.48
C SER E 665 -15.74 -37.26 17.92
N THR E 666 -14.89 -36.75 18.82
CA THR E 666 -15.18 -36.80 20.23
C THR E 666 -14.88 -35.47 20.91
N THR E 667 -15.69 -35.19 21.93
CA THR E 667 -15.55 -33.99 22.73
C THR E 667 -15.42 -34.44 24.17
N ILE E 668 -14.45 -33.86 24.86
CA ILE E 668 -14.21 -34.13 26.26
C ILE E 668 -14.22 -32.79 26.95
N HIS E 669 -14.96 -32.67 28.04
CA HIS E 669 -15.01 -31.41 28.77
C HIS E 669 -14.33 -31.65 30.10
N VAL E 670 -13.37 -30.80 30.42
CA VAL E 670 -12.65 -30.94 31.66
C VAL E 670 -13.27 -29.95 32.62
N PRO E 671 -13.88 -30.48 33.67
CA PRO E 671 -14.48 -29.66 34.71
C PRO E 671 -13.69 -29.68 35.99
N ASN E 672 -13.48 -28.46 36.45
CA ASN E 672 -12.83 -28.16 37.69
C ASN E 672 -13.64 -28.84 38.79
N ILE E 673 -13.00 -29.52 39.73
CA ILE E 673 -13.84 -30.24 40.72
C ILE E 673 -14.70 -29.34 41.59
N ALA E 674 -15.97 -29.71 41.78
CA ALA E 674 -16.86 -28.93 42.65
C ALA E 674 -16.85 -29.42 44.10
N THR E 675 -16.03 -30.43 44.39
CA THR E 675 -15.98 -31.08 45.71
C THR E 675 -14.69 -30.75 46.47
N GLY E 676 -14.82 -30.32 47.73
CA GLY E 676 -13.67 -29.98 48.55
C GLY E 676 -12.70 -31.12 48.82
N GLU E 677 -13.22 -32.32 49.07
CA GLU E 677 -12.37 -33.48 49.36
C GLU E 677 -11.44 -33.86 48.18
N GLN E 678 -11.99 -33.80 46.98
CA GLN E 678 -11.23 -34.01 45.75
C GLN E 678 -10.10 -32.97 45.65
N LEU E 679 -10.41 -31.74 46.04
CA LEU E 679 -9.48 -30.61 46.05
C LEU E 679 -8.34 -31.00 46.99
N LEU E 680 -8.73 -31.63 48.09
CA LEU E 680 -7.81 -32.11 49.11
C LEU E 680 -6.87 -33.16 48.60
N GLU E 681 -7.45 -34.06 47.81
CA GLU E 681 -6.76 -35.17 47.20
C GLU E 681 -5.68 -34.53 46.30
N ALA E 682 -6.07 -33.48 45.60
CA ALA E 682 -5.17 -32.75 44.72
C ALA E 682 -4.00 -32.17 45.49
N LEU E 683 -4.34 -31.60 46.64
CA LEU E 683 -3.36 -30.99 47.52
C LEU E 683 -2.35 -32.04 47.97
N GLU E 684 -2.87 -33.22 48.30
CA GLU E 684 -2.02 -34.31 48.74
C GLU E 684 -1.05 -34.79 47.67
N LEU E 685 -1.54 -34.92 46.44
CA LEU E 685 -0.66 -35.32 45.33
C LEU E 685 0.43 -34.32 45.02
N LEU E 686 0.08 -33.04 45.08
CA LEU E 686 1.07 -32.01 44.80
C LEU E 686 2.12 -31.90 45.89
N GLY E 687 1.70 -32.17 47.11
CA GLY E 687 2.60 -32.09 48.26
C GLY E 687 3.24 -30.72 48.34
N ASN E 688 2.41 -29.76 48.74
CA ASN E 688 2.79 -28.37 48.90
C ASN E 688 2.59 -28.06 50.37
N PHE E 689 1.43 -28.44 50.87
CA PHE E 689 1.12 -28.18 52.26
C PHE E 689 1.58 -29.32 53.17
N LYS E 690 1.84 -28.97 54.43
CA LYS E 690 2.27 -29.94 55.43
C LYS E 690 1.10 -30.85 55.78
N ASP E 691 1.40 -32.01 56.36
CA ASP E 691 0.36 -32.95 56.75
C ASP E 691 -0.67 -32.34 57.71
N LYS E 692 -0.29 -31.33 58.47
CA LYS E 692 -1.27 -30.55 59.24
C LYS E 692 -2.21 -29.73 58.35
N GLU E 693 -1.62 -29.06 57.38
CA GLU E 693 -2.38 -28.13 56.56
C GLU E 693 -3.45 -28.89 55.77
N ARG E 694 -3.13 -30.08 55.27
CA ARG E 694 -4.09 -30.87 54.49
C ARG E 694 -5.31 -31.17 55.34
N THR E 695 -5.06 -31.50 56.61
CA THR E 695 -6.13 -31.80 57.55
C THR E 695 -6.97 -30.54 57.76
N THR E 696 -6.31 -29.40 57.95
CA THR E 696 -7.05 -28.16 58.15
C THR E 696 -7.95 -27.82 56.95
N ILE E 697 -7.41 -28.00 55.74
CA ILE E 697 -8.13 -27.70 54.51
C ILE E 697 -9.34 -28.63 54.51
N ALA E 698 -9.11 -29.88 54.90
CA ALA E 698 -10.18 -30.87 54.95
C ALA E 698 -11.29 -30.45 55.88
N GLN E 699 -10.92 -29.89 57.03
CA GLN E 699 -11.93 -29.40 57.94
C GLN E 699 -12.74 -28.23 57.34
N GLN E 700 -12.04 -27.32 56.67
CA GLN E 700 -12.72 -26.16 56.06
C GLN E 700 -13.64 -26.48 54.88
N VAL E 701 -13.24 -27.41 54.02
CA VAL E 701 -13.97 -27.64 52.77
C VAL E 701 -15.40 -28.15 52.96
N LYS E 702 -15.63 -28.97 53.98
CA LYS E 702 -16.96 -29.54 54.19
C LYS E 702 -18.00 -28.44 54.40
N GLY E 703 -19.16 -28.59 53.77
CA GLY E 703 -20.17 -27.55 53.85
C GLY E 703 -19.87 -26.42 52.90
N LYS E 704 -18.86 -26.61 52.05
CA LYS E 704 -18.47 -25.59 51.09
C LYS E 704 -18.29 -26.20 49.72
N LYS E 705 -18.52 -25.40 48.67
CA LYS E 705 -18.40 -25.89 47.30
C LYS E 705 -17.29 -25.12 46.57
N VAL E 706 -16.42 -25.87 45.89
CA VAL E 706 -15.27 -25.27 45.23
C VAL E 706 -15.34 -25.35 43.70
N TRP E 707 -15.16 -24.23 43.02
CA TRP E 707 -15.17 -24.27 41.55
C TRP E 707 -13.88 -23.63 41.08
N ILE E 708 -12.83 -24.44 41.04
CA ILE E 708 -11.55 -23.94 40.63
C ILE E 708 -10.70 -24.92 39.77
N GLY E 709 -10.08 -24.38 38.73
CA GLY E 709 -9.22 -25.13 37.88
C GLY E 709 -7.88 -25.61 38.39
N ILE E 710 -7.41 -26.78 37.93
CA ILE E 710 -6.12 -27.21 38.42
C ILE E 710 -5.01 -26.22 38.08
N LYS E 711 -4.97 -25.69 36.87
CA LYS E 711 -3.93 -24.72 36.54
C LYS E 711 -4.09 -23.56 37.50
N LYS E 712 -5.36 -23.17 37.67
CA LYS E 712 -5.72 -22.08 38.56
C LYS E 712 -5.47 -22.55 39.99
N LEU E 713 -5.85 -23.78 40.34
CA LEU E 713 -5.68 -24.23 41.71
C LEU E 713 -4.24 -24.27 42.16
N LEU E 714 -3.39 -24.81 41.30
CA LEU E 714 -1.98 -24.90 41.58
C LEU E 714 -1.39 -23.52 41.67
N MET E 715 -1.78 -22.64 40.75
CA MET E 715 -1.28 -21.28 40.84
C MET E 715 -1.69 -20.65 42.17
N LEU E 716 -2.94 -20.91 42.58
CA LEU E 716 -3.51 -20.37 43.80
C LEU E 716 -2.75 -20.87 45.03
N ILE E 717 -2.46 -22.18 44.99
CA ILE E 717 -1.76 -22.87 46.05
C ILE E 717 -0.41 -22.29 46.26
N GLU E 718 0.23 -22.13 45.12
CA GLU E 718 1.59 -21.65 45.08
C GLU E 718 1.52 -20.27 45.67
N MET E 719 0.48 -19.53 45.31
CA MET E 719 0.34 -18.16 45.83
C MET E 719 0.20 -18.12 47.33
N SER E 720 -0.61 -19.02 47.89
CA SER E 720 -0.83 -19.03 49.32
C SER E 720 0.45 -19.41 50.07
N LEU E 721 1.21 -20.33 49.49
CA LEU E 721 2.40 -20.89 50.15
C LEU E 721 3.52 -19.93 50.53
N GLN E 722 3.75 -18.91 49.72
CA GLN E 722 4.86 -17.99 49.96
C GLN E 722 4.78 -17.23 51.27
N MET E 723 3.56 -16.92 51.66
CA MET E 723 3.27 -16.25 52.92
C MET E 723 3.53 -17.20 54.10
N ASP E 724 3.66 -16.63 55.30
CA ASP E 724 4.20 -17.35 56.45
C ASP E 724 3.24 -18.42 56.98
N PRO E 725 3.73 -19.36 57.80
CA PRO E 725 2.96 -20.60 58.04
C PRO E 725 1.59 -20.43 58.71
N GLU E 726 1.47 -19.54 59.69
CA GLU E 726 0.17 -19.28 60.30
C GLU E 726 -0.73 -18.71 59.22
N TYR E 727 -0.15 -17.82 58.43
CA TYR E 727 -0.83 -17.13 57.35
C TYR E 727 -1.31 -18.03 56.21
N ARG E 728 -0.56 -19.07 55.85
CA ARG E 728 -0.85 -19.85 54.63
C ARG E 728 -2.25 -20.48 54.62
N VAL E 729 -2.64 -21.06 55.74
CA VAL E 729 -3.96 -21.67 55.87
C VAL E 729 -5.09 -20.66 55.67
N ARG E 730 -4.92 -19.47 56.24
CA ARG E 730 -6.00 -18.50 56.34
C ARG E 730 -6.08 -17.85 54.97
N LYS E 731 -4.92 -17.53 54.44
CA LYS E 731 -4.79 -16.80 53.20
C LYS E 731 -5.36 -17.69 52.11
N PHE E 732 -4.96 -18.96 52.10
CA PHE E 732 -5.43 -19.84 51.04
C PHE E 732 -6.95 -19.90 51.15
N LEU E 733 -7.47 -20.06 52.36
CA LEU E 733 -8.93 -20.13 52.48
C LEU E 733 -9.63 -18.87 51.93
N ALA E 734 -9.07 -17.71 52.26
CA ALA E 734 -9.63 -16.42 51.86
C ALA E 734 -9.58 -16.24 50.34
N LEU E 735 -8.46 -16.67 49.79
CA LEU E 735 -8.17 -16.60 48.36
C LEU E 735 -9.18 -17.49 47.64
N LEU E 736 -9.43 -18.67 48.20
CA LEU E 736 -10.38 -19.62 47.62
C LEU E 736 -11.74 -18.94 47.63
N ARG E 737 -12.05 -18.29 48.75
CA ARG E 737 -13.35 -17.64 48.91
C ARG E 737 -13.58 -16.57 47.87
N GLU E 738 -12.54 -15.77 47.63
CA GLU E 738 -12.61 -14.71 46.64
C GLU E 738 -12.75 -15.27 45.23
N GLU E 739 -11.97 -16.32 44.95
CA GLU E 739 -11.98 -16.96 43.64
C GLU E 739 -13.34 -17.60 43.33
N GLY E 740 -13.92 -18.24 44.34
CA GLY E 740 -15.19 -18.93 44.25
C GLY E 740 -16.22 -18.34 43.30
N GLY F 222 0.31 -41.42 -39.16
CA GLY F 222 -0.62 -41.84 -38.12
C GLY F 222 -1.22 -40.65 -37.38
N ILE F 223 -2.55 -40.65 -37.23
CA ILE F 223 -3.30 -39.61 -36.53
C ILE F 223 -4.58 -40.30 -36.13
N GLY F 224 -4.76 -40.44 -34.81
CA GLY F 224 -5.88 -41.22 -34.33
C GLY F 224 -7.19 -40.48 -34.32
N GLY F 225 -8.15 -41.08 -34.99
CA GLY F 225 -9.41 -40.42 -35.13
C GLY F 225 -9.16 -39.34 -36.11
N LEU F 226 -10.08 -38.39 -36.12
CA LEU F 226 -9.96 -37.22 -36.96
C LEU F 226 -9.65 -37.68 -38.36
N ASP F 227 -10.61 -38.38 -38.94
CA ASP F 227 -10.45 -38.75 -40.32
C ASP F 227 -11.48 -38.01 -41.13
N LYS F 228 -12.71 -37.88 -40.65
CA LYS F 228 -13.69 -37.09 -41.39
C LYS F 228 -13.38 -35.59 -41.32
N GLU F 229 -13.19 -35.09 -40.10
CA GLU F 229 -12.94 -33.66 -39.90
C GLU F 229 -11.61 -33.31 -40.53
N PHE F 230 -10.60 -34.13 -40.21
CA PHE F 230 -9.26 -33.91 -40.70
C PHE F 230 -9.36 -33.93 -42.21
N SER F 231 -10.10 -34.89 -42.77
CA SER F 231 -10.11 -35.07 -44.22
C SER F 231 -10.67 -33.82 -44.85
N ASP F 232 -11.79 -33.33 -44.33
CA ASP F 232 -12.41 -32.17 -44.94
C ASP F 232 -11.44 -30.99 -44.85
N ILE F 233 -10.85 -30.76 -43.68
CA ILE F 233 -10.00 -29.59 -43.48
C ILE F 233 -8.79 -29.69 -44.43
N PHE F 234 -8.24 -30.90 -44.49
CA PHE F 234 -7.02 -31.24 -45.19
C PHE F 234 -7.33 -30.91 -46.62
N ARG F 235 -8.46 -31.43 -47.08
CA ARG F 235 -8.83 -31.30 -48.47
C ARG F 235 -8.95 -29.80 -48.73
N ARG F 236 -9.65 -29.06 -47.88
CA ARG F 236 -9.93 -27.67 -48.22
C ARG F 236 -8.66 -26.81 -48.33
N ALA F 237 -7.73 -26.97 -47.39
CA ALA F 237 -6.46 -26.21 -47.50
C ALA F 237 -5.53 -26.69 -48.63
N PHE F 238 -5.27 -27.99 -48.66
CA PHE F 238 -4.39 -28.67 -49.62
C PHE F 238 -4.89 -28.89 -51.05
N ALA F 239 -6.15 -29.32 -51.21
CA ALA F 239 -6.80 -29.52 -52.51
C ALA F 239 -6.87 -28.24 -53.34
N SER F 240 -7.24 -27.13 -52.71
CA SER F 240 -7.33 -25.88 -53.45
C SER F 240 -5.93 -25.60 -54.01
N ARG F 241 -4.89 -25.81 -53.22
CA ARG F 241 -3.53 -25.74 -53.75
C ARG F 241 -3.22 -26.83 -54.81
N VAL F 242 -3.76 -28.03 -54.61
CA VAL F 242 -3.31 -29.26 -55.29
C VAL F 242 -3.72 -29.28 -56.74
N PHE F 243 -4.95 -28.81 -57.03
CA PHE F 243 -5.48 -28.93 -58.37
C PHE F 243 -4.50 -28.15 -59.24
N PRO F 244 -4.02 -28.79 -60.31
CA PRO F 244 -2.99 -28.27 -61.21
C PRO F 244 -3.28 -27.99 -62.69
N PRO F 245 -2.88 -26.79 -63.14
CA PRO F 245 -2.78 -25.61 -62.29
C PRO F 245 -3.85 -24.55 -62.58
N GLU F 246 -4.56 -24.72 -63.70
CA GLU F 246 -5.54 -23.77 -64.18
C GLU F 246 -6.79 -23.76 -63.31
N ILE F 247 -7.00 -24.85 -62.57
CA ILE F 247 -8.24 -25.02 -61.86
C ILE F 247 -8.47 -23.87 -60.89
N VAL F 248 -7.41 -23.47 -60.19
CA VAL F 248 -7.52 -22.41 -59.20
C VAL F 248 -8.00 -21.13 -59.90
N GLU F 249 -7.43 -20.79 -61.05
CA GLU F 249 -7.84 -19.58 -61.75
C GLU F 249 -9.33 -19.74 -62.14
N GLN F 250 -9.72 -20.93 -62.57
CA GLN F 250 -11.12 -21.18 -62.92
C GLN F 250 -12.02 -20.92 -61.71
N MET F 251 -11.57 -21.39 -60.56
CA MET F 251 -12.13 -21.04 -59.25
C MET F 251 -11.93 -19.55 -59.03
N GLY F 252 -10.77 -19.05 -59.44
CA GLY F 252 -10.40 -17.66 -59.29
C GLY F 252 -10.40 -17.18 -57.85
N CYS F 253 -9.94 -18.06 -56.96
CA CYS F 253 -9.90 -17.75 -55.54
C CYS F 253 -8.46 -17.79 -55.02
N LYS F 254 -8.09 -16.74 -54.29
CA LYS F 254 -6.78 -16.65 -53.67
C LYS F 254 -6.61 -17.74 -52.61
N HIS F 255 -5.39 -18.28 -52.50
CA HIS F 255 -5.12 -19.37 -51.57
C HIS F 255 -5.32 -18.94 -50.12
N VAL F 256 -5.80 -19.85 -49.30
CA VAL F 256 -6.04 -19.60 -47.88
C VAL F 256 -4.72 -19.31 -47.14
N LYS F 257 -4.76 -18.37 -46.20
CA LYS F 257 -3.55 -17.95 -45.49
C LYS F 257 -3.11 -18.90 -44.37
N GLY F 258 -4.04 -19.40 -43.55
CA GLY F 258 -3.66 -20.21 -42.42
C GLY F 258 -4.79 -21.09 -41.90
N ILE F 259 -4.44 -22.12 -41.14
CA ILE F 259 -5.43 -22.98 -40.48
C ILE F 259 -5.09 -23.04 -38.98
N LEU F 260 -6.06 -22.87 -38.09
CA LEU F 260 -5.80 -22.92 -36.63
C LEU F 260 -6.60 -23.98 -35.89
N LEU F 261 -5.94 -24.73 -35.02
CA LEU F 261 -6.59 -25.78 -34.23
C LEU F 261 -6.55 -25.61 -32.72
N TYR F 262 -7.72 -25.74 -32.10
CA TYR F 262 -7.81 -25.67 -30.64
C TYR F 262 -8.39 -27.00 -30.13
N GLY F 263 -7.70 -27.57 -29.14
CA GLY F 263 -7.97 -28.89 -28.62
C GLY F 263 -7.82 -29.01 -27.12
N PRO F 264 -8.41 -30.06 -26.53
CA PRO F 264 -8.21 -30.36 -25.11
C PRO F 264 -6.79 -30.78 -24.79
N PRO F 265 -6.34 -30.56 -23.54
CA PRO F 265 -4.93 -30.91 -23.38
C PRO F 265 -4.82 -32.41 -23.57
N GLY F 266 -3.73 -32.88 -24.14
CA GLY F 266 -3.63 -34.30 -24.36
C GLY F 266 -4.33 -34.62 -25.67
N CYS F 267 -4.80 -33.63 -26.44
CA CYS F 267 -5.46 -33.91 -27.74
C CYS F 267 -4.54 -34.20 -28.94
N GLY F 268 -3.24 -34.23 -28.70
CA GLY F 268 -2.28 -34.51 -29.76
C GLY F 268 -2.33 -33.54 -30.90
N LYS F 269 -2.56 -32.27 -30.59
CA LYS F 269 -2.64 -31.26 -31.62
C LYS F 269 -1.29 -31.23 -32.33
N THR F 270 -0.22 -31.29 -31.54
CA THR F 270 1.10 -31.04 -32.09
C THR F 270 1.47 -32.07 -33.15
N LEU F 271 1.23 -33.34 -32.86
CA LEU F 271 1.61 -34.39 -33.80
C LEU F 271 0.85 -34.24 -35.11
N LEU F 272 -0.43 -33.91 -34.98
CA LEU F 272 -1.27 -33.78 -36.15
C LEU F 272 -0.67 -32.67 -36.98
N ALA F 273 -0.29 -31.57 -36.33
CA ALA F 273 0.31 -30.47 -37.06
C ALA F 273 1.63 -30.79 -37.75
N ARG F 274 2.53 -31.49 -37.06
CA ARG F 274 3.81 -31.83 -37.68
C ARG F 274 3.50 -32.67 -38.91
N GLN F 275 2.60 -33.64 -38.71
CA GLN F 275 2.24 -34.58 -39.76
C GLN F 275 1.62 -33.89 -40.96
N ILE F 276 0.73 -32.93 -40.68
CA ILE F 276 -0.01 -32.22 -41.72
C ILE F 276 1.03 -31.45 -42.53
N GLY F 277 1.96 -30.79 -41.83
CA GLY F 277 2.99 -30.02 -42.50
C GLY F 277 3.83 -30.92 -43.39
N LYS F 278 4.21 -32.08 -42.87
CA LYS F 278 5.05 -33.02 -43.60
C LYS F 278 4.33 -33.46 -44.87
N MET F 279 3.05 -33.80 -44.70
CA MET F 279 2.21 -34.30 -45.77
C MET F 279 2.07 -33.26 -46.88
N LEU F 280 1.94 -32.01 -46.47
CA LEU F 280 1.73 -30.89 -47.38
C LEU F 280 2.85 -30.62 -48.38
N ASN F 281 4.09 -30.71 -47.93
CA ASN F 281 5.23 -30.41 -48.79
C ASN F 281 6.28 -31.49 -48.72
N ALA F 282 7.04 -31.67 -49.80
CA ALA F 282 8.17 -32.59 -49.75
C ALA F 282 9.07 -32.16 -48.61
N ARG F 283 9.44 -30.88 -48.62
CA ARG F 283 10.03 -30.23 -47.46
C ARG F 283 9.59 -28.78 -47.39
N GLU F 284 8.96 -28.36 -46.29
CA GLU F 284 8.67 -26.94 -46.12
C GLU F 284 9.98 -26.13 -46.06
N PRO F 285 10.96 -26.54 -45.21
CA PRO F 285 10.88 -27.60 -44.21
C PRO F 285 10.66 -27.05 -42.80
N LYS F 286 9.50 -27.42 -42.25
CA LYS F 286 8.96 -27.06 -40.93
C LYS F 286 9.63 -25.93 -40.14
N VAL F 287 8.84 -25.00 -39.63
CA VAL F 287 9.39 -23.95 -38.78
C VAL F 287 8.71 -24.04 -37.43
N VAL F 288 9.52 -24.03 -36.39
CA VAL F 288 9.01 -24.19 -35.04
C VAL F 288 9.23 -22.91 -34.26
N ASN F 289 8.20 -22.48 -33.55
CA ASN F 289 8.31 -21.27 -32.76
C ASN F 289 8.31 -21.57 -31.30
N GLY F 290 9.30 -21.01 -30.61
CA GLY F 290 9.41 -21.24 -29.20
C GLY F 290 8.26 -20.56 -28.51
N PRO F 291 7.90 -21.06 -27.33
CA PRO F 291 6.77 -20.66 -26.51
C PRO F 291 6.95 -19.21 -26.09
N GLU F 292 8.18 -18.85 -25.72
CA GLU F 292 8.46 -17.48 -25.32
C GLU F 292 8.18 -16.58 -26.53
N ILE F 293 8.68 -16.97 -27.71
CA ILE F 293 8.38 -16.25 -28.94
C ILE F 293 9.08 -14.89 -28.93
N LEU F 294 8.78 -14.15 -27.86
CA LEU F 294 9.13 -12.76 -27.71
C LEU F 294 10.39 -12.56 -26.87
N ASN F 295 11.18 -13.61 -26.68
CA ASN F 295 12.37 -13.48 -25.82
C ASN F 295 13.34 -12.44 -26.41
N LYS F 296 13.97 -11.65 -25.54
CA LYS F 296 14.81 -10.46 -25.81
C LYS F 296 14.00 -9.16 -25.76
N TYR F 297 14.03 -8.49 -24.61
CA TYR F 297 13.24 -7.27 -24.41
C TYR F 297 13.62 -5.99 -25.17
N VAL F 298 14.92 -5.73 -25.34
CA VAL F 298 15.38 -4.37 -25.70
C VAL F 298 14.77 -3.71 -26.95
N GLY F 299 14.67 -4.47 -28.04
CA GLY F 299 14.15 -3.96 -29.29
C GLY F 299 12.85 -4.63 -29.69
N GLU F 300 12.85 -5.79 -30.35
CA GLU F 300 13.95 -6.75 -30.63
C GLU F 300 13.35 -8.11 -30.94
N SER F 301 12.70 -8.68 -29.93
CA SER F 301 11.99 -9.94 -30.03
C SER F 301 10.87 -9.85 -31.04
N GLU F 302 10.21 -8.71 -30.97
CA GLU F 302 9.09 -8.40 -31.82
C GLU F 302 9.60 -8.54 -33.23
N ALA F 303 10.82 -8.03 -33.39
CA ALA F 303 11.46 -8.09 -34.67
C ALA F 303 11.64 -9.54 -35.05
N ASN F 304 11.94 -10.42 -34.09
CA ASN F 304 12.15 -11.85 -34.37
C ASN F 304 10.91 -12.55 -34.91
N ILE F 305 9.78 -12.24 -34.27
CA ILE F 305 8.48 -12.73 -34.72
C ILE F 305 8.23 -12.23 -36.14
N ARG F 306 8.59 -10.99 -36.42
CA ARG F 306 8.55 -10.51 -37.81
C ARG F 306 9.56 -11.22 -38.76
N LYS F 307 10.74 -11.56 -38.21
CA LYS F 307 11.89 -12.01 -38.98
C LYS F 307 11.72 -13.43 -39.51
N LEU F 308 11.21 -14.37 -38.72
CA LEU F 308 11.07 -15.72 -39.28
C LEU F 308 10.12 -15.62 -40.49
N PHE F 309 9.09 -14.77 -40.39
CA PHE F 309 8.21 -14.54 -41.54
C PHE F 309 9.04 -14.00 -42.69
N ALA F 310 10.01 -13.15 -42.34
CA ALA F 310 10.78 -12.41 -43.34
C ALA F 310 11.50 -13.32 -44.34
N ASP F 311 12.06 -14.44 -43.89
CA ASP F 311 12.77 -15.30 -44.82
C ASP F 311 11.82 -15.85 -45.89
N ALA F 312 10.65 -16.30 -45.44
CA ALA F 312 9.66 -16.84 -46.36
C ALA F 312 9.19 -15.78 -47.34
N GLU F 313 8.92 -14.57 -46.86
CA GLU F 313 8.47 -13.52 -47.78
C GLU F 313 9.57 -13.24 -48.80
N GLU F 314 10.84 -13.24 -48.35
CA GLU F 314 11.97 -12.97 -49.23
C GLU F 314 12.05 -14.02 -50.34
N GLU F 315 11.92 -15.29 -49.96
CA GLU F 315 11.98 -16.35 -50.97
C GLU F 315 10.85 -16.11 -51.97
N GLN F 316 9.67 -15.82 -51.43
CA GLN F 316 8.51 -15.62 -52.30
C GLN F 316 8.73 -14.43 -53.26
N ARG F 317 9.30 -13.32 -52.79
CA ARG F 317 9.52 -12.20 -53.71
C ARG F 317 10.51 -12.59 -54.80
N ARG F 318 11.55 -13.33 -54.41
CA ARG F 318 12.58 -13.74 -55.36
C ARG F 318 11.98 -14.62 -56.45
N LEU F 319 11.07 -15.52 -56.08
CA LEU F 319 10.44 -16.41 -57.06
C LEU F 319 8.93 -16.24 -57.25
N GLY F 320 8.36 -15.12 -56.82
CA GLY F 320 6.91 -15.01 -56.71
C GLY F 320 6.09 -15.12 -57.96
N ALA F 321 5.17 -16.08 -57.89
CA ALA F 321 4.17 -16.44 -58.89
C ALA F 321 3.82 -17.88 -58.55
N ASN F 322 4.82 -18.74 -58.77
CA ASN F 322 4.82 -20.14 -58.37
C ASN F 322 6.28 -20.59 -58.28
N SER F 323 6.57 -21.68 -57.56
CA SER F 323 5.62 -22.40 -56.71
C SER F 323 6.23 -22.72 -55.35
N GLY F 324 6.40 -21.72 -54.49
CA GLY F 324 7.07 -21.94 -53.22
C GLY F 324 6.15 -21.80 -52.02
N LEU F 325 6.15 -22.81 -51.17
CA LEU F 325 5.33 -22.81 -49.96
C LEU F 325 6.19 -22.98 -48.70
N HIS F 326 5.98 -22.11 -47.72
CA HIS F 326 6.68 -22.22 -46.44
C HIS F 326 5.67 -22.41 -45.31
N ILE F 327 5.91 -23.38 -44.44
CA ILE F 327 4.99 -23.66 -43.35
C ILE F 327 5.65 -23.22 -42.04
N ILE F 328 4.93 -22.40 -41.29
CA ILE F 328 5.36 -21.87 -40.00
C ILE F 328 4.30 -22.19 -38.96
N ILE F 329 4.72 -22.71 -37.81
CA ILE F 329 3.73 -23.07 -36.82
C ILE F 329 4.01 -22.39 -35.46
N PHE F 330 2.98 -21.81 -34.84
CA PHE F 330 3.20 -21.23 -33.52
C PHE F 330 2.49 -22.06 -32.45
N ASP F 331 3.26 -22.61 -31.53
CA ASP F 331 2.73 -23.41 -30.44
C ASP F 331 2.36 -22.49 -29.27
N GLU F 332 1.25 -22.75 -28.58
CA GLU F 332 0.81 -21.91 -27.48
C GLU F 332 0.60 -20.43 -27.84
N ILE F 333 0.01 -20.18 -29.00
CA ILE F 333 -0.17 -18.82 -29.50
C ILE F 333 -1.03 -17.96 -28.56
N HIS F 350 0.87 -7.66 -24.95
CA HIS F 350 0.40 -7.64 -26.32
C HIS F 350 1.14 -6.59 -27.14
N ASP F 351 0.52 -5.42 -27.30
CA ASP F 351 1.14 -4.30 -27.98
C ASP F 351 1.54 -4.62 -29.42
N THR F 352 2.81 -4.38 -29.72
CA THR F 352 3.34 -4.47 -31.07
C THR F 352 3.26 -5.86 -31.71
N VAL F 353 3.48 -6.93 -30.96
CA VAL F 353 3.52 -8.26 -31.54
C VAL F 353 2.18 -8.67 -32.20
N VAL F 354 1.07 -8.33 -31.57
CA VAL F 354 -0.26 -8.51 -32.13
C VAL F 354 -0.34 -7.98 -33.57
N ASN F 355 -0.09 -6.68 -33.67
CA ASN F 355 -0.13 -5.96 -34.93
C ASN F 355 0.88 -6.57 -35.88
N GLN F 356 2.03 -6.97 -35.35
CA GLN F 356 3.14 -7.38 -36.19
C GLN F 356 2.80 -8.66 -36.90
N LEU F 357 2.27 -9.61 -36.15
CA LEU F 357 1.86 -10.85 -36.74
C LEU F 357 0.75 -10.54 -37.73
N LEU F 358 -0.21 -9.70 -37.33
CA LEU F 358 -1.33 -9.42 -38.25
C LEU F 358 -0.92 -8.78 -39.56
N SER F 359 0.03 -7.85 -39.52
CA SER F 359 0.49 -7.17 -40.73
C SER F 359 1.18 -8.11 -41.69
N LYS F 360 2.08 -8.96 -41.18
CA LYS F 360 2.78 -9.92 -42.02
C LYS F 360 1.88 -10.98 -42.63
N ILE F 361 0.98 -11.53 -41.80
CA ILE F 361 0.07 -12.56 -42.29
C ILE F 361 -0.87 -12.02 -43.38
N ASP F 362 -1.38 -10.80 -43.22
CA ASP F 362 -2.22 -10.19 -44.26
C ASP F 362 -1.76 -8.77 -44.59
N GLY F 363 -1.56 -8.51 -45.87
CA GLY F 363 -1.26 -7.17 -46.36
C GLY F 363 0.18 -6.77 -46.06
N VAL F 364 0.56 -5.55 -46.42
CA VAL F 364 -0.22 -4.62 -47.23
C VAL F 364 -0.41 -5.19 -48.64
N GLU F 365 0.66 -5.77 -49.18
CA GLU F 365 0.65 -6.36 -50.51
C GLU F 365 1.09 -7.82 -50.43
N GLN F 366 0.32 -8.70 -51.06
CA GLN F 366 0.63 -10.13 -51.15
C GLN F 366 0.78 -10.77 -49.77
N LEU F 367 1.92 -11.43 -49.55
CA LEU F 367 2.24 -12.20 -48.35
C LEU F 367 1.65 -13.61 -48.42
N ASN F 368 1.04 -13.93 -49.57
CA ASN F 368 0.52 -15.27 -49.83
C ASN F 368 1.63 -16.22 -50.28
N ASN F 369 1.27 -17.48 -50.48
CA ASN F 369 2.20 -18.57 -50.83
C ASN F 369 2.84 -19.16 -49.59
N ILE F 370 2.36 -18.77 -48.41
CA ILE F 370 2.72 -19.45 -47.18
C ILE F 370 1.51 -19.70 -46.28
N LEU F 371 1.63 -20.71 -45.43
CA LEU F 371 0.56 -21.06 -44.50
C LEU F 371 1.11 -21.26 -43.10
N VAL F 372 0.30 -20.88 -42.11
CA VAL F 372 0.68 -20.97 -40.71
C VAL F 372 -0.39 -21.62 -39.85
N ILE F 373 0.02 -22.58 -39.03
CA ILE F 373 -0.96 -23.23 -38.19
C ILE F 373 -0.71 -22.92 -36.70
N GLY F 374 -1.74 -22.51 -35.98
CA GLY F 374 -1.57 -22.22 -34.57
C GLY F 374 -2.24 -23.24 -33.67
N MET F 375 -1.50 -23.77 -32.70
CA MET F 375 -2.07 -24.77 -31.81
C MET F 375 -2.24 -24.28 -30.38
N THR F 376 -3.44 -24.37 -29.83
CA THR F 376 -3.68 -23.83 -28.49
C THR F 376 -4.77 -24.57 -27.73
N ASN F 377 -4.63 -24.65 -26.41
CA ASN F 377 -5.58 -25.37 -25.56
C ASN F 377 -6.97 -24.74 -25.48
N ARG F 378 -7.04 -23.42 -25.41
CA ARG F 378 -8.34 -22.74 -25.29
C ARG F 378 -8.61 -21.71 -26.39
N PRO F 379 -9.82 -21.78 -26.99
CA PRO F 379 -10.21 -20.83 -28.02
C PRO F 379 -10.38 -19.40 -27.49
N ASP F 380 -10.97 -19.27 -26.31
CA ASP F 380 -11.42 -17.98 -25.79
C ASP F 380 -10.27 -16.99 -25.52
N LEU F 381 -9.14 -17.52 -25.09
CA LEU F 381 -7.95 -16.71 -24.80
C LEU F 381 -7.44 -15.92 -26.00
N ILE F 382 -7.48 -16.52 -27.17
CA ILE F 382 -6.88 -15.93 -28.36
C ILE F 382 -7.65 -14.70 -28.88
N ASP F 383 -6.94 -13.85 -29.62
CA ASP F 383 -7.46 -12.60 -30.17
C ASP F 383 -8.54 -12.83 -31.24
N GLU F 384 -9.55 -11.94 -31.25
CA GLU F 384 -10.62 -11.97 -32.25
C GLU F 384 -10.19 -11.65 -33.70
N ALA F 385 -9.25 -10.72 -33.87
CA ALA F 385 -8.91 -10.19 -35.19
C ALA F 385 -8.34 -11.25 -36.11
N LEU F 386 -7.53 -12.15 -35.56
CA LEU F 386 -6.93 -13.21 -36.35
C LEU F 386 -8.00 -14.14 -36.93
N LEU F 387 -9.06 -14.37 -36.15
CA LEU F 387 -10.04 -15.40 -36.46
C LEU F 387 -10.80 -15.20 -37.78
N ARG F 388 -11.09 -13.95 -38.13
CA ARG F 388 -11.95 -13.66 -39.28
C ARG F 388 -11.35 -14.23 -40.57
N PRO F 389 -12.21 -14.68 -41.50
CA PRO F 389 -11.70 -15.34 -42.71
C PRO F 389 -10.74 -14.43 -43.46
N GLY F 390 -9.68 -15.02 -44.01
CA GLY F 390 -8.55 -14.21 -44.44
C GLY F 390 -7.31 -14.75 -43.76
N ARG F 391 -6.79 -13.98 -42.81
CA ARG F 391 -5.53 -14.30 -42.16
C ARG F 391 -5.57 -15.68 -41.47
N LEU F 392 -6.67 -15.95 -40.77
CA LEU F 392 -6.93 -17.27 -40.20
C LEU F 392 -8.35 -17.67 -40.55
N GLU F 393 -8.57 -18.00 -41.82
CA GLU F 393 -9.94 -18.27 -42.27
C GLU F 393 -10.59 -19.48 -41.61
N VAL F 394 -9.83 -20.53 -41.43
CA VAL F 394 -10.42 -21.75 -40.89
C VAL F 394 -9.96 -22.09 -39.46
N LYS F 395 -10.95 -22.31 -38.59
CA LYS F 395 -10.69 -22.70 -37.23
C LYS F 395 -11.28 -24.10 -37.02
N MET F 396 -10.45 -24.96 -36.48
CA MET F 396 -10.75 -26.37 -36.27
C MET F 396 -10.79 -26.71 -34.80
N GLU F 397 -11.82 -27.44 -34.41
CA GLU F 397 -11.93 -27.87 -33.05
C GLU F 397 -11.96 -29.36 -33.12
N ILE F 398 -11.14 -30.00 -32.29
CA ILE F 398 -11.10 -31.46 -32.32
C ILE F 398 -11.55 -32.19 -31.08
N GLY F 399 -12.44 -33.17 -31.25
CA GLY F 399 -12.93 -33.95 -30.12
C GLY F 399 -12.07 -35.17 -29.80
N LEU F 400 -10.86 -34.93 -29.33
CA LEU F 400 -9.97 -36.01 -28.90
C LEU F 400 -9.62 -36.96 -30.04
N PRO F 401 -9.40 -38.30 -29.66
CA PRO F 401 -9.11 -39.19 -30.79
C PRO F 401 -10.24 -40.20 -30.99
N ASP F 402 -10.72 -40.34 -32.22
CA ASP F 402 -11.79 -41.31 -32.51
C ASP F 402 -11.26 -42.67 -32.12
N GLU F 403 -12.18 -43.49 -31.66
CA GLU F 403 -11.93 -44.85 -31.20
C GLU F 403 -11.32 -45.73 -32.29
N LYS F 404 -11.85 -45.61 -33.50
CA LYS F 404 -11.32 -46.36 -34.64
C LYS F 404 -9.91 -45.89 -34.95
N GLY F 405 -9.72 -44.57 -34.93
CA GLY F 405 -8.41 -43.98 -35.15
C GLY F 405 -7.39 -44.37 -34.10
N ARG F 406 -7.85 -44.38 -32.84
CA ARG F 406 -6.98 -44.70 -31.72
C ARG F 406 -6.48 -46.10 -32.01
N LEU F 407 -7.43 -46.92 -32.48
CA LEU F 407 -7.06 -48.25 -32.90
C LEU F 407 -6.05 -48.15 -34.03
N GLN F 408 -6.15 -47.17 -34.94
CA GLN F 408 -5.14 -47.07 -36.02
C GLN F 408 -3.69 -46.79 -35.54
N ILE F 409 -3.49 -45.81 -34.65
CA ILE F 409 -2.15 -45.47 -34.10
C ILE F 409 -1.53 -46.52 -33.22
N LEU F 410 -2.35 -47.06 -32.33
CA LEU F 410 -1.85 -48.11 -31.50
C LEU F 410 -1.54 -49.21 -32.54
N HIS F 411 -2.35 -49.33 -33.59
CA HIS F 411 -2.25 -50.46 -34.54
C HIS F 411 -0.95 -50.37 -35.31
N ILE F 412 -0.51 -49.19 -35.73
CA ILE F 412 0.74 -49.09 -36.45
C ILE F 412 1.96 -49.51 -35.59
N HIS F 413 2.09 -48.97 -34.39
CA HIS F 413 3.24 -49.32 -33.55
C HIS F 413 3.20 -50.80 -33.20
N THR F 414 2.01 -51.25 -32.80
CA THR F 414 1.74 -52.65 -32.45
C THR F 414 2.02 -53.57 -33.63
N ALA F 415 1.66 -53.12 -34.83
CA ALA F 415 1.76 -53.91 -36.07
C ALA F 415 3.22 -54.09 -36.39
N ARG F 416 3.96 -53.03 -36.18
CA ARG F 416 5.39 -53.03 -36.43
C ARG F 416 5.93 -54.07 -35.46
N MET F 417 5.40 -54.04 -34.23
CA MET F 417 5.72 -55.07 -33.23
C MET F 417 5.28 -56.48 -33.64
N ARG F 418 4.17 -56.55 -34.35
CA ARG F 418 3.52 -57.76 -34.88
C ARG F 418 4.40 -58.42 -35.90
N GLY F 419 5.05 -57.57 -36.69
CA GLY F 419 5.72 -57.92 -37.92
C GLY F 419 6.94 -58.67 -37.44
N HIS F 420 7.61 -58.11 -36.45
CA HIS F 420 8.66 -58.84 -35.77
C HIS F 420 7.94 -59.93 -34.98
N GLN F 421 8.62 -61.03 -34.70
CA GLN F 421 8.01 -62.16 -34.02
C GLN F 421 7.49 -61.83 -32.63
N LEU F 422 8.24 -61.04 -31.87
CA LEU F 422 7.87 -60.72 -30.50
C LEU F 422 6.56 -59.94 -30.43
N LEU F 423 5.69 -60.36 -29.52
CA LEU F 423 4.42 -59.68 -29.27
C LEU F 423 3.89 -60.12 -27.92
N SER F 424 2.93 -59.36 -27.40
CA SER F 424 2.25 -59.77 -26.18
C SER F 424 0.87 -60.33 -26.54
N ALA F 425 0.64 -61.59 -26.20
CA ALA F 425 -0.60 -62.27 -26.53
C ALA F 425 -1.80 -61.64 -25.82
N ASP F 426 -1.61 -61.28 -24.56
CA ASP F 426 -2.67 -60.74 -23.73
C ASP F 426 -3.21 -59.41 -24.28
N VAL F 427 -2.31 -58.55 -24.75
CA VAL F 427 -2.72 -57.26 -25.27
C VAL F 427 -3.54 -57.42 -26.54
N ASP F 428 -4.65 -56.70 -26.59
CA ASP F 428 -5.52 -56.63 -27.76
C ASP F 428 -5.76 -55.20 -28.22
N ILE F 429 -5.64 -55.00 -29.52
CA ILE F 429 -5.78 -53.69 -30.12
C ILE F 429 -7.12 -53.03 -29.86
N LYS F 430 -8.17 -53.82 -30.04
CA LYS F 430 -9.53 -53.35 -29.86
C LYS F 430 -9.75 -52.98 -28.40
N GLU F 431 -9.24 -53.83 -27.51
CA GLU F 431 -9.36 -53.63 -26.08
C GLU F 431 -8.69 -52.33 -25.64
N LEU F 432 -7.48 -52.09 -26.14
CA LEU F 432 -6.77 -50.88 -25.76
C LEU F 432 -7.59 -49.69 -26.23
N ALA F 433 -8.13 -49.78 -27.44
CA ALA F 433 -8.93 -48.67 -27.96
C ALA F 433 -10.16 -48.40 -27.08
N VAL F 434 -10.89 -49.46 -26.70
CA VAL F 434 -12.11 -49.30 -25.90
C VAL F 434 -11.76 -48.70 -24.53
N GLU F 435 -10.63 -49.12 -23.97
CA GLU F 435 -10.17 -48.61 -22.67
C GLU F 435 -9.84 -47.12 -22.64
N THR F 436 -9.28 -46.61 -23.72
CA THR F 436 -8.89 -45.21 -23.69
C THR F 436 -9.70 -44.32 -24.63
N LYS F 437 -10.20 -43.24 -24.06
CA LYS F 437 -10.95 -42.26 -24.83
C LYS F 437 -10.16 -40.96 -24.98
N ASN F 438 -9.61 -40.47 -23.88
CA ASN F 438 -9.00 -39.12 -23.82
C ASN F 438 -7.71 -38.88 -24.64
N PHE F 439 -6.85 -39.88 -24.69
CA PHE F 439 -5.43 -39.76 -25.07
C PHE F 439 -5.11 -39.28 -26.50
N SER F 440 -4.09 -38.44 -26.57
CA SER F 440 -3.48 -38.01 -27.83
C SER F 440 -2.69 -39.08 -28.51
N GLY F 441 -2.49 -38.91 -29.81
CA GLY F 441 -1.62 -39.84 -30.47
C GLY F 441 -0.31 -40.08 -29.74
N ALA F 442 0.71 -39.23 -29.82
CA ALA F 442 1.65 -38.88 -28.74
C ALA F 442 1.47 -39.66 -27.43
N GLU F 443 0.27 -39.61 -26.86
CA GLU F 443 -0.09 -40.40 -25.67
C GLU F 443 0.06 -41.87 -25.90
N LEU F 444 -0.32 -42.29 -27.11
CA LEU F 444 -0.31 -43.67 -27.59
C LEU F 444 1.13 -44.16 -27.75
N GLU F 445 1.96 -43.41 -28.45
CA GLU F 445 3.37 -43.77 -28.61
C GLU F 445 3.95 -43.82 -27.20
N GLY F 446 3.50 -42.91 -26.35
CA GLY F 446 3.94 -42.80 -24.96
C GLY F 446 3.57 -44.03 -24.14
N LEU F 447 2.32 -44.47 -24.25
CA LEU F 447 1.77 -45.66 -23.58
C LEU F 447 2.52 -46.89 -24.02
N VAL F 448 2.75 -46.98 -25.33
CA VAL F 448 3.41 -48.11 -25.91
C VAL F 448 4.76 -48.06 -25.30
N ARG F 449 5.30 -46.85 -25.20
CA ARG F 449 6.64 -46.66 -24.70
C ARG F 449 6.80 -47.13 -23.28
N ALA F 450 5.85 -46.76 -22.45
CA ALA F 450 5.86 -47.24 -21.09
C ALA F 450 5.77 -48.75 -21.02
N ALA F 451 4.90 -49.35 -21.82
CA ALA F 451 4.82 -50.81 -21.88
C ALA F 451 6.08 -51.52 -22.37
N GLN F 452 6.71 -50.98 -23.40
CA GLN F 452 7.93 -51.54 -23.93
C GLN F 452 8.99 -51.44 -22.89
N SER F 453 8.99 -50.30 -22.22
CA SER F 453 9.91 -50.02 -21.13
C SER F 453 9.65 -51.07 -20.07
N THR F 454 8.37 -51.41 -19.85
CA THR F 454 7.90 -52.44 -18.90
C THR F 454 8.39 -53.86 -19.27
N ALA F 455 8.37 -54.23 -20.57
CA ALA F 455 8.87 -55.54 -21.01
C ALA F 455 10.32 -55.49 -20.63
N MET F 456 10.84 -54.30 -20.89
CA MET F 456 12.20 -53.89 -20.60
C MET F 456 12.31 -54.03 -19.07
N ASN F 457 11.32 -53.72 -18.25
CA ASN F 457 11.42 -53.93 -16.79
C ASN F 457 11.55 -55.41 -16.33
N ARG F 458 10.78 -56.30 -17.04
CA ARG F 458 10.69 -57.79 -16.89
C ARG F 458 11.78 -58.78 -17.28
N HIS F 459 12.46 -58.58 -18.41
CA HIS F 459 13.53 -59.53 -18.83
C HIS F 459 14.88 -59.67 -17.97
N ILE F 460 15.44 -58.59 -17.44
CA ILE F 460 16.61 -58.64 -16.55
C ILE F 460 15.99 -58.27 -15.22
N ASP F 482 -4.83 -56.18 -22.23
CA ASP F 482 -4.58 -55.60 -20.91
C ASP F 482 -3.08 -55.57 -20.61
N PHE F 483 -2.61 -56.58 -19.88
CA PHE F 483 -1.19 -56.77 -19.61
C PHE F 483 -0.49 -55.57 -18.96
N LEU F 484 0.62 -55.16 -19.56
CA LEU F 484 1.41 -54.03 -19.08
C LEU F 484 0.62 -52.74 -19.11
N ALA F 485 -0.17 -52.56 -20.16
CA ALA F 485 -0.99 -51.37 -20.31
C ALA F 485 -2.01 -51.33 -19.16
N SER F 486 -2.60 -52.49 -18.86
CA SER F 486 -3.55 -52.60 -17.76
C SER F 486 -2.90 -52.26 -16.44
N LEU F 487 -1.67 -52.75 -16.26
CA LEU F 487 -0.93 -52.46 -15.05
C LEU F 487 -0.68 -50.96 -14.94
N GLU F 488 -0.39 -50.33 -16.07
CA GLU F 488 -0.18 -48.88 -16.10
C GLU F 488 -1.46 -48.14 -15.73
N ASN F 489 -2.61 -48.60 -16.22
CA ASN F 489 -3.88 -48.00 -15.86
C ASN F 489 -4.10 -48.16 -14.36
N ASP F 490 -3.73 -49.34 -13.87
CA ASP F 490 -3.81 -49.69 -12.45
C ASP F 490 -2.93 -48.80 -11.57
N ILE F 491 -1.73 -48.45 -12.05
CA ILE F 491 -0.83 -47.63 -11.26
C ILE F 491 -0.51 -46.28 -11.91
N LYS F 492 0.38 -46.29 -12.90
CA LYS F 492 0.94 -45.08 -13.58
C LYS F 492 0.41 -43.66 -13.27
N PRO F 493 -0.94 -43.46 -13.24
CA PRO F 493 -1.41 -42.13 -12.84
C PRO F 493 -2.10 -42.06 -11.47
N ALA F 503 -10.79 -43.89 -5.44
CA ALA F 503 -10.70 -44.82 -4.34
C ALA F 503 -10.32 -44.10 -3.05
N SER F 504 -9.42 -43.13 -3.16
CA SER F 504 -8.84 -42.49 -1.98
C SER F 504 -9.92 -41.74 -1.22
N TYR F 505 -10.80 -41.15 -2.00
CA TYR F 505 -11.86 -40.29 -1.51
C TYR F 505 -12.89 -41.03 -0.61
N ILE F 506 -13.23 -42.28 -0.95
CA ILE F 506 -14.19 -43.06 -0.18
C ILE F 506 -13.57 -44.41 0.13
N MET F 507 -12.67 -44.43 1.10
CA MET F 507 -11.99 -45.67 1.46
C MET F 507 -12.99 -46.69 1.99
N ASN F 508 -13.99 -46.24 2.76
CA ASN F 508 -15.00 -47.15 3.31
C ASN F 508 -15.88 -47.88 2.31
N GLY F 509 -16.29 -47.16 1.28
CA GLY F 509 -17.26 -47.64 0.31
C GLY F 509 -18.63 -47.27 0.85
N ILE F 510 -19.67 -47.59 0.10
CA ILE F 510 -20.99 -47.16 0.53
C ILE F 510 -21.90 -48.31 0.87
N ILE F 511 -22.41 -48.31 2.10
CA ILE F 511 -23.45 -49.22 2.52
C ILE F 511 -24.80 -48.71 1.98
N LYS F 512 -25.81 -49.57 2.00
CA LYS F 512 -27.15 -49.20 1.55
C LYS F 512 -28.19 -49.51 2.60
N TRP F 513 -28.12 -48.76 3.70
CA TRP F 513 -29.01 -48.98 4.85
C TRP F 513 -30.49 -48.71 4.61
N GLY F 514 -30.81 -47.71 3.82
CA GLY F 514 -32.22 -47.44 3.68
C GLY F 514 -32.50 -47.39 2.22
N ASP F 515 -33.77 -47.60 1.90
CA ASP F 515 -34.12 -47.51 0.52
C ASP F 515 -33.71 -46.08 0.17
N PRO F 516 -33.88 -45.06 1.08
CA PRO F 516 -33.45 -43.75 0.57
C PRO F 516 -31.99 -43.70 0.16
N VAL F 517 -31.08 -44.31 0.92
CA VAL F 517 -29.65 -44.24 0.59
C VAL F 517 -29.39 -44.79 -0.78
N THR F 518 -29.96 -45.96 -1.07
CA THR F 518 -29.86 -46.61 -2.37
C THR F 518 -30.53 -45.76 -3.43
N ARG F 519 -31.62 -45.11 -3.06
CA ARG F 519 -32.54 -44.43 -3.95
C ARG F 519 -31.79 -43.21 -4.46
N VAL F 520 -31.01 -42.57 -3.60
CA VAL F 520 -30.19 -41.45 -4.06
C VAL F 520 -29.14 -41.84 -5.09
N LEU F 521 -28.44 -42.96 -4.88
CA LEU F 521 -27.47 -43.40 -5.86
C LEU F 521 -28.22 -43.67 -7.17
N ASP F 522 -29.41 -44.29 -7.08
CA ASP F 522 -30.23 -44.52 -8.28
C ASP F 522 -30.72 -43.26 -8.99
N ASP F 523 -31.14 -42.27 -8.22
CA ASP F 523 -31.59 -41.00 -8.76
C ASP F 523 -30.43 -40.37 -9.47
N GLY F 524 -29.26 -40.49 -8.85
CA GLY F 524 -28.03 -39.98 -9.43
C GLY F 524 -27.72 -40.64 -10.75
N GLU F 525 -27.91 -41.95 -10.81
CA GLU F 525 -27.71 -42.72 -12.02
C GLU F 525 -28.67 -42.19 -13.09
N LEU F 526 -29.92 -41.94 -12.68
CA LEU F 526 -30.93 -41.40 -13.60
C LEU F 526 -30.52 -40.03 -14.15
N LEU F 527 -29.96 -39.16 -13.30
CA LEU F 527 -29.49 -37.84 -13.73
C LEU F 527 -28.44 -38.10 -14.79
N VAL F 528 -27.54 -39.05 -14.52
CA VAL F 528 -26.51 -39.34 -15.51
C VAL F 528 -27.06 -39.77 -16.85
N GLN F 529 -28.02 -40.66 -16.79
CA GLN F 529 -28.59 -41.24 -17.97
C GLN F 529 -29.15 -40.08 -18.73
N GLN F 530 -29.86 -39.18 -18.06
CA GLN F 530 -30.51 -38.07 -18.72
C GLN F 530 -29.47 -37.19 -19.42
N THR F 531 -28.39 -36.86 -18.70
CA THR F 531 -27.36 -35.99 -19.23
C THR F 531 -26.69 -36.50 -20.49
N LYS F 532 -26.29 -37.77 -20.44
CA LYS F 532 -25.70 -38.45 -21.58
C LYS F 532 -26.66 -38.70 -22.73
N ASN F 533 -27.87 -39.15 -22.39
CA ASN F 533 -28.88 -39.56 -23.35
C ASN F 533 -29.58 -38.44 -24.10
N SER F 534 -29.88 -37.34 -23.42
CA SER F 534 -30.77 -36.36 -24.01
C SER F 534 -30.08 -35.11 -24.51
N ASP F 535 -30.37 -34.81 -25.77
CA ASP F 535 -29.89 -33.64 -26.49
C ASP F 535 -30.41 -32.31 -25.91
N ARG F 536 -31.66 -32.31 -25.47
CA ARG F 536 -32.37 -31.07 -25.20
C ARG F 536 -31.73 -30.20 -24.13
N THR F 537 -31.25 -30.82 -23.05
CA THR F 537 -30.54 -30.09 -22.01
C THR F 537 -29.07 -30.41 -22.06
N PRO F 538 -28.21 -29.40 -22.32
CA PRO F 538 -26.80 -29.75 -22.27
C PRO F 538 -26.45 -30.16 -20.84
N LEU F 539 -27.03 -29.47 -19.86
CA LEU F 539 -26.65 -29.63 -18.46
C LEU F 539 -27.74 -29.92 -17.47
N VAL F 540 -27.35 -30.74 -16.52
CA VAL F 540 -28.20 -31.05 -15.39
C VAL F 540 -27.29 -30.84 -14.18
N SER F 541 -27.86 -30.35 -13.11
CA SER F 541 -27.12 -30.13 -11.88
C SER F 541 -27.67 -31.03 -10.81
N VAL F 542 -26.80 -31.79 -10.17
CA VAL F 542 -27.21 -32.68 -9.10
C VAL F 542 -26.83 -32.12 -7.73
N LEU F 543 -27.83 -31.95 -6.89
CA LEU F 543 -27.63 -31.33 -5.58
C LEU F 543 -27.93 -32.29 -4.45
N LEU F 544 -27.04 -32.35 -3.48
CA LEU F 544 -27.29 -33.22 -2.35
C LEU F 544 -27.51 -32.36 -1.11
N GLU F 545 -28.60 -32.62 -0.41
CA GLU F 545 -28.96 -31.86 0.79
C GLU F 545 -28.81 -32.71 2.04
N GLY F 546 -27.94 -32.30 2.94
CA GLY F 546 -27.73 -33.01 4.19
C GLY F 546 -27.20 -32.10 5.29
N PRO F 547 -27.43 -32.45 6.57
CA PRO F 547 -26.77 -31.73 7.66
C PRO F 547 -25.58 -32.56 8.15
N PRO F 548 -24.42 -31.90 8.28
CA PRO F 548 -23.26 -32.67 8.71
C PRO F 548 -23.35 -33.16 10.11
N HIS F 549 -22.63 -34.23 10.36
CA HIS F 549 -21.70 -34.90 9.45
C HIS F 549 -22.28 -35.89 8.40
N SER F 550 -23.02 -35.39 7.41
CA SER F 550 -23.61 -36.26 6.41
C SER F 550 -22.64 -36.84 5.41
N GLY F 551 -23.08 -37.93 4.81
CA GLY F 551 -22.27 -38.76 3.96
C GLY F 551 -22.52 -38.37 2.53
N LYS F 552 -23.18 -37.22 2.32
CA LYS F 552 -23.71 -36.89 1.00
C LYS F 552 -22.54 -36.84 0.04
N THR F 553 -21.44 -36.26 0.51
CA THR F 553 -20.22 -36.13 -0.26
C THR F 553 -19.89 -37.49 -0.93
N ALA F 554 -20.06 -38.55 -0.12
CA ALA F 554 -19.84 -39.94 -0.56
C ALA F 554 -20.83 -40.39 -1.63
N LEU F 555 -22.08 -40.02 -1.41
CA LEU F 555 -23.17 -40.38 -2.30
C LEU F 555 -22.89 -39.79 -3.67
N ALA F 556 -22.39 -38.56 -3.68
CA ALA F 556 -22.05 -37.83 -4.88
C ALA F 556 -20.94 -38.54 -5.62
N ALA F 557 -19.93 -38.98 -4.87
CA ALA F 557 -18.85 -39.74 -5.50
C ALA F 557 -19.36 -41.01 -6.18
N LYS F 558 -20.28 -41.70 -5.51
CA LYS F 558 -20.85 -42.95 -6.00
C LYS F 558 -21.54 -42.67 -7.34
N ILE F 559 -22.33 -41.59 -7.29
CA ILE F 559 -23.16 -41.14 -8.40
C ILE F 559 -22.23 -40.96 -9.58
N ALA F 560 -21.08 -40.35 -9.32
CA ALA F 560 -20.15 -40.10 -10.38
C ALA F 560 -19.63 -41.43 -10.93
N GLU F 561 -19.33 -42.39 -10.06
CA GLU F 561 -18.73 -43.63 -10.57
C GLU F 561 -19.62 -44.46 -11.50
N GLU F 562 -20.90 -44.61 -11.17
CA GLU F 562 -21.79 -45.44 -12.02
C GLU F 562 -22.00 -44.92 -13.43
N SER F 563 -21.90 -43.61 -13.55
CA SER F 563 -22.16 -42.95 -14.81
C SER F 563 -21.29 -43.43 -15.97
N ASN F 564 -20.02 -43.67 -15.66
CA ASN F 564 -19.00 -44.03 -16.63
C ASN F 564 -18.84 -42.94 -17.69
N PHE F 565 -18.96 -41.68 -17.27
CA PHE F 565 -18.76 -40.56 -18.18
C PHE F 565 -17.30 -40.60 -18.59
N PRO F 566 -16.96 -40.01 -19.74
CA PRO F 566 -15.68 -40.21 -20.42
C PRO F 566 -14.67 -39.49 -19.53
N PHE F 567 -15.07 -38.31 -19.07
CA PHE F 567 -14.33 -37.51 -18.10
C PHE F 567 -15.22 -37.17 -16.90
N ILE F 568 -14.82 -37.69 -15.73
CA ILE F 568 -15.42 -37.35 -14.43
C ILE F 568 -14.40 -36.92 -13.40
N LYS F 569 -14.54 -35.68 -12.93
CA LYS F 569 -13.58 -35.15 -12.00
C LYS F 569 -14.32 -34.61 -10.77
N ILE F 570 -13.81 -34.93 -9.59
CA ILE F 570 -14.42 -34.50 -8.34
C ILE F 570 -13.48 -33.48 -7.70
N CYS F 571 -13.96 -32.28 -7.43
CA CYS F 571 -13.03 -31.26 -6.96
C CYS F 571 -13.08 -31.03 -5.46
N SER F 572 -11.88 -31.00 -4.87
CA SER F 572 -11.75 -30.90 -3.43
C SER F 572 -11.20 -29.54 -2.97
N PRO F 573 -11.84 -28.93 -1.98
CA PRO F 573 -11.42 -27.63 -1.45
C PRO F 573 -10.01 -27.69 -0.91
N ASP F 574 -9.62 -28.81 -0.28
CA ASP F 574 -8.31 -28.88 0.36
C ASP F 574 -7.29 -28.63 -0.75
N LYS F 575 -7.57 -29.16 -1.94
CA LYS F 575 -6.69 -28.94 -3.07
C LYS F 575 -6.59 -27.42 -3.27
N MET F 576 -7.72 -26.74 -3.08
CA MET F 576 -7.80 -25.29 -3.20
C MET F 576 -7.47 -24.56 -1.88
N ILE F 577 -7.10 -25.31 -0.84
CA ILE F 577 -6.98 -24.72 0.49
C ILE F 577 -5.92 -23.64 0.62
N GLY F 578 -6.30 -22.55 1.29
CA GLY F 578 -5.41 -21.44 1.54
C GLY F 578 -5.26 -20.52 0.35
N PHE F 579 -5.99 -20.81 -0.71
CA PHE F 579 -5.87 -20.03 -1.93
C PHE F 579 -6.50 -18.66 -1.81
N SER F 580 -5.99 -17.76 -2.63
CA SER F 580 -6.53 -16.42 -2.74
C SER F 580 -7.84 -16.57 -3.50
N GLU F 581 -8.67 -15.53 -3.49
CA GLU F 581 -9.97 -15.58 -4.14
C GLU F 581 -9.76 -15.95 -5.60
N THR F 582 -8.81 -15.23 -6.20
CA THR F 582 -8.53 -15.35 -7.63
C THR F 582 -8.13 -16.78 -7.95
N ALA F 583 -7.29 -17.37 -7.10
CA ALA F 583 -6.78 -18.73 -7.36
C ALA F 583 -7.89 -19.77 -7.33
N LYS F 584 -8.80 -19.66 -6.37
CA LYS F 584 -9.92 -20.59 -6.28
C LYS F 584 -10.74 -20.47 -7.55
N CYS F 585 -11.00 -19.22 -7.94
CA CYS F 585 -11.81 -18.97 -9.11
C CYS F 585 -11.15 -19.56 -10.36
N GLN F 586 -9.83 -19.41 -10.44
CA GLN F 586 -9.05 -19.91 -11.56
C GLN F 586 -9.09 -21.43 -11.63
N ALA F 587 -9.05 -22.07 -10.47
CA ALA F 587 -9.14 -23.52 -10.41
C ALA F 587 -10.50 -23.99 -10.93
N MET F 588 -11.57 -23.31 -10.49
CA MET F 588 -12.89 -23.70 -10.96
C MET F 588 -12.93 -23.58 -12.48
N LYS F 589 -12.37 -22.47 -12.96
CA LYS F 589 -12.38 -22.18 -14.40
C LYS F 589 -11.62 -23.27 -15.14
N LYS F 590 -10.48 -23.67 -14.58
CA LYS F 590 -9.64 -24.69 -15.20
C LYS F 590 -10.32 -26.05 -15.31
N ILE F 591 -10.92 -26.49 -14.21
CA ILE F 591 -11.56 -27.80 -14.18
C ILE F 591 -12.64 -27.86 -15.22
N PHE F 592 -13.42 -26.79 -15.18
CA PHE F 592 -14.56 -26.63 -16.03
C PHE F 592 -14.19 -26.52 -17.51
N ASP F 593 -13.10 -25.80 -17.81
CA ASP F 593 -12.60 -25.72 -19.17
C ASP F 593 -12.21 -27.12 -19.60
N ASP F 594 -11.62 -27.87 -18.68
CA ASP F 594 -11.25 -29.25 -18.97
C ASP F 594 -12.49 -30.06 -19.32
N ALA F 595 -13.58 -29.85 -18.56
CA ALA F 595 -14.81 -30.58 -18.83
C ALA F 595 -15.40 -30.24 -20.20
N TYR F 596 -15.32 -28.97 -20.59
CA TYR F 596 -15.91 -28.56 -21.87
C TYR F 596 -15.31 -29.30 -23.02
N LYS F 597 -14.03 -29.50 -22.98
CA LYS F 597 -13.34 -30.04 -24.12
C LYS F 597 -13.80 -31.45 -24.51
N SER F 598 -14.11 -32.29 -23.52
CA SER F 598 -14.76 -33.58 -23.73
C SER F 598 -16.20 -33.48 -24.24
N GLN F 599 -16.64 -34.47 -25.02
CA GLN F 599 -18.01 -34.50 -25.55
C GLN F 599 -18.97 -34.47 -24.41
N LEU F 600 -18.71 -35.20 -23.36
CA LEU F 600 -19.58 -35.03 -22.23
C LEU F 600 -18.90 -35.32 -20.92
N SER F 601 -19.40 -34.73 -19.84
CA SER F 601 -18.80 -35.08 -18.57
C SER F 601 -19.62 -34.89 -17.31
N CYS F 602 -19.19 -35.60 -16.28
CA CYS F 602 -19.80 -35.47 -14.97
C CYS F 602 -18.82 -34.72 -14.08
N VAL F 603 -19.18 -33.58 -13.50
CA VAL F 603 -18.21 -32.95 -12.63
C VAL F 603 -18.85 -32.88 -11.24
N VAL F 604 -18.11 -33.31 -10.24
CA VAL F 604 -18.68 -33.38 -8.91
C VAL F 604 -18.05 -32.27 -8.07
N VAL F 605 -18.91 -31.48 -7.44
CA VAL F 605 -18.47 -30.32 -6.70
C VAL F 605 -18.69 -30.60 -5.22
N ASP F 606 -17.70 -30.27 -4.41
CA ASP F 606 -17.72 -30.69 -3.03
C ASP F 606 -17.55 -29.48 -2.14
N ASP F 607 -18.07 -29.58 -0.92
CA ASP F 607 -17.88 -28.54 0.08
C ASP F 607 -18.32 -27.17 -0.43
N ILE F 608 -19.54 -27.10 -0.97
CA ILE F 608 -20.04 -25.91 -1.67
C ILE F 608 -19.99 -24.72 -0.73
N GLU F 609 -20.34 -24.93 0.53
CA GLU F 609 -20.19 -23.87 1.53
C GLU F 609 -18.72 -23.41 1.62
N ARG F 610 -17.78 -24.36 1.61
CA ARG F 610 -16.36 -24.03 1.82
C ARG F 610 -15.69 -23.23 0.69
N LEU F 611 -16.07 -23.51 -0.56
CA LEU F 611 -15.48 -22.82 -1.71
C LEU F 611 -15.74 -21.33 -1.56
N LEU F 612 -16.97 -21.05 -1.14
CA LEU F 612 -17.44 -19.73 -0.76
C LEU F 612 -16.69 -19.17 0.41
N ASP F 613 -16.29 -20.07 1.30
CA ASP F 613 -15.76 -19.73 2.62
C ASP F 613 -16.79 -19.02 3.44
N TYR F 614 -18.05 -19.43 3.26
CA TYR F 614 -19.12 -18.89 4.06
C TYR F 614 -18.92 -19.27 5.52
N VAL F 615 -19.15 -18.33 6.43
CA VAL F 615 -19.13 -18.62 7.86
C VAL F 615 -20.46 -18.08 8.42
N PRO F 616 -21.17 -18.85 9.26
CA PRO F 616 -22.44 -18.23 9.71
C PRO F 616 -22.30 -16.88 10.44
N ILE F 617 -21.33 -16.73 11.33
CA ILE F 617 -21.06 -15.42 11.92
C ILE F 617 -20.63 -14.47 10.79
N GLY F 618 -20.97 -13.19 10.89
CA GLY F 618 -20.66 -12.28 9.80
C GLY F 618 -21.93 -11.60 9.34
N PRO F 619 -22.40 -11.96 8.14
CA PRO F 619 -21.84 -13.02 7.31
C PRO F 619 -20.50 -12.72 6.65
N ARG F 620 -19.65 -13.73 6.50
CA ARG F 620 -18.45 -13.61 5.68
C ARG F 620 -18.57 -14.60 4.54
N PHE F 621 -18.44 -14.12 3.31
CA PHE F 621 -18.32 -15.01 2.17
C PHE F 621 -17.64 -14.27 1.02
N SER F 622 -17.12 -15.02 0.06
CA SER F 622 -16.48 -14.40 -1.10
C SER F 622 -17.46 -14.36 -2.26
N ASN F 623 -17.91 -13.15 -2.59
CA ASN F 623 -18.87 -12.95 -3.66
C ASN F 623 -18.31 -13.33 -5.01
N LEU F 624 -17.05 -12.97 -5.25
CA LEU F 624 -16.46 -13.09 -6.59
C LEU F 624 -16.50 -14.55 -7.04
N VAL F 625 -16.11 -15.43 -6.12
CA VAL F 625 -16.12 -16.87 -6.37
C VAL F 625 -17.55 -17.33 -6.61
N LEU F 626 -18.47 -16.76 -5.84
CA LEU F 626 -19.87 -17.15 -5.93
C LEU F 626 -20.42 -16.84 -7.29
N GLN F 627 -20.07 -15.68 -7.81
CA GLN F 627 -20.46 -15.33 -9.16
C GLN F 627 -19.81 -16.23 -10.19
N ALA F 628 -18.54 -16.59 -9.99
CA ALA F 628 -17.91 -17.45 -10.99
C ALA F 628 -18.59 -18.82 -11.12
N LEU F 629 -18.83 -19.45 -9.98
CA LEU F 629 -19.60 -20.70 -9.95
C LEU F 629 -21.02 -20.53 -10.49
N LEU F 630 -21.69 -19.47 -10.05
CA LEU F 630 -23.09 -19.28 -10.35
C LEU F 630 -23.26 -19.06 -11.83
N VAL F 631 -22.37 -18.24 -12.40
CA VAL F 631 -22.45 -17.95 -13.82
C VAL F 631 -22.16 -19.19 -14.62
N LEU F 632 -21.10 -19.90 -14.27
CA LEU F 632 -20.78 -21.06 -15.07
C LEU F 632 -21.89 -22.10 -15.03
N LEU F 633 -22.53 -22.28 -13.87
CA LEU F 633 -23.49 -23.37 -13.72
C LEU F 633 -24.59 -23.29 -14.75
N LYS F 634 -25.10 -22.08 -14.97
CA LYS F 634 -26.11 -21.84 -15.99
C LYS F 634 -25.48 -22.12 -17.35
N LYS F 635 -24.21 -21.74 -17.48
CA LYS F 635 -23.46 -21.85 -18.73
C LYS F 635 -23.30 -23.28 -19.20
N ALA F 636 -23.27 -23.47 -20.52
CA ALA F 636 -23.18 -24.78 -21.10
C ALA F 636 -22.02 -24.90 -22.08
N PRO F 637 -21.52 -26.13 -22.28
CA PRO F 637 -20.36 -26.25 -23.16
C PRO F 637 -20.82 -26.01 -24.59
N PRO F 638 -19.88 -25.81 -25.52
CA PRO F 638 -20.22 -25.56 -26.92
C PRO F 638 -20.92 -26.76 -27.54
N GLN F 639 -21.66 -26.59 -28.63
CA GLN F 639 -22.54 -27.68 -29.11
C GLN F 639 -21.79 -28.97 -29.52
N GLY F 640 -22.50 -30.09 -29.42
CA GLY F 640 -21.95 -31.42 -29.64
C GLY F 640 -21.44 -32.02 -28.35
N ARG F 641 -21.55 -31.24 -27.28
CA ARG F 641 -21.18 -31.69 -25.93
C ARG F 641 -22.17 -31.33 -24.80
N LYS F 642 -22.25 -32.21 -23.80
CA LYS F 642 -23.10 -32.03 -22.63
C LYS F 642 -22.44 -32.34 -21.28
N LEU F 643 -22.78 -31.65 -20.20
CA LEU F 643 -22.19 -32.00 -18.90
C LEU F 643 -23.12 -31.99 -17.68
N LEU F 644 -22.76 -32.80 -16.70
CA LEU F 644 -23.47 -32.90 -15.42
C LEU F 644 -22.60 -32.45 -14.26
N ILE F 645 -23.12 -31.51 -13.47
CA ILE F 645 -22.42 -30.93 -12.33
C ILE F 645 -23.09 -31.37 -11.03
N ILE F 646 -22.35 -31.98 -10.12
CA ILE F 646 -22.98 -32.40 -8.88
C ILE F 646 -22.34 -31.67 -7.73
N GLY F 647 -23.14 -31.07 -6.85
CA GLY F 647 -22.56 -30.36 -5.73
C GLY F 647 -23.14 -30.88 -4.44
N THR F 648 -22.36 -30.82 -3.38
CA THR F 648 -22.82 -31.22 -2.06
C THR F 648 -22.99 -29.99 -1.19
N THR F 649 -24.18 -29.77 -0.65
CA THR F 649 -24.39 -28.60 0.20
C THR F 649 -24.85 -28.91 1.62
N SER F 650 -24.12 -28.36 2.59
CA SER F 650 -24.45 -28.54 3.99
C SER F 650 -25.77 -27.89 4.32
N ARG F 651 -25.94 -26.70 3.76
CA ARG F 651 -26.94 -25.76 4.22
C ARG F 651 -27.83 -25.27 3.12
N LYS F 652 -28.83 -26.06 2.78
CA LYS F 652 -29.65 -25.82 1.61
C LYS F 652 -30.30 -24.44 1.76
N ASP F 653 -30.69 -24.09 2.98
CA ASP F 653 -31.40 -22.83 3.24
C ASP F 653 -30.52 -21.63 2.91
N VAL F 654 -29.27 -21.66 3.34
CA VAL F 654 -28.35 -20.55 3.11
C VAL F 654 -28.10 -20.43 1.61
N LEU F 655 -27.94 -21.58 0.96
CA LEU F 655 -27.71 -21.62 -0.48
C LEU F 655 -28.88 -21.03 -1.26
N GLN F 656 -30.11 -21.36 -0.83
CA GLN F 656 -31.33 -20.83 -1.46
C GLN F 656 -31.37 -19.33 -1.23
N GLU F 657 -30.93 -18.93 -0.05
CA GLU F 657 -30.88 -17.53 0.36
C GLU F 657 -29.94 -16.74 -0.56
N MET F 658 -28.87 -17.38 -1.00
CA MET F 658 -28.01 -16.85 -2.03
C MET F 658 -28.85 -16.72 -3.29
N GLU F 659 -29.75 -17.67 -3.45
CA GLU F 659 -30.61 -17.81 -4.64
C GLU F 659 -29.89 -18.61 -5.71
N MET F 660 -28.69 -19.09 -5.37
CA MET F 660 -27.95 -20.00 -6.22
C MET F 660 -28.72 -21.31 -6.39
N LEU F 661 -29.33 -21.77 -5.30
CA LEU F 661 -30.03 -23.07 -5.34
C LEU F 661 -31.02 -23.17 -6.50
N ASN F 662 -31.68 -22.06 -6.81
CA ASN F 662 -32.65 -21.99 -7.90
C ASN F 662 -31.94 -22.37 -9.21
N ALA F 663 -30.69 -21.96 -9.33
CA ALA F 663 -29.88 -22.22 -10.52
C ALA F 663 -29.69 -23.73 -10.76
N PHE F 664 -29.47 -24.50 -9.69
CA PHE F 664 -29.23 -25.94 -9.84
C PHE F 664 -30.45 -26.66 -10.41
N SER F 665 -30.21 -27.62 -11.30
CA SER F 665 -31.29 -28.32 -12.01
C SER F 665 -32.18 -29.19 -11.11
N THR F 666 -31.59 -29.92 -10.17
CA THR F 666 -32.36 -30.86 -9.35
C THR F 666 -31.92 -30.79 -7.90
N THR F 667 -32.84 -31.13 -6.99
CA THR F 667 -32.55 -31.15 -5.57
C THR F 667 -32.74 -32.57 -5.04
N ILE F 668 -31.70 -33.08 -4.37
CA ILE F 668 -31.77 -34.35 -3.65
C ILE F 668 -31.48 -34.17 -2.16
N HIS F 669 -32.44 -34.54 -1.32
CA HIS F 669 -32.24 -34.45 0.13
C HIS F 669 -32.42 -35.72 0.93
N VAL F 670 -31.38 -36.06 1.69
CA VAL F 670 -31.46 -37.14 2.64
C VAL F 670 -31.03 -36.61 3.99
N PRO F 671 -31.87 -36.80 4.99
CA PRO F 671 -31.49 -36.33 6.31
C PRO F 671 -30.76 -37.43 7.08
N ASN F 672 -29.56 -37.80 6.62
CA ASN F 672 -28.75 -38.81 7.29
C ASN F 672 -29.53 -40.10 7.48
N ILE F 673 -29.52 -40.62 8.70
CA ILE F 673 -30.32 -41.79 9.06
C ILE F 673 -31.43 -41.37 10.01
N ALA F 674 -32.67 -41.68 9.71
CA ALA F 674 -33.77 -41.16 10.53
C ALA F 674 -34.58 -42.23 11.26
N THR F 675 -34.65 -43.43 10.70
CA THR F 675 -35.40 -44.51 11.35
C THR F 675 -34.44 -45.59 11.86
N GLY F 676 -34.90 -46.39 12.82
CA GLY F 676 -34.11 -47.47 13.40
C GLY F 676 -33.78 -48.57 12.40
N GLU F 677 -34.72 -48.82 11.49
CA GLU F 677 -34.56 -49.85 10.48
C GLU F 677 -33.37 -49.52 9.61
N GLN F 678 -33.29 -48.24 9.26
CA GLN F 678 -32.21 -47.76 8.44
C GLN F 678 -30.89 -47.94 9.18
N LEU F 679 -30.96 -47.77 10.50
CA LEU F 679 -29.77 -47.90 11.34
C LEU F 679 -29.22 -49.32 11.29
N LEU F 680 -30.06 -50.29 11.65
CA LEU F 680 -29.61 -51.68 11.63
C LEU F 680 -29.19 -52.15 10.26
N GLU F 681 -29.94 -51.77 9.23
CA GLU F 681 -29.63 -52.16 7.86
C GLU F 681 -28.19 -51.72 7.57
N ALA F 682 -27.81 -50.56 8.11
CA ALA F 682 -26.44 -50.06 7.93
C ALA F 682 -25.45 -50.89 8.70
N LEU F 683 -25.76 -51.17 9.96
CA LEU F 683 -24.87 -51.99 10.78
C LEU F 683 -24.66 -53.35 10.11
N GLU F 684 -25.69 -53.82 9.40
CA GLU F 684 -25.65 -55.11 8.72
C GLU F 684 -24.74 -55.08 7.51
N LEU F 685 -24.97 -54.12 6.62
CA LEU F 685 -24.11 -53.98 5.44
C LEU F 685 -22.64 -53.75 5.82
N LEU F 686 -22.41 -53.09 6.95
CA LEU F 686 -21.04 -52.81 7.39
C LEU F 686 -20.44 -54.05 8.03
N GLY F 687 -21.29 -54.83 8.68
CA GLY F 687 -20.89 -56.05 9.37
C GLY F 687 -19.76 -55.80 10.36
N ASN F 688 -20.14 -55.31 11.54
CA ASN F 688 -19.18 -55.01 12.60
C ASN F 688 -19.59 -55.71 13.88
N PHE F 689 -20.88 -55.68 14.16
CA PHE F 689 -21.40 -56.29 15.37
C PHE F 689 -21.87 -57.71 15.09
N LYS F 690 -21.95 -58.52 16.15
CA LYS F 690 -22.40 -59.89 16.04
C LYS F 690 -23.91 -59.94 15.93
N ASP F 691 -24.44 -61.07 15.48
CA ASP F 691 -25.88 -61.26 15.34
C ASP F 691 -26.61 -60.89 16.64
N LYS F 692 -26.01 -61.28 17.76
CA LYS F 692 -26.57 -61.03 19.07
C LYS F 692 -26.60 -59.54 19.38
N GLU F 693 -25.44 -58.90 19.21
CA GLU F 693 -25.32 -57.48 19.46
C GLU F 693 -26.36 -56.71 18.67
N ARG F 694 -26.39 -56.91 17.36
CA ARG F 694 -27.36 -56.22 16.51
C ARG F 694 -28.79 -56.54 16.93
N THR F 695 -29.00 -57.74 17.46
CA THR F 695 -30.32 -58.11 17.96
C THR F 695 -30.68 -57.28 19.20
N THR F 696 -29.67 -56.84 19.94
CA THR F 696 -29.92 -56.02 21.12
C THR F 696 -30.12 -54.55 20.73
N ILE F 697 -29.28 -54.10 19.80
CA ILE F 697 -29.30 -52.73 19.31
C ILE F 697 -30.66 -52.44 18.72
N ALA F 698 -31.13 -53.36 17.87
CA ALA F 698 -32.44 -53.19 17.26
C ALA F 698 -33.51 -53.06 18.34
N GLN F 699 -33.36 -53.83 19.40
CA GLN F 699 -34.31 -53.79 20.51
C GLN F 699 -34.19 -52.46 21.25
N GLN F 700 -33.11 -51.72 21.00
CA GLN F 700 -32.96 -50.40 21.63
C GLN F 700 -33.21 -49.23 20.67
N VAL F 701 -33.45 -49.50 19.40
CA VAL F 701 -33.67 -48.41 18.44
C VAL F 701 -34.98 -48.54 17.63
N LYS F 702 -35.33 -49.77 17.22
CA LYS F 702 -36.54 -50.01 16.44
C LYS F 702 -37.77 -49.32 17.03
N GLY F 703 -38.39 -48.45 16.24
CA GLY F 703 -39.56 -47.72 16.69
C GLY F 703 -39.20 -46.30 17.07
N LYS F 704 -38.00 -46.12 17.61
CA LYS F 704 -37.54 -44.80 18.04
C LYS F 704 -37.02 -43.98 16.86
N LYS F 705 -36.71 -42.72 17.12
CA LYS F 705 -36.19 -41.83 16.09
C LYS F 705 -34.70 -41.59 16.29
N VAL F 706 -33.94 -41.72 15.20
CA VAL F 706 -32.50 -41.52 15.23
C VAL F 706 -32.18 -40.44 14.21
N TRP F 707 -30.96 -39.90 14.24
CA TRP F 707 -30.56 -38.84 13.32
C TRP F 707 -29.06 -38.65 13.35
N ILE F 708 -28.37 -39.50 12.60
CA ILE F 708 -26.93 -39.46 12.52
C ILE F 708 -26.44 -39.77 11.10
N GLY F 709 -25.55 -38.95 10.58
CA GLY F 709 -24.96 -39.13 9.26
C GLY F 709 -24.22 -40.45 9.21
N ILE F 710 -23.95 -40.94 8.01
CA ILE F 710 -23.25 -42.20 7.84
C ILE F 710 -21.80 -42.20 8.38
N LYS F 711 -21.00 -41.18 8.08
CA LYS F 711 -19.61 -41.17 8.55
C LYS F 711 -19.40 -41.21 10.10
N LYS F 712 -20.18 -40.44 10.89
CA LYS F 712 -20.08 -40.46 12.37
C LYS F 712 -20.42 -41.86 12.80
N LEU F 713 -21.35 -42.49 12.08
CA LEU F 713 -21.75 -43.85 12.40
C LEU F 713 -20.54 -44.71 12.21
N LEU F 714 -19.92 -44.62 11.04
CA LEU F 714 -18.72 -45.39 10.79
C LEU F 714 -17.70 -45.12 11.91
N MET F 715 -17.80 -43.93 12.50
CA MET F 715 -16.92 -43.51 13.59
C MET F 715 -17.26 -44.11 14.96
N LEU F 716 -18.51 -43.93 15.39
CA LEU F 716 -19.03 -44.43 16.66
C LEU F 716 -18.87 -45.94 16.72
N ILE F 717 -19.05 -46.59 15.58
CA ILE F 717 -18.92 -48.03 15.50
C ILE F 717 -17.54 -48.41 15.92
N GLU F 718 -16.57 -47.72 15.34
CA GLU F 718 -15.18 -47.97 15.66
C GLU F 718 -14.92 -47.55 17.11
N MET F 719 -15.65 -46.56 17.60
CA MET F 719 -15.44 -46.13 18.99
C MET F 719 -16.00 -47.19 19.95
N SER F 720 -16.87 -48.04 19.43
CA SER F 720 -17.46 -49.11 20.22
C SER F 720 -16.73 -50.43 20.13
N LEU F 721 -16.09 -50.67 18.99
CA LEU F 721 -15.36 -51.92 18.79
C LEU F 721 -14.13 -51.90 19.68
N GLN F 722 -13.86 -50.73 20.24
CA GLN F 722 -12.69 -50.56 21.09
C GLN F 722 -12.94 -51.08 22.49
N MET F 723 -14.20 -51.21 22.88
CA MET F 723 -14.50 -51.69 24.22
C MET F 723 -14.49 -53.20 24.17
N ASP F 724 -14.35 -53.83 25.33
CA ASP F 724 -14.34 -55.29 25.42
C ASP F 724 -15.60 -55.84 24.76
N PRO F 725 -15.57 -57.12 24.32
CA PRO F 725 -16.70 -57.78 23.65
C PRO F 725 -18.07 -57.57 24.30
N GLU F 726 -18.11 -57.22 25.58
CA GLU F 726 -19.39 -57.00 26.25
C GLU F 726 -19.69 -55.51 26.47
N TYR F 727 -18.66 -54.66 26.37
CA TYR F 727 -18.86 -53.23 26.58
C TYR F 727 -19.05 -52.47 25.25
N ARG F 728 -19.00 -53.20 24.15
CA ARG F 728 -19.13 -52.61 22.82
C ARG F 728 -20.53 -52.09 22.56
N VAL F 729 -21.54 -52.92 22.81
CA VAL F 729 -22.92 -52.55 22.58
C VAL F 729 -23.30 -51.33 23.42
N ARG F 730 -23.01 -51.43 24.72
CA ARG F 730 -23.34 -50.35 25.65
C ARG F 730 -22.66 -49.05 25.24
N LYS F 731 -21.41 -49.16 24.81
CA LYS F 731 -20.70 -47.96 24.41
C LYS F 731 -21.33 -47.38 23.14
N PHE F 732 -21.80 -48.26 22.27
CA PHE F 732 -22.42 -47.81 21.03
C PHE F 732 -23.67 -47.02 21.32
N LEU F 733 -24.56 -47.61 22.10
CA LEU F 733 -25.79 -46.92 22.44
C LEU F 733 -25.53 -45.61 23.17
N ALA F 734 -24.42 -45.54 23.92
CA ALA F 734 -24.08 -44.28 24.58
C ALA F 734 -23.68 -43.19 23.60
N LEU F 735 -22.82 -43.56 22.65
CA LEU F 735 -22.40 -42.62 21.65
C LEU F 735 -23.56 -42.14 20.81
N LEU F 736 -24.34 -43.08 20.28
CA LEU F 736 -25.49 -42.72 19.48
C LEU F 736 -26.46 -41.89 20.32
N ARG F 737 -26.38 -42.07 21.64
CA ARG F 737 -27.21 -41.29 22.54
C ARG F 737 -26.73 -39.84 22.60
N GLU F 738 -25.44 -39.64 22.35
CA GLU F 738 -24.92 -38.28 22.31
C GLU F 738 -25.05 -37.59 20.96
N GLU F 739 -24.84 -38.34 19.87
CA GLU F 739 -24.93 -37.79 18.53
C GLU F 739 -26.36 -37.61 18.03
N GLY F 740 -27.29 -37.37 18.95
CA GLY F 740 -28.68 -37.19 18.59
C GLY F 740 -29.09 -35.72 18.50
PB ADP G . -29.26 24.09 -9.64
O1B ADP G . -28.09 24.51 -8.81
O2B ADP G . -30.62 24.10 -8.92
O3B ADP G . -28.97 22.82 -10.38
PA ADP G . -27.91 25.67 -11.59
O1A ADP G . -27.41 26.97 -10.98
O2A ADP G . -26.95 24.50 -11.57
O3A ADP G . -29.27 25.19 -10.82
O5' ADP G . -28.33 26.04 -13.12
C5' ADP G . -28.51 27.45 -13.47
C4' ADP G . -28.36 27.82 -14.97
O4' ADP G . -29.48 28.59 -15.45
C3' ADP G . -27.11 28.68 -15.20
O3' ADP G . -26.32 28.11 -16.26
C2' ADP G . -27.66 30.05 -15.58
O2' ADP G . -26.83 30.77 -16.51
C1' ADP G . -29.07 29.81 -16.09
N9 ADP G . -29.93 30.92 -15.65
C8 ADP G . -30.29 32.02 -16.36
N7 ADP G . -31.10 32.80 -15.62
C5 ADP G . -31.27 32.26 -14.40
C6 ADP G . -31.99 32.58 -13.13
N6 ADP G . -32.74 33.69 -12.96
N1 ADP G . -31.89 31.72 -12.11
C2 ADP G . -31.17 30.60 -12.23
N3 ADP G . -30.49 30.24 -13.33
C4 ADP G . -30.50 31.01 -14.44
PB ADP H . -11.93 30.26 17.98
O1B ADP H . -10.54 29.66 18.13
O2B ADP H . -12.93 29.74 18.97
O3B ADP H . -12.44 30.30 16.57
PA ADP H . -10.51 32.75 18.09
O1A ADP H . -9.60 32.74 19.33
O2A ADP H . -9.93 32.25 16.79
O3A ADP H . -11.79 31.83 18.42
O5' ADP H . -11.12 34.20 17.68
C5' ADP H . -11.70 35.25 18.48
C4' ADP H . -11.33 36.62 17.88
O4' ADP H . -11.73 37.73 18.72
C3' ADP H . -9.83 36.71 17.69
O3' ADP H . -9.46 36.99 16.34
C2' ADP H . -9.40 37.84 18.62
O2' ADP H . -8.52 38.64 17.82
C1' ADP H . -10.65 38.61 19.07
N9 ADP H . -10.75 39.03 20.54
C8 ADP H . -10.55 40.17 21.24
N7 ADP H . -10.71 40.11 22.61
C5 ADP H . -11.21 38.85 22.79
C6 ADP H . -11.71 37.97 23.91
N6 ADP H . -11.78 38.42 25.17
N1 ADP H . -12.07 36.70 23.63
C2 ADP H . -12.02 36.19 22.40
N3 ADP H . -11.61 36.90 21.34
C4 ADP H . -11.20 38.19 21.45
PB ADP I . -2.37 5.81 37.13
O1B ADP I . -1.61 4.76 36.35
O2B ADP I . -3.57 5.28 37.90
O3B ADP I . -2.65 7.07 36.35
PA ADP I . 0.29 6.16 37.77
O1A ADP I . 0.78 4.76 38.14
O2A ADP I . 0.29 6.63 36.34
O3A ADP I . -1.26 6.27 38.22
O5' ADP I . 1.20 7.34 38.38
C5' ADP I . 1.33 7.67 39.77
C4' ADP I . 2.66 8.30 40.10
O4' ADP I . 2.57 9.01 41.33
C3' ADP I . 3.74 7.24 40.26
O3' ADP I . 4.61 7.31 39.14
C2' ADP I . 4.50 7.66 41.50
O2' ADP I . 5.71 8.33 41.16
C1' ADP I . 3.68 8.73 42.17
N9 ADP I . 3.19 8.16 43.42
C8 ADP I . 3.56 8.57 44.66
N7 ADP I . 2.85 7.81 45.55
C5 ADP I . 2.09 6.90 44.89
C6 ADP I . 1.13 5.82 45.24
N6 ADP I . 0.86 5.52 46.53
N1 ADP I . 0.53 5.14 44.23
C2 ADP I . 0.78 5.40 42.93
N3 ADP I . 1.64 6.38 42.58
C4 ADP I . 2.31 7.15 43.47
PB ADP J . -6.09 -24.60 29.88
O1B ADP J . -5.89 -24.97 28.42
O2B ADP J . -7.46 -24.98 30.39
O3B ADP J . -5.69 -23.18 30.18
PA ADP J . -3.49 -25.75 30.65
O1A ADP J . -3.28 -26.92 29.74
O2A ADP J . -2.85 -24.42 30.36
O3A ADP J . -5.12 -25.52 30.78
O5' ADP J . -3.00 -26.29 32.11
C5' ADP J . -1.88 -27.19 32.16
C4' ADP J . -1.49 -27.72 33.56
O4' ADP J . -2.40 -28.59 34.22
C3' ADP J . -0.18 -28.52 33.41
O3' ADP J . 0.92 -27.76 33.95
C2' ADP J . -0.38 -29.90 34.02
O2' ADP J . 0.75 -30.33 34.83
C1' ADP J . -1.71 -29.74 34.76
N9 ADP J . -2.74 -30.82 34.70
C8 ADP J . -3.00 -31.60 35.75
N7 ADP J . -4.03 -32.45 35.53
C5 ADP J . -4.47 -32.21 34.29
C6 ADP J . -5.55 -32.79 33.43
N6 ADP J . -6.30 -33.79 33.97
N1 ADP J . -5.70 -32.30 32.15
C2 ADP J . -4.90 -31.27 31.76
N3 ADP J . -3.90 -30.70 32.47
C4 ADP J . -3.64 -31.12 33.74
#